data_6TDM
#
_entry.id   6TDM
#
_entity_poly.entity_id   1
_entity_poly.type   'polypeptide(L)'
_entity_poly.pdbx_seq_one_letter_code
;GPGSYDAALPIDELSALLRQEMGDDGGGSGGGSMQDIQQLLAKSLTEIKRLKAANQALEQARRE
;
_entity_poly.pdbx_strand_id   A,B
#
# COMPACT_ATOMS: atom_id res chain seq x y z
N GLY A 1 19.29 -15.60 7.38
CA GLY A 1 18.45 -14.65 6.62
C GLY A 1 17.09 -14.43 7.27
N PRO A 2 16.17 -13.72 6.60
CA PRO A 2 14.80 -13.48 7.08
C PRO A 2 13.94 -14.76 7.09
N GLY A 3 12.79 -14.72 7.78
CA GLY A 3 11.82 -15.81 7.84
C GLY A 3 11.16 -16.14 6.50
N SER A 4 10.63 -17.37 6.38
CA SER A 4 10.01 -17.90 5.14
C SER A 4 8.63 -17.30 4.80
N TYR A 5 7.98 -16.65 5.76
CA TYR A 5 6.67 -15.98 5.60
C TYR A 5 6.61 -14.67 6.40
N ASP A 6 5.77 -13.73 5.95
CA ASP A 6 5.49 -12.43 6.62
C ASP A 6 4.41 -12.55 7.73
N ALA A 7 4.35 -13.69 8.40
CA ALA A 7 3.28 -14.10 9.31
C ALA A 7 3.28 -13.28 10.61
N ALA A 8 2.29 -12.39 10.75
CA ALA A 8 1.94 -11.64 11.96
C ALA A 8 3.11 -10.83 12.59
N LEU A 9 4.02 -10.32 11.76
CA LEU A 9 5.17 -9.49 12.17
C LEU A 9 4.74 -8.16 12.83
N PRO A 10 5.56 -7.58 13.74
CA PRO A 10 5.18 -6.41 14.53
C PRO A 10 5.08 -5.11 13.71
N ILE A 11 4.42 -4.11 14.29
CA ILE A 11 4.08 -2.84 13.62
C ILE A 11 5.32 -2.06 13.13
N ASP A 12 6.46 -2.18 13.83
CA ASP A 12 7.72 -1.52 13.44
C ASP A 12 8.27 -2.06 12.11
N GLU A 13 8.13 -3.36 11.86
CA GLU A 13 8.64 -4.02 10.64
C GLU A 13 7.79 -3.66 9.42
N LEU A 14 6.47 -3.77 9.48
CA LEU A 14 5.59 -3.44 8.33
C LEU A 14 5.59 -1.94 8.02
N SER A 15 5.74 -1.07 9.04
CA SER A 15 6.00 0.37 8.85
C SER A 15 7.32 0.62 8.12
N ALA A 16 8.42 0.00 8.57
CA ALA A 16 9.72 0.16 7.92
C ALA A 16 9.70 -0.38 6.48
N LEU A 17 9.00 -1.50 6.21
CA LEU A 17 8.87 -2.08 4.87
C LEU A 17 8.15 -1.15 3.89
N LEU A 18 6.96 -0.62 4.21
CA LEU A 18 6.25 0.29 3.27
C LEU A 18 7.00 1.61 3.05
N ARG A 19 7.70 2.11 4.07
CA ARG A 19 8.54 3.31 3.97
C ARG A 19 9.82 3.06 3.16
N GLN A 20 10.42 1.87 3.25
CA GLN A 20 11.54 1.42 2.42
C GLN A 20 11.13 1.22 0.95
N GLU A 21 9.91 0.68 0.69
CA GLU A 21 9.36 0.61 -0.67
C GLU A 21 9.13 1.98 -1.33
N MET A 22 8.90 3.03 -0.54
CA MET A 22 8.84 4.44 -0.97
C MET A 22 10.17 5.22 -0.81
N GLY A 23 11.24 4.58 -0.37
CA GLY A 23 12.60 5.15 -0.25
C GLY A 23 12.73 6.31 0.74
N ASP A 24 12.13 6.19 1.94
CA ASP A 24 12.10 7.26 2.96
C ASP A 24 13.50 7.71 3.48
N ASP A 25 13.55 8.92 4.03
CA ASP A 25 14.73 9.52 4.67
C ASP A 25 14.79 9.22 6.19
N GLY A 26 14.56 7.96 6.58
CA GLY A 26 14.52 7.50 7.97
C GLY A 26 13.35 8.08 8.79
N GLY A 27 12.13 7.96 8.25
CA GLY A 27 10.88 8.46 8.84
C GLY A 27 10.27 7.57 9.93
N GLY A 28 8.97 7.77 10.20
CA GLY A 28 8.22 7.10 11.27
C GLY A 28 8.46 7.70 12.66
N SER A 29 7.56 7.40 13.61
CA SER A 29 7.61 7.86 15.01
C SER A 29 6.83 6.92 15.96
N GLY A 30 6.98 7.15 17.26
CA GLY A 30 6.20 6.49 18.33
C GLY A 30 4.83 7.12 18.63
N GLY A 31 4.33 8.01 17.77
CA GLY A 31 3.15 8.84 18.02
C GLY A 31 1.85 8.06 18.28
N GLY A 32 1.47 7.17 17.37
CA GLY A 32 0.32 6.26 17.51
C GLY A 32 -1.07 6.93 17.47
N SER A 33 -1.15 8.22 17.12
CA SER A 33 -2.39 9.00 17.02
C SER A 33 -3.24 8.57 15.81
N MET A 34 -4.49 9.05 15.72
CA MET A 34 -5.34 8.89 14.53
C MET A 34 -4.68 9.50 13.28
N GLN A 35 -3.95 10.61 13.43
CA GLN A 35 -3.20 11.24 12.33
C GLN A 35 -2.04 10.37 11.84
N ASP A 36 -1.33 9.68 12.74
CA ASP A 36 -0.20 8.79 12.42
C ASP A 36 -0.66 7.61 11.53
N ILE A 37 -1.71 6.89 11.93
CA ILE A 37 -2.33 5.81 11.14
C ILE A 37 -2.91 6.33 9.82
N GLN A 38 -3.61 7.47 9.79
CA GLN A 38 -4.13 8.05 8.55
C GLN A 38 -3.01 8.36 7.54
N GLN A 39 -1.89 8.95 7.99
CA GLN A 39 -0.75 9.25 7.12
C GLN A 39 -0.09 7.98 6.57
N LEU A 40 0.21 6.99 7.41
CA LEU A 40 0.81 5.72 6.98
C LEU A 40 -0.09 4.95 6.00
N LEU A 41 -1.38 4.82 6.33
CA LEU A 41 -2.33 4.01 5.57
C LEU A 41 -2.81 4.70 4.28
N ALA A 42 -2.76 6.03 4.21
CA ALA A 42 -2.90 6.77 2.95
C ALA A 42 -1.66 6.65 2.06
N LYS A 43 -0.44 6.66 2.63
CA LYS A 43 0.83 6.55 1.90
C LYS A 43 0.96 5.19 1.18
N SER A 44 0.66 4.09 1.87
CA SER A 44 0.66 2.76 1.25
C SER A 44 -0.39 2.63 0.14
N LEU A 45 -1.61 3.17 0.35
CA LEU A 45 -2.68 3.20 -0.66
C LEU A 45 -2.30 4.03 -1.90
N THR A 46 -1.66 5.18 -1.72
CA THR A 46 -1.15 6.02 -2.82
C THR A 46 -0.11 5.27 -3.67
N GLU A 47 0.79 4.51 -3.04
CA GLU A 47 1.83 3.75 -3.75
C GLU A 47 1.25 2.59 -4.59
N ILE A 48 0.18 1.93 -4.13
CA ILE A 48 -0.58 0.95 -4.93
C ILE A 48 -1.07 1.60 -6.23
N LYS A 49 -1.76 2.74 -6.11
CA LYS A 49 -2.34 3.47 -7.24
C LYS A 49 -1.29 3.99 -8.23
N ARG A 50 -0.13 4.46 -7.73
CA ARG A 50 1.02 4.90 -8.55
C ARG A 50 1.54 3.78 -9.45
N LEU A 51 1.74 2.58 -8.90
CA LEU A 51 2.22 1.41 -9.64
C LEU A 51 1.18 0.90 -10.66
N LYS A 52 -0.10 0.86 -10.29
CA LYS A 52 -1.18 0.45 -11.20
C LYS A 52 -1.35 1.42 -12.38
N ALA A 53 -1.28 2.74 -12.14
CA ALA A 53 -1.31 3.76 -13.19
C ALA A 53 -0.13 3.63 -14.16
N ALA A 54 1.09 3.45 -13.63
CA ALA A 54 2.29 3.27 -14.44
C ALA A 54 2.26 1.98 -15.28
N ASN A 55 1.86 0.85 -14.67
CA ASN A 55 1.70 -0.45 -15.32
C ASN A 55 0.71 -0.38 -16.50
N GLN A 56 -0.48 0.19 -16.28
CA GLN A 56 -1.52 0.34 -17.31
C GLN A 56 -1.07 1.26 -18.46
N ALA A 57 -0.32 2.33 -18.18
CA ALA A 57 0.19 3.26 -19.19
C ALA A 57 1.31 2.66 -20.06
N LEU A 58 2.34 2.07 -19.45
CA LEU A 58 3.51 1.56 -20.19
C LEU A 58 3.21 0.34 -21.06
N GLU A 59 2.21 -0.47 -20.68
CA GLU A 59 1.78 -1.65 -21.45
C GLU A 59 1.26 -1.31 -22.86
N GLN A 60 0.63 -0.15 -23.03
CA GLN A 60 0.21 0.37 -24.36
C GLN A 60 1.27 1.29 -25.01
N ALA A 61 2.06 2.04 -24.22
CA ALA A 61 3.07 2.96 -24.75
C ALA A 61 4.27 2.24 -25.40
N ARG A 62 4.75 1.14 -24.80
CA ARG A 62 5.90 0.34 -25.30
C ARG A 62 5.55 -0.59 -26.49
N ARG A 63 4.27 -0.68 -26.85
CA ARG A 63 3.72 -1.61 -27.85
C ARG A 63 4.00 -1.24 -29.31
N GLU A 64 4.40 0.01 -29.56
CA GLU A 64 4.74 0.57 -30.88
C GLU A 64 6.07 0.04 -31.47
N GLY B 1 -14.00 22.95 -4.41
CA GLY B 1 -12.89 22.06 -4.03
C GLY B 1 -11.98 21.73 -5.21
N PRO B 2 -10.74 21.27 -4.95
CA PRO B 2 -9.77 20.93 -5.99
C PRO B 2 -10.18 19.67 -6.79
N GLY B 3 -9.80 19.63 -8.07
CA GLY B 3 -10.10 18.51 -8.99
C GLY B 3 -9.11 17.34 -8.95
N SER B 4 -8.06 17.42 -8.14
CA SER B 4 -6.96 16.44 -8.05
C SER B 4 -6.27 16.45 -6.68
N TYR B 5 -5.45 15.43 -6.41
CA TYR B 5 -4.62 15.24 -5.22
C TYR B 5 -5.40 15.29 -3.89
N ASP B 6 -6.26 14.29 -3.68
CA ASP B 6 -6.97 14.06 -2.41
C ASP B 6 -6.00 13.74 -1.27
N ALA B 7 -6.21 14.36 -0.10
CA ALA B 7 -5.38 14.23 1.09
C ALA B 7 -6.19 14.57 2.36
N ALA B 8 -5.74 14.05 3.51
CA ALA B 8 -6.34 14.21 4.84
C ALA B 8 -7.83 13.77 4.95
N LEU B 9 -8.30 12.92 4.02
CA LEU B 9 -9.62 12.29 4.07
C LEU B 9 -9.75 11.29 5.24
N PRO B 10 -10.97 11.03 5.77
CA PRO B 10 -11.18 10.22 6.96
C PRO B 10 -10.71 8.76 6.79
N ILE B 11 -10.40 8.11 7.90
CA ILE B 11 -9.81 6.76 7.92
C ILE B 11 -10.72 5.69 7.29
N ASP B 12 -12.03 5.85 7.40
CA ASP B 12 -13.01 4.96 6.74
C ASP B 12 -12.90 5.00 5.21
N GLU B 13 -12.62 6.16 4.62
CA GLU B 13 -12.52 6.35 3.18
C GLU B 13 -11.26 5.69 2.60
N LEU B 14 -10.08 5.98 3.17
CA LEU B 14 -8.82 5.36 2.73
C LEU B 14 -8.79 3.84 2.98
N SER B 15 -9.46 3.35 4.04
CA SER B 15 -9.62 1.91 4.30
C SER B 15 -10.56 1.22 3.31
N ALA B 16 -11.69 1.85 2.94
CA ALA B 16 -12.55 1.34 1.86
C ALA B 16 -11.84 1.35 0.49
N LEU B 17 -10.99 2.34 0.22
CA LEU B 17 -10.19 2.43 -1.00
C LEU B 17 -9.14 1.30 -1.07
N LEU B 18 -8.33 1.04 -0.03
CA LEU B 18 -7.35 -0.05 -0.08
C LEU B 18 -8.00 -1.44 -0.14
N ARG B 19 -9.17 -1.64 0.49
CA ARG B 19 -9.91 -2.90 0.41
C ARG B 19 -10.48 -3.18 -0.99
N GLN B 20 -11.07 -2.18 -1.66
CA GLN B 20 -11.57 -2.34 -3.04
C GLN B 20 -10.45 -2.37 -4.09
N GLU B 21 -9.29 -1.76 -3.82
CA GLU B 21 -8.06 -1.97 -4.62
C GLU B 21 -7.58 -3.43 -4.57
N MET B 22 -7.69 -4.09 -3.41
CA MET B 22 -7.46 -5.52 -3.22
C MET B 22 -8.65 -6.41 -3.62
N GLY B 23 -9.70 -5.84 -4.24
CA GLY B 23 -10.80 -6.56 -4.87
C GLY B 23 -12.03 -6.86 -4.00
N ASP B 24 -12.11 -6.32 -2.78
CA ASP B 24 -13.33 -6.40 -1.96
C ASP B 24 -14.48 -5.56 -2.55
N ASP B 25 -15.73 -5.93 -2.22
CA ASP B 25 -16.95 -5.21 -2.60
C ASP B 25 -17.17 -3.94 -1.74
N GLY B 26 -16.25 -2.98 -1.86
CA GLY B 26 -16.18 -1.76 -1.06
C GLY B 26 -15.48 -1.97 0.30
N GLY B 27 -16.01 -1.37 1.36
CA GLY B 27 -15.46 -1.44 2.72
C GLY B 27 -16.41 -0.88 3.79
N GLY B 28 -15.84 -0.43 4.92
CA GLY B 28 -16.58 0.06 6.09
C GLY B 28 -15.70 0.88 7.04
N SER B 29 -15.86 0.68 8.35
CA SER B 29 -15.06 1.34 9.39
C SER B 29 -13.56 1.04 9.24
N GLY B 30 -12.72 2.09 9.36
CA GLY B 30 -11.26 1.98 9.31
C GLY B 30 -10.60 1.49 10.61
N GLY B 31 -11.37 1.34 11.69
CA GLY B 31 -10.85 0.91 13.01
C GLY B 31 -9.94 1.94 13.68
N GLY B 32 -9.06 1.47 14.55
CA GLY B 32 -8.05 2.31 15.23
C GLY B 32 -7.17 1.61 16.28
N SER B 33 -7.49 0.37 16.67
CA SER B 33 -6.66 -0.45 17.58
C SER B 33 -5.41 -0.98 16.88
N MET B 34 -4.38 -1.39 17.65
CA MET B 34 -3.12 -1.92 17.10
C MET B 34 -3.33 -3.15 16.19
N GLN B 35 -4.31 -4.01 16.52
CA GLN B 35 -4.68 -5.17 15.71
C GLN B 35 -5.29 -4.79 14.35
N ASP B 36 -5.99 -3.66 14.25
CA ASP B 36 -6.59 -3.16 13.00
C ASP B 36 -5.49 -2.67 12.03
N ILE B 37 -4.58 -1.84 12.52
CA ILE B 37 -3.46 -1.29 11.73
C ILE B 37 -2.44 -2.38 11.33
N GLN B 38 -2.09 -3.32 12.22
CA GLN B 38 -1.21 -4.43 11.86
C GLN B 38 -1.78 -5.32 10.72
N GLN B 39 -3.12 -5.40 10.57
CA GLN B 39 -3.74 -6.04 9.41
C GLN B 39 -3.73 -5.14 8.16
N LEU B 40 -4.41 -3.99 8.20
CA LEU B 40 -4.66 -3.18 7.00
C LEU B 40 -3.36 -2.57 6.42
N LEU B 41 -2.45 -2.10 7.27
CA LEU B 41 -1.17 -1.53 6.84
C LEU B 41 -0.18 -2.58 6.29
N ALA B 42 -0.33 -3.86 6.67
CA ALA B 42 0.39 -4.99 6.08
C ALA B 42 -0.24 -5.46 4.75
N LYS B 43 -1.57 -5.52 4.66
CA LYS B 43 -2.31 -5.91 3.43
C LYS B 43 -2.04 -4.93 2.28
N SER B 44 -2.14 -3.62 2.54
CA SER B 44 -1.78 -2.58 1.56
C SER B 44 -0.30 -2.64 1.14
N LEU B 45 0.63 -2.93 2.06
CA LEU B 45 2.05 -3.18 1.74
C LEU B 45 2.25 -4.42 0.85
N THR B 46 1.52 -5.51 1.11
CA THR B 46 1.53 -6.72 0.28
C THR B 46 1.06 -6.43 -1.15
N GLU B 47 0.04 -5.59 -1.32
CA GLU B 47 -0.45 -5.16 -2.64
C GLU B 47 0.58 -4.27 -3.40
N ILE B 48 1.39 -3.46 -2.71
CA ILE B 48 2.53 -2.74 -3.34
C ILE B 48 3.53 -3.75 -3.93
N LYS B 49 4.00 -4.70 -3.11
CA LYS B 49 5.00 -5.70 -3.53
C LYS B 49 4.50 -6.58 -4.67
N ARG B 50 3.22 -6.97 -4.65
CA ARG B 50 2.52 -7.70 -5.72
C ARG B 50 2.57 -6.95 -7.05
N LEU B 51 2.18 -5.68 -7.06
CA LEU B 51 2.11 -4.87 -8.29
C LEU B 51 3.50 -4.45 -8.80
N LYS B 52 4.49 -4.23 -7.92
CA LYS B 52 5.89 -4.06 -8.32
C LYS B 52 6.45 -5.30 -9.03
N ALA B 53 6.21 -6.49 -8.49
CA ALA B 53 6.62 -7.75 -9.12
C ALA B 53 5.92 -7.99 -10.47
N ALA B 54 4.63 -7.68 -10.58
CA ALA B 54 3.88 -7.77 -11.84
C ALA B 54 4.42 -6.81 -12.92
N ASN B 55 4.65 -5.54 -12.55
CA ASN B 55 5.22 -4.51 -13.45
C ASN B 55 6.64 -4.90 -13.92
N GLN B 56 7.49 -5.38 -13.01
CA GLN B 56 8.84 -5.84 -13.32
C GLN B 56 8.84 -7.02 -14.31
N ALA B 57 7.97 -8.00 -14.10
CA ALA B 57 7.88 -9.21 -14.93
C ALA B 57 7.45 -8.93 -16.38
N LEU B 58 6.52 -8.01 -16.60
CA LEU B 58 6.12 -7.58 -17.97
C LEU B 58 7.12 -6.62 -18.62
N GLU B 59 7.83 -5.79 -17.85
CA GLU B 59 8.86 -4.89 -18.38
C GLU B 59 10.03 -5.66 -19.00
N GLN B 60 10.53 -6.68 -18.31
CA GLN B 60 11.63 -7.54 -18.79
C GLN B 60 11.20 -8.52 -19.91
N ALA B 61 9.91 -8.80 -20.04
CA ALA B 61 9.34 -9.58 -21.15
C ALA B 61 9.23 -8.77 -22.46
N ARG B 62 8.94 -7.47 -22.37
CA ARG B 62 8.62 -6.59 -23.52
C ARG B 62 9.69 -5.55 -23.87
N ARG B 63 10.89 -5.68 -23.28
CA ARG B 63 12.13 -4.96 -23.70
C ARG B 63 12.80 -5.53 -24.95
N GLU B 64 12.34 -6.69 -25.42
CA GLU B 64 12.84 -7.45 -26.59
C GLU B 64 12.60 -6.73 -27.93
N GLY A 1 12.94 -21.18 -0.47
CA GLY A 1 12.56 -21.34 0.93
C GLY A 1 11.11 -20.89 1.15
N PRO A 2 10.86 -19.90 2.02
CA PRO A 2 9.51 -19.37 2.29
C PRO A 2 8.92 -18.60 1.09
N GLY A 3 7.59 -18.48 1.08
CA GLY A 3 6.85 -17.70 0.07
C GLY A 3 7.00 -16.18 0.20
N SER A 4 6.61 -15.44 -0.84
CA SER A 4 6.73 -13.98 -0.92
C SER A 4 5.76 -13.20 -0.01
N TYR A 5 4.66 -13.83 0.42
CA TYR A 5 3.61 -13.26 1.28
C TYR A 5 3.95 -13.33 2.78
N ASP A 6 3.53 -12.33 3.54
CA ASP A 6 3.72 -12.20 5.00
C ASP A 6 2.44 -11.68 5.70
N ALA A 7 2.28 -12.01 6.99
CA ALA A 7 1.14 -11.64 7.82
C ALA A 7 1.48 -11.64 9.32
N ALA A 8 0.75 -10.81 10.09
CA ALA A 8 0.74 -10.70 11.56
C ALA A 8 2.10 -10.38 12.24
N LEU A 9 3.11 -9.97 11.47
CA LEU A 9 4.40 -9.46 11.97
C LEU A 9 4.25 -8.10 12.69
N PRO A 10 5.18 -7.73 13.61
CA PRO A 10 5.05 -6.53 14.44
C PRO A 10 5.12 -5.22 13.64
N ILE A 11 4.57 -4.14 14.22
CA ILE A 11 4.31 -2.88 13.53
C ILE A 11 5.57 -2.13 13.07
N ASP A 12 6.69 -2.29 13.77
CA ASP A 12 7.99 -1.71 13.38
C ASP A 12 8.64 -2.39 12.16
N GLU A 13 8.22 -3.60 11.78
CA GLU A 13 8.61 -4.23 10.52
C GLU A 13 7.78 -3.69 9.34
N LEU A 14 6.46 -3.86 9.37
CA LEU A 14 5.58 -3.49 8.24
C LEU A 14 5.61 -1.98 7.91
N SER A 15 5.72 -1.12 8.91
CA SER A 15 5.82 0.34 8.74
C SER A 15 7.19 0.76 8.16
N ALA A 16 8.27 0.04 8.46
CA ALA A 16 9.58 0.26 7.83
C ALA A 16 9.61 -0.31 6.39
N LEU A 17 8.94 -1.44 6.13
CA LEU A 17 8.88 -2.07 4.82
C LEU A 17 8.11 -1.22 3.80
N LEU A 18 6.96 -0.62 4.14
CA LEU A 18 6.24 0.27 3.21
C LEU A 18 7.04 1.55 2.90
N ARG A 19 7.80 2.08 3.87
CA ARG A 19 8.72 3.21 3.67
C ARG A 19 9.85 2.82 2.71
N GLN A 20 10.45 1.65 2.91
CA GLN A 20 11.53 1.10 2.08
C GLN A 20 11.09 0.80 0.63
N GLU A 21 9.89 0.26 0.43
CA GLU A 21 9.30 0.07 -0.92
C GLU A 21 9.01 1.41 -1.63
N MET A 22 8.64 2.45 -0.88
CA MET A 22 8.51 3.84 -1.37
C MET A 22 9.86 4.60 -1.44
N GLY A 23 10.99 3.95 -1.18
CA GLY A 23 12.35 4.47 -1.35
C GLY A 23 12.93 5.28 -0.16
N ASP A 24 12.22 5.39 0.95
CA ASP A 24 12.73 5.98 2.20
C ASP A 24 13.53 4.93 3.01
N ASP A 25 14.82 5.18 3.25
CA ASP A 25 15.69 4.29 4.05
C ASP A 25 15.49 4.43 5.58
N GLY A 26 14.67 5.36 6.06
CA GLY A 26 14.23 5.46 7.46
C GLY A 26 13.19 4.39 7.85
N GLY A 27 12.96 4.22 9.15
CA GLY A 27 12.05 3.21 9.70
C GLY A 27 11.82 3.32 11.22
N GLY A 28 11.24 2.26 11.80
CA GLY A 28 10.84 2.17 13.21
C GLY A 28 9.45 2.76 13.51
N SER A 29 8.72 2.13 14.44
CA SER A 29 7.39 2.55 14.90
C SER A 29 7.04 1.97 16.27
N GLY A 30 6.01 2.52 16.94
CA GLY A 30 5.46 2.01 18.21
C GLY A 30 4.03 2.46 18.53
N GLY A 31 3.32 3.05 17.56
CA GLY A 31 2.02 3.69 17.73
C GLY A 31 2.08 5.01 18.55
N GLY A 32 0.95 5.69 18.75
CA GLY A 32 -0.38 5.37 18.21
C GLY A 32 -1.38 6.52 18.38
N SER A 33 -2.07 6.86 17.30
CA SER A 33 -3.09 7.92 17.21
C SER A 33 -3.94 7.73 15.95
N MET A 34 -5.18 8.24 15.94
CA MET A 34 -6.03 8.28 14.74
C MET A 34 -5.41 9.13 13.61
N GLN A 35 -4.57 10.12 13.93
CA GLN A 35 -3.77 10.85 12.94
C GLN A 35 -2.63 9.98 12.35
N ASP A 36 -1.94 9.21 13.21
CA ASP A 36 -0.80 8.38 12.84
C ASP A 36 -1.18 7.24 11.88
N ILE A 37 -2.27 6.50 12.20
CA ILE A 37 -2.81 5.46 11.33
C ILE A 37 -3.28 6.01 9.96
N GLN A 38 -3.93 7.18 9.91
CA GLN A 38 -4.34 7.80 8.65
C GLN A 38 -3.11 8.15 7.79
N GLN A 39 -2.09 8.80 8.37
CA GLN A 39 -0.89 9.23 7.64
C GLN A 39 -0.08 8.05 7.09
N LEU A 40 0.00 6.93 7.83
CA LEU A 40 0.62 5.69 7.34
C LEU A 40 -0.18 5.07 6.18
N LEU A 41 -1.50 4.87 6.38
CA LEU A 41 -2.37 4.12 5.47
C LEU A 41 -2.71 4.89 4.18
N ALA A 42 -2.64 6.22 4.19
CA ALA A 42 -2.76 7.05 2.99
C ALA A 42 -1.60 6.85 2.01
N LYS A 43 -0.35 6.78 2.49
CA LYS A 43 0.86 6.68 1.65
C LYS A 43 0.94 5.33 0.92
N SER A 44 0.67 4.23 1.62
CA SER A 44 0.65 2.89 1.01
C SER A 44 -0.47 2.74 -0.03
N LEU A 45 -1.67 3.29 0.22
CA LEU A 45 -2.77 3.35 -0.75
C LEU A 45 -2.39 4.18 -1.99
N THR A 46 -1.75 5.34 -1.80
CA THR A 46 -1.26 6.18 -2.91
C THR A 46 -0.25 5.44 -3.79
N GLU A 47 0.64 4.64 -3.18
CA GLU A 47 1.62 3.84 -3.93
C GLU A 47 0.97 2.70 -4.75
N ILE A 48 -0.09 2.06 -4.26
CA ILE A 48 -0.88 1.08 -5.05
C ILE A 48 -1.46 1.77 -6.30
N LYS A 49 -2.11 2.93 -6.12
CA LYS A 49 -2.69 3.70 -7.24
C LYS A 49 -1.63 4.10 -8.27
N ARG A 50 -0.46 4.56 -7.82
CA ARG A 50 0.68 4.95 -8.67
C ARG A 50 1.22 3.77 -9.47
N LEU A 51 1.46 2.62 -8.82
CA LEU A 51 1.97 1.41 -9.47
C LEU A 51 0.98 0.82 -10.48
N LYS A 52 -0.31 0.70 -10.13
CA LYS A 52 -1.35 0.17 -11.02
C LYS A 52 -1.52 1.03 -12.27
N ALA A 53 -1.54 2.35 -12.11
CA ALA A 53 -1.63 3.29 -13.23
C ALA A 53 -0.41 3.20 -14.17
N ALA A 54 0.81 3.13 -13.61
CA ALA A 54 2.05 3.00 -14.37
C ALA A 54 2.11 1.67 -15.14
N ASN A 55 1.81 0.55 -14.47
CA ASN A 55 1.78 -0.80 -15.06
C ASN A 55 0.78 -0.88 -16.23
N GLN A 56 -0.42 -0.32 -16.08
CA GLN A 56 -1.42 -0.22 -17.16
C GLN A 56 -0.90 0.65 -18.33
N ALA A 57 -0.40 1.86 -18.06
CA ALA A 57 0.00 2.81 -19.10
C ALA A 57 1.13 2.27 -20.01
N LEU A 58 2.15 1.63 -19.43
CA LEU A 58 3.26 1.05 -20.19
C LEU A 58 2.88 -0.24 -20.94
N GLU A 59 1.88 -1.00 -20.45
CA GLU A 59 1.35 -2.22 -21.10
C GLU A 59 0.56 -1.92 -22.37
N GLN A 60 -0.36 -0.94 -22.33
CA GLN A 60 -1.19 -0.56 -23.49
C GLN A 60 -0.35 0.04 -24.63
N ALA A 61 0.80 0.66 -24.32
CA ALA A 61 1.73 1.23 -25.30
C ALA A 61 2.58 0.18 -26.07
N ARG A 62 2.72 -1.05 -25.54
CA ARG A 62 3.66 -2.09 -26.05
C ARG A 62 2.99 -3.30 -26.70
N ARG A 63 1.66 -3.42 -26.63
CA ARG A 63 0.83 -4.50 -27.22
C ARG A 63 0.31 -4.21 -28.64
N GLU A 64 0.81 -3.14 -29.28
CA GLU A 64 0.46 -2.69 -30.65
C GLU A 64 1.69 -2.22 -31.45
N GLY B 1 -7.96 14.00 -16.68
CA GLY B 1 -8.07 14.37 -15.26
C GLY B 1 -6.71 14.74 -14.66
N PRO B 2 -6.68 15.39 -13.48
CA PRO B 2 -5.45 15.81 -12.81
C PRO B 2 -4.60 14.62 -12.30
N GLY B 3 -3.29 14.82 -12.21
CA GLY B 3 -2.33 13.80 -11.75
C GLY B 3 -2.23 13.62 -10.23
N SER B 4 -2.81 14.54 -9.45
CA SER B 4 -2.78 14.52 -7.97
C SER B 4 -3.73 13.45 -7.39
N TYR B 5 -3.24 12.67 -6.42
CA TYR B 5 -4.03 11.69 -5.66
C TYR B 5 -4.67 12.32 -4.41
N ASP B 6 -5.82 11.82 -3.99
CA ASP B 6 -6.49 12.25 -2.75
C ASP B 6 -5.70 11.82 -1.48
N ALA B 7 -5.64 12.69 -0.49
CA ALA B 7 -4.91 12.52 0.76
C ALA B 7 -5.55 13.32 1.92
N ALA B 8 -5.28 12.86 3.15
CA ALA B 8 -5.76 13.40 4.43
C ALA B 8 -7.30 13.49 4.60
N LEU B 9 -8.06 12.82 3.74
CA LEU B 9 -9.46 12.47 3.95
C LEU B 9 -9.62 11.50 5.15
N PRO B 10 -10.79 11.44 5.82
CA PRO B 10 -10.99 10.65 7.03
C PRO B 10 -10.77 9.15 6.83
N ILE B 11 -10.48 8.44 7.93
CA ILE B 11 -10.05 7.03 7.91
C ILE B 11 -11.06 6.09 7.24
N ASP B 12 -12.37 6.35 7.36
CA ASP B 12 -13.42 5.54 6.72
C ASP B 12 -13.30 5.51 5.19
N GLU B 13 -12.77 6.56 4.57
CA GLU B 13 -12.53 6.63 3.13
C GLU B 13 -11.23 5.90 2.75
N LEU B 14 -10.06 6.27 3.30
CA LEU B 14 -8.78 5.64 2.91
C LEU B 14 -8.71 4.13 3.24
N SER B 15 -9.43 3.66 4.26
CA SER B 15 -9.53 2.23 4.62
C SER B 15 -10.41 1.46 3.62
N ALA B 16 -11.45 2.09 3.08
CA ALA B 16 -12.26 1.52 2.01
C ALA B 16 -11.53 1.55 0.65
N LEU B 17 -10.80 2.62 0.34
CA LEU B 17 -10.12 2.78 -0.95
C LEU B 17 -9.08 1.69 -1.20
N LEU B 18 -8.30 1.26 -0.20
CA LEU B 18 -7.35 0.14 -0.38
C LEU B 18 -8.07 -1.20 -0.66
N ARG B 19 -9.22 -1.45 -0.01
CA ARG B 19 -10.05 -2.64 -0.22
C ARG B 19 -10.70 -2.63 -1.61
N GLN B 20 -11.15 -1.46 -2.07
CA GLN B 20 -11.68 -1.21 -3.42
C GLN B 20 -10.60 -1.40 -4.51
N GLU B 21 -9.36 -0.92 -4.29
CA GLU B 21 -8.24 -1.10 -5.23
C GLU B 21 -7.80 -2.57 -5.35
N MET B 22 -7.92 -3.36 -4.28
CA MET B 22 -7.67 -4.81 -4.29
C MET B 22 -8.83 -5.63 -4.88
N GLY B 23 -9.99 -5.01 -5.14
CA GLY B 23 -11.19 -5.67 -5.64
C GLY B 23 -11.90 -6.54 -4.58
N ASP B 24 -11.76 -6.22 -3.29
CA ASP B 24 -12.38 -6.91 -2.17
C ASP B 24 -13.92 -6.73 -2.15
N ASP B 25 -14.64 -7.55 -1.39
CA ASP B 25 -16.12 -7.65 -1.39
C ASP B 25 -16.86 -6.38 -0.93
N GLY B 26 -16.18 -5.49 -0.20
CA GLY B 26 -16.71 -4.19 0.23
C GLY B 26 -15.71 -3.39 1.07
N GLY B 27 -15.98 -2.09 1.28
CA GLY B 27 -15.19 -1.20 2.13
C GLY B 27 -15.45 -1.38 3.64
N GLY B 28 -14.60 -0.77 4.46
CA GLY B 28 -14.72 -0.75 5.93
C GLY B 28 -13.57 0.03 6.59
N SER B 29 -13.84 0.66 7.73
CA SER B 29 -12.89 1.50 8.48
C SER B 29 -11.86 0.70 9.30
N GLY B 30 -10.70 1.31 9.57
CA GLY B 30 -9.69 0.78 10.50
C GLY B 30 -10.13 0.91 11.96
N GLY B 31 -9.96 -0.16 12.75
CA GLY B 31 -10.43 -0.26 14.14
C GLY B 31 -9.56 0.44 15.20
N GLY B 32 -8.32 0.79 14.87
CA GLY B 32 -7.39 1.57 15.70
C GLY B 32 -6.67 0.80 16.82
N SER B 33 -7.11 -0.41 17.18
CA SER B 33 -6.37 -1.32 18.07
C SER B 33 -5.14 -1.90 17.35
N MET B 34 -4.09 -2.28 18.08
CA MET B 34 -2.76 -2.60 17.49
C MET B 34 -2.81 -3.74 16.44
N GLN B 35 -3.59 -4.78 16.69
CA GLN B 35 -3.78 -5.88 15.72
C GLN B 35 -4.49 -5.43 14.43
N ASP B 36 -5.43 -4.48 14.53
CA ASP B 36 -6.18 -3.95 13.39
C ASP B 36 -5.29 -3.07 12.49
N ILE B 37 -4.50 -2.17 13.07
CA ILE B 37 -3.52 -1.36 12.31
C ILE B 37 -2.42 -2.23 11.69
N GLN B 38 -1.89 -3.22 12.40
CA GLN B 38 -0.91 -4.16 11.84
C GLN B 38 -1.42 -4.85 10.59
N GLN B 39 -2.58 -5.54 10.66
CA GLN B 39 -3.08 -6.33 9.53
C GLN B 39 -3.57 -5.44 8.36
N LEU B 40 -4.22 -4.30 8.63
CA LEU B 40 -4.73 -3.41 7.59
C LEU B 40 -3.62 -2.67 6.82
N LEU B 41 -2.59 -2.22 7.53
CA LEU B 41 -1.43 -1.56 6.92
C LEU B 41 -0.51 -2.55 6.17
N ALA B 42 -0.37 -3.79 6.68
CA ALA B 42 0.33 -4.87 5.98
C ALA B 42 -0.39 -5.34 4.69
N LYS B 43 -1.73 -5.27 4.64
CA LYS B 43 -2.54 -5.61 3.46
C LYS B 43 -2.18 -4.73 2.25
N SER B 44 -2.02 -3.42 2.46
CA SER B 44 -1.53 -2.50 1.44
C SER B 44 -0.07 -2.77 1.03
N LEU B 45 0.83 -3.03 1.99
CA LEU B 45 2.24 -3.35 1.74
C LEU B 45 2.39 -4.63 0.89
N THR B 46 1.56 -5.64 1.13
CA THR B 46 1.50 -6.88 0.32
C THR B 46 1.12 -6.57 -1.13
N GLU B 47 0.11 -5.71 -1.37
CA GLU B 47 -0.31 -5.30 -2.70
C GLU B 47 0.75 -4.43 -3.43
N ILE B 48 1.50 -3.59 -2.70
CA ILE B 48 2.64 -2.83 -3.24
C ILE B 48 3.73 -3.78 -3.78
N LYS B 49 4.15 -4.75 -2.96
CA LYS B 49 5.15 -5.76 -3.34
C LYS B 49 4.72 -6.60 -4.54
N ARG B 50 3.45 -7.04 -4.56
CA ARG B 50 2.81 -7.76 -5.68
C ARG B 50 2.91 -6.98 -7.00
N LEU B 51 2.55 -5.69 -6.98
CA LEU B 51 2.61 -4.82 -8.16
C LEU B 51 4.06 -4.57 -8.64
N LYS B 52 4.99 -4.26 -7.73
CA LYS B 52 6.40 -4.02 -8.07
C LYS B 52 7.08 -5.26 -8.66
N ALA B 53 6.81 -6.45 -8.12
CA ALA B 53 7.28 -7.72 -8.67
C ALA B 53 6.71 -8.01 -10.08
N ALA B 54 5.40 -7.82 -10.27
CA ALA B 54 4.74 -8.03 -11.56
C ALA B 54 5.26 -7.08 -12.64
N ASN B 55 5.41 -5.79 -12.32
CA ASN B 55 5.90 -4.76 -13.25
C ASN B 55 7.36 -5.04 -13.68
N GLN B 56 8.23 -5.45 -12.73
CA GLN B 56 9.62 -5.80 -13.01
C GLN B 56 9.78 -7.04 -13.93
N ALA B 57 8.87 -8.01 -13.82
CA ALA B 57 8.90 -9.23 -14.64
C ALA B 57 8.56 -8.95 -16.12
N LEU B 58 7.55 -8.13 -16.39
CA LEU B 58 7.14 -7.77 -17.76
C LEU B 58 8.07 -6.73 -18.43
N GLU B 59 8.73 -5.87 -17.64
CA GLU B 59 9.62 -4.81 -18.15
C GLU B 59 10.81 -5.37 -18.94
N GLN B 60 11.49 -6.38 -18.38
CA GLN B 60 12.60 -7.08 -19.04
C GLN B 60 12.13 -8.02 -20.16
N ALA B 61 10.93 -8.59 -20.05
CA ALA B 61 10.35 -9.49 -21.05
C ALA B 61 10.04 -8.78 -22.39
N ARG B 62 9.48 -7.57 -22.33
CA ARG B 62 9.10 -6.77 -23.52
C ARG B 62 10.27 -6.10 -24.24
N ARG B 63 11.43 -6.03 -23.60
CA ARG B 63 12.69 -5.47 -24.10
C ARG B 63 13.60 -6.49 -24.81
N GLU B 64 13.29 -7.78 -24.67
CA GLU B 64 13.97 -8.91 -25.34
C GLU B 64 13.76 -8.93 -26.87
N GLY A 1 11.51 -24.77 9.91
CA GLY A 1 11.14 -23.35 9.85
C GLY A 1 9.75 -23.14 9.25
N PRO A 2 9.17 -21.92 9.37
CA PRO A 2 7.86 -21.58 8.82
C PRO A 2 7.85 -21.55 7.28
N GLY A 3 6.68 -21.77 6.68
CA GLY A 3 6.47 -21.75 5.23
C GLY A 3 6.45 -20.33 4.61
N SER A 4 6.23 -19.30 5.42
CA SER A 4 6.15 -17.88 5.01
C SER A 4 6.71 -16.95 6.10
N TYR A 5 7.32 -15.83 5.69
CA TYR A 5 8.03 -14.88 6.56
C TYR A 5 7.13 -13.80 7.21
N ASP A 6 5.86 -13.73 6.84
CA ASP A 6 4.84 -12.83 7.39
C ASP A 6 4.26 -13.29 8.75
N ALA A 7 5.07 -13.98 9.56
CA ALA A 7 4.72 -14.69 10.77
C ALA A 7 4.50 -13.76 11.99
N ALA A 8 3.44 -12.93 11.94
CA ALA A 8 3.03 -11.98 12.98
C ALA A 8 4.15 -11.00 13.43
N LEU A 9 4.94 -10.53 12.46
CA LEU A 9 5.95 -9.48 12.66
C LEU A 9 5.32 -8.17 13.24
N PRO A 10 6.05 -7.42 14.09
CA PRO A 10 5.53 -6.24 14.78
C PRO A 10 5.29 -5.04 13.85
N ILE A 11 4.55 -4.05 14.35
CA ILE A 11 4.17 -2.84 13.59
C ILE A 11 5.38 -2.02 13.12
N ASP A 12 6.49 -2.03 13.88
CA ASP A 12 7.73 -1.34 13.51
C ASP A 12 8.37 -1.90 12.22
N GLU A 13 8.29 -3.22 12.01
CA GLU A 13 8.84 -3.88 10.83
C GLU A 13 8.03 -3.57 9.57
N LEU A 14 6.70 -3.76 9.58
CA LEU A 14 5.86 -3.45 8.41
C LEU A 14 5.84 -1.93 8.07
N SER A 15 5.96 -1.06 9.08
CA SER A 15 6.16 0.39 8.92
C SER A 15 7.52 0.73 8.25
N ALA A 16 8.62 0.08 8.64
CA ALA A 16 9.92 0.22 7.97
C ALA A 16 9.91 -0.36 6.54
N LEU A 17 9.16 -1.43 6.28
CA LEU A 17 9.00 -2.03 4.95
C LEU A 17 8.30 -1.08 3.98
N LEU A 18 7.19 -0.42 4.36
CA LEU A 18 6.50 0.51 3.46
C LEU A 18 7.37 1.74 3.11
N ARG A 19 8.22 2.21 4.03
CA ARG A 19 9.18 3.28 3.76
C ARG A 19 10.26 2.85 2.75
N GLN A 20 10.95 1.74 2.99
CA GLN A 20 12.03 1.30 2.10
C GLN A 20 11.52 0.83 0.71
N GLU A 21 10.28 0.35 0.61
CA GLU A 21 9.61 0.09 -0.68
C GLU A 21 9.35 1.37 -1.49
N MET A 22 9.19 2.52 -0.82
CA MET A 22 9.10 3.85 -1.44
C MET A 22 10.46 4.57 -1.57
N GLY A 23 11.55 3.91 -1.16
CA GLY A 23 12.92 4.46 -1.20
C GLY A 23 13.28 5.39 -0.03
N ASP A 24 12.42 5.55 0.96
CA ASP A 24 12.70 6.31 2.19
C ASP A 24 13.57 5.50 3.16
N ASP A 25 14.73 6.06 3.54
CA ASP A 25 15.65 5.49 4.55
C ASP A 25 15.47 6.07 5.97
N GLY A 26 14.58 7.05 6.14
CA GLY A 26 14.30 7.75 7.40
C GLY A 26 13.24 7.10 8.28
N GLY A 27 12.73 7.88 9.24
CA GLY A 27 11.69 7.50 10.20
C GLY A 27 11.18 8.69 11.02
N GLY A 28 10.24 8.45 11.93
CA GLY A 28 9.66 9.45 12.84
C GLY A 28 8.17 9.22 13.14
N SER A 29 7.48 8.38 12.37
CA SER A 29 6.11 7.92 12.65
C SER A 29 6.04 7.03 13.90
N GLY A 30 4.86 6.95 14.52
CA GLY A 30 4.60 6.17 15.73
C GLY A 30 3.18 6.38 16.28
N GLY A 31 2.99 6.15 17.58
CA GLY A 31 1.72 6.36 18.27
C GLY A 31 0.65 5.32 17.94
N GLY A 32 -0.54 5.76 17.53
CA GLY A 32 -1.72 4.93 17.27
C GLY A 32 -3.06 5.67 17.29
N SER A 33 -3.08 7.00 17.47
CA SER A 33 -4.28 7.84 17.34
C SER A 33 -4.73 7.91 15.87
N MET A 34 -5.98 8.30 15.61
CA MET A 34 -6.58 8.32 14.27
C MET A 34 -5.78 9.10 13.23
N GLN A 35 -5.15 10.22 13.61
CA GLN A 35 -4.29 11.00 12.71
C GLN A 35 -2.97 10.28 12.33
N ASP A 36 -2.49 9.33 13.14
CA ASP A 36 -1.29 8.54 12.86
C ASP A 36 -1.58 7.43 11.82
N ILE A 37 -2.67 6.67 12.05
CA ILE A 37 -3.12 5.57 11.19
C ILE A 37 -3.60 6.07 9.81
N GLN A 38 -4.30 7.22 9.74
CA GLN A 38 -4.69 7.83 8.45
C GLN A 38 -3.46 8.12 7.58
N GLN A 39 -2.41 8.73 8.14
CA GLN A 39 -1.20 9.10 7.40
C GLN A 39 -0.37 7.88 6.95
N LEU A 40 -0.21 6.87 7.81
CA LEU A 40 0.48 5.63 7.46
C LEU A 40 -0.24 4.86 6.34
N LEU A 41 -1.56 4.65 6.48
CA LEU A 41 -2.34 3.78 5.59
C LEU A 41 -2.63 4.42 4.22
N ALA A 42 -2.83 5.74 4.17
CA ALA A 42 -2.99 6.49 2.92
C ALA A 42 -1.70 6.53 2.06
N LYS A 43 -0.52 6.54 2.69
CA LYS A 43 0.78 6.53 2.00
C LYS A 43 0.99 5.25 1.20
N SER A 44 0.65 4.09 1.77
CA SER A 44 0.66 2.80 1.04
C SER A 44 -0.39 2.75 -0.08
N LEU A 45 -1.60 3.25 0.17
CA LEU A 45 -2.67 3.34 -0.85
C LEU A 45 -2.26 4.20 -2.06
N THR A 46 -1.59 5.33 -1.81
CA THR A 46 -1.02 6.20 -2.86
C THR A 46 0.03 5.47 -3.70
N GLU A 47 0.90 4.66 -3.08
CA GLU A 47 1.93 3.89 -3.79
C GLU A 47 1.35 2.78 -4.67
N ILE A 48 0.25 2.13 -4.26
CA ILE A 48 -0.49 1.19 -5.11
C ILE A 48 -0.97 1.90 -6.38
N LYS A 49 -1.60 3.07 -6.24
CA LYS A 49 -2.12 3.88 -7.36
C LYS A 49 -1.01 4.34 -8.32
N ARG A 50 0.16 4.75 -7.80
CA ARG A 50 1.36 5.10 -8.61
C ARG A 50 1.82 3.93 -9.48
N LEU A 51 1.96 2.73 -8.88
CA LEU A 51 2.38 1.52 -9.59
C LEU A 51 1.35 1.09 -10.65
N LYS A 52 0.04 1.13 -10.33
CA LYS A 52 -1.02 0.86 -11.30
C LYS A 52 -1.02 1.83 -12.47
N ALA A 53 -0.81 3.12 -12.22
CA ALA A 53 -0.74 4.14 -13.28
C ALA A 53 0.45 3.90 -14.24
N ALA A 54 1.63 3.57 -13.71
CA ALA A 54 2.81 3.24 -14.52
C ALA A 54 2.58 1.96 -15.37
N ASN A 55 2.02 0.91 -14.76
CA ASN A 55 1.71 -0.36 -15.41
C ASN A 55 0.67 -0.16 -16.55
N GLN A 56 -0.43 0.56 -16.28
CA GLN A 56 -1.47 0.87 -17.26
C GLN A 56 -0.96 1.74 -18.42
N ALA A 57 -0.05 2.70 -18.17
CA ALA A 57 0.49 3.59 -19.19
C ALA A 57 1.41 2.87 -20.20
N LEU A 58 2.22 1.90 -19.74
CA LEU A 58 3.08 1.11 -20.63
C LEU A 58 2.30 -0.01 -21.36
N GLU A 59 1.31 -0.65 -20.71
CA GLU A 59 0.58 -1.77 -21.31
C GLU A 59 -0.25 -1.36 -22.54
N GLN A 60 -0.91 -0.20 -22.50
CA GLN A 60 -1.70 0.30 -23.64
C GLN A 60 -0.83 0.70 -24.86
N ALA A 61 0.44 1.04 -24.63
CA ALA A 61 1.41 1.39 -25.68
C ALA A 61 1.90 0.17 -26.51
N ARG A 62 1.71 -1.06 -26.02
CA ARG A 62 2.10 -2.32 -26.68
C ARG A 62 1.00 -2.96 -27.57
N ARG A 63 -0.16 -2.30 -27.70
CA ARG A 63 -1.37 -2.81 -28.40
C ARG A 63 -1.99 -1.82 -29.40
N GLU A 64 -1.13 -1.15 -30.17
CA GLU A 64 -1.51 -0.26 -31.29
C GLU A 64 -2.32 -0.98 -32.39
N GLY B 1 -14.05 15.62 -13.36
CA GLY B 1 -12.75 16.31 -13.13
C GLY B 1 -12.03 15.74 -11.91
N PRO B 2 -11.11 16.53 -11.29
CA PRO B 2 -10.36 16.13 -10.09
C PRO B 2 -11.23 15.79 -8.88
N GLY B 3 -10.71 14.95 -7.97
CA GLY B 3 -11.38 14.57 -6.71
C GLY B 3 -11.03 13.17 -6.18
N SER B 4 -10.39 12.32 -6.99
CA SER B 4 -9.97 10.96 -6.63
C SER B 4 -8.74 10.90 -5.69
N TYR B 5 -7.99 12.01 -5.59
CA TYR B 5 -6.81 12.17 -4.73
C TYR B 5 -7.15 12.29 -3.24
N ASP B 6 -6.16 12.01 -2.37
CA ASP B 6 -6.24 12.29 -0.93
C ASP B 6 -6.29 13.81 -0.66
N ALA B 7 -7.34 14.25 0.03
CA ALA B 7 -7.58 15.64 0.43
C ALA B 7 -7.78 15.75 1.96
N ALA B 8 -6.98 14.99 2.73
CA ALA B 8 -7.17 14.71 4.16
C ALA B 8 -8.52 14.02 4.46
N LEU B 9 -8.91 13.08 3.59
CA LEU B 9 -10.15 12.29 3.69
C LEU B 9 -10.16 11.35 4.93
N PRO B 10 -11.34 11.02 5.50
CA PRO B 10 -11.44 10.24 6.73
C PRO B 10 -11.02 8.77 6.55
N ILE B 11 -10.70 8.11 7.66
CA ILE B 11 -10.23 6.73 7.69
C ILE B 11 -11.22 5.73 7.05
N ASP B 12 -12.53 5.99 7.17
CA ASP B 12 -13.60 5.15 6.63
C ASP B 12 -13.59 5.11 5.09
N GLU B 13 -13.05 6.14 4.43
CA GLU B 13 -12.80 6.13 2.98
C GLU B 13 -11.50 5.38 2.64
N LEU B 14 -10.34 5.80 3.16
CA LEU B 14 -9.04 5.23 2.75
C LEU B 14 -8.86 3.74 3.10
N SER B 15 -9.45 3.29 4.22
CA SER B 15 -9.47 1.87 4.63
C SER B 15 -10.35 0.99 3.73
N ALA B 16 -11.34 1.59 3.04
CA ALA B 16 -12.14 0.94 1.98
C ALA B 16 -11.46 1.02 0.59
N LEU B 17 -10.79 2.13 0.27
CA LEU B 17 -10.14 2.34 -1.03
C LEU B 17 -9.06 1.30 -1.32
N LEU B 18 -8.25 0.89 -0.33
CA LEU B 18 -7.26 -0.19 -0.51
C LEU B 18 -7.92 -1.54 -0.85
N ARG B 19 -9.10 -1.81 -0.27
CA ARG B 19 -9.88 -3.04 -0.52
C ARG B 19 -10.52 -3.01 -1.92
N GLN B 20 -11.04 -1.85 -2.32
CA GLN B 20 -11.59 -1.58 -3.65
C GLN B 20 -10.52 -1.68 -4.75
N GLU B 21 -9.29 -1.20 -4.50
CA GLU B 21 -8.14 -1.40 -5.40
C GLU B 21 -7.73 -2.88 -5.52
N MET B 22 -7.89 -3.66 -4.45
CA MET B 22 -7.74 -5.13 -4.45
C MET B 22 -9.00 -5.88 -4.94
N GLY B 23 -9.99 -5.17 -5.51
CA GLY B 23 -11.16 -5.75 -6.19
C GLY B 23 -12.32 -6.21 -5.27
N ASP B 24 -12.31 -5.87 -3.98
CA ASP B 24 -13.39 -6.19 -3.05
C ASP B 24 -14.66 -5.35 -3.32
N ASP B 25 -15.84 -5.88 -2.96
CA ASP B 25 -17.15 -5.27 -3.20
C ASP B 25 -17.48 -4.08 -2.25
N GLY B 26 -16.67 -3.86 -1.21
CA GLY B 26 -16.86 -2.80 -0.21
C GLY B 26 -15.72 -2.72 0.82
N GLY B 27 -15.95 -1.98 1.90
CA GLY B 27 -15.01 -1.79 3.00
C GLY B 27 -15.47 -0.76 4.03
N GLY B 28 -14.59 -0.45 4.99
CA GLY B 28 -14.80 0.57 6.02
C GLY B 28 -13.61 0.68 6.98
N SER B 29 -13.67 1.59 7.95
CA SER B 29 -12.61 1.80 8.95
C SER B 29 -12.42 0.61 9.91
N GLY B 30 -11.17 0.29 10.23
CA GLY B 30 -10.80 -0.58 11.36
C GLY B 30 -10.68 0.19 12.68
N GLY B 31 -10.51 -0.55 13.80
CA GLY B 31 -10.32 0.02 15.13
C GLY B 31 -8.92 0.61 15.37
N GLY B 32 -8.75 1.31 16.50
CA GLY B 32 -7.50 1.94 16.91
C GLY B 32 -6.50 1.03 17.66
N SER B 33 -6.88 -0.20 17.99
CA SER B 33 -6.02 -1.18 18.69
C SER B 33 -4.87 -1.67 17.80
N MET B 34 -3.72 -2.01 18.40
CA MET B 34 -2.50 -2.44 17.68
C MET B 34 -2.72 -3.66 16.77
N GLN B 35 -3.57 -4.60 17.17
CA GLN B 35 -3.94 -5.76 16.34
C GLN B 35 -4.76 -5.39 15.07
N ASP B 36 -5.45 -4.25 15.06
CA ASP B 36 -6.31 -3.81 13.95
C ASP B 36 -5.51 -3.02 12.90
N ILE B 37 -4.70 -2.05 13.35
CA ILE B 37 -3.82 -1.22 12.50
C ILE B 37 -2.77 -2.07 11.75
N GLN B 38 -2.19 -3.09 12.39
CA GLN B 38 -1.20 -3.98 11.75
C GLN B 38 -1.79 -4.73 10.55
N GLN B 39 -3.02 -5.26 10.67
CA GLN B 39 -3.70 -6.00 9.60
C GLN B 39 -3.97 -5.11 8.37
N LEU B 40 -4.43 -3.88 8.56
CA LEU B 40 -4.66 -2.92 7.48
C LEU B 40 -3.35 -2.53 6.77
N LEU B 41 -2.34 -2.14 7.55
CA LEU B 41 -1.09 -1.58 7.03
C LEU B 41 -0.18 -2.65 6.38
N ALA B 42 -0.27 -3.91 6.81
CA ALA B 42 0.37 -5.05 6.14
C ALA B 42 -0.30 -5.39 4.79
N LYS B 43 -1.63 -5.34 4.72
CA LYS B 43 -2.44 -5.67 3.53
C LYS B 43 -2.18 -4.68 2.38
N SER B 44 -2.11 -3.38 2.66
CA SER B 44 -1.75 -2.35 1.68
C SER B 44 -0.28 -2.45 1.23
N LEU B 45 0.65 -2.77 2.13
CA LEU B 45 2.07 -3.00 1.82
C LEU B 45 2.26 -4.22 0.90
N THR B 46 1.54 -5.32 1.17
CA THR B 46 1.57 -6.53 0.34
C THR B 46 1.15 -6.26 -1.11
N GLU B 47 0.18 -5.38 -1.34
CA GLU B 47 -0.29 -5.03 -2.68
C GLU B 47 0.73 -4.22 -3.49
N ILE B 48 1.59 -3.40 -2.86
CA ILE B 48 2.72 -2.73 -3.53
C ILE B 48 3.70 -3.77 -4.08
N LYS B 49 4.08 -4.75 -3.25
CA LYS B 49 4.98 -5.86 -3.63
C LYS B 49 4.39 -6.71 -4.77
N ARG B 50 3.08 -7.00 -4.71
CA ARG B 50 2.30 -7.66 -5.76
C ARG B 50 2.34 -6.89 -7.08
N LEU B 51 2.11 -5.57 -7.05
CA LEU B 51 2.17 -4.71 -8.24
C LEU B 51 3.57 -4.70 -8.87
N LYS B 52 4.63 -4.57 -8.07
CA LYS B 52 6.03 -4.61 -8.53
C LYS B 52 6.37 -5.96 -9.18
N ALA B 53 5.97 -7.06 -8.57
CA ALA B 53 6.15 -8.41 -9.13
C ALA B 53 5.44 -8.59 -10.48
N ALA B 54 4.19 -8.13 -10.59
CA ALA B 54 3.41 -8.19 -11.84
C ALA B 54 4.02 -7.32 -12.96
N ASN B 55 4.44 -6.09 -12.64
CA ASN B 55 5.10 -5.17 -13.57
C ASN B 55 6.45 -5.74 -14.06
N GLN B 56 7.25 -6.34 -13.17
CA GLN B 56 8.49 -7.04 -13.53
C GLN B 56 8.23 -8.25 -14.46
N ALA B 57 7.23 -9.08 -14.13
CA ALA B 57 6.89 -10.29 -14.88
C ALA B 57 6.41 -10.02 -16.32
N LEU B 58 5.77 -8.87 -16.58
CA LEU B 58 5.40 -8.44 -17.94
C LEU B 58 6.53 -7.67 -18.65
N GLU B 59 7.38 -6.92 -17.94
CA GLU B 59 8.50 -6.17 -18.57
C GLU B 59 9.57 -7.09 -19.19
N GLN B 60 9.71 -8.33 -18.71
CA GLN B 60 10.57 -9.35 -19.34
C GLN B 60 9.94 -10.02 -20.59
N ALA B 61 8.67 -9.72 -20.92
CA ALA B 61 7.89 -10.37 -21.98
C ALA B 61 7.37 -9.39 -23.07
N ARG B 62 6.94 -8.18 -22.69
CA ARG B 62 6.41 -7.14 -23.60
C ARG B 62 7.42 -6.58 -24.61
N ARG B 63 8.71 -6.86 -24.40
CA ARG B 63 9.85 -6.47 -25.26
C ARG B 63 9.97 -7.25 -26.58
N GLU B 64 9.15 -8.29 -26.77
CA GLU B 64 9.04 -9.10 -27.99
C GLU B 64 8.59 -8.30 -29.24
N GLY A 1 16.96 -20.24 17.46
CA GLY A 1 17.87 -19.47 16.58
C GLY A 1 17.61 -17.97 16.66
N PRO A 2 18.41 -17.15 15.94
CA PRO A 2 18.30 -15.69 15.95
C PRO A 2 17.08 -15.14 15.17
N GLY A 3 16.51 -15.92 14.24
CA GLY A 3 15.32 -15.57 13.45
C GLY A 3 13.99 -15.70 14.21
N SER A 4 12.90 -15.29 13.56
CA SER A 4 11.53 -15.38 14.07
C SER A 4 10.51 -15.52 12.93
N TYR A 5 9.28 -15.94 13.26
CA TYR A 5 8.20 -16.18 12.30
C TYR A 5 7.73 -14.90 11.58
N ASP A 6 7.40 -15.01 10.30
CA ASP A 6 6.60 -14.01 9.57
C ASP A 6 5.10 -14.08 9.97
N ALA A 7 4.33 -13.10 9.50
CA ALA A 7 2.93 -12.81 9.87
C ALA A 7 2.72 -12.40 11.34
N ALA A 8 1.77 -11.50 11.57
CA ALA A 8 1.50 -10.83 12.86
C ALA A 8 2.73 -10.13 13.49
N LEU A 9 3.74 -9.79 12.68
CA LEU A 9 4.95 -9.07 13.09
C LEU A 9 4.64 -7.62 13.56
N PRO A 10 5.47 -7.02 14.44
CA PRO A 10 5.15 -5.75 15.08
C PRO A 10 5.08 -4.55 14.12
N ILE A 11 4.39 -3.49 14.56
CA ILE A 11 3.98 -2.34 13.75
C ILE A 11 5.17 -1.57 13.11
N ASP A 12 6.32 -1.53 13.78
CA ASP A 12 7.53 -0.87 13.28
C ASP A 12 8.20 -1.64 12.12
N GLU A 13 8.08 -2.97 12.06
CA GLU A 13 8.64 -3.79 10.97
C GLU A 13 7.84 -3.61 9.67
N LEU A 14 6.52 -3.78 9.70
CA LEU A 14 5.68 -3.59 8.51
C LEU A 14 5.66 -2.12 8.02
N SER A 15 5.78 -1.16 8.96
CA SER A 15 6.02 0.26 8.66
C SER A 15 7.35 0.48 7.93
N ALA A 16 8.46 -0.07 8.43
CA ALA A 16 9.76 0.04 7.78
C ALA A 16 9.77 -0.63 6.38
N LEU A 17 8.99 -1.70 6.18
CA LEU A 17 8.80 -2.33 4.88
C LEU A 17 8.08 -1.40 3.89
N LEU A 18 6.92 -0.81 4.21
CA LEU A 18 6.22 0.08 3.27
C LEU A 18 7.00 1.39 3.00
N ARG A 19 7.74 1.89 3.99
CA ARG A 19 8.63 3.06 3.84
C ARG A 19 9.76 2.77 2.87
N GLN A 20 10.52 1.67 3.05
CA GLN A 20 11.62 1.32 2.14
C GLN A 20 11.15 0.86 0.74
N GLU A 21 9.94 0.29 0.61
CA GLU A 21 9.33 0.00 -0.69
C GLU A 21 8.94 1.27 -1.46
N MET A 22 8.58 2.35 -0.77
CA MET A 22 8.45 3.71 -1.35
C MET A 22 9.80 4.43 -1.52
N GLY A 23 10.91 3.84 -1.06
CA GLY A 23 12.25 4.45 -1.05
C GLY A 23 12.43 5.59 -0.03
N ASP A 24 11.51 5.73 0.94
CA ASP A 24 11.46 6.80 1.93
C ASP A 24 12.19 6.44 3.23
N ASP A 25 13.03 7.35 3.74
CA ASP A 25 13.61 7.26 5.09
C ASP A 25 12.66 7.81 6.17
N GLY A 26 11.79 8.77 5.82
CA GLY A 26 10.85 9.43 6.72
C GLY A 26 9.59 8.61 7.03
N GLY A 27 8.65 9.23 7.74
CA GLY A 27 7.39 8.61 8.19
C GLY A 27 7.55 7.58 9.32
N GLY A 28 6.50 6.79 9.54
CA GLY A 28 6.51 5.71 10.54
C GLY A 28 6.47 6.18 12.00
N SER A 29 5.85 7.34 12.27
CA SER A 29 5.80 7.98 13.59
C SER A 29 5.22 7.07 14.69
N GLY A 30 5.92 7.01 15.84
CA GLY A 30 5.60 6.10 16.94
C GLY A 30 4.46 6.55 17.88
N GLY A 31 3.84 7.70 17.63
CA GLY A 31 2.79 8.29 18.48
C GLY A 31 1.48 7.50 18.54
N GLY A 32 1.16 6.73 17.48
CA GLY A 32 -0.02 5.86 17.41
C GLY A 32 -1.37 6.59 17.43
N SER A 33 -1.41 7.88 17.12
CA SER A 33 -2.64 8.69 17.07
C SER A 33 -3.55 8.27 15.90
N MET A 34 -4.84 8.62 15.99
CA MET A 34 -5.83 8.41 14.93
C MET A 34 -5.48 9.20 13.65
N GLN A 35 -4.72 10.28 13.76
CA GLN A 35 -4.18 11.04 12.61
C GLN A 35 -2.89 10.41 12.04
N ASP A 36 -2.14 9.63 12.81
CA ASP A 36 -0.92 8.95 12.34
C ASP A 36 -1.27 7.75 11.43
N ILE A 37 -2.25 6.94 11.84
CA ILE A 37 -2.78 5.82 11.05
C ILE A 37 -3.38 6.29 9.71
N GLN A 38 -4.10 7.42 9.68
CA GLN A 38 -4.61 8.02 8.44
C GLN A 38 -3.48 8.29 7.44
N GLN A 39 -2.43 9.02 7.87
CA GLN A 39 -1.31 9.40 7.01
C GLN A 39 -0.51 8.19 6.53
N LEU A 40 -0.14 7.27 7.44
CA LEU A 40 0.71 6.13 7.12
C LEU A 40 0.01 5.11 6.20
N LEU A 41 -1.29 4.87 6.41
CA LEU A 41 -2.11 4.00 5.56
C LEU A 41 -2.44 4.65 4.20
N ALA A 42 -2.61 5.98 4.14
CA ALA A 42 -2.79 6.73 2.88
C ALA A 42 -1.52 6.71 2.01
N LYS A 43 -0.31 6.80 2.59
CA LYS A 43 0.96 6.66 1.84
C LYS A 43 1.09 5.26 1.22
N SER A 44 0.79 4.21 1.97
CA SER A 44 0.74 2.83 1.44
C SER A 44 -0.25 2.68 0.28
N LEU A 45 -1.48 3.21 0.43
CA LEU A 45 -2.49 3.22 -0.64
C LEU A 45 -2.05 4.02 -1.88
N THR A 46 -1.42 5.19 -1.70
CA THR A 46 -0.95 6.03 -2.81
C THR A 46 0.09 5.30 -3.66
N GLU A 47 0.99 4.51 -3.06
CA GLU A 47 2.01 3.74 -3.80
C GLU A 47 1.41 2.63 -4.69
N ILE A 48 0.31 1.98 -4.25
CA ILE A 48 -0.46 1.02 -5.07
C ILE A 48 -0.95 1.70 -6.34
N LYS A 49 -1.60 2.86 -6.20
CA LYS A 49 -2.15 3.65 -7.31
C LYS A 49 -1.05 4.19 -8.24
N ARG A 50 0.09 4.61 -7.71
CA ARG A 50 1.26 5.07 -8.49
C ARG A 50 1.79 3.99 -9.44
N LEU A 51 1.91 2.75 -8.97
CA LEU A 51 2.30 1.59 -9.77
C LEU A 51 1.22 1.25 -10.81
N LYS A 52 -0.05 1.13 -10.40
CA LYS A 52 -1.15 0.73 -11.29
C LYS A 52 -1.41 1.73 -12.43
N ALA A 53 -1.31 3.03 -12.17
CA ALA A 53 -1.48 4.07 -13.19
C ALA A 53 -0.44 3.95 -14.32
N ALA A 54 0.83 3.73 -13.97
CA ALA A 54 1.91 3.49 -14.93
C ALA A 54 1.75 2.15 -15.69
N ASN A 55 1.49 1.07 -14.95
CA ASN A 55 1.32 -0.29 -15.47
C ASN A 55 0.15 -0.38 -16.48
N GLN A 56 -1.02 0.17 -16.13
CA GLN A 56 -2.20 0.19 -17.00
C GLN A 56 -2.01 1.04 -18.28
N ALA A 57 -1.29 2.17 -18.19
CA ALA A 57 -1.03 3.05 -19.32
C ALA A 57 -0.05 2.43 -20.34
N LEU A 58 1.05 1.81 -19.87
CA LEU A 58 2.05 1.19 -20.75
C LEU A 58 1.56 -0.15 -21.34
N GLU A 59 0.71 -0.92 -20.63
CA GLU A 59 0.21 -2.21 -21.12
C GLU A 59 -0.62 -2.05 -22.40
N GLN A 60 -1.68 -1.24 -22.39
CA GLN A 60 -2.54 -1.05 -23.56
C GLN A 60 -1.81 -0.41 -24.76
N ALA A 61 -0.72 0.32 -24.51
CA ALA A 61 0.14 0.91 -25.56
C ALA A 61 1.12 -0.10 -26.18
N ARG A 62 1.54 -1.15 -25.44
CA ARG A 62 2.62 -2.09 -25.82
C ARG A 62 2.18 -3.55 -26.00
N ARG A 63 0.90 -3.87 -25.75
CA ARG A 63 0.23 -5.14 -25.99
C ARG A 63 -0.06 -5.42 -27.47
N GLU A 64 -0.18 -4.36 -28.25
CA GLU A 64 -0.37 -4.35 -29.72
C GLU A 64 0.92 -4.65 -30.49
N GLY B 1 -15.49 19.79 -14.73
CA GLY B 1 -14.19 20.45 -14.99
C GLY B 1 -13.01 19.54 -14.68
N PRO B 2 -11.79 20.10 -14.51
CA PRO B 2 -10.57 19.34 -14.22
C PRO B 2 -10.63 18.54 -12.90
N GLY B 3 -9.90 17.41 -12.86
CA GLY B 3 -9.75 16.58 -11.65
C GLY B 3 -8.87 17.24 -10.58
N SER B 4 -9.18 16.98 -9.31
CA SER B 4 -8.46 17.50 -8.13
C SER B 4 -7.87 16.37 -7.30
N TYR B 5 -6.68 16.58 -6.73
CA TYR B 5 -5.96 15.61 -5.91
C TYR B 5 -6.62 15.37 -4.54
N ASP B 6 -6.67 14.12 -4.11
CA ASP B 6 -7.18 13.73 -2.78
C ASP B 6 -6.18 14.06 -1.64
N ALA B 7 -6.68 14.54 -0.51
CA ALA B 7 -5.88 14.92 0.66
C ALA B 7 -6.73 14.94 1.95
N ALA B 8 -6.10 14.55 3.08
CA ALA B 8 -6.62 14.64 4.46
C ALA B 8 -8.02 14.00 4.71
N LEU B 9 -8.47 13.09 3.83
CA LEU B 9 -9.73 12.36 3.95
C LEU B 9 -9.74 11.38 5.15
N PRO B 10 -10.93 11.06 5.72
CA PRO B 10 -11.03 10.22 6.92
C PRO B 10 -10.66 8.75 6.66
N ILE B 11 -10.39 8.01 7.75
CA ILE B 11 -9.91 6.62 7.69
C ILE B 11 -10.88 5.67 6.99
N ASP B 12 -12.20 5.93 7.08
CA ASP B 12 -13.23 5.13 6.39
C ASP B 12 -13.08 5.17 4.86
N GLU B 13 -12.68 6.32 4.30
CA GLU B 13 -12.48 6.49 2.86
C GLU B 13 -11.20 5.80 2.36
N LEU B 14 -10.04 6.05 2.99
CA LEU B 14 -8.77 5.43 2.57
C LEU B 14 -8.75 3.91 2.82
N SER B 15 -9.42 3.42 3.88
CA SER B 15 -9.70 1.99 4.08
C SER B 15 -10.59 1.42 2.95
N ALA B 16 -11.68 2.10 2.56
CA ALA B 16 -12.49 1.66 1.42
C ALA B 16 -11.74 1.69 0.09
N LEU B 17 -10.84 2.66 -0.13
CA LEU B 17 -10.00 2.74 -1.34
C LEU B 17 -9.02 1.56 -1.43
N LEU B 18 -8.25 1.24 -0.38
CA LEU B 18 -7.31 0.10 -0.42
C LEU B 18 -8.03 -1.26 -0.51
N ARG B 19 -9.25 -1.37 0.06
CA ARG B 19 -10.13 -2.55 -0.08
C ARG B 19 -10.66 -2.71 -1.51
N GLN B 20 -11.13 -1.63 -2.13
CA GLN B 20 -11.56 -1.63 -3.54
C GLN B 20 -10.41 -1.85 -4.52
N GLU B 21 -9.20 -1.38 -4.22
CA GLU B 21 -7.98 -1.71 -4.98
C GLU B 21 -7.66 -3.21 -4.98
N MET B 22 -7.83 -3.87 -3.83
CA MET B 22 -7.64 -5.32 -3.66
C MET B 22 -8.87 -6.17 -4.03
N GLY B 23 -9.97 -5.55 -4.48
CA GLY B 23 -11.18 -6.25 -4.92
C GLY B 23 -11.99 -6.91 -3.79
N ASP B 24 -11.97 -6.33 -2.58
CA ASP B 24 -12.74 -6.78 -1.42
C ASP B 24 -14.27 -6.75 -1.65
N ASP B 25 -15.03 -7.58 -0.94
CA ASP B 25 -16.48 -7.72 -1.03
C ASP B 25 -17.27 -6.56 -0.37
N GLY B 26 -16.57 -5.59 0.24
CA GLY B 26 -17.14 -4.41 0.89
C GLY B 26 -16.08 -3.32 1.16
N GLY B 27 -16.43 -2.33 1.98
CA GLY B 27 -15.57 -1.20 2.35
C GLY B 27 -16.05 -0.45 3.59
N GLY B 28 -15.21 0.46 4.10
CA GLY B 28 -15.52 1.32 5.25
C GLY B 28 -15.48 0.62 6.61
N SER B 29 -14.96 -0.62 6.68
CA SER B 29 -14.82 -1.38 7.93
C SER B 29 -13.78 -0.74 8.87
N GLY B 30 -14.15 -0.57 10.15
CA GLY B 30 -13.38 0.16 11.16
C GLY B 30 -12.29 -0.66 11.89
N GLY B 31 -11.60 0.00 12.82
CA GLY B 31 -10.56 -0.56 13.68
C GLY B 31 -9.95 0.48 14.62
N GLY B 32 -9.18 0.03 15.62
CA GLY B 32 -8.53 0.93 16.60
C GLY B 32 -7.51 0.28 17.55
N SER B 33 -7.49 -1.05 17.69
CA SER B 33 -6.43 -1.79 18.40
C SER B 33 -5.18 -1.93 17.52
N MET B 34 -4.02 -2.18 18.16
CA MET B 34 -2.74 -2.41 17.47
C MET B 34 -2.81 -3.58 16.48
N GLN B 35 -3.53 -4.66 16.83
CA GLN B 35 -3.76 -5.81 15.95
C GLN B 35 -4.59 -5.49 14.70
N ASP B 36 -5.44 -4.45 14.74
CA ASP B 36 -6.25 -4.00 13.59
C ASP B 36 -5.36 -3.28 12.58
N ILE B 37 -4.59 -2.27 13.04
CA ILE B 37 -3.67 -1.48 12.20
C ILE B 37 -2.54 -2.35 11.64
N GLN B 38 -1.97 -3.28 12.42
CA GLN B 38 -0.91 -4.18 11.93
C GLN B 38 -1.38 -4.98 10.70
N GLN B 39 -2.57 -5.60 10.77
CA GLN B 39 -3.14 -6.37 9.66
C GLN B 39 -3.50 -5.47 8.47
N LEU B 40 -4.20 -4.36 8.70
CA LEU B 40 -4.68 -3.46 7.64
C LEU B 40 -3.53 -2.78 6.87
N LEU B 41 -2.50 -2.32 7.58
CA LEU B 41 -1.32 -1.68 7.01
C LEU B 41 -0.36 -2.69 6.31
N ALA B 42 -0.28 -3.94 6.79
CA ALA B 42 0.44 -5.01 6.12
C ALA B 42 -0.27 -5.48 4.82
N LYS B 43 -1.61 -5.45 4.77
CA LYS B 43 -2.41 -5.85 3.61
C LYS B 43 -2.17 -4.95 2.40
N SER B 44 -2.22 -3.63 2.59
CA SER B 44 -1.88 -2.64 1.55
C SER B 44 -0.40 -2.72 1.13
N LEU B 45 0.54 -2.99 2.05
CA LEU B 45 1.95 -3.25 1.74
C LEU B 45 2.14 -4.51 0.86
N THR B 46 1.39 -5.59 1.12
CA THR B 46 1.38 -6.80 0.26
C THR B 46 0.94 -6.49 -1.17
N GLU B 47 -0.04 -5.59 -1.35
CA GLU B 47 -0.48 -5.14 -2.69
C GLU B 47 0.59 -4.29 -3.42
N ILE B 48 1.38 -3.47 -2.72
CA ILE B 48 2.56 -2.79 -3.30
C ILE B 48 3.54 -3.83 -3.84
N LYS B 49 3.92 -4.81 -3.01
CA LYS B 49 4.90 -5.86 -3.37
C LYS B 49 4.43 -6.68 -4.58
N ARG B 50 3.13 -7.00 -4.67
CA ARG B 50 2.53 -7.67 -5.85
C ARG B 50 2.70 -6.85 -7.13
N LEU B 51 2.30 -5.58 -7.11
CA LEU B 51 2.27 -4.71 -8.30
C LEU B 51 3.68 -4.28 -8.75
N LYS B 52 4.60 -4.04 -7.83
CA LYS B 52 6.02 -3.76 -8.17
C LYS B 52 6.68 -4.95 -8.87
N ALA B 53 6.46 -6.17 -8.38
CA ALA B 53 6.95 -7.40 -9.01
C ALA B 53 6.31 -7.66 -10.38
N ALA B 54 4.99 -7.45 -10.51
CA ALA B 54 4.26 -7.62 -11.76
C ALA B 54 4.75 -6.65 -12.86
N ASN B 55 4.90 -5.36 -12.54
CA ASN B 55 5.35 -4.34 -13.50
C ASN B 55 6.82 -4.57 -13.93
N GLN B 56 7.68 -5.03 -13.01
CA GLN B 56 9.07 -5.41 -13.32
C GLN B 56 9.15 -6.63 -14.26
N ALA B 57 8.29 -7.65 -14.07
CA ALA B 57 8.29 -8.87 -14.88
C ALA B 57 7.81 -8.66 -16.33
N LEU B 58 6.79 -7.82 -16.54
CA LEU B 58 6.29 -7.50 -17.89
C LEU B 58 7.18 -6.49 -18.66
N GLU B 59 7.93 -5.62 -17.98
CA GLU B 59 8.86 -4.68 -18.61
C GLU B 59 10.00 -5.37 -19.38
N GLN B 60 10.55 -6.47 -18.85
CA GLN B 60 11.57 -7.28 -19.55
C GLN B 60 11.00 -8.16 -20.68
N ALA B 61 9.70 -8.48 -20.65
CA ALA B 61 8.99 -9.14 -21.75
C ALA B 61 8.71 -8.17 -22.91
N ARG B 62 8.17 -6.99 -22.60
CA ARG B 62 7.84 -5.90 -23.55
C ARG B 62 8.98 -4.92 -23.78
N ARG B 63 10.21 -5.43 -23.91
CA ARG B 63 11.48 -4.67 -24.00
C ARG B 63 11.80 -4.01 -25.36
N GLU B 64 10.90 -4.12 -26.34
CA GLU B 64 11.07 -3.64 -27.73
C GLU B 64 11.39 -2.14 -27.87
N GLY A 1 14.81 -26.02 7.23
CA GLY A 1 13.44 -26.36 6.79
C GLY A 1 12.60 -25.12 6.50
N PRO A 2 11.39 -25.28 5.91
CA PRO A 2 10.47 -24.17 5.63
C PRO A 2 10.02 -23.50 6.94
N GLY A 3 10.18 -22.17 7.03
CA GLY A 3 9.92 -21.39 8.24
C GLY A 3 10.60 -20.01 8.33
N SER A 4 11.48 -19.66 7.39
CA SER A 4 12.14 -18.34 7.32
C SER A 4 11.23 -17.19 6.86
N TYR A 5 9.99 -17.49 6.48
CA TYR A 5 8.99 -16.55 5.99
C TYR A 5 8.55 -15.51 7.04
N ASP A 6 8.12 -14.32 6.59
CA ASP A 6 7.52 -13.28 7.40
C ASP A 6 6.12 -13.67 7.90
N ALA A 7 5.89 -13.59 9.22
CA ALA A 7 4.61 -13.85 9.88
C ALA A 7 4.51 -13.12 11.23
N ALA A 8 3.37 -12.45 11.48
CA ALA A 8 3.04 -11.74 12.72
C ALA A 8 4.10 -10.74 13.24
N LEU A 9 4.92 -10.17 12.35
CA LEU A 9 6.02 -9.26 12.68
C LEU A 9 5.51 -7.93 13.33
N PRO A 10 6.31 -7.32 14.23
CA PRO A 10 5.90 -6.13 14.99
C PRO A 10 5.71 -4.90 14.08
N ILE A 11 4.86 -3.97 14.55
CA ILE A 11 4.36 -2.85 13.75
C ILE A 11 5.46 -1.90 13.24
N ASP A 12 6.56 -1.76 13.97
CA ASP A 12 7.70 -0.93 13.57
C ASP A 12 8.38 -1.42 12.28
N GLU A 13 8.34 -2.73 12.01
CA GLU A 13 8.88 -3.31 10.76
C GLU A 13 7.95 -3.06 9.56
N LEU A 14 6.67 -3.47 9.63
CA LEU A 14 5.74 -3.30 8.51
C LEU A 14 5.50 -1.82 8.12
N SER A 15 5.51 -0.93 9.12
CA SER A 15 5.37 0.53 8.90
C SER A 15 6.61 1.17 8.27
N ALA A 16 7.80 0.58 8.43
CA ALA A 16 9.03 1.00 7.76
C ALA A 16 9.19 0.35 6.36
N LEU A 17 8.65 -0.84 6.15
CA LEU A 17 8.68 -1.54 4.84
C LEU A 17 7.96 -0.74 3.74
N LEU A 18 6.79 -0.19 4.01
CA LEU A 18 6.08 0.65 3.02
C LEU A 18 6.86 1.92 2.65
N ARG A 19 7.54 2.56 3.60
CA ARG A 19 8.30 3.80 3.39
C ARG A 19 9.60 3.55 2.61
N GLN A 20 10.32 2.45 2.88
CA GLN A 20 11.52 2.10 2.10
C GLN A 20 11.19 1.49 0.72
N GLU A 21 10.00 0.91 0.52
CA GLU A 21 9.48 0.55 -0.82
C GLU A 21 9.14 1.79 -1.68
N MET A 22 8.75 2.90 -1.06
CA MET A 22 8.64 4.23 -1.69
C MET A 22 9.97 5.01 -1.78
N GLY A 23 11.03 4.53 -1.10
CA GLY A 23 12.36 5.17 -1.07
C GLY A 23 12.44 6.45 -0.23
N ASP A 24 11.59 6.59 0.80
CA ASP A 24 11.52 7.79 1.65
C ASP A 24 12.74 7.97 2.57
N ASP A 25 13.40 6.87 2.94
CA ASP A 25 14.64 6.80 3.73
C ASP A 25 14.59 7.58 5.08
N GLY A 26 13.44 7.60 5.75
CA GLY A 26 13.21 8.34 7.00
C GLY A 26 11.84 8.06 7.63
N GLY A 27 11.37 8.98 8.49
CA GLY A 27 10.08 8.93 9.19
C GLY A 27 10.17 9.18 10.69
N GLY A 28 9.08 8.91 11.42
CA GLY A 28 8.98 9.11 12.88
C GLY A 28 8.86 10.58 13.31
N SER A 29 9.08 10.92 14.59
CA SER A 29 9.43 10.02 15.71
C SER A 29 8.25 9.12 16.14
N GLY A 30 8.50 7.81 16.24
CA GLY A 30 7.51 6.81 16.66
C GLY A 30 6.28 6.69 15.74
N GLY A 31 5.23 6.04 16.25
CA GLY A 31 3.92 5.94 15.58
C GLY A 31 2.99 4.93 16.24
N GLY A 32 1.72 5.29 16.42
CA GLY A 32 0.68 4.40 16.97
C GLY A 32 -0.65 5.07 17.37
N SER A 33 -0.76 6.40 17.32
CA SER A 33 -2.00 7.14 17.60
C SER A 33 -3.03 7.02 16.47
N MET A 34 -4.26 7.49 16.71
CA MET A 34 -5.33 7.57 15.71
C MET A 34 -5.03 8.56 14.57
N GLN A 35 -4.05 9.45 14.76
CA GLN A 35 -3.50 10.32 13.70
C GLN A 35 -2.47 9.59 12.82
N ASP A 36 -1.57 8.83 13.43
CA ASP A 36 -0.47 8.13 12.72
C ASP A 36 -0.96 7.04 11.77
N ILE A 37 -2.00 6.30 12.17
CA ILE A 37 -2.62 5.24 11.35
C ILE A 37 -3.18 5.80 10.03
N GLN A 38 -3.80 6.98 10.04
CA GLN A 38 -4.29 7.62 8.82
C GLN A 38 -3.15 8.01 7.88
N GLN A 39 -2.05 8.56 8.41
CA GLN A 39 -0.88 8.97 7.62
C GLN A 39 -0.19 7.78 6.95
N LEU A 40 0.12 6.72 7.70
CA LEU A 40 0.79 5.52 7.19
C LEU A 40 -0.07 4.77 6.17
N LEU A 41 -1.37 4.61 6.44
CA LEU A 41 -2.28 3.87 5.58
C LEU A 41 -2.62 4.62 4.28
N ALA A 42 -2.71 5.96 4.34
CA ALA A 42 -2.82 6.82 3.15
C ALA A 42 -1.55 6.78 2.28
N LYS A 43 -0.36 6.87 2.90
CA LYS A 43 0.94 6.75 2.22
C LYS A 43 1.08 5.42 1.48
N SER A 44 0.70 4.31 2.13
CA SER A 44 0.68 2.98 1.51
C SER A 44 -0.26 2.88 0.31
N LEU A 45 -1.47 3.46 0.40
CA LEU A 45 -2.46 3.47 -0.68
C LEU A 45 -1.96 4.18 -1.96
N THR A 46 -1.28 5.33 -1.82
CA THR A 46 -0.80 6.11 -2.98
C THR A 46 0.16 5.31 -3.89
N GLU A 47 1.04 4.49 -3.31
CA GLU A 47 2.03 3.72 -4.05
C GLU A 47 1.41 2.59 -4.91
N ILE A 48 0.30 1.99 -4.46
CA ILE A 48 -0.46 0.99 -5.23
C ILE A 48 -0.94 1.58 -6.56
N LYS A 49 -1.54 2.78 -6.50
CA LYS A 49 -2.08 3.50 -7.64
C LYS A 49 -1.00 3.95 -8.62
N ARG A 50 0.18 4.36 -8.12
CA ARG A 50 1.34 4.74 -8.95
C ARG A 50 1.82 3.57 -9.82
N LEU A 51 1.96 2.37 -9.23
CA LEU A 51 2.36 1.17 -9.97
C LEU A 51 1.32 0.73 -11.00
N LYS A 52 0.03 0.74 -10.64
CA LYS A 52 -1.05 0.38 -11.57
C LYS A 52 -1.17 1.35 -12.75
N ALA A 53 -0.97 2.65 -12.53
CA ALA A 53 -0.93 3.65 -13.60
C ALA A 53 0.24 3.41 -14.57
N ALA A 54 1.44 3.11 -14.05
CA ALA A 54 2.61 2.78 -14.87
C ALA A 54 2.45 1.47 -15.66
N ASN A 55 1.86 0.43 -15.04
CA ASN A 55 1.56 -0.85 -15.69
C ASN A 55 0.52 -0.68 -16.81
N GLN A 56 -0.55 0.07 -16.56
CA GLN A 56 -1.57 0.37 -17.57
C GLN A 56 -1.03 1.22 -18.73
N ALA A 57 -0.11 2.15 -18.45
CA ALA A 57 0.53 3.01 -19.47
C ALA A 57 1.45 2.21 -20.42
N LEU A 58 2.28 1.29 -19.90
CA LEU A 58 3.11 0.42 -20.76
C LEU A 58 2.29 -0.65 -21.50
N GLU A 59 1.20 -1.15 -20.91
CA GLU A 59 0.37 -2.20 -21.53
C GLU A 59 -0.31 -1.71 -22.81
N GLN A 60 -0.99 -0.56 -22.77
CA GLN A 60 -1.66 0.01 -23.95
C GLN A 60 -0.69 0.46 -25.06
N ALA A 61 0.54 0.84 -24.70
CA ALA A 61 1.60 1.19 -25.65
C ALA A 61 2.18 -0.02 -26.43
N ARG A 62 1.97 -1.25 -25.91
CA ARG A 62 2.49 -2.52 -26.47
C ARG A 62 1.40 -3.46 -27.02
N ARG A 63 0.12 -3.07 -26.94
CA ARG A 63 -1.06 -3.85 -27.33
C ARG A 63 -1.26 -4.03 -28.84
N GLU A 64 -0.59 -3.21 -29.64
CA GLU A 64 -0.69 -3.13 -31.11
C GLU A 64 0.69 -2.98 -31.77
N GLY B 1 -6.05 18.83 12.97
CA GLY B 1 -6.87 19.84 12.25
C GLY B 1 -8.00 19.18 11.45
N PRO B 2 -9.00 19.97 11.03
CA PRO B 2 -10.14 19.49 10.22
C PRO B 2 -9.72 19.09 8.79
N GLY B 3 -10.53 18.22 8.17
CA GLY B 3 -10.36 17.79 6.77
C GLY B 3 -10.76 18.84 5.73
N SER B 4 -10.39 18.60 4.47
CA SER B 4 -10.68 19.44 3.30
C SER B 4 -10.79 18.58 2.01
N TYR B 5 -11.02 19.20 0.86
CA TYR B 5 -11.25 18.54 -0.43
C TYR B 5 -10.10 17.59 -0.82
N ASP B 6 -10.36 16.28 -0.76
CA ASP B 6 -9.38 15.18 -0.94
C ASP B 6 -8.14 15.25 -0.03
N ALA B 7 -8.24 15.92 1.12
CA ALA B 7 -7.12 16.28 1.98
C ALA B 7 -7.43 16.01 3.46
N ALA B 8 -6.63 15.14 4.08
CA ALA B 8 -6.81 14.66 5.46
C ALA B 8 -8.21 14.04 5.69
N LEU B 9 -8.72 13.33 4.69
CA LEU B 9 -10.00 12.61 4.69
C LEU B 9 -10.06 11.50 5.78
N PRO B 10 -11.26 11.15 6.30
CA PRO B 10 -11.42 10.21 7.42
C PRO B 10 -10.90 8.79 7.12
N ILE B 11 -10.59 8.05 8.17
CA ILE B 11 -9.93 6.73 8.06
C ILE B 11 -10.76 5.68 7.31
N ASP B 12 -12.10 5.73 7.40
CA ASP B 12 -12.98 4.82 6.68
C ASP B 12 -13.01 5.10 5.16
N GLU B 13 -12.67 6.31 4.72
CA GLU B 13 -12.56 6.66 3.30
C GLU B 13 -11.26 6.13 2.67
N LEU B 14 -10.10 6.38 3.29
CA LEU B 14 -8.82 5.81 2.82
C LEU B 14 -8.77 4.26 2.96
N SER B 15 -9.48 3.71 3.95
CA SER B 15 -9.77 2.27 4.07
C SER B 15 -10.63 1.74 2.92
N ALA B 16 -11.68 2.46 2.49
CA ALA B 16 -12.46 2.08 1.30
C ALA B 16 -11.66 2.13 -0.01
N LEU B 17 -10.71 3.07 -0.13
CA LEU B 17 -9.81 3.22 -1.28
C LEU B 17 -8.86 2.02 -1.42
N LEU B 18 -8.22 1.53 -0.33
CA LEU B 18 -7.35 0.35 -0.42
C LEU B 18 -8.14 -0.95 -0.64
N ARG B 19 -9.34 -1.06 -0.07
CA ARG B 19 -10.21 -2.24 -0.24
C ARG B 19 -10.68 -2.42 -1.68
N GLN B 20 -11.16 -1.36 -2.34
CA GLN B 20 -11.61 -1.43 -3.74
C GLN B 20 -10.44 -1.64 -4.72
N GLU B 21 -9.21 -1.20 -4.38
CA GLU B 21 -7.99 -1.53 -5.14
C GLU B 21 -7.67 -3.04 -5.11
N MET B 22 -7.92 -3.69 -3.98
CA MET B 22 -7.77 -5.15 -3.81
C MET B 22 -8.96 -5.95 -4.41
N GLY B 23 -9.99 -5.26 -4.90
CA GLY B 23 -11.18 -5.87 -5.48
C GLY B 23 -12.26 -6.29 -4.47
N ASP B 24 -12.17 -5.86 -3.21
CA ASP B 24 -13.24 -6.05 -2.22
C ASP B 24 -14.45 -5.13 -2.54
N ASP B 25 -15.65 -5.55 -2.12
CA ASP B 25 -16.93 -4.97 -2.58
C ASP B 25 -17.22 -3.53 -2.09
N GLY B 26 -16.52 -3.04 -1.07
CA GLY B 26 -16.73 -1.71 -0.51
C GLY B 26 -15.85 -1.37 0.70
N GLY B 27 -16.24 -0.29 1.41
CA GLY B 27 -15.57 0.18 2.63
C GLY B 27 -15.75 -0.70 3.87
N GLY B 28 -15.00 -0.38 4.91
CA GLY B 28 -15.02 -1.02 6.23
C GLY B 28 -14.23 -0.23 7.26
N SER B 29 -14.43 -0.53 8.55
CA SER B 29 -13.83 0.23 9.66
C SER B 29 -12.30 0.24 9.61
N GLY B 30 -11.70 1.43 9.67
CA GLY B 30 -10.25 1.61 9.74
C GLY B 30 -9.63 1.34 11.12
N GLY B 31 -10.44 1.32 12.18
CA GLY B 31 -9.98 1.08 13.56
C GLY B 31 -9.74 -0.40 13.91
N GLY B 32 -9.11 -0.72 15.05
CA GLY B 32 -8.55 0.23 16.04
C GLY B 32 -7.67 -0.39 17.13
N SER B 33 -7.73 -1.70 17.34
CA SER B 33 -6.75 -2.45 18.15
C SER B 33 -5.42 -2.63 17.39
N MET B 34 -4.31 -2.89 18.08
CA MET B 34 -3.00 -3.10 17.46
C MET B 34 -2.99 -4.25 16.43
N GLN B 35 -3.76 -5.31 16.69
CA GLN B 35 -3.95 -6.42 15.75
C GLN B 35 -4.72 -6.02 14.47
N ASP B 36 -5.54 -4.97 14.50
CA ASP B 36 -6.26 -4.46 13.33
C ASP B 36 -5.33 -3.65 12.41
N ILE B 37 -4.58 -2.69 12.98
CA ILE B 37 -3.62 -1.87 12.23
C ILE B 37 -2.46 -2.70 11.66
N GLN B 38 -1.93 -3.68 12.41
CA GLN B 38 -0.87 -4.57 11.91
C GLN B 38 -1.33 -5.37 10.68
N GLN B 39 -2.58 -5.85 10.65
CA GLN B 39 -3.14 -6.55 9.49
C GLN B 39 -3.47 -5.59 8.32
N LEU B 40 -4.18 -4.50 8.58
CA LEU B 40 -4.66 -3.57 7.55
C LEU B 40 -3.53 -2.82 6.84
N LEU B 41 -2.50 -2.37 7.57
CA LEU B 41 -1.32 -1.72 7.02
C LEU B 41 -0.37 -2.71 6.31
N ALA B 42 -0.35 -3.98 6.73
CA ALA B 42 0.34 -5.05 6.00
C ALA B 42 -0.38 -5.47 4.70
N LYS B 43 -1.72 -5.40 4.65
CA LYS B 43 -2.56 -5.73 3.49
C LYS B 43 -2.26 -4.81 2.30
N SER B 44 -2.26 -3.49 2.54
CA SER B 44 -1.88 -2.48 1.54
C SER B 44 -0.40 -2.57 1.13
N LEU B 45 0.52 -2.87 2.05
CA LEU B 45 1.94 -3.13 1.76
C LEU B 45 2.14 -4.38 0.86
N THR B 46 1.39 -5.46 1.10
CA THR B 46 1.39 -6.66 0.22
C THR B 46 0.88 -6.32 -1.20
N GLU B 47 -0.17 -5.50 -1.30
CA GLU B 47 -0.72 -5.01 -2.57
C GLU B 47 0.26 -4.07 -3.32
N ILE B 48 1.15 -3.34 -2.64
CA ILE B 48 2.32 -2.69 -3.27
C ILE B 48 3.26 -3.76 -3.85
N LYS B 49 3.78 -4.65 -2.98
CA LYS B 49 4.86 -5.60 -3.33
C LYS B 49 4.48 -6.49 -4.53
N ARG B 50 3.25 -7.01 -4.57
CA ARG B 50 2.78 -7.87 -5.65
C ARG B 50 2.63 -7.13 -6.99
N LEU B 51 2.28 -5.84 -6.99
CA LEU B 51 2.21 -5.00 -8.19
C LEU B 51 3.61 -4.58 -8.68
N LYS B 52 4.53 -4.25 -7.76
CA LYS B 52 5.95 -3.99 -8.11
C LYS B 52 6.59 -5.23 -8.76
N ALA B 53 6.33 -6.42 -8.21
CA ALA B 53 6.75 -7.69 -8.78
C ALA B 53 6.13 -7.97 -10.16
N ALA B 54 4.81 -7.76 -10.35
CA ALA B 54 4.12 -7.98 -11.62
C ALA B 54 4.62 -7.05 -12.75
N ASN B 55 4.86 -5.77 -12.45
CA ASN B 55 5.44 -4.79 -13.37
C ASN B 55 6.87 -5.19 -13.80
N GLN B 56 7.69 -5.70 -12.88
CA GLN B 56 9.05 -6.19 -13.16
C GLN B 56 9.06 -7.56 -13.92
N ALA B 57 8.06 -8.40 -13.68
CA ALA B 57 7.94 -9.73 -14.30
C ALA B 57 7.56 -9.68 -15.79
N LEU B 58 6.62 -8.81 -16.19
CA LEU B 58 6.26 -8.65 -17.60
C LEU B 58 7.41 -8.02 -18.43
N GLU B 59 8.19 -7.11 -17.84
CA GLU B 59 9.28 -6.41 -18.52
C GLU B 59 10.41 -7.37 -18.93
N GLN B 60 10.82 -8.27 -18.04
CA GLN B 60 11.85 -9.29 -18.33
C GLN B 60 11.33 -10.45 -19.19
N ALA B 61 10.03 -10.77 -19.14
CA ALA B 61 9.42 -11.81 -19.97
C ALA B 61 9.35 -11.42 -21.46
N ARG B 62 9.03 -10.16 -21.77
CA ARG B 62 8.82 -9.64 -23.13
C ARG B 62 10.10 -9.37 -23.93
N ARG B 63 11.27 -9.43 -23.29
CA ARG B 63 12.61 -9.31 -23.91
C ARG B 63 13.39 -10.63 -24.09
N GLU B 64 12.81 -11.76 -23.64
CA GLU B 64 13.41 -13.11 -23.72
C GLU B 64 13.54 -13.65 -25.15
N GLY A 1 13.56 -25.40 1.26
CA GLY A 1 14.27 -24.44 2.14
C GLY A 1 13.38 -23.27 2.55
N PRO A 2 13.97 -22.20 3.12
CA PRO A 2 13.24 -21.00 3.58
C PRO A 2 12.46 -20.29 2.46
N GLY A 3 11.28 -19.75 2.79
CA GLY A 3 10.39 -19.07 1.84
C GLY A 3 9.07 -18.55 2.44
N SER A 4 9.01 -18.33 3.75
CA SER A 4 7.79 -17.96 4.49
C SER A 4 7.20 -16.60 4.08
N TYR A 5 5.86 -16.48 4.12
CA TYR A 5 5.14 -15.23 3.90
C TYR A 5 5.35 -14.21 5.04
N ASP A 6 5.21 -12.93 4.72
CA ASP A 6 5.23 -11.84 5.73
C ASP A 6 3.93 -11.87 6.56
N ALA A 7 4.03 -12.25 7.84
CA ALA A 7 2.91 -12.39 8.78
C ALA A 7 3.35 -12.23 10.24
N ALA A 8 2.52 -11.55 11.04
CA ALA A 8 2.69 -11.29 12.48
C ALA A 8 4.01 -10.65 12.95
N LEU A 9 4.79 -10.08 12.02
CA LEU A 9 5.94 -9.22 12.30
C LEU A 9 5.51 -7.87 12.93
N PRO A 10 6.36 -7.22 13.74
CA PRO A 10 5.97 -6.05 14.53
C PRO A 10 5.64 -4.82 13.67
N ILE A 11 4.90 -3.87 14.26
CA ILE A 11 4.34 -2.73 13.53
C ILE A 11 5.38 -1.75 12.98
N ASP A 12 6.52 -1.60 13.66
CA ASP A 12 7.64 -0.80 13.16
C ASP A 12 8.36 -1.45 11.97
N GLU A 13 8.34 -2.78 11.83
CA GLU A 13 8.91 -3.50 10.68
C GLU A 13 8.05 -3.29 9.43
N LEU A 14 6.73 -3.54 9.50
CA LEU A 14 5.84 -3.32 8.34
C LEU A 14 5.74 -1.83 7.95
N SER A 15 5.80 -0.91 8.92
CA SER A 15 5.89 0.54 8.67
C SER A 15 7.22 0.94 8.01
N ALA A 16 8.37 0.39 8.46
CA ALA A 16 9.65 0.59 7.77
C ALA A 16 9.68 -0.02 6.35
N LEU A 17 9.03 -1.16 6.12
CA LEU A 17 8.98 -1.82 4.82
C LEU A 17 8.22 -0.98 3.79
N LEU A 18 7.01 -0.50 4.06
CA LEU A 18 6.27 0.34 3.09
C LEU A 18 6.99 1.66 2.80
N ARG A 19 7.68 2.25 3.79
CA ARG A 19 8.44 3.50 3.60
C ARG A 19 9.71 3.29 2.78
N GLN A 20 10.44 2.18 3.00
CA GLN A 20 11.59 1.78 2.17
C GLN A 20 11.18 1.36 0.76
N GLU A 21 10.02 0.72 0.57
CA GLU A 21 9.44 0.43 -0.76
C GLU A 21 9.10 1.72 -1.54
N MET A 22 8.69 2.77 -0.84
CA MET A 22 8.50 4.14 -1.38
C MET A 22 9.80 4.96 -1.50
N GLY A 23 10.95 4.40 -1.11
CA GLY A 23 12.27 5.03 -1.25
C GLY A 23 12.63 6.04 -0.15
N ASP A 24 11.90 6.11 0.97
CA ASP A 24 12.30 6.87 2.15
C ASP A 24 13.55 6.28 2.82
N ASP A 25 14.41 7.14 3.38
CA ASP A 25 15.64 6.74 4.10
C ASP A 25 15.40 6.25 5.55
N GLY A 26 14.15 6.23 6.02
CA GLY A 26 13.77 5.83 7.38
C GLY A 26 12.32 6.22 7.74
N GLY A 27 12.08 6.53 9.02
CA GLY A 27 10.79 7.02 9.51
C GLY A 27 9.73 5.95 9.80
N GLY A 28 10.13 4.67 9.86
CA GLY A 28 9.25 3.54 10.20
C GLY A 28 8.84 3.45 11.68
N SER A 29 9.32 4.36 12.53
CA SER A 29 8.96 4.47 13.96
C SER A 29 7.56 5.02 14.21
N GLY A 30 6.91 5.62 13.21
CA GLY A 30 5.54 6.14 13.31
C GLY A 30 4.48 5.04 13.44
N GLY A 31 3.37 5.35 14.13
CA GLY A 31 2.23 4.45 14.34
C GLY A 31 1.47 4.71 15.66
N GLY A 32 0.33 4.04 15.84
CA GLY A 32 -0.49 4.06 17.06
C GLY A 32 -1.37 5.30 17.25
N SER A 33 -0.86 6.50 16.97
CA SER A 33 -1.65 7.75 16.93
C SER A 33 -2.66 7.73 15.78
N MET A 34 -3.83 8.34 16.00
CA MET A 34 -4.84 8.54 14.93
C MET A 34 -4.33 9.39 13.77
N GLN A 35 -3.38 10.31 14.02
CA GLN A 35 -2.72 11.07 12.95
C GLN A 35 -1.70 10.24 12.17
N ASP A 36 -1.01 9.30 12.83
CA ASP A 36 -0.02 8.41 12.18
C ASP A 36 -0.69 7.34 11.31
N ILE A 37 -1.74 6.67 11.80
CA ILE A 37 -2.46 5.64 11.04
C ILE A 37 -3.11 6.21 9.77
N GLN A 38 -3.73 7.40 9.83
CA GLN A 38 -4.33 8.05 8.65
C GLN A 38 -3.26 8.34 7.59
N GLN A 39 -2.09 8.86 7.99
CA GLN A 39 -0.99 9.17 7.07
C GLN A 39 -0.34 7.90 6.47
N LEU A 40 0.04 6.91 7.29
CA LEU A 40 0.72 5.68 6.82
C LEU A 40 -0.18 4.83 5.90
N LEU A 41 -1.44 4.65 6.29
CA LEU A 41 -2.40 3.83 5.54
C LEU A 41 -2.88 4.53 4.24
N ALA A 42 -2.85 5.87 4.18
CA ALA A 42 -3.05 6.63 2.95
C ALA A 42 -1.80 6.65 2.04
N LYS A 43 -0.59 6.73 2.61
CA LYS A 43 0.67 6.76 1.83
C LYS A 43 0.92 5.44 1.10
N SER A 44 0.74 4.29 1.78
CA SER A 44 0.81 2.98 1.13
C SER A 44 -0.32 2.77 0.09
N LEU A 45 -1.53 3.28 0.32
CA LEU A 45 -2.62 3.30 -0.68
C LEU A 45 -2.23 4.12 -1.93
N THR A 46 -1.59 5.27 -1.75
CA THR A 46 -1.09 6.11 -2.84
C THR A 46 -0.03 5.39 -3.68
N GLU A 47 0.84 4.58 -3.06
CA GLU A 47 1.84 3.78 -3.78
C GLU A 47 1.23 2.67 -4.65
N ILE A 48 0.12 2.05 -4.22
CA ILE A 48 -0.63 1.08 -5.05
C ILE A 48 -1.13 1.76 -6.32
N LYS A 49 -1.75 2.95 -6.18
CA LYS A 49 -2.24 3.76 -7.30
C LYS A 49 -1.09 4.19 -8.23
N ARG A 50 0.07 4.59 -7.68
CA ARG A 50 1.26 4.98 -8.46
C ARG A 50 1.82 3.82 -9.28
N LEU A 51 1.97 2.64 -8.70
CA LEU A 51 2.48 1.45 -9.41
C LEU A 51 1.50 0.93 -10.47
N LYS A 52 0.19 0.97 -10.21
CA LYS A 52 -0.83 0.68 -11.24
C LYS A 52 -0.75 1.64 -12.43
N ALA A 53 -0.63 2.95 -12.18
CA ALA A 53 -0.49 3.96 -13.22
C ALA A 53 0.82 3.81 -14.02
N ALA A 54 1.95 3.52 -13.34
CA ALA A 54 3.24 3.28 -13.98
C ALA A 54 3.23 2.03 -14.88
N ASN A 55 2.65 0.93 -14.40
CA ASN A 55 2.48 -0.31 -15.17
C ASN A 55 1.56 -0.08 -16.39
N GLN A 56 0.45 0.65 -16.22
CA GLN A 56 -0.48 1.00 -17.30
C GLN A 56 0.15 1.90 -18.37
N ALA A 57 1.08 2.78 -18.00
CA ALA A 57 1.79 3.66 -18.94
C ALA A 57 2.79 2.90 -19.83
N LEU A 58 3.52 1.91 -19.29
CA LEU A 58 4.42 1.06 -20.08
C LEU A 58 3.69 -0.07 -20.83
N GLU A 59 2.52 -0.51 -20.35
CA GLU A 59 1.64 -1.45 -21.07
C GLU A 59 1.19 -0.89 -22.42
N GLN A 60 0.69 0.35 -22.46
CA GLN A 60 0.26 0.99 -23.71
C GLN A 60 1.42 1.49 -24.59
N ALA A 61 2.62 1.68 -24.03
CA ALA A 61 3.83 2.00 -24.79
C ALA A 61 4.34 0.77 -25.58
N ARG A 62 4.40 -0.40 -24.92
CA ARG A 62 4.73 -1.71 -25.54
C ARG A 62 3.45 -2.47 -25.94
N ARG A 63 2.63 -1.86 -26.79
CA ARG A 63 1.31 -2.36 -27.22
C ARG A 63 1.35 -3.70 -27.97
N GLU A 64 2.46 -3.92 -28.68
CA GLU A 64 2.71 -5.01 -29.65
C GLU A 64 4.15 -5.55 -29.55
N GLY B 1 4.06 20.42 -3.67
CA GLY B 1 2.62 20.54 -3.34
C GLY B 1 1.92 19.19 -3.28
N PRO B 2 0.71 19.11 -2.72
CA PRO B 2 -0.09 17.88 -2.62
C PRO B 2 -0.60 17.37 -3.98
N GLY B 3 -0.91 16.08 -4.04
CA GLY B 3 -1.52 15.43 -5.21
C GLY B 3 -3.01 15.78 -5.41
N SER B 4 -3.61 15.27 -6.49
CA SER B 4 -5.04 15.46 -6.82
C SER B 4 -6.00 14.67 -5.91
N TYR B 5 -5.51 13.61 -5.26
CA TYR B 5 -6.26 12.80 -4.29
C TYR B 5 -6.36 13.48 -2.91
N ASP B 6 -7.50 13.32 -2.23
CA ASP B 6 -7.69 13.71 -0.83
C ASP B 6 -7.03 12.70 0.13
N ALA B 7 -6.52 13.18 1.26
CA ALA B 7 -5.84 12.36 2.27
C ALA B 7 -6.23 12.70 3.74
N ALA B 8 -6.86 13.86 3.98
CA ALA B 8 -7.43 14.25 5.27
C ALA B 8 -8.85 13.70 5.53
N LEU B 9 -9.40 12.96 4.57
CA LEU B 9 -10.66 12.21 4.67
C LEU B 9 -10.67 11.22 5.86
N PRO B 10 -11.86 10.85 6.40
CA PRO B 10 -11.96 10.01 7.59
C PRO B 10 -11.43 8.58 7.39
N ILE B 11 -11.07 7.92 8.49
CA ILE B 11 -10.30 6.67 8.47
C ILE B 11 -11.04 5.47 7.87
N ASP B 12 -12.38 5.45 7.95
CA ASP B 12 -13.20 4.44 7.29
C ASP B 12 -13.21 4.60 5.75
N GLU B 13 -13.01 5.81 5.22
CA GLU B 13 -12.94 6.09 3.79
C GLU B 13 -11.61 5.58 3.17
N LEU B 14 -10.46 5.92 3.77
CA LEU B 14 -9.17 5.39 3.28
C LEU B 14 -9.03 3.86 3.48
N SER B 15 -9.64 3.32 4.54
CA SER B 15 -9.77 1.86 4.75
C SER B 15 -10.66 1.20 3.68
N ALA B 16 -11.74 1.84 3.24
CA ALA B 16 -12.54 1.36 2.10
C ALA B 16 -11.76 1.46 0.76
N LEU B 17 -11.01 2.52 0.53
CA LEU B 17 -10.22 2.73 -0.70
C LEU B 17 -9.17 1.62 -0.93
N LEU B 18 -8.39 1.22 0.10
CA LEU B 18 -7.40 0.14 -0.07
C LEU B 18 -8.05 -1.21 -0.36
N ARG B 19 -9.22 -1.49 0.26
CA ARG B 19 -10.02 -2.69 0.01
C ARG B 19 -10.62 -2.69 -1.41
N GLN B 20 -11.09 -1.53 -1.88
CA GLN B 20 -11.61 -1.32 -3.25
C GLN B 20 -10.51 -1.41 -4.32
N GLU B 21 -9.26 -1.00 -4.03
CA GLU B 21 -8.10 -1.27 -4.90
C GLU B 21 -7.77 -2.76 -5.03
N MET B 22 -8.14 -3.57 -4.03
CA MET B 22 -8.10 -5.03 -4.04
C MET B 22 -9.45 -5.69 -4.44
N GLY B 23 -10.37 -4.91 -5.03
CA GLY B 23 -11.62 -5.38 -5.65
C GLY B 23 -12.80 -5.67 -4.71
N ASP B 24 -12.68 -5.39 -3.41
CA ASP B 24 -13.73 -5.57 -2.40
C ASP B 24 -14.75 -4.40 -2.40
N ASP B 25 -15.89 -4.58 -1.73
CA ASP B 25 -16.94 -3.57 -1.55
C ASP B 25 -16.62 -2.46 -0.51
N GLY B 26 -15.40 -2.48 0.08
CA GLY B 26 -14.97 -1.57 1.13
C GLY B 26 -15.25 -2.08 2.56
N GLY B 27 -14.84 -1.30 3.56
CA GLY B 27 -14.96 -1.64 4.99
C GLY B 27 -16.39 -1.52 5.56
N GLY B 28 -16.64 -2.21 6.68
CA GLY B 28 -17.92 -2.19 7.39
C GLY B 28 -17.90 -2.62 8.87
N SER B 29 -16.73 -3.02 9.41
CA SER B 29 -16.54 -3.40 10.81
C SER B 29 -15.06 -3.26 11.23
N GLY B 30 -14.79 -2.88 12.49
CA GLY B 30 -13.44 -2.64 13.01
C GLY B 30 -12.71 -1.48 12.31
N GLY B 31 -11.38 -1.57 12.23
CA GLY B 31 -10.52 -0.60 11.54
C GLY B 31 -10.01 0.53 12.43
N GLY B 32 -9.75 0.26 13.72
CA GLY B 32 -9.26 1.26 14.69
C GLY B 32 -8.54 0.71 15.92
N SER B 33 -8.59 -0.59 16.19
CA SER B 33 -7.83 -1.23 17.28
C SER B 33 -6.34 -1.41 16.92
N MET B 34 -5.48 -1.61 17.92
CA MET B 34 -4.02 -1.80 17.74
C MET B 34 -3.66 -3.11 16.98
N GLN B 35 -4.59 -4.08 16.93
CA GLN B 35 -4.51 -5.26 16.06
C GLN B 35 -4.91 -4.94 14.60
N ASP B 36 -5.88 -4.04 14.37
CA ASP B 36 -6.40 -3.73 13.04
C ASP B 36 -5.38 -2.96 12.17
N ILE B 37 -4.63 -2.04 12.78
CA ILE B 37 -3.59 -1.26 12.11
C ILE B 37 -2.49 -2.15 11.50
N GLN B 38 -2.05 -3.20 12.22
CA GLN B 38 -1.10 -4.17 11.67
C GLN B 38 -1.66 -4.89 10.45
N GLN B 39 -2.91 -5.35 10.51
CA GLN B 39 -3.56 -6.09 9.42
C GLN B 39 -3.76 -5.23 8.16
N LEU B 40 -4.38 -4.05 8.29
CA LEU B 40 -4.67 -3.16 7.17
C LEU B 40 -3.40 -2.62 6.51
N LEU B 41 -2.43 -2.18 7.31
CA LEU B 41 -1.18 -1.60 6.81
C LEU B 41 -0.26 -2.67 6.15
N ALA B 42 -0.28 -3.90 6.65
CA ALA B 42 0.36 -5.05 6.00
C ALA B 42 -0.33 -5.47 4.69
N LYS B 43 -1.67 -5.34 4.58
CA LYS B 43 -2.42 -5.65 3.35
C LYS B 43 -2.06 -4.69 2.21
N SER B 44 -1.96 -3.39 2.49
CA SER B 44 -1.47 -2.41 1.51
C SER B 44 -0.03 -2.68 1.08
N LEU B 45 0.86 -3.01 2.03
CA LEU B 45 2.26 -3.40 1.74
C LEU B 45 2.34 -4.64 0.85
N THR B 46 1.51 -5.65 1.11
CA THR B 46 1.41 -6.85 0.27
C THR B 46 0.97 -6.52 -1.16
N GLU B 47 0.01 -5.60 -1.33
CA GLU B 47 -0.45 -5.15 -2.65
C GLU B 47 0.60 -4.33 -3.41
N ILE B 48 1.41 -3.50 -2.73
CA ILE B 48 2.57 -2.81 -3.33
C ILE B 48 3.55 -3.86 -3.91
N LYS B 49 3.93 -4.86 -3.11
CA LYS B 49 4.84 -5.95 -3.54
C LYS B 49 4.25 -6.77 -4.70
N ARG B 50 2.95 -7.07 -4.68
CA ARG B 50 2.23 -7.79 -5.76
C ARG B 50 2.30 -7.04 -7.10
N LEU B 51 2.02 -5.73 -7.11
CA LEU B 51 2.08 -4.91 -8.32
C LEU B 51 3.52 -4.72 -8.82
N LYS B 52 4.49 -4.53 -7.93
CA LYS B 52 5.92 -4.48 -8.29
C LYS B 52 6.40 -5.80 -8.92
N ALA B 53 6.01 -6.95 -8.36
CA ALA B 53 6.37 -8.27 -8.88
C ALA B 53 5.79 -8.52 -10.29
N ALA B 54 4.53 -8.15 -10.52
CA ALA B 54 3.90 -8.28 -11.85
C ALA B 54 4.58 -7.39 -12.91
N ASN B 55 4.85 -6.13 -12.56
CA ASN B 55 5.54 -5.15 -13.41
C ASN B 55 6.98 -5.63 -13.75
N GLN B 56 7.73 -6.11 -12.75
CA GLN B 56 9.09 -6.62 -12.94
C GLN B 56 9.12 -7.89 -13.82
N ALA B 57 8.17 -8.81 -13.63
CA ALA B 57 8.08 -10.05 -14.39
C ALA B 57 7.77 -9.83 -15.89
N LEU B 58 6.90 -8.88 -16.24
CA LEU B 58 6.64 -8.52 -17.64
C LEU B 58 7.74 -7.65 -18.26
N GLU B 59 8.39 -6.75 -17.49
CA GLU B 59 9.47 -5.87 -17.98
C GLU B 59 10.67 -6.63 -18.56
N GLN B 60 11.07 -7.74 -17.94
CA GLN B 60 12.17 -8.60 -18.43
C GLN B 60 11.80 -9.47 -19.64
N ALA B 61 10.50 -9.65 -19.92
CA ALA B 61 9.99 -10.47 -21.03
C ALA B 61 9.68 -9.65 -22.29
N ARG B 62 9.02 -8.50 -22.11
CA ARG B 62 8.35 -7.69 -23.15
C ARG B 62 9.29 -6.83 -24.00
N ARG B 63 10.57 -6.73 -23.59
CA ARG B 63 11.66 -5.99 -24.27
C ARG B 63 12.27 -6.69 -25.50
N GLU B 64 11.88 -7.94 -25.76
CA GLU B 64 12.36 -8.76 -26.89
C GLU B 64 11.65 -8.44 -28.23
N GLY A 1 17.54 -16.25 -1.92
CA GLY A 1 16.97 -15.45 -3.02
C GLY A 1 15.49 -15.13 -2.80
N PRO A 2 14.93 -14.20 -3.59
CA PRO A 2 13.51 -13.82 -3.52
C PRO A 2 12.55 -14.93 -3.96
N GLY A 3 11.27 -14.81 -3.56
CA GLY A 3 10.20 -15.74 -3.95
C GLY A 3 8.97 -15.74 -3.03
N SER A 4 9.08 -15.21 -1.81
CA SER A 4 8.01 -15.12 -0.81
C SER A 4 8.21 -13.93 0.15
N TYR A 5 7.16 -13.57 0.90
CA TYR A 5 7.15 -12.45 1.85
C TYR A 5 6.61 -12.87 3.23
N ASP A 6 7.10 -12.23 4.30
CA ASP A 6 6.58 -12.37 5.66
C ASP A 6 5.28 -11.58 5.89
N ALA A 7 4.47 -12.01 6.87
CA ALA A 7 3.18 -11.43 7.23
C ALA A 7 2.88 -11.63 8.72
N ALA A 8 2.01 -10.78 9.28
CA ALA A 8 1.66 -10.68 10.70
C ALA A 8 2.84 -10.42 11.67
N LEU A 9 3.99 -9.98 11.15
CA LEU A 9 5.11 -9.40 11.90
C LEU A 9 4.72 -8.06 12.59
N PRO A 10 5.47 -7.58 13.60
CA PRO A 10 5.15 -6.38 14.37
C PRO A 10 5.14 -5.08 13.53
N ILE A 11 4.46 -4.06 14.06
CA ILE A 11 4.10 -2.83 13.34
C ILE A 11 5.30 -2.03 12.82
N ASP A 12 6.41 -2.04 13.56
CA ASP A 12 7.63 -1.33 13.19
C ASP A 12 8.34 -1.96 11.99
N GLU A 13 8.23 -3.27 11.77
CA GLU A 13 8.78 -3.94 10.59
C GLU A 13 8.00 -3.59 9.32
N LEU A 14 6.68 -3.80 9.29
CA LEU A 14 5.87 -3.50 8.09
C LEU A 14 5.81 -2.00 7.76
N SER A 15 5.85 -1.14 8.78
CA SER A 15 5.99 0.32 8.59
C SER A 15 7.36 0.71 8.05
N ALA A 16 8.45 0.10 8.51
CA ALA A 16 9.78 0.32 7.92
C ALA A 16 9.87 -0.18 6.47
N LEU A 17 9.23 -1.31 6.15
CA LEU A 17 9.14 -1.85 4.79
C LEU A 17 8.38 -0.90 3.85
N LEU A 18 7.18 -0.43 4.19
CA LEU A 18 6.41 0.46 3.31
C LEU A 18 7.13 1.81 3.10
N ARG A 19 7.79 2.36 4.12
CA ARG A 19 8.54 3.62 4.04
C ARG A 19 9.78 3.48 3.14
N GLN A 20 10.59 2.42 3.29
CA GLN A 20 11.77 2.21 2.43
C GLN A 20 11.42 1.76 1.00
N GLU A 21 10.27 1.12 0.78
CA GLU A 21 9.70 0.86 -0.56
C GLU A 21 9.31 2.14 -1.31
N MET A 22 9.09 3.25 -0.59
CA MET A 22 8.93 4.62 -1.11
C MET A 22 10.21 5.49 -0.99
N GLY A 23 11.35 4.89 -0.62
CA GLY A 23 12.66 5.55 -0.47
C GLY A 23 12.85 6.38 0.80
N ASP A 24 11.84 6.44 1.69
CA ASP A 24 11.86 7.17 2.96
C ASP A 24 12.50 6.36 4.10
N ASP A 25 13.71 5.84 3.85
CA ASP A 25 14.49 5.01 4.77
C ASP A 25 14.93 5.75 6.06
N GLY A 26 14.82 7.09 6.09
CA GLY A 26 15.00 7.92 7.28
C GLY A 26 13.89 7.78 8.33
N GLY A 27 12.79 7.10 8.03
CA GLY A 27 11.69 6.80 8.97
C GLY A 27 10.80 8.01 9.29
N GLY A 28 10.28 8.06 10.52
CA GLY A 28 9.26 9.03 10.97
C GLY A 28 7.84 8.70 10.50
N SER A 29 6.85 9.49 10.94
CA SER A 29 5.42 9.36 10.60
C SER A 29 4.79 7.98 10.91
N GLY A 30 5.30 7.27 11.92
CA GLY A 30 4.77 5.97 12.37
C GLY A 30 3.36 6.04 12.99
N GLY A 31 2.73 4.88 13.15
CA GLY A 31 1.35 4.74 13.68
C GLY A 31 1.20 5.12 15.16
N GLY A 32 -0.06 5.32 15.59
CA GLY A 32 -0.40 5.82 16.93
C GLY A 32 -1.89 6.16 17.08
N SER A 33 -2.19 7.44 17.30
CA SER A 33 -3.56 7.99 17.31
C SER A 33 -4.23 7.92 15.92
N MET A 34 -5.53 8.20 15.81
CA MET A 34 -6.31 8.07 14.56
C MET A 34 -5.75 8.89 13.39
N GLN A 35 -5.19 10.07 13.62
CA GLN A 35 -4.50 10.85 12.57
C GLN A 35 -3.22 10.14 12.08
N ASP A 36 -2.49 9.45 12.97
CA ASP A 36 -1.22 8.78 12.69
C ASP A 36 -1.40 7.52 11.84
N ILE A 37 -2.43 6.70 12.13
CA ILE A 37 -2.83 5.59 11.27
C ILE A 37 -3.41 6.08 9.93
N GLN A 38 -4.23 7.15 9.91
CA GLN A 38 -4.80 7.69 8.67
C GLN A 38 -3.72 8.10 7.66
N GLN A 39 -2.77 8.95 8.07
CA GLN A 39 -1.72 9.46 7.18
C GLN A 39 -0.78 8.34 6.67
N LEU A 40 -0.48 7.35 7.52
CA LEU A 40 0.40 6.22 7.19
C LEU A 40 -0.27 5.21 6.25
N LEU A 41 -1.56 4.93 6.45
CA LEU A 41 -2.36 4.03 5.60
C LEU A 41 -2.75 4.68 4.25
N ALA A 42 -2.85 6.01 4.20
CA ALA A 42 -2.97 6.77 2.94
C ALA A 42 -1.67 6.75 2.11
N LYS A 43 -0.51 6.72 2.77
CA LYS A 43 0.82 6.72 2.13
C LYS A 43 1.03 5.49 1.24
N SER A 44 0.78 4.29 1.78
CA SER A 44 0.84 3.03 1.03
C SER A 44 -0.23 2.92 -0.06
N LEU A 45 -1.45 3.42 0.18
CA LEU A 45 -2.52 3.51 -0.83
C LEU A 45 -2.09 4.36 -2.04
N THR A 46 -1.39 5.49 -1.81
CA THR A 46 -0.83 6.31 -2.89
C THR A 46 0.19 5.55 -3.73
N GLU A 47 1.03 4.72 -3.12
CA GLU A 47 2.03 3.90 -3.84
C GLU A 47 1.39 2.78 -4.68
N ILE A 48 0.30 2.17 -4.22
CA ILE A 48 -0.51 1.22 -5.02
C ILE A 48 -1.03 1.90 -6.30
N LYS A 49 -1.57 3.13 -6.18
CA LYS A 49 -2.09 3.91 -7.31
C LYS A 49 -0.99 4.31 -8.31
N ARG A 50 0.20 4.72 -7.84
CA ARG A 50 1.38 4.98 -8.70
C ARG A 50 1.77 3.74 -9.52
N LEU A 51 1.85 2.57 -8.89
CA LEU A 51 2.18 1.32 -9.56
C LEU A 51 1.14 0.94 -10.62
N LYS A 52 -0.15 1.02 -10.30
CA LYS A 52 -1.25 0.68 -11.23
C LYS A 52 -1.35 1.66 -12.40
N ALA A 53 -1.06 2.94 -12.20
CA ALA A 53 -0.95 3.92 -13.28
C ALA A 53 0.20 3.59 -14.26
N ALA A 54 1.38 3.23 -13.74
CA ALA A 54 2.54 2.84 -14.54
C ALA A 54 2.32 1.52 -15.30
N ASN A 55 1.70 0.52 -14.65
CA ASN A 55 1.36 -0.78 -15.24
C ASN A 55 0.30 -0.62 -16.35
N GLN A 56 -0.74 0.21 -16.15
CA GLN A 56 -1.74 0.54 -17.17
C GLN A 56 -1.13 1.30 -18.37
N ALA A 57 -0.19 2.22 -18.12
CA ALA A 57 0.46 3.03 -19.15
C ALA A 57 1.34 2.22 -20.12
N LEU A 58 1.97 1.12 -19.65
CA LEU A 58 2.73 0.20 -20.49
C LEU A 58 1.86 -0.92 -21.09
N GLU A 59 0.86 -1.45 -20.38
CA GLU A 59 0.04 -2.59 -20.87
C GLU A 59 -0.73 -2.27 -22.17
N GLN A 60 -1.19 -1.01 -22.32
CA GLN A 60 -1.83 -0.52 -23.54
C GLN A 60 -0.86 -0.39 -24.74
N ALA A 61 0.45 -0.38 -24.49
CA ALA A 61 1.53 -0.35 -25.48
C ALA A 61 2.10 -1.76 -25.80
N ARG A 62 2.24 -2.62 -24.77
CA ARG A 62 2.79 -4.00 -24.88
C ARG A 62 1.86 -5.00 -25.57
N ARG A 63 0.57 -4.65 -25.71
CA ARG A 63 -0.50 -5.48 -26.35
C ARG A 63 -0.55 -5.39 -27.89
N GLU A 64 0.47 -4.81 -28.54
CA GLU A 64 0.60 -4.67 -30.00
C GLU A 64 0.50 -6.03 -30.76
N GLY B 1 0.94 24.93 -6.48
CA GLY B 1 0.41 25.16 -5.13
C GLY B 1 0.48 23.90 -4.26
N PRO B 2 -0.25 23.85 -3.13
CA PRO B 2 -0.22 22.73 -2.17
C PRO B 2 -0.75 21.39 -2.69
N GLY B 3 -1.57 21.39 -3.76
CA GLY B 3 -2.18 20.20 -4.38
C GLY B 3 -3.46 19.71 -3.68
N SER B 4 -3.64 20.00 -2.38
CA SER B 4 -4.89 19.82 -1.61
C SER B 4 -5.50 18.40 -1.69
N TYR B 5 -4.64 17.38 -1.64
CA TYR B 5 -5.00 15.97 -1.86
C TYR B 5 -5.99 15.41 -0.82
N ASP B 6 -6.85 14.50 -1.27
CA ASP B 6 -7.88 13.82 -0.45
C ASP B 6 -7.29 12.70 0.43
N ALA B 7 -6.29 13.03 1.26
CA ALA B 7 -5.62 12.11 2.19
C ALA B 7 -6.09 12.24 3.66
N ALA B 8 -6.60 13.42 4.04
CA ALA B 8 -7.00 13.75 5.43
C ALA B 8 -8.46 13.42 5.79
N LEU B 9 -9.21 12.84 4.85
CA LEU B 9 -10.52 12.23 5.07
C LEU B 9 -10.48 11.10 6.15
N PRO B 10 -11.62 10.79 6.81
CA PRO B 10 -11.66 9.80 7.90
C PRO B 10 -11.25 8.39 7.45
N ILE B 11 -10.78 7.57 8.39
CA ILE B 11 -10.14 6.29 8.13
C ILE B 11 -11.01 5.30 7.33
N ASP B 12 -12.33 5.34 7.51
CA ASP B 12 -13.29 4.50 6.77
C ASP B 12 -13.21 4.70 5.25
N GLU B 13 -12.93 5.93 4.79
CA GLU B 13 -12.85 6.27 3.37
C GLU B 13 -11.53 5.82 2.73
N LEU B 14 -10.37 6.08 3.34
CA LEU B 14 -9.08 5.60 2.81
C LEU B 14 -8.94 4.07 2.93
N SER B 15 -9.56 3.44 3.93
CA SER B 15 -9.74 1.98 4.03
C SER B 15 -10.62 1.44 2.90
N ALA B 16 -11.76 2.07 2.63
CA ALA B 16 -12.62 1.68 1.50
C ALA B 16 -11.89 1.83 0.15
N LEU B 17 -11.07 2.88 -0.04
CA LEU B 17 -10.27 3.08 -1.25
C LEU B 17 -9.20 2.00 -1.43
N LEU B 18 -8.39 1.66 -0.41
CA LEU B 18 -7.37 0.61 -0.56
C LEU B 18 -7.99 -0.78 -0.78
N ARG B 19 -9.15 -1.07 -0.18
CA ARG B 19 -9.88 -2.32 -0.41
C ARG B 19 -10.56 -2.36 -1.79
N GLN B 20 -11.08 -1.24 -2.28
CA GLN B 20 -11.60 -1.09 -3.64
C GLN B 20 -10.51 -1.27 -4.72
N GLU B 21 -9.30 -0.77 -4.48
CA GLU B 21 -8.13 -1.03 -5.34
C GLU B 21 -7.77 -2.53 -5.41
N MET B 22 -7.94 -3.27 -4.32
CA MET B 22 -7.78 -4.73 -4.25
C MET B 22 -8.97 -5.53 -4.81
N GLY B 23 -10.07 -4.84 -5.13
CA GLY B 23 -11.28 -5.40 -5.75
C GLY B 23 -12.41 -5.82 -4.80
N ASP B 24 -12.33 -5.48 -3.51
CA ASP B 24 -13.44 -5.65 -2.56
C ASP B 24 -14.59 -4.67 -2.85
N ASP B 25 -15.80 -4.98 -2.36
CA ASP B 25 -17.01 -4.14 -2.53
C ASP B 25 -17.03 -2.87 -1.66
N GLY B 26 -16.15 -2.75 -0.66
CA GLY B 26 -16.07 -1.60 0.23
C GLY B 26 -15.08 -1.78 1.39
N GLY B 27 -15.23 -0.96 2.44
CA GLY B 27 -14.42 -0.99 3.66
C GLY B 27 -15.07 -0.29 4.85
N GLY B 28 -14.30 -0.05 5.90
CA GLY B 28 -14.75 0.54 7.17
C GLY B 28 -13.59 0.92 8.10
N SER B 29 -13.86 1.17 9.39
CA SER B 29 -12.85 1.65 10.34
C SER B 29 -11.63 0.74 10.45
N GLY B 30 -10.43 1.32 10.45
CA GLY B 30 -9.16 0.59 10.55
C GLY B 30 -8.80 0.10 11.96
N GLY B 31 -9.58 0.49 12.99
CA GLY B 31 -9.41 0.07 14.38
C GLY B 31 -8.24 0.75 15.13
N GLY B 32 -8.32 0.72 16.47
CA GLY B 32 -7.35 1.38 17.36
C GLY B 32 -6.29 0.46 17.99
N SER B 33 -6.57 -0.85 18.11
CA SER B 33 -5.64 -1.84 18.68
C SER B 33 -4.50 -2.19 17.71
N MET B 34 -3.34 -2.58 18.23
CA MET B 34 -2.14 -2.87 17.43
C MET B 34 -2.38 -4.00 16.39
N GLN B 35 -3.16 -5.02 16.75
CA GLN B 35 -3.54 -6.12 15.87
C GLN B 35 -4.45 -5.68 14.70
N ASP B 36 -5.23 -4.61 14.87
CA ASP B 36 -6.09 -4.06 13.81
C ASP B 36 -5.26 -3.30 12.76
N ILE B 37 -4.38 -2.40 13.22
CA ILE B 37 -3.50 -1.60 12.36
C ILE B 37 -2.45 -2.47 11.64
N GLN B 38 -1.86 -3.47 12.31
CA GLN B 38 -0.88 -4.38 11.68
C GLN B 38 -1.47 -5.09 10.46
N GLN B 39 -2.65 -5.70 10.58
CA GLN B 39 -3.27 -6.47 9.49
C GLN B 39 -3.65 -5.59 8.28
N LEU B 40 -4.28 -4.42 8.52
CA LEU B 40 -4.74 -3.54 7.45
C LEU B 40 -3.58 -2.83 6.74
N LEU B 41 -2.56 -2.40 7.49
CA LEU B 41 -1.35 -1.78 6.94
C LEU B 41 -0.44 -2.80 6.24
N ALA B 42 -0.41 -4.05 6.69
CA ALA B 42 0.24 -5.16 5.97
C ALA B 42 -0.46 -5.49 4.64
N LYS B 43 -1.80 -5.39 4.55
CA LYS B 43 -2.56 -5.66 3.33
C LYS B 43 -2.16 -4.70 2.19
N SER B 44 -2.09 -3.40 2.47
CA SER B 44 -1.61 -2.40 1.50
C SER B 44 -0.13 -2.58 1.12
N LEU B 45 0.75 -2.90 2.08
CA LEU B 45 2.17 -3.21 1.80
C LEU B 45 2.33 -4.47 0.93
N THR B 46 1.54 -5.52 1.18
CA THR B 46 1.52 -6.74 0.36
C THR B 46 1.11 -6.45 -1.07
N GLU B 47 0.14 -5.55 -1.30
CA GLU B 47 -0.28 -5.13 -2.64
C GLU B 47 0.81 -4.31 -3.38
N ILE B 48 1.62 -3.52 -2.67
CA ILE B 48 2.81 -2.85 -3.25
C ILE B 48 3.81 -3.90 -3.76
N LYS B 49 4.16 -4.89 -2.93
CA LYS B 49 5.02 -6.04 -3.31
C LYS B 49 4.45 -6.79 -4.53
N ARG B 50 3.14 -7.07 -4.52
CA ARG B 50 2.42 -7.79 -5.60
C ARG B 50 2.50 -7.06 -6.93
N LEU B 51 2.25 -5.74 -6.95
CA LEU B 51 2.30 -4.92 -8.16
C LEU B 51 3.72 -4.71 -8.69
N LYS B 52 4.72 -4.47 -7.81
CA LYS B 52 6.13 -4.36 -8.21
C LYS B 52 6.65 -5.67 -8.84
N ALA B 53 6.28 -6.82 -8.27
CA ALA B 53 6.59 -8.14 -8.84
C ALA B 53 5.88 -8.38 -10.17
N ALA B 54 4.59 -8.06 -10.28
CA ALA B 54 3.79 -8.25 -11.50
C ALA B 54 4.30 -7.39 -12.68
N ASN B 55 4.60 -6.11 -12.44
CA ASN B 55 5.13 -5.17 -13.43
C ASN B 55 6.48 -5.66 -14.01
N GLN B 56 7.36 -6.19 -13.15
CA GLN B 56 8.62 -6.82 -13.58
C GLN B 56 8.38 -8.08 -14.42
N ALA B 57 7.54 -9.01 -13.94
CA ALA B 57 7.29 -10.29 -14.59
C ALA B 57 6.70 -10.15 -16.01
N LEU B 58 5.69 -9.31 -16.19
CA LEU B 58 5.05 -9.07 -17.50
C LEU B 58 5.97 -8.33 -18.50
N GLU B 59 6.94 -7.56 -18.03
CA GLU B 59 7.91 -6.89 -18.91
C GLU B 59 8.92 -7.87 -19.51
N GLN B 60 9.39 -8.85 -18.73
CA GLN B 60 10.29 -9.90 -19.23
C GLN B 60 9.56 -10.90 -20.15
N ALA B 61 8.29 -11.22 -19.84
CA ALA B 61 7.45 -12.12 -20.66
C ALA B 61 7.22 -11.62 -22.12
N ARG B 62 7.41 -10.32 -22.37
CA ARG B 62 7.31 -9.69 -23.70
C ARG B 62 8.61 -9.68 -24.52
N ARG B 63 9.75 -10.08 -23.94
CA ARG B 63 11.09 -10.01 -24.57
C ARG B 63 11.97 -11.26 -24.49
N GLU B 64 11.63 -12.19 -23.61
CA GLU B 64 12.25 -13.53 -23.47
C GLU B 64 11.68 -14.54 -24.48
N GLY A 1 2.26 -16.67 -3.15
CA GLY A 1 2.96 -15.36 -3.08
C GLY A 1 4.46 -15.56 -3.15
N PRO A 2 5.15 -15.23 -4.27
CA PRO A 2 6.58 -15.52 -4.47
C PRO A 2 7.53 -14.87 -3.45
N GLY A 3 7.16 -13.73 -2.87
CA GLY A 3 7.93 -13.04 -1.82
C GLY A 3 7.81 -13.63 -0.40
N SER A 4 6.98 -14.67 -0.21
CA SER A 4 6.57 -15.26 1.09
C SER A 4 5.73 -14.31 1.97
N TYR A 5 4.90 -14.90 2.83
CA TYR A 5 3.90 -14.19 3.66
C TYR A 5 4.50 -13.61 4.95
N ASP A 6 3.77 -12.68 5.58
CA ASP A 6 4.04 -12.20 6.95
C ASP A 6 3.67 -13.28 7.98
N ALA A 7 4.25 -13.17 9.18
CA ALA A 7 4.14 -14.16 10.26
C ALA A 7 4.00 -13.48 11.64
N ALA A 8 2.95 -12.67 11.78
CA ALA A 8 2.63 -11.87 12.98
C ALA A 8 3.75 -10.90 13.44
N LEU A 9 4.55 -10.39 12.49
CA LEU A 9 5.54 -9.33 12.72
C LEU A 9 4.88 -8.04 13.27
N PRO A 10 5.56 -7.28 14.15
CA PRO A 10 5.02 -6.07 14.77
C PRO A 10 4.94 -4.89 13.78
N ILE A 11 4.22 -3.83 14.17
CA ILE A 11 4.04 -2.62 13.35
C ILE A 11 5.36 -1.95 12.95
N ASP A 12 6.38 -2.01 13.81
CA ASP A 12 7.71 -1.43 13.56
C ASP A 12 8.42 -2.04 12.34
N GLU A 13 8.18 -3.32 12.05
CA GLU A 13 8.71 -4.01 10.86
C GLU A 13 7.96 -3.62 9.59
N LEU A 14 6.63 -3.75 9.55
CA LEU A 14 5.85 -3.42 8.35
C LEU A 14 5.89 -1.92 7.99
N SER A 15 6.04 -1.04 8.97
CA SER A 15 6.26 0.41 8.78
C SER A 15 7.63 0.72 8.17
N ALA A 16 8.66 -0.10 8.44
CA ALA A 16 9.96 0.01 7.77
C ALA A 16 9.93 -0.56 6.35
N LEU A 17 9.19 -1.65 6.10
CA LEU A 17 9.01 -2.26 4.79
C LEU A 17 8.30 -1.31 3.81
N LEU A 18 7.18 -0.68 4.21
CA LEU A 18 6.47 0.22 3.30
C LEU A 18 7.30 1.47 2.95
N ARG A 19 8.05 2.01 3.91
CA ARG A 19 8.85 3.25 3.71
C ARG A 19 10.09 3.01 2.86
N GLN A 20 10.81 1.89 3.04
CA GLN A 20 11.96 1.55 2.20
C GLN A 20 11.55 1.16 0.76
N GLU A 21 10.35 0.60 0.55
CA GLU A 21 9.78 0.35 -0.79
C GLU A 21 9.45 1.64 -1.56
N MET A 22 9.17 2.74 -0.87
CA MET A 22 8.97 4.07 -1.45
C MET A 22 10.26 4.90 -1.58
N GLY A 23 11.39 4.37 -1.08
CA GLY A 23 12.69 5.06 -1.05
C GLY A 23 12.79 6.21 -0.02
N ASP A 24 11.90 6.22 0.98
CA ASP A 24 11.87 7.20 2.07
C ASP A 24 13.12 7.07 2.97
N ASP A 25 13.71 8.20 3.40
CA ASP A 25 14.86 8.22 4.30
C ASP A 25 14.52 7.74 5.74
N GLY A 26 13.27 7.93 6.17
CA GLY A 26 12.75 7.39 7.42
C GLY A 26 12.26 5.93 7.32
N GLY A 27 12.08 5.27 8.47
CA GLY A 27 11.61 3.89 8.57
C GLY A 27 11.25 3.48 10.00
N GLY A 28 10.26 2.59 10.14
CA GLY A 28 9.77 2.11 11.44
C GLY A 28 9.00 3.16 12.27
N SER A 29 8.73 2.83 13.53
CA SER A 29 8.06 3.69 14.53
C SER A 29 6.68 4.21 14.08
N GLY A 30 5.97 3.44 13.24
CA GLY A 30 4.67 3.80 12.68
C GLY A 30 3.48 3.57 13.63
N GLY A 31 2.30 4.02 13.19
CA GLY A 31 1.04 3.97 13.96
C GLY A 31 0.98 4.95 15.14
N GLY A 32 0.18 4.62 16.14
CA GLY A 32 -0.08 5.46 17.32
C GLY A 32 -1.50 6.04 17.32
N SER A 33 -1.60 7.37 17.29
CA SER A 33 -2.88 8.11 17.32
C SER A 33 -3.73 7.90 16.07
N MET A 34 -5.03 8.14 16.18
CA MET A 34 -6.01 7.95 15.09
C MET A 34 -5.78 8.91 13.90
N GLN A 35 -5.06 10.01 14.09
CA GLN A 35 -4.56 10.88 13.01
C GLN A 35 -3.33 10.32 12.28
N ASP A 36 -2.51 9.49 12.94
CA ASP A 36 -1.26 8.95 12.39
C ASP A 36 -1.52 7.73 11.47
N ILE A 37 -2.47 6.87 11.85
CA ILE A 37 -2.93 5.74 11.04
C ILE A 37 -3.53 6.19 9.69
N GLN A 38 -4.28 7.30 9.66
CA GLN A 38 -4.79 7.86 8.40
C GLN A 38 -3.66 8.20 7.42
N GLN A 39 -2.65 8.94 7.88
CA GLN A 39 -1.51 9.36 7.06
C GLN A 39 -0.66 8.16 6.60
N LEU A 40 -0.34 7.22 7.51
CA LEU A 40 0.54 6.08 7.21
C LEU A 40 -0.13 5.01 6.33
N LEU A 41 -1.44 4.81 6.44
CA LEU A 41 -2.20 3.92 5.54
C LEU A 41 -2.44 4.57 4.17
N ALA A 42 -2.66 5.89 4.12
CA ALA A 42 -2.73 6.67 2.88
C ALA A 42 -1.38 6.73 2.12
N LYS A 43 -0.24 6.72 2.81
CA LYS A 43 1.12 6.63 2.26
C LYS A 43 1.29 5.37 1.42
N SER A 44 0.87 4.20 1.92
CA SER A 44 0.81 2.95 1.14
C SER A 44 -0.22 2.97 0.01
N LEU A 45 -1.43 3.48 0.23
CA LEU A 45 -2.48 3.59 -0.80
C LEU A 45 -2.04 4.47 -2.00
N THR A 46 -1.31 5.55 -1.74
CA THR A 46 -0.73 6.42 -2.80
C THR A 46 0.25 5.63 -3.69
N GLU A 47 1.07 4.76 -3.09
CA GLU A 47 2.02 3.91 -3.83
C GLU A 47 1.32 2.77 -4.61
N ILE A 48 0.22 2.21 -4.07
CA ILE A 48 -0.65 1.26 -4.80
C ILE A 48 -1.19 1.93 -6.10
N LYS A 49 -1.75 3.14 -5.98
CA LYS A 49 -2.27 3.90 -7.11
C LYS A 49 -1.19 4.24 -8.15
N ARG A 50 0.01 4.65 -7.70
CA ARG A 50 1.18 4.91 -8.56
C ARG A 50 1.55 3.68 -9.40
N LEU A 51 1.66 2.51 -8.78
CA LEU A 51 2.01 1.25 -9.47
C LEU A 51 0.93 0.83 -10.47
N LYS A 52 -0.35 0.84 -10.07
CA LYS A 52 -1.49 0.46 -10.93
C LYS A 52 -1.64 1.37 -12.14
N ALA A 53 -1.48 2.69 -11.97
CA ALA A 53 -1.52 3.65 -13.06
C ALA A 53 -0.39 3.42 -14.09
N ALA A 54 0.84 3.18 -13.63
CA ALA A 54 1.98 2.90 -14.50
C ALA A 54 1.80 1.58 -15.29
N ASN A 55 1.40 0.50 -14.61
CA ASN A 55 1.18 -0.82 -15.22
C ASN A 55 0.04 -0.78 -16.27
N GLN A 56 -1.07 -0.11 -15.94
CA GLN A 56 -2.20 0.09 -16.86
C GLN A 56 -1.83 0.92 -18.11
N ALA A 57 -1.01 1.97 -17.95
CA ALA A 57 -0.62 2.87 -19.05
C ALA A 57 0.32 2.20 -20.08
N LEU A 58 1.27 1.38 -19.63
CA LEU A 58 2.21 0.67 -20.51
C LEU A 58 1.57 -0.57 -21.18
N GLU A 59 0.67 -1.30 -20.49
CA GLU A 59 0.14 -2.57 -21.04
C GLU A 59 -0.71 -2.36 -22.30
N GLN A 60 -1.57 -1.34 -22.32
CA GLN A 60 -2.41 -1.02 -23.48
C GLN A 60 -1.60 -0.51 -24.70
N ALA A 61 -0.38 0.01 -24.48
CA ALA A 61 0.53 0.45 -25.53
C ALA A 61 1.39 -0.71 -26.10
N ARG A 62 1.95 -1.54 -25.21
CA ARG A 62 2.94 -2.60 -25.50
C ARG A 62 2.32 -3.93 -25.92
N ARG A 63 1.34 -3.92 -26.84
CA ARG A 63 0.60 -5.12 -27.31
C ARG A 63 0.30 -5.18 -28.82
N GLU A 64 1.06 -4.42 -29.62
CA GLU A 64 1.04 -4.49 -31.10
C GLU A 64 1.72 -5.76 -31.65
N GLY B 1 -2.34 24.69 -9.24
CA GLY B 1 -1.31 23.72 -8.79
C GLY B 1 -1.93 22.38 -8.41
N PRO B 2 -1.20 21.53 -7.65
CA PRO B 2 -1.64 20.20 -7.22
C PRO B 2 -2.92 20.22 -6.36
N GLY B 3 -3.66 19.11 -6.37
CA GLY B 3 -4.87 18.91 -5.56
C GLY B 3 -4.61 18.61 -4.08
N SER B 4 -5.68 18.57 -3.28
CA SER B 4 -5.64 18.21 -1.85
C SER B 4 -5.32 16.72 -1.62
N TYR B 5 -4.65 16.42 -0.51
CA TYR B 5 -4.20 15.05 -0.16
C TYR B 5 -5.35 14.11 0.24
N ASP B 6 -5.29 12.86 -0.22
CA ASP B 6 -6.29 11.79 0.06
C ASP B 6 -6.09 11.11 1.42
N ALA B 7 -5.81 11.91 2.47
CA ALA B 7 -5.52 11.45 3.83
C ALA B 7 -6.30 12.19 4.94
N ALA B 8 -6.82 13.38 4.65
CA ALA B 8 -7.63 14.19 5.58
C ALA B 8 -9.11 13.73 5.66
N LEU B 9 -9.57 13.04 4.62
CA LEU B 9 -10.79 12.21 4.63
C LEU B 9 -10.73 11.13 5.75
N PRO B 10 -11.88 10.72 6.32
CA PRO B 10 -11.91 9.78 7.44
C PRO B 10 -11.38 8.39 7.06
N ILE B 11 -10.90 7.64 8.05
CA ILE B 11 -10.24 6.34 7.85
C ILE B 11 -11.14 5.29 7.17
N ASP B 12 -12.45 5.34 7.38
CA ASP B 12 -13.42 4.46 6.71
C ASP B 12 -13.39 4.59 5.17
N GLU B 13 -13.05 5.76 4.63
CA GLU B 13 -12.93 5.98 3.19
C GLU B 13 -11.60 5.46 2.62
N LEU B 14 -10.44 5.80 3.20
CA LEU B 14 -9.15 5.30 2.69
C LEU B 14 -9.00 3.77 2.86
N SER B 15 -9.57 3.20 3.92
CA SER B 15 -9.68 1.74 4.13
C SER B 15 -10.55 1.06 3.06
N ALA B 16 -11.62 1.69 2.59
CA ALA B 16 -12.42 1.19 1.47
C ALA B 16 -11.70 1.36 0.13
N LEU B 17 -10.99 2.48 -0.08
CA LEU B 17 -10.24 2.77 -1.31
C LEU B 17 -9.10 1.77 -1.55
N LEU B 18 -8.28 1.42 -0.55
CA LEU B 18 -7.20 0.44 -0.73
C LEU B 18 -7.76 -0.95 -1.09
N ARG B 19 -8.90 -1.36 -0.52
CA ARG B 19 -9.61 -2.60 -0.87
C ARG B 19 -10.25 -2.55 -2.26
N GLN B 20 -10.80 -1.40 -2.66
CA GLN B 20 -11.36 -1.17 -3.99
C GLN B 20 -10.27 -1.21 -5.09
N GLU B 21 -9.08 -0.67 -4.83
CA GLU B 21 -7.91 -0.82 -5.73
C GLU B 21 -7.45 -2.28 -5.87
N MET B 22 -7.50 -3.07 -4.79
CA MET B 22 -7.24 -4.52 -4.82
C MET B 22 -8.37 -5.34 -5.50
N GLY B 23 -9.56 -4.75 -5.67
CA GLY B 23 -10.77 -5.44 -6.14
C GLY B 23 -11.41 -6.37 -5.10
N ASP B 24 -11.09 -6.19 -3.82
CA ASP B 24 -11.51 -7.05 -2.71
C ASP B 24 -12.78 -6.55 -2.00
N ASP B 25 -13.81 -7.41 -1.89
CA ASP B 25 -15.05 -7.13 -1.16
C ASP B 25 -14.96 -7.41 0.36
N GLY B 26 -13.89 -8.05 0.82
CA GLY B 26 -13.66 -8.42 2.24
C GLY B 26 -13.27 -7.26 3.16
N GLY B 27 -12.85 -7.60 4.39
CA GLY B 27 -12.48 -6.64 5.44
C GLY B 27 -12.25 -7.29 6.81
N GLY B 28 -12.36 -6.50 7.87
CA GLY B 28 -12.26 -6.94 9.27
C GLY B 28 -12.87 -5.92 10.24
N SER B 29 -12.92 -6.26 11.53
CA SER B 29 -13.47 -5.39 12.58
C SER B 29 -12.63 -4.12 12.76
N GLY B 30 -13.27 -2.95 12.73
CA GLY B 30 -12.62 -1.64 12.86
C GLY B 30 -12.20 -1.30 14.29
N GLY B 31 -11.04 -0.65 14.45
CA GLY B 31 -10.52 -0.20 15.75
C GLY B 31 -9.10 0.39 15.69
N GLY B 32 -8.68 0.99 16.80
CA GLY B 32 -7.37 1.64 16.99
C GLY B 32 -6.31 0.78 17.72
N SER B 33 -6.65 -0.45 18.12
CA SER B 33 -5.73 -1.38 18.79
C SER B 33 -4.60 -1.84 17.86
N MET B 34 -3.44 -2.19 18.41
CA MET B 34 -2.20 -2.45 17.65
C MET B 34 -2.33 -3.58 16.61
N GLN B 35 -3.14 -4.61 16.88
CA GLN B 35 -3.41 -5.68 15.90
C GLN B 35 -4.25 -5.19 14.71
N ASP B 36 -5.25 -4.34 14.95
CA ASP B 36 -6.19 -3.86 13.92
C ASP B 36 -5.46 -2.98 12.88
N ILE B 37 -4.56 -2.10 13.32
CA ILE B 37 -3.70 -1.30 12.44
C ILE B 37 -2.67 -2.16 11.68
N GLN B 38 -2.06 -3.17 12.32
CA GLN B 38 -1.13 -4.07 11.66
C GLN B 38 -1.79 -4.84 10.51
N GLN B 39 -3.03 -5.30 10.66
CA GLN B 39 -3.78 -6.03 9.62
C GLN B 39 -4.00 -5.18 8.35
N LEU B 40 -4.51 -3.96 8.51
CA LEU B 40 -4.76 -3.03 7.40
C LEU B 40 -3.45 -2.58 6.73
N LEU B 41 -2.42 -2.26 7.51
CA LEU B 41 -1.16 -1.74 6.98
C LEU B 41 -0.33 -2.83 6.28
N ALA B 42 -0.37 -4.08 6.77
CA ALA B 42 0.19 -5.25 6.08
C ALA B 42 -0.51 -5.51 4.74
N LYS B 43 -1.85 -5.45 4.70
CA LYS B 43 -2.67 -5.64 3.49
C LYS B 43 -2.31 -4.62 2.40
N SER B 44 -2.20 -3.34 2.77
CA SER B 44 -1.80 -2.27 1.87
C SER B 44 -0.35 -2.44 1.35
N LEU B 45 0.60 -2.78 2.24
CA LEU B 45 2.01 -3.05 1.85
C LEU B 45 2.14 -4.26 0.89
N THR B 46 1.38 -5.33 1.14
CA THR B 46 1.42 -6.55 0.30
C THR B 46 1.07 -6.27 -1.16
N GLU B 47 0.09 -5.41 -1.43
CA GLU B 47 -0.33 -5.07 -2.80
C GLU B 47 0.73 -4.25 -3.57
N ILE B 48 1.53 -3.41 -2.89
CA ILE B 48 2.67 -2.72 -3.51
C ILE B 48 3.67 -3.75 -4.06
N LYS B 49 4.06 -4.74 -3.23
CA LYS B 49 4.99 -5.81 -3.60
C LYS B 49 4.43 -6.69 -4.73
N ARG B 50 3.13 -7.01 -4.68
CA ARG B 50 2.42 -7.80 -5.71
C ARG B 50 2.46 -7.12 -7.08
N LEU B 51 2.16 -5.82 -7.14
CA LEU B 51 2.23 -5.01 -8.36
C LEU B 51 3.67 -4.86 -8.87
N LYS B 52 4.64 -4.58 -8.00
CA LYS B 52 6.06 -4.48 -8.37
C LYS B 52 6.60 -5.77 -9.00
N ALA B 53 6.29 -6.92 -8.42
CA ALA B 53 6.70 -8.24 -8.93
C ALA B 53 6.14 -8.51 -10.35
N ALA B 54 4.85 -8.23 -10.56
CA ALA B 54 4.20 -8.38 -11.87
C ALA B 54 4.77 -7.41 -12.92
N ASN B 55 4.96 -6.14 -12.56
CA ASN B 55 5.50 -5.11 -13.45
C ASN B 55 6.97 -5.42 -13.83
N GLN B 56 7.80 -5.82 -12.87
CA GLN B 56 9.19 -6.22 -13.12
C GLN B 56 9.29 -7.45 -14.04
N ALA B 57 8.42 -8.44 -13.88
CA ALA B 57 8.39 -9.64 -14.71
C ALA B 57 7.98 -9.34 -16.17
N LEU B 58 6.92 -8.55 -16.38
CA LEU B 58 6.46 -8.19 -17.73
C LEU B 58 7.42 -7.22 -18.44
N GLU B 59 8.10 -6.33 -17.70
CA GLU B 59 9.13 -5.43 -18.24
C GLU B 59 10.30 -6.22 -18.84
N GLN B 60 10.73 -7.32 -18.19
CA GLN B 60 11.69 -8.27 -18.71
C GLN B 60 11.14 -9.06 -19.90
N ALA B 61 9.87 -9.48 -19.88
CA ALA B 61 9.24 -10.19 -20.99
C ALA B 61 9.17 -9.36 -22.29
N ARG B 62 9.07 -8.02 -22.21
CA ARG B 62 9.09 -7.11 -23.38
C ARG B 62 10.47 -6.90 -24.02
N ARG B 63 11.56 -7.38 -23.41
CA ARG B 63 12.96 -7.23 -23.91
C ARG B 63 13.71 -8.53 -24.20
N GLU B 64 13.14 -9.68 -23.84
CA GLU B 64 13.72 -11.03 -24.03
C GLU B 64 13.70 -11.50 -25.49
N GLY A 1 10.26 -21.38 13.59
CA GLY A 1 9.25 -22.47 13.58
C GLY A 1 8.16 -22.24 12.52
N PRO A 2 7.39 -23.29 12.17
CA PRO A 2 6.31 -23.21 11.20
C PRO A 2 5.11 -22.35 11.68
N GLY A 3 4.34 -21.83 10.72
CA GLY A 3 3.12 -21.05 10.98
C GLY A 3 2.37 -20.68 9.70
N SER A 4 1.04 -20.63 9.76
CA SER A 4 0.13 -20.43 8.61
C SER A 4 0.04 -18.98 8.11
N TYR A 5 0.51 -18.01 8.91
CA TYR A 5 0.37 -16.57 8.66
C TYR A 5 1.64 -15.78 9.08
N ASP A 6 1.86 -14.61 8.48
CA ASP A 6 2.96 -13.67 8.81
C ASP A 6 2.55 -12.19 8.87
N ALA A 7 1.26 -11.90 8.86
CA ALA A 7 0.68 -10.57 9.03
C ALA A 7 0.83 -9.99 10.46
N ALA A 8 1.07 -10.85 11.46
CA ALA A 8 1.15 -10.50 12.89
C ALA A 8 2.57 -10.14 13.39
N LEU A 9 3.54 -9.95 12.49
CA LEU A 9 4.87 -9.41 12.82
C LEU A 9 4.73 -7.97 13.41
N PRO A 10 5.66 -7.53 14.29
CA PRO A 10 5.51 -6.28 15.05
C PRO A 10 5.43 -5.04 14.15
N ILE A 11 4.65 -4.03 14.56
CA ILE A 11 4.28 -2.91 13.69
C ILE A 11 5.47 -2.03 13.24
N ASP A 12 6.54 -2.00 14.04
CA ASP A 12 7.81 -1.33 13.72
C ASP A 12 8.49 -1.90 12.45
N GLU A 13 8.22 -3.17 12.13
CA GLU A 13 8.73 -3.85 10.92
C GLU A 13 7.87 -3.53 9.69
N LEU A 14 6.55 -3.80 9.70
CA LEU A 14 5.70 -3.53 8.52
C LEU A 14 5.66 -2.03 8.16
N SER A 15 5.73 -1.14 9.15
CA SER A 15 5.82 0.33 8.95
C SER A 15 7.18 0.80 8.43
N ALA A 16 8.25 0.02 8.62
CA ALA A 16 9.53 0.22 7.93
C ALA A 16 9.50 -0.35 6.50
N LEU A 17 8.84 -1.49 6.27
CA LEU A 17 8.76 -2.10 4.94
C LEU A 17 8.02 -1.21 3.93
N LEU A 18 6.92 -0.54 4.30
CA LEU A 18 6.25 0.42 3.40
C LEU A 18 7.14 1.63 3.07
N ARG A 19 7.95 2.12 4.02
CA ARG A 19 8.94 3.18 3.80
C ARG A 19 10.02 2.72 2.83
N GLN A 20 10.59 1.53 3.07
CA GLN A 20 11.63 0.90 2.26
C GLN A 20 11.18 0.64 0.80
N GLU A 21 9.94 0.16 0.58
CA GLU A 21 9.37 -0.02 -0.77
C GLU A 21 9.16 1.31 -1.51
N MET A 22 8.85 2.40 -0.77
CA MET A 22 8.73 3.76 -1.30
C MET A 22 10.07 4.54 -1.34
N GLY A 23 11.19 3.88 -1.02
CA GLY A 23 12.54 4.46 -1.10
C GLY A 23 12.94 5.41 0.05
N ASP A 24 12.13 5.49 1.11
CA ASP A 24 12.45 6.19 2.36
C ASP A 24 13.39 5.32 3.24
N ASP A 25 14.53 5.87 3.65
CA ASP A 25 15.50 5.20 4.54
C ASP A 25 15.01 5.07 6.00
N GLY A 26 13.94 5.77 6.39
CA GLY A 26 13.35 5.72 7.74
C GLY A 26 12.74 4.36 8.12
N GLY A 27 12.49 4.18 9.42
CA GLY A 27 11.91 2.97 10.01
C GLY A 27 11.26 3.23 11.37
N GLY A 28 10.93 2.17 12.10
CA GLY A 28 10.15 2.25 13.35
C GLY A 28 8.71 2.70 13.07
N SER A 29 8.30 3.86 13.62
CA SER A 29 6.99 4.48 13.38
C SER A 29 5.81 3.55 13.79
N GLY A 30 4.65 3.64 13.14
CA GLY A 30 3.54 2.71 13.35
C GLY A 30 2.69 2.97 14.61
N GLY A 31 2.52 4.24 15.00
CA GLY A 31 1.68 4.63 16.14
C GLY A 31 0.20 4.28 15.94
N GLY A 32 -0.50 3.93 17.03
CA GLY A 32 -1.90 3.48 17.02
C GLY A 32 -2.95 4.60 16.96
N SER A 33 -2.55 5.86 17.15
CA SER A 33 -3.45 7.03 17.14
C SER A 33 -4.01 7.31 15.74
N MET A 34 -5.24 7.82 15.65
CA MET A 34 -5.96 8.04 14.38
C MET A 34 -5.20 8.89 13.35
N GLN A 35 -4.44 9.89 13.83
CA GLN A 35 -3.62 10.76 12.98
C GLN A 35 -2.39 10.02 12.38
N ASP A 36 -1.82 9.07 13.10
CA ASP A 36 -0.67 8.26 12.64
C ASP A 36 -1.11 7.20 11.62
N ILE A 37 -2.22 6.51 11.87
CA ILE A 37 -2.75 5.47 10.98
C ILE A 37 -3.28 6.07 9.67
N GLN A 38 -3.97 7.23 9.71
CA GLN A 38 -4.43 7.93 8.50
C GLN A 38 -3.26 8.29 7.57
N GLN A 39 -2.14 8.78 8.11
CA GLN A 39 -0.95 9.11 7.31
C GLN A 39 -0.30 7.87 6.69
N LEU A 40 0.01 6.84 7.50
CA LEU A 40 0.69 5.63 7.02
C LEU A 40 -0.16 4.86 5.99
N LEU A 41 -1.45 4.66 6.28
CA LEU A 41 -2.36 3.87 5.45
C LEU A 41 -2.79 4.60 4.15
N ALA A 42 -2.74 5.94 4.11
CA ALA A 42 -2.86 6.72 2.88
C ALA A 42 -1.56 6.73 2.04
N LYS A 43 -0.39 6.81 2.67
CA LYS A 43 0.93 6.80 2.00
C LYS A 43 1.13 5.51 1.21
N SER A 44 0.84 4.35 1.82
CA SER A 44 0.88 3.05 1.15
C SER A 44 -0.14 2.94 0.00
N LEU A 45 -1.39 3.37 0.21
CA LEU A 45 -2.43 3.38 -0.82
C LEU A 45 -2.05 4.24 -2.04
N THR A 46 -1.40 5.39 -1.82
CA THR A 46 -0.93 6.28 -2.91
C THR A 46 0.09 5.59 -3.82
N GLU A 47 1.00 4.77 -3.27
CA GLU A 47 1.98 3.99 -4.05
C GLU A 47 1.35 2.86 -4.89
N ILE A 48 0.29 2.22 -4.41
CA ILE A 48 -0.46 1.19 -5.18
C ILE A 48 -0.99 1.79 -6.48
N LYS A 49 -1.64 2.97 -6.39
CA LYS A 49 -2.21 3.69 -7.53
C LYS A 49 -1.15 4.19 -8.53
N ARG A 50 0.01 4.63 -8.04
CA ARG A 50 1.17 5.04 -8.86
C ARG A 50 1.71 3.90 -9.74
N LEU A 51 1.83 2.68 -9.19
CA LEU A 51 2.25 1.50 -9.98
C LEU A 51 1.17 1.08 -11.00
N LYS A 52 -0.11 1.07 -10.58
CA LYS A 52 -1.23 0.65 -11.44
C LYS A 52 -1.50 1.61 -12.61
N ALA A 53 -1.25 2.90 -12.46
CA ALA A 53 -1.40 3.87 -13.55
C ALA A 53 -0.48 3.55 -14.75
N ALA A 54 0.76 3.12 -14.50
CA ALA A 54 1.70 2.66 -15.54
C ALA A 54 1.32 1.28 -16.09
N ASN A 55 0.96 0.32 -15.21
CA ASN A 55 0.63 -1.06 -15.60
C ASN A 55 -0.65 -1.13 -16.47
N GLN A 56 -1.70 -0.39 -16.09
CA GLN A 56 -2.96 -0.30 -16.85
C GLN A 56 -2.78 0.36 -18.22
N ALA A 57 -1.85 1.32 -18.35
CA ALA A 57 -1.53 1.98 -19.62
C ALA A 57 -0.75 1.06 -20.59
N LEU A 58 0.29 0.37 -20.13
CA LEU A 58 1.10 -0.49 -21.01
C LEU A 58 0.36 -1.75 -21.48
N GLU A 59 -0.53 -2.32 -20.66
CA GLU A 59 -1.30 -3.54 -20.99
C GLU A 59 -2.23 -3.33 -22.20
N GLN A 60 -2.85 -2.15 -22.32
CA GLN A 60 -3.72 -1.79 -23.46
C GLN A 60 -2.94 -1.14 -24.64
N ALA A 61 -1.72 -0.66 -24.40
CA ALA A 61 -0.86 -0.09 -25.45
C ALA A 61 -0.17 -1.17 -26.32
N ARG A 62 0.35 -2.23 -25.70
CA ARG A 62 1.20 -3.26 -26.34
C ARG A 62 0.49 -4.13 -27.39
N ARG A 63 -0.85 -4.12 -27.42
CA ARG A 63 -1.71 -4.88 -28.35
C ARG A 63 -1.95 -4.23 -29.72
N GLU A 64 -1.47 -3.00 -29.94
CA GLU A 64 -1.77 -2.19 -31.14
C GLU A 64 -0.61 -1.30 -31.62
N GLY B 1 12.50 15.91 2.16
CA GLY B 1 11.72 15.12 3.14
C GLY B 1 10.49 14.48 2.51
N PRO B 2 9.48 14.08 3.31
CA PRO B 2 8.25 13.46 2.83
C PRO B 2 7.41 14.36 1.90
N GLY B 3 6.64 13.74 1.01
CA GLY B 3 5.69 14.41 0.12
C GLY B 3 4.34 14.75 0.79
N SER B 4 3.38 15.23 0.00
CA SER B 4 1.96 15.34 0.39
C SER B 4 1.17 14.09 -0.01
N TYR B 5 0.25 13.63 0.84
CA TYR B 5 -0.55 12.42 0.64
C TYR B 5 -2.03 12.64 1.03
N ASP B 6 -2.93 11.83 0.46
CA ASP B 6 -4.39 11.97 0.63
C ASP B 6 -4.89 11.38 1.96
N ALA B 7 -4.38 11.91 3.07
CA ALA B 7 -4.56 11.38 4.44
C ALA B 7 -5.58 12.14 5.31
N ALA B 8 -5.87 13.40 5.00
CA ALA B 8 -6.69 14.27 5.86
C ALA B 8 -8.21 14.08 5.72
N LEU B 9 -8.64 13.44 4.63
CA LEU B 9 -9.95 12.80 4.48
C LEU B 9 -10.16 11.71 5.56
N PRO B 10 -11.42 11.37 5.94
CA PRO B 10 -11.69 10.42 7.02
C PRO B 10 -11.20 9.00 6.71
N ILE B 11 -10.84 8.25 7.76
CA ILE B 11 -10.21 6.94 7.66
C ILE B 11 -11.09 5.89 6.94
N ASP B 12 -12.41 6.04 7.01
CA ASP B 12 -13.39 5.21 6.30
C ASP B 12 -13.18 5.24 4.77
N GLU B 13 -12.81 6.39 4.21
CA GLU B 13 -12.60 6.56 2.76
C GLU B 13 -11.27 5.97 2.29
N LEU B 14 -10.13 6.27 2.94
CA LEU B 14 -8.85 5.69 2.54
C LEU B 14 -8.81 4.15 2.71
N SER B 15 -9.49 3.63 3.75
CA SER B 15 -9.64 2.19 3.96
C SER B 15 -10.58 1.54 2.92
N ALA B 16 -11.68 2.19 2.54
CA ALA B 16 -12.51 1.72 1.43
C ALA B 16 -11.75 1.71 0.10
N LEU B 17 -10.87 2.69 -0.14
CA LEU B 17 -10.05 2.77 -1.36
C LEU B 17 -9.07 1.58 -1.45
N LEU B 18 -8.29 1.27 -0.40
CA LEU B 18 -7.35 0.14 -0.46
C LEU B 18 -8.06 -1.22 -0.56
N ARG B 19 -9.25 -1.38 0.05
CA ARG B 19 -10.08 -2.58 -0.09
C ARG B 19 -10.59 -2.74 -1.53
N GLN B 20 -11.10 -1.67 -2.13
CA GLN B 20 -11.55 -1.65 -3.53
C GLN B 20 -10.39 -1.84 -4.54
N GLU B 21 -9.18 -1.36 -4.22
CA GLU B 21 -7.96 -1.62 -5.01
C GLU B 21 -7.60 -3.11 -5.09
N MET B 22 -7.71 -3.83 -3.96
CA MET B 22 -7.46 -5.28 -3.87
C MET B 22 -8.66 -6.15 -4.27
N GLY B 23 -9.83 -5.56 -4.52
CA GLY B 23 -11.08 -6.28 -4.78
C GLY B 23 -11.64 -7.02 -3.55
N ASP B 24 -11.31 -6.57 -2.34
CA ASP B 24 -11.75 -7.14 -1.07
C ASP B 24 -13.25 -6.90 -0.84
N ASP B 25 -14.07 -7.93 -1.11
CA ASP B 25 -15.54 -7.88 -1.05
C ASP B 25 -16.12 -7.80 0.38
N GLY B 26 -15.28 -7.83 1.42
CA GLY B 26 -15.67 -7.52 2.79
C GLY B 26 -16.02 -6.03 3.00
N GLY B 27 -15.35 -5.13 2.27
CA GLY B 27 -15.61 -3.68 2.28
C GLY B 27 -15.50 -3.01 3.66
N GLY B 28 -16.18 -1.86 3.79
CA GLY B 28 -16.35 -1.14 5.07
C GLY B 28 -15.06 -0.56 5.67
N SER B 29 -15.12 -0.23 6.96
CA SER B 29 -13.99 0.20 7.79
C SER B 29 -14.32 0.03 9.29
N GLY B 30 -13.31 -0.13 10.15
CA GLY B 30 -13.50 -0.32 11.60
C GLY B 30 -12.21 -0.70 12.35
N GLY B 31 -12.36 -1.12 13.61
CA GLY B 31 -11.27 -1.51 14.50
C GLY B 31 -10.52 -0.31 15.13
N GLY B 32 -9.44 -0.61 15.85
CA GLY B 32 -8.58 0.38 16.51
C GLY B 32 -7.49 -0.19 17.44
N SER B 33 -7.52 -1.47 17.77
CA SER B 33 -6.46 -2.17 18.52
C SER B 33 -5.20 -2.35 17.67
N MET B 34 -4.04 -2.59 18.31
CA MET B 34 -2.74 -2.76 17.63
C MET B 34 -2.76 -3.89 16.58
N GLN B 35 -3.47 -4.99 16.87
CA GLN B 35 -3.64 -6.12 15.95
C GLN B 35 -4.49 -5.77 14.70
N ASP B 36 -5.37 -4.78 14.79
CA ASP B 36 -6.20 -4.33 13.65
C ASP B 36 -5.35 -3.52 12.66
N ILE B 37 -4.60 -2.50 13.16
CA ILE B 37 -3.68 -1.68 12.37
C ILE B 37 -2.52 -2.53 11.79
N GLN B 38 -1.97 -3.50 12.53
CA GLN B 38 -0.93 -4.41 12.01
C GLN B 38 -1.40 -5.14 10.75
N GLN B 39 -2.55 -5.82 10.82
CA GLN B 39 -3.12 -6.57 9.68
C GLN B 39 -3.50 -5.65 8.52
N LEU B 40 -4.19 -4.53 8.80
CA LEU B 40 -4.71 -3.61 7.78
C LEU B 40 -3.60 -2.87 7.02
N LEU B 41 -2.56 -2.40 7.73
CA LEU B 41 -1.41 -1.72 7.13
C LEU B 41 -0.49 -2.71 6.38
N ALA B 42 -0.34 -3.95 6.86
CA ALA B 42 0.33 -5.02 6.12
C ALA B 42 -0.41 -5.43 4.83
N LYS B 43 -1.75 -5.39 4.81
CA LYS B 43 -2.59 -5.69 3.63
C LYS B 43 -2.32 -4.70 2.48
N SER B 44 -2.24 -3.40 2.78
CA SER B 44 -1.83 -2.38 1.79
C SER B 44 -0.36 -2.54 1.34
N LEU B 45 0.56 -2.88 2.24
CA LEU B 45 1.98 -3.09 1.94
C LEU B 45 2.21 -4.29 0.99
N THR B 46 1.57 -5.44 1.22
CA THR B 46 1.75 -6.60 0.32
C THR B 46 1.23 -6.35 -1.09
N GLU B 47 0.20 -5.51 -1.27
CA GLU B 47 -0.27 -5.09 -2.59
C GLU B 47 0.74 -4.22 -3.36
N ILE B 48 1.50 -3.36 -2.67
CA ILE B 48 2.64 -2.63 -3.27
C ILE B 48 3.66 -3.63 -3.81
N LYS B 49 4.02 -4.63 -3.00
CA LYS B 49 4.99 -5.68 -3.39
C LYS B 49 4.50 -6.50 -4.58
N ARG B 50 3.21 -6.88 -4.65
CA ARG B 50 2.63 -7.56 -5.83
C ARG B 50 2.79 -6.73 -7.10
N LEU B 51 2.40 -5.45 -7.07
CA LEU B 51 2.36 -4.59 -8.25
C LEU B 51 3.75 -4.18 -8.75
N LYS B 52 4.70 -3.92 -7.85
CA LYS B 52 6.11 -3.70 -8.21
C LYS B 52 6.72 -4.94 -8.89
N ALA B 53 6.50 -6.12 -8.32
CA ALA B 53 6.97 -7.38 -8.88
C ALA B 53 6.33 -7.70 -10.25
N ALA B 54 5.02 -7.51 -10.39
CA ALA B 54 4.29 -7.78 -11.65
C ALA B 54 4.74 -6.87 -12.80
N ASN B 55 4.86 -5.56 -12.54
CA ASN B 55 5.30 -4.57 -13.53
C ASN B 55 6.75 -4.84 -13.99
N GLN B 56 7.64 -5.18 -13.05
CA GLN B 56 9.03 -5.59 -13.36
C GLN B 56 9.08 -6.89 -14.18
N ALA B 57 8.35 -7.93 -13.76
CA ALA B 57 8.38 -9.26 -14.36
C ALA B 57 7.85 -9.27 -15.80
N LEU B 58 6.76 -8.56 -16.10
CA LEU B 58 6.24 -8.47 -17.47
C LEU B 58 7.18 -7.65 -18.38
N GLU B 59 7.77 -6.55 -17.90
CA GLU B 59 8.63 -5.70 -18.72
C GLU B 59 9.95 -6.38 -19.13
N GLN B 60 10.57 -7.17 -18.24
CA GLN B 60 11.79 -7.93 -18.58
C GLN B 60 11.53 -9.15 -19.48
N ALA B 61 10.27 -9.58 -19.64
CA ALA B 61 9.84 -10.64 -20.55
C ALA B 61 9.40 -10.10 -21.93
N ARG B 62 8.60 -9.04 -21.96
CA ARG B 62 7.98 -8.45 -23.16
C ARG B 62 8.88 -7.46 -23.93
N ARG B 63 10.18 -7.41 -23.62
CA ARG B 63 11.22 -6.59 -24.28
C ARG B 63 11.69 -7.10 -25.66
N GLU B 64 11.19 -8.26 -26.09
CA GLU B 64 11.51 -8.96 -27.35
C GLU B 64 10.28 -9.64 -27.98
N GLY A 1 -3.11 -23.97 -1.23
CA GLY A 1 -4.10 -22.94 -0.84
C GLY A 1 -3.46 -21.56 -0.71
N PRO A 2 -4.26 -20.48 -0.85
CA PRO A 2 -3.77 -19.09 -0.74
C PRO A 2 -3.41 -18.69 0.71
N GLY A 3 -2.61 -17.64 0.86
CA GLY A 3 -2.22 -17.04 2.14
C GLY A 3 -1.40 -15.76 2.01
N SER A 4 -1.43 -14.90 3.02
CA SER A 4 -0.68 -13.64 3.07
C SER A 4 0.81 -13.84 3.43
N TYR A 5 1.12 -14.84 4.26
CA TYR A 5 2.47 -15.23 4.69
C TYR A 5 3.32 -14.05 5.22
N ASP A 6 2.70 -13.22 6.06
CA ASP A 6 3.28 -12.01 6.66
C ASP A 6 4.18 -12.27 7.90
N ALA A 7 4.37 -13.54 8.26
CA ALA A 7 5.14 -14.01 9.43
C ALA A 7 4.72 -13.39 10.79
N ALA A 8 3.53 -12.78 10.87
CA ALA A 8 3.03 -11.99 12.01
C ALA A 8 4.02 -10.90 12.50
N LEU A 9 4.80 -10.29 11.59
CA LEU A 9 5.81 -9.27 11.90
C LEU A 9 5.23 -8.01 12.61
N PRO A 10 6.01 -7.32 13.46
CA PRO A 10 5.53 -6.20 14.26
C PRO A 10 5.27 -4.93 13.44
N ILE A 11 4.51 -3.99 14.02
CA ILE A 11 4.14 -2.73 13.37
C ILE A 11 5.35 -1.88 12.95
N ASP A 12 6.43 -1.87 13.75
CA ASP A 12 7.66 -1.11 13.44
C ASP A 12 8.36 -1.62 12.17
N GLU A 13 8.23 -2.90 11.83
CA GLU A 13 8.80 -3.49 10.62
C GLU A 13 7.99 -3.08 9.37
N LEU A 14 6.68 -3.31 9.34
CA LEU A 14 5.84 -2.91 8.20
C LEU A 14 5.79 -1.39 8.00
N SER A 15 5.88 -0.61 9.09
CA SER A 15 5.99 0.86 9.07
C SER A 15 7.30 1.36 8.44
N ALA A 16 8.41 0.61 8.59
CA ALA A 16 9.67 0.87 7.88
C ALA A 16 9.65 0.37 6.42
N LEU A 17 9.05 -0.80 6.16
CA LEU A 17 9.01 -1.41 4.83
C LEU A 17 8.18 -0.59 3.83
N LEU A 18 7.05 0.00 4.23
CA LEU A 18 6.26 0.87 3.33
C LEU A 18 7.07 2.11 2.88
N ARG A 19 7.84 2.70 3.79
CA ARG A 19 8.70 3.87 3.52
C ARG A 19 9.87 3.50 2.59
N GLN A 20 10.51 2.37 2.84
CA GLN A 20 11.59 1.83 2.00
C GLN A 20 11.12 1.37 0.61
N GLU A 21 9.88 0.89 0.46
CA GLU A 21 9.24 0.65 -0.85
C GLU A 21 9.09 1.94 -1.66
N MET A 22 8.73 3.05 -0.99
CA MET A 22 8.71 4.41 -1.55
C MET A 22 10.08 5.10 -1.63
N GLY A 23 11.18 4.37 -1.33
CA GLY A 23 12.56 4.84 -1.51
C GLY A 23 13.11 5.76 -0.40
N ASP A 24 12.42 5.88 0.74
CA ASP A 24 12.93 6.56 1.94
C ASP A 24 14.03 5.74 2.66
N ASP A 25 14.81 6.38 3.51
CA ASP A 25 15.97 5.78 4.20
C ASP A 25 15.60 4.73 5.28
N GLY A 26 14.39 4.80 5.85
CA GLY A 26 13.91 3.87 6.88
C GLY A 26 12.70 4.40 7.68
N GLY A 27 12.21 3.58 8.61
CA GLY A 27 11.16 3.93 9.58
C GLY A 27 11.68 4.67 10.82
N GLY A 28 10.76 5.28 11.57
CA GLY A 28 11.08 6.02 12.82
C GLY A 28 9.87 6.36 13.70
N SER A 29 8.69 5.79 13.41
CA SER A 29 7.43 6.02 14.12
C SER A 29 6.42 4.87 13.86
N GLY A 30 5.30 4.88 14.57
CA GLY A 30 4.21 3.91 14.43
C GLY A 30 2.84 4.48 14.82
N GLY A 31 1.78 3.71 14.58
CA GLY A 31 0.40 4.11 14.88
C GLY A 31 0.06 4.14 16.38
N GLY A 32 -1.06 4.81 16.71
CA GLY A 32 -1.59 4.90 18.07
C GLY A 32 -2.91 5.69 18.10
N SER A 33 -2.86 6.98 17.75
CA SER A 33 -4.05 7.82 17.51
C SER A 33 -4.59 7.62 16.08
N MET A 34 -5.85 7.99 15.84
CA MET A 34 -6.53 7.86 14.53
C MET A 34 -5.78 8.61 13.41
N GLN A 35 -5.19 9.78 13.73
CA GLN A 35 -4.41 10.56 12.75
C GLN A 35 -3.11 9.86 12.32
N ASP A 36 -2.51 9.04 13.19
CA ASP A 36 -1.28 8.30 12.88
C ASP A 36 -1.54 7.17 11.88
N ILE A 37 -2.61 6.38 12.12
CA ILE A 37 -3.04 5.31 11.22
C ILE A 37 -3.55 5.84 9.87
N GLN A 38 -4.27 6.99 9.85
CA GLN A 38 -4.63 7.66 8.59
C GLN A 38 -3.40 7.97 7.73
N GLN A 39 -2.35 8.58 8.31
CA GLN A 39 -1.13 8.99 7.60
C GLN A 39 -0.33 7.79 7.03
N LEU A 40 -0.10 6.73 7.84
CA LEU A 40 0.62 5.54 7.39
C LEU A 40 -0.14 4.80 6.28
N LEU A 41 -1.44 4.58 6.47
CA LEU A 41 -2.28 3.81 5.54
C LEU A 41 -2.55 4.55 4.22
N ALA A 42 -2.72 5.88 4.24
CA ALA A 42 -2.90 6.69 3.03
C ALA A 42 -1.63 6.76 2.17
N LYS A 43 -0.45 6.85 2.80
CA LYS A 43 0.85 6.83 2.11
C LYS A 43 1.05 5.50 1.38
N SER A 44 0.70 4.37 2.01
CA SER A 44 0.72 3.05 1.37
C SER A 44 -0.24 2.94 0.19
N LEU A 45 -1.48 3.44 0.33
CA LEU A 45 -2.49 3.49 -0.73
C LEU A 45 -2.00 4.31 -1.95
N THR A 46 -1.30 5.42 -1.71
CA THR A 46 -0.72 6.26 -2.79
C THR A 46 0.27 5.48 -3.65
N GLU A 47 1.11 4.62 -3.06
CA GLU A 47 2.05 3.77 -3.80
C GLU A 47 1.34 2.66 -4.61
N ILE A 48 0.25 2.07 -4.10
CA ILE A 48 -0.58 1.13 -4.88
C ILE A 48 -1.11 1.79 -6.16
N LYS A 49 -1.72 2.98 -6.02
CA LYS A 49 -2.25 3.77 -7.17
C LYS A 49 -1.15 4.15 -8.16
N ARG A 50 0.02 4.56 -7.68
CA ARG A 50 1.20 4.92 -8.52
C ARG A 50 1.64 3.76 -9.41
N LEU A 51 1.81 2.57 -8.85
CA LEU A 51 2.27 1.37 -9.59
C LEU A 51 1.19 0.81 -10.51
N LYS A 52 -0.08 0.81 -10.11
CA LYS A 52 -1.21 0.40 -10.98
C LYS A 52 -1.35 1.33 -12.20
N ALA A 53 -1.20 2.64 -12.01
CA ALA A 53 -1.23 3.61 -13.11
C ALA A 53 -0.06 3.41 -14.10
N ALA A 54 1.16 3.17 -13.61
CA ALA A 54 2.33 2.91 -14.45
C ALA A 54 2.20 1.60 -15.26
N ASN A 55 1.69 0.54 -14.63
CA ASN A 55 1.41 -0.75 -15.27
C ASN A 55 0.34 -0.60 -16.37
N GLN A 56 -0.76 0.09 -16.08
CA GLN A 56 -1.84 0.35 -17.04
C GLN A 56 -1.38 1.24 -18.22
N ALA A 57 -0.50 2.21 -17.98
CA ALA A 57 0.04 3.12 -18.99
C ALA A 57 0.95 2.41 -20.02
N LEU A 58 1.84 1.52 -19.56
CA LEU A 58 2.72 0.75 -20.47
C LEU A 58 1.94 -0.34 -21.23
N GLU A 59 0.98 -1.02 -20.58
CA GLU A 59 0.25 -2.15 -21.17
C GLU A 59 -0.51 -1.76 -22.45
N GLN A 60 -1.28 -0.67 -22.40
CA GLN A 60 -2.07 -0.19 -23.54
C GLN A 60 -1.22 0.36 -24.70
N ALA A 61 -0.04 0.90 -24.40
CA ALA A 61 0.90 1.44 -25.40
C ALA A 61 1.67 0.33 -26.16
N ARG A 62 1.80 -0.85 -25.54
CA ARG A 62 2.59 -2.01 -26.00
C ARG A 62 1.71 -3.27 -26.14
N ARG A 63 0.47 -3.09 -26.62
CA ARG A 63 -0.59 -4.12 -26.72
C ARG A 63 -0.55 -5.01 -27.97
N GLU A 64 0.22 -4.60 -28.98
CA GLU A 64 0.35 -5.26 -30.30
C GLU A 64 1.32 -6.46 -30.28
N GLY B 1 -6.76 28.55 -9.94
CA GLY B 1 -5.71 28.70 -8.91
C GLY B 1 -5.98 27.81 -7.71
N PRO B 2 -5.45 28.18 -6.52
CA PRO B 2 -5.65 27.44 -5.26
C PRO B 2 -7.11 27.34 -4.80
N GLY B 3 -7.41 26.36 -3.94
CA GLY B 3 -8.75 26.12 -3.38
C GLY B 3 -8.76 25.02 -2.31
N SER B 4 -9.94 24.45 -2.04
CA SER B 4 -10.12 23.30 -1.14
C SER B 4 -9.58 21.99 -1.75
N TYR B 5 -9.11 21.08 -0.90
CA TYR B 5 -8.60 19.75 -1.28
C TYR B 5 -9.06 18.66 -0.30
N ASP B 6 -9.28 17.43 -0.80
CA ASP B 6 -9.78 16.28 -0.03
C ASP B 6 -8.70 15.40 0.60
N ALA B 7 -7.46 15.89 0.68
CA ALA B 7 -6.28 15.17 1.17
C ALA B 7 -6.39 14.69 2.64
N ALA B 8 -7.19 15.37 3.45
CA ALA B 8 -7.39 15.10 4.88
C ALA B 8 -8.59 14.16 5.19
N LEU B 9 -9.06 13.39 4.19
CA LEU B 9 -10.20 12.48 4.31
C LEU B 9 -10.05 11.41 5.44
N PRO B 10 -11.16 10.94 6.04
CA PRO B 10 -11.15 10.03 7.18
C PRO B 10 -10.72 8.60 6.80
N ILE B 11 -10.43 7.79 7.83
CA ILE B 11 -9.94 6.41 7.66
C ILE B 11 -10.89 5.51 6.87
N ASP B 12 -12.20 5.71 6.97
CA ASP B 12 -13.19 4.95 6.20
C ASP B 12 -13.07 5.16 4.69
N GLU B 13 -12.70 6.36 4.23
CA GLU B 13 -12.49 6.65 2.81
C GLU B 13 -11.19 6.03 2.28
N LEU B 14 -10.05 6.28 2.92
CA LEU B 14 -8.75 5.71 2.47
C LEU B 14 -8.68 4.18 2.62
N SER B 15 -9.35 3.61 3.62
CA SER B 15 -9.51 2.15 3.75
C SER B 15 -10.42 1.60 2.66
N ALA B 16 -11.54 2.26 2.33
CA ALA B 16 -12.35 1.85 1.18
C ALA B 16 -11.56 1.93 -0.14
N LEU B 17 -10.73 2.95 -0.33
CA LEU B 17 -9.91 3.10 -1.53
C LEU B 17 -8.87 1.98 -1.69
N LEU B 18 -8.12 1.60 -0.64
CA LEU B 18 -7.17 0.47 -0.76
C LEU B 18 -7.87 -0.87 -0.99
N ARG B 19 -9.06 -1.07 -0.39
CA ARG B 19 -9.92 -2.24 -0.65
C ARG B 19 -10.47 -2.24 -2.07
N GLN B 20 -10.80 -1.08 -2.64
CA GLN B 20 -11.21 -0.89 -4.04
C GLN B 20 -10.08 -1.12 -5.04
N GLU B 21 -8.81 -0.82 -4.70
CA GLU B 21 -7.66 -1.25 -5.55
C GLU B 21 -7.48 -2.78 -5.56
N MET B 22 -7.78 -3.46 -4.45
CA MET B 22 -7.82 -4.94 -4.36
C MET B 22 -9.08 -5.56 -5.00
N GLY B 23 -10.12 -4.76 -5.26
CA GLY B 23 -11.36 -5.14 -5.96
C GLY B 23 -12.61 -5.34 -5.06
N ASP B 24 -12.51 -5.10 -3.76
CA ASP B 24 -13.64 -5.11 -2.80
C ASP B 24 -14.35 -3.74 -2.74
N ASP B 25 -15.64 -3.70 -2.40
CA ASP B 25 -16.47 -2.48 -2.53
C ASP B 25 -16.10 -1.33 -1.58
N GLY B 26 -15.64 -1.63 -0.37
CA GLY B 26 -15.28 -0.64 0.66
C GLY B 26 -15.04 -1.25 2.05
N GLY B 27 -14.85 -0.40 3.05
CA GLY B 27 -14.64 -0.81 4.45
C GLY B 27 -14.19 0.35 5.37
N GLY B 28 -13.43 0.00 6.41
CA GLY B 28 -12.93 0.91 7.44
C GLY B 28 -11.89 0.24 8.33
N SER B 29 -11.79 0.67 9.60
CA SER B 29 -11.07 -0.11 10.64
C SER B 29 -11.92 -1.30 11.13
N GLY B 30 -11.28 -2.26 11.80
CA GLY B 30 -11.91 -3.32 12.59
C GLY B 30 -12.12 -2.96 14.08
N GLY B 31 -12.03 -1.66 14.43
CA GLY B 31 -12.15 -1.14 15.79
C GLY B 31 -10.88 -0.48 16.36
N GLY B 32 -9.77 -0.47 15.61
CA GLY B 32 -8.55 0.26 15.98
C GLY B 32 -7.65 -0.43 17.01
N SER B 33 -7.79 -1.74 17.19
CA SER B 33 -6.85 -2.57 17.99
C SER B 33 -5.43 -2.56 17.39
N MET B 34 -4.41 -2.87 18.21
CA MET B 34 -3.02 -2.96 17.77
C MET B 34 -2.77 -4.10 16.76
N GLN B 35 -3.56 -5.18 16.81
CA GLN B 35 -3.58 -6.23 15.78
C GLN B 35 -4.30 -5.77 14.50
N ASP B 36 -5.40 -5.02 14.63
CA ASP B 36 -6.19 -4.51 13.50
C ASP B 36 -5.36 -3.59 12.59
N ILE B 37 -4.62 -2.64 13.18
CA ILE B 37 -3.68 -1.79 12.44
C ILE B 37 -2.55 -2.57 11.77
N GLN B 38 -1.96 -3.58 12.43
CA GLN B 38 -0.93 -4.43 11.82
C GLN B 38 -1.47 -5.14 10.58
N GLN B 39 -2.64 -5.79 10.67
CA GLN B 39 -3.26 -6.51 9.56
C GLN B 39 -3.64 -5.57 8.40
N LEU B 40 -4.27 -4.42 8.69
CA LEU B 40 -4.72 -3.46 7.68
C LEU B 40 -3.54 -2.77 6.95
N LEU B 41 -2.48 -2.39 7.68
CA LEU B 41 -1.28 -1.75 7.12
C LEU B 41 -0.34 -2.77 6.44
N ALA B 42 -0.38 -4.06 6.84
CA ALA B 42 0.27 -5.14 6.10
C ALA B 42 -0.43 -5.42 4.75
N LYS B 43 -1.76 -5.41 4.69
CA LYS B 43 -2.54 -5.66 3.46
C LYS B 43 -2.17 -4.71 2.32
N SER B 44 -2.08 -3.41 2.59
CA SER B 44 -1.60 -2.41 1.61
C SER B 44 -0.12 -2.60 1.24
N LEU B 45 0.75 -2.96 2.19
CA LEU B 45 2.17 -3.23 1.95
C LEU B 45 2.39 -4.45 1.03
N THR B 46 1.67 -5.54 1.25
CA THR B 46 1.68 -6.72 0.38
C THR B 46 1.22 -6.38 -1.04
N GLU B 47 0.19 -5.55 -1.21
CA GLU B 47 -0.33 -5.18 -2.53
C GLU B 47 0.67 -4.34 -3.36
N ILE B 48 1.48 -3.49 -2.72
CA ILE B 48 2.60 -2.79 -3.38
C ILE B 48 3.58 -3.81 -3.99
N LYS B 49 3.99 -4.82 -3.21
CA LYS B 49 4.94 -5.85 -3.62
C LYS B 49 4.38 -6.75 -4.74
N ARG B 50 3.10 -7.13 -4.68
CA ARG B 50 2.40 -7.90 -5.75
C ARG B 50 2.41 -7.16 -7.09
N LEU B 51 2.08 -5.87 -7.10
CA LEU B 51 2.01 -5.07 -8.33
C LEU B 51 3.40 -4.80 -8.93
N LYS B 52 4.43 -4.59 -8.10
CA LYS B 52 5.82 -4.48 -8.57
C LYS B 52 6.34 -5.79 -9.18
N ALA B 53 6.03 -6.93 -8.57
CA ALA B 53 6.37 -8.24 -9.13
C ALA B 53 5.68 -8.50 -10.48
N ALA B 54 4.40 -8.15 -10.61
CA ALA B 54 3.64 -8.28 -11.85
C ALA B 54 4.19 -7.37 -12.98
N ASN B 55 4.49 -6.10 -12.67
CA ASN B 55 5.07 -5.13 -13.60
C ASN B 55 6.46 -5.59 -14.09
N GLN B 56 7.28 -6.16 -13.21
CA GLN B 56 8.58 -6.74 -13.56
C GLN B 56 8.43 -7.97 -14.48
N ALA B 57 7.48 -8.88 -14.20
CA ALA B 57 7.27 -10.11 -14.97
C ALA B 57 6.81 -9.84 -16.41
N LEU B 58 5.86 -8.92 -16.62
CA LEU B 58 5.37 -8.55 -17.97
C LEU B 58 6.40 -7.75 -18.80
N GLU B 59 7.34 -7.07 -18.16
CA GLU B 59 8.51 -6.50 -18.84
C GLU B 59 9.47 -7.59 -19.37
N GLN B 60 9.73 -8.65 -18.60
CA GLN B 60 10.53 -9.80 -19.06
C GLN B 60 9.83 -10.58 -20.20
N ALA B 61 8.50 -10.68 -20.16
CA ALA B 61 7.70 -11.35 -21.18
C ALA B 61 7.82 -10.71 -22.57
N ARG B 62 7.96 -9.38 -22.63
CA ARG B 62 8.03 -8.58 -23.88
C ARG B 62 9.37 -8.61 -24.62
N ARG B 63 10.41 -9.25 -24.05
CA ARG B 63 11.69 -9.54 -24.74
C ARG B 63 11.88 -11.02 -25.14
N GLU B 64 10.81 -11.83 -25.03
CA GLU B 64 10.71 -13.26 -25.41
C GLU B 64 11.78 -14.17 -24.78
N GLY A 1 17.57 -19.71 10.83
CA GLY A 1 16.28 -20.37 10.54
C GLY A 1 15.93 -20.32 9.06
N PRO A 2 15.15 -21.30 8.55
CA PRO A 2 14.79 -21.40 7.13
C PRO A 2 13.86 -20.26 6.68
N GLY A 3 14.08 -19.76 5.46
CA GLY A 3 13.24 -18.78 4.75
C GLY A 3 13.22 -17.35 5.28
N SER A 4 13.34 -17.14 6.59
CA SER A 4 13.24 -15.83 7.26
C SER A 4 11.94 -15.09 6.90
N TYR A 5 10.82 -15.82 6.91
CA TYR A 5 9.50 -15.40 6.42
C TYR A 5 8.93 -14.15 7.14
N ASP A 6 8.08 -13.39 6.44
CA ASP A 6 7.37 -12.19 6.94
C ASP A 6 6.12 -12.52 7.79
N ALA A 7 6.15 -13.64 8.50
CA ALA A 7 5.02 -14.21 9.23
C ALA A 7 4.71 -13.45 10.53
N ALA A 8 3.64 -12.66 10.49
CA ALA A 8 3.05 -11.91 11.63
C ALA A 8 4.07 -11.04 12.41
N LEU A 9 5.02 -10.44 11.68
CA LEU A 9 6.03 -9.53 12.22
C LEU A 9 5.40 -8.25 12.84
N PRO A 10 6.07 -7.61 13.83
CA PRO A 10 5.52 -6.46 14.55
C PRO A 10 5.40 -5.21 13.66
N ILE A 11 4.62 -4.24 14.14
CA ILE A 11 4.31 -2.98 13.43
C ILE A 11 5.54 -2.19 13.01
N ASP A 12 6.61 -2.20 13.80
CA ASP A 12 7.86 -1.48 13.51
C ASP A 12 8.58 -2.02 12.26
N GLU A 13 8.38 -3.29 11.89
CA GLU A 13 8.91 -3.88 10.66
C GLU A 13 8.05 -3.54 9.43
N LEU A 14 6.75 -3.86 9.44
CA LEU A 14 5.88 -3.60 8.28
C LEU A 14 5.73 -2.11 7.94
N SER A 15 5.77 -1.23 8.95
CA SER A 15 5.75 0.24 8.75
C SER A 15 7.09 0.79 8.22
N ALA A 16 8.20 0.09 8.44
CA ALA A 16 9.48 0.38 7.77
C ALA A 16 9.50 -0.14 6.33
N LEU A 17 8.94 -1.34 6.07
CA LEU A 17 8.93 -1.96 4.74
C LEU A 17 8.21 -1.10 3.70
N LEU A 18 7.07 -0.48 4.03
CA LEU A 18 6.37 0.42 3.10
C LEU A 18 7.19 1.70 2.80
N ARG A 19 7.94 2.23 3.78
CA ARG A 19 8.86 3.36 3.56
C ARG A 19 10.05 2.95 2.70
N GLN A 20 10.63 1.77 2.98
CA GLN A 20 11.74 1.19 2.21
C GLN A 20 11.39 0.97 0.72
N GLU A 21 10.16 0.54 0.42
CA GLU A 21 9.66 0.44 -0.96
C GLU A 21 9.50 1.81 -1.66
N MET A 22 9.24 2.88 -0.91
CA MET A 22 9.13 4.26 -1.41
C MET A 22 10.45 5.08 -1.36
N GLY A 23 11.53 4.51 -0.84
CA GLY A 23 12.80 5.24 -0.59
C GLY A 23 12.76 6.24 0.57
N ASP A 24 11.76 6.14 1.45
CA ASP A 24 11.45 6.99 2.61
C ASP A 24 12.05 6.45 3.94
N ASP A 25 13.02 5.53 3.87
CA ASP A 25 13.49 4.68 4.98
C ASP A 25 14.13 5.42 6.19
N GLY A 26 14.36 6.73 6.10
CA GLY A 26 14.76 7.58 7.23
C GLY A 26 13.61 7.91 8.20
N GLY A 27 12.35 7.72 7.78
CA GLY A 27 11.16 7.98 8.61
C GLY A 27 10.89 6.89 9.67
N GLY A 28 10.26 7.28 10.79
CA GLY A 28 9.85 6.39 11.89
C GLY A 28 8.62 5.53 11.57
N SER A 29 8.36 4.50 12.40
CA SER A 29 7.23 3.59 12.23
C SER A 29 5.85 4.24 12.46
N GLY A 30 5.77 5.23 13.34
CA GLY A 30 4.53 5.97 13.63
C GLY A 30 3.39 5.11 14.20
N GLY A 31 2.15 5.41 13.81
CA GLY A 31 0.94 4.64 14.14
C GLY A 31 0.45 4.77 15.60
N GLY A 32 1.00 5.72 16.38
CA GLY A 32 0.69 5.90 17.81
C GLY A 32 -0.64 6.63 18.10
N SER A 33 -1.29 7.19 17.08
CA SER A 33 -2.56 7.91 17.16
C SER A 33 -3.32 7.82 15.82
N MET A 34 -4.63 8.11 15.84
CA MET A 34 -5.50 8.13 14.66
C MET A 34 -4.99 9.06 13.55
N GLN A 35 -4.37 10.19 13.93
CA GLN A 35 -3.78 11.16 13.00
C GLN A 35 -2.51 10.63 12.29
N ASP A 36 -1.78 9.70 12.92
CA ASP A 36 -0.61 9.06 12.33
C ASP A 36 -1.02 8.01 11.29
N ILE A 37 -1.96 7.12 11.64
CA ILE A 37 -2.47 6.08 10.73
C ILE A 37 -3.24 6.68 9.53
N GLN A 38 -3.99 7.77 9.71
CA GLN A 38 -4.66 8.46 8.60
C GLN A 38 -3.69 9.00 7.53
N GLN A 39 -2.43 9.28 7.91
CA GLN A 39 -1.35 9.60 6.97
C GLN A 39 -0.66 8.33 6.44
N LEU A 40 -0.25 7.42 7.33
CA LEU A 40 0.57 6.25 7.02
C LEU A 40 -0.15 5.22 6.13
N LEU A 41 -1.41 4.90 6.44
CA LEU A 41 -2.27 3.97 5.69
C LEU A 41 -2.76 4.57 4.36
N ALA A 42 -2.79 5.90 4.25
CA ALA A 42 -3.02 6.61 3.00
C ALA A 42 -1.77 6.63 2.09
N LYS A 43 -0.55 6.62 2.66
CA LYS A 43 0.70 6.64 1.89
C LYS A 43 0.95 5.32 1.14
N SER A 44 0.66 4.18 1.76
CA SER A 44 0.70 2.86 1.07
C SER A 44 -0.37 2.75 -0.02
N LEU A 45 -1.58 3.27 0.20
CA LEU A 45 -2.63 3.39 -0.82
C LEU A 45 -2.19 4.26 -2.01
N THR A 46 -1.50 5.38 -1.75
CA THR A 46 -0.93 6.25 -2.79
C THR A 46 0.10 5.50 -3.65
N GLU A 47 0.96 4.67 -3.04
CA GLU A 47 1.93 3.84 -3.77
C GLU A 47 1.24 2.74 -4.62
N ILE A 48 0.13 2.14 -4.16
CA ILE A 48 -0.67 1.22 -4.98
C ILE A 48 -1.19 1.94 -6.23
N LYS A 49 -1.85 3.09 -6.08
CA LYS A 49 -2.38 3.89 -7.20
C LYS A 49 -1.29 4.28 -8.20
N ARG A 50 -0.11 4.72 -7.71
CA ARG A 50 1.08 5.05 -8.52
C ARG A 50 1.55 3.87 -9.37
N LEU A 51 1.76 2.70 -8.77
CA LEU A 51 2.29 1.52 -9.46
C LEU A 51 1.26 0.86 -10.39
N LYS A 52 -0.03 0.87 -10.04
CA LYS A 52 -1.11 0.40 -10.93
C LYS A 52 -1.19 1.23 -12.22
N ALA A 53 -1.11 2.57 -12.11
CA ALA A 53 -1.08 3.47 -13.26
C ALA A 53 0.18 3.27 -14.14
N ALA A 54 1.36 3.14 -13.53
CA ALA A 54 2.61 2.89 -14.25
C ALA A 54 2.59 1.54 -14.99
N ASN A 55 2.16 0.47 -14.33
CA ASN A 55 1.99 -0.87 -14.89
C ASN A 55 1.02 -0.88 -16.08
N GLN A 56 -0.14 -0.24 -15.93
CA GLN A 56 -1.16 -0.14 -16.98
C GLN A 56 -0.65 0.59 -18.23
N ALA A 57 0.09 1.70 -18.05
CA ALA A 57 0.60 2.51 -19.16
C ALA A 57 1.63 1.75 -20.02
N LEU A 58 2.61 1.08 -19.39
CA LEU A 58 3.60 0.25 -20.11
C LEU A 58 2.99 -1.05 -20.69
N GLU A 59 1.93 -1.59 -20.10
CA GLU A 59 1.16 -2.72 -20.66
C GLU A 59 0.47 -2.33 -21.98
N GLN A 60 -0.20 -1.16 -22.01
CA GLN A 60 -0.84 -0.64 -23.23
C GLN A 60 0.19 -0.26 -24.31
N ALA A 61 1.35 0.27 -23.92
CA ALA A 61 2.45 0.58 -24.84
C ALA A 61 3.04 -0.67 -25.53
N ARG A 62 3.08 -1.81 -24.84
CA ARG A 62 3.63 -3.09 -25.35
C ARG A 62 2.64 -3.94 -26.17
N ARG A 63 1.36 -3.58 -26.20
CA ARG A 63 0.24 -4.32 -26.81
C ARG A 63 0.17 -4.24 -28.35
N GLU A 64 1.28 -4.55 -29.02
CA GLU A 64 1.38 -4.65 -30.49
C GLU A 64 0.68 -5.90 -31.07
N GLY B 1 -8.45 25.18 -8.21
CA GLY B 1 -8.84 24.98 -6.80
C GLY B 1 -8.33 23.64 -6.24
N PRO B 2 -8.29 23.48 -4.90
CA PRO B 2 -7.76 22.29 -4.23
C PRO B 2 -8.67 21.05 -4.34
N GLY B 3 -9.96 21.23 -4.63
CA GLY B 3 -10.97 20.15 -4.63
C GLY B 3 -11.30 19.63 -3.23
N SER B 4 -11.80 18.39 -3.15
CA SER B 4 -12.12 17.69 -1.90
C SER B 4 -10.85 17.33 -1.10
N TYR B 5 -11.00 17.19 0.22
CA TYR B 5 -9.91 16.84 1.15
C TYR B 5 -9.30 15.45 0.89
N ASP B 6 -8.06 15.28 1.37
CA ASP B 6 -7.32 14.01 1.47
C ASP B 6 -6.71 13.87 2.88
N ALA B 7 -6.57 12.62 3.36
CA ALA B 7 -6.15 12.21 4.72
C ALA B 7 -7.05 12.68 5.89
N ALA B 8 -7.64 13.88 5.81
CA ALA B 8 -8.58 14.44 6.78
C ALA B 8 -9.99 13.82 6.74
N LEU B 9 -10.30 13.11 5.64
CA LEU B 9 -11.43 12.19 5.51
C LEU B 9 -11.39 11.07 6.58
N PRO B 10 -12.55 10.50 6.99
CA PRO B 10 -12.60 9.47 8.04
C PRO B 10 -11.82 8.20 7.65
N ILE B 11 -11.34 7.45 8.64
CA ILE B 11 -10.44 6.32 8.42
C ILE B 11 -11.09 5.13 7.67
N ASP B 12 -12.42 5.00 7.75
CA ASP B 12 -13.16 4.04 6.93
C ASP B 12 -13.11 4.40 5.42
N GLU B 13 -12.95 5.67 5.05
CA GLU B 13 -12.88 6.10 3.64
C GLU B 13 -11.53 5.74 3.00
N LEU B 14 -10.39 6.04 3.63
CA LEU B 14 -9.08 5.60 3.10
C LEU B 14 -8.90 4.08 3.16
N SER B 15 -9.46 3.42 4.17
CA SER B 15 -9.56 1.96 4.25
C SER B 15 -10.44 1.38 3.13
N ALA B 16 -11.57 2.00 2.79
CA ALA B 16 -12.41 1.60 1.66
C ALA B 16 -11.73 1.83 0.31
N LEU B 17 -10.89 2.86 0.17
CA LEU B 17 -10.08 3.09 -1.04
C LEU B 17 -9.03 1.99 -1.24
N LEU B 18 -8.27 1.57 -0.22
CA LEU B 18 -7.33 0.45 -0.38
C LEU B 18 -8.04 -0.89 -0.57
N ARG B 19 -9.22 -1.10 0.04
CA ARG B 19 -10.09 -2.27 -0.24
C ARG B 19 -10.54 -2.29 -1.71
N GLN B 20 -11.00 -1.15 -2.24
CA GLN B 20 -11.44 -0.98 -3.62
C GLN B 20 -10.30 -1.15 -4.63
N GLU B 21 -9.11 -0.61 -4.38
CA GLU B 21 -7.93 -0.77 -5.24
C GLU B 21 -7.40 -2.22 -5.26
N MET B 22 -7.50 -2.95 -4.15
CA MET B 22 -7.20 -4.39 -4.08
C MET B 22 -8.33 -5.28 -4.62
N GLY B 23 -9.53 -4.74 -4.86
CA GLY B 23 -10.74 -5.50 -5.21
C GLY B 23 -11.22 -6.45 -4.10
N ASP B 24 -10.94 -6.10 -2.84
CA ASP B 24 -11.08 -6.98 -1.67
C ASP B 24 -12.54 -7.10 -1.15
N ASP B 25 -12.99 -8.34 -0.90
CA ASP B 25 -14.26 -8.67 -0.23
C ASP B 25 -14.11 -8.90 1.29
N GLY B 26 -12.88 -9.01 1.81
CA GLY B 26 -12.58 -9.41 3.19
C GLY B 26 -12.85 -8.33 4.27
N GLY B 27 -13.02 -7.07 3.90
CA GLY B 27 -13.42 -5.99 4.81
C GLY B 27 -12.32 -5.52 5.78
N GLY B 28 -12.71 -5.19 7.01
CA GLY B 28 -11.86 -4.58 8.04
C GLY B 28 -11.93 -3.04 8.04
N SER B 29 -11.62 -2.44 9.19
CA SER B 29 -11.68 -0.98 9.41
C SER B 29 -10.75 -0.56 10.57
N GLY B 30 -10.38 0.72 10.62
CA GLY B 30 -9.41 1.30 11.58
C GLY B 30 -9.97 1.49 12.99
N GLY B 31 -10.20 0.40 13.72
CA GLY B 31 -10.72 0.39 15.10
C GLY B 31 -9.76 0.92 16.18
N GLY B 32 -8.49 1.17 15.85
CA GLY B 32 -7.50 1.85 16.69
C GLY B 32 -6.68 0.95 17.62
N SER B 33 -7.00 -0.34 17.76
CA SER B 33 -6.15 -1.34 18.42
C SER B 33 -4.98 -1.75 17.53
N MET B 34 -3.85 -2.17 18.13
CA MET B 34 -2.64 -2.55 17.38
C MET B 34 -2.85 -3.68 16.36
N GLN B 35 -3.75 -4.63 16.63
CA GLN B 35 -4.10 -5.68 15.65
C GLN B 35 -4.85 -5.16 14.42
N ASP B 36 -5.56 -4.03 14.51
CA ASP B 36 -6.30 -3.44 13.39
C ASP B 36 -5.33 -2.74 12.40
N ILE B 37 -4.45 -1.89 12.95
CA ILE B 37 -3.44 -1.15 12.18
C ILE B 37 -2.41 -2.09 11.53
N GLN B 38 -1.95 -3.15 12.24
CA GLN B 38 -1.04 -4.14 11.65
C GLN B 38 -1.66 -4.83 10.44
N GLN B 39 -2.92 -5.28 10.51
CA GLN B 39 -3.59 -5.98 9.41
C GLN B 39 -3.83 -5.08 8.19
N LEU B 40 -4.43 -3.89 8.37
CA LEU B 40 -4.72 -2.97 7.25
C LEU B 40 -3.45 -2.50 6.53
N LEU B 41 -2.40 -2.18 7.30
CA LEU B 41 -1.14 -1.71 6.76
C LEU B 41 -0.31 -2.83 6.11
N ALA B 42 -0.44 -4.08 6.59
CA ALA B 42 0.12 -5.25 5.92
C ALA B 42 -0.58 -5.60 4.60
N LYS B 43 -1.92 -5.49 4.52
CA LYS B 43 -2.67 -5.76 3.27
C LYS B 43 -2.25 -4.81 2.14
N SER B 44 -2.22 -3.50 2.40
CA SER B 44 -1.77 -2.51 1.42
C SER B 44 -0.28 -2.67 1.06
N LEU B 45 0.61 -2.97 2.00
CA LEU B 45 2.03 -3.27 1.74
C LEU B 45 2.19 -4.54 0.87
N THR B 46 1.38 -5.58 1.11
CA THR B 46 1.39 -6.81 0.28
C THR B 46 1.01 -6.50 -1.17
N GLU B 47 0.06 -5.59 -1.41
CA GLU B 47 -0.31 -5.17 -2.78
C GLU B 47 0.81 -4.36 -3.47
N ILE B 48 1.58 -3.54 -2.75
CA ILE B 48 2.78 -2.87 -3.30
C ILE B 48 3.79 -3.93 -3.77
N LYS B 49 4.11 -4.93 -2.94
CA LYS B 49 4.99 -6.06 -3.32
C LYS B 49 4.46 -6.78 -4.57
N ARG B 50 3.16 -7.08 -4.61
CA ARG B 50 2.48 -7.76 -5.74
C ARG B 50 2.59 -6.98 -7.05
N LEU B 51 2.27 -5.68 -7.04
CA LEU B 51 2.34 -4.83 -8.22
C LEU B 51 3.77 -4.61 -8.71
N LYS B 52 4.73 -4.34 -7.81
CA LYS B 52 6.14 -4.09 -8.18
C LYS B 52 6.81 -5.35 -8.75
N ALA B 53 6.52 -6.52 -8.19
CA ALA B 53 6.97 -7.80 -8.73
C ALA B 53 6.37 -8.10 -10.12
N ALA B 54 5.05 -7.91 -10.28
CA ALA B 54 4.35 -8.12 -11.57
C ALA B 54 4.87 -7.17 -12.67
N ASN B 55 5.02 -5.87 -12.37
CA ASN B 55 5.56 -4.85 -13.27
C ASN B 55 6.98 -5.23 -13.75
N GLN B 56 7.87 -5.58 -12.82
CA GLN B 56 9.25 -6.00 -13.13
C GLN B 56 9.31 -7.28 -13.98
N ALA B 57 8.46 -8.27 -13.69
CA ALA B 57 8.40 -9.53 -14.42
C ALA B 57 7.84 -9.37 -15.85
N LEU B 58 6.72 -8.66 -16.04
CA LEU B 58 6.07 -8.53 -17.34
C LEU B 58 6.86 -7.65 -18.33
N GLU B 59 7.66 -6.69 -17.85
CA GLU B 59 8.61 -5.93 -18.66
C GLU B 59 9.66 -6.83 -19.35
N GLN B 60 10.09 -7.90 -18.67
CA GLN B 60 11.02 -8.90 -19.20
C GLN B 60 10.32 -10.02 -20.00
N ALA B 61 9.09 -10.40 -19.63
CA ALA B 61 8.31 -11.44 -20.31
C ALA B 61 7.96 -11.06 -21.77
N ARG B 62 7.72 -9.77 -22.03
CA ARG B 62 7.32 -9.21 -23.33
C ARG B 62 8.50 -8.81 -24.25
N ARG B 63 9.74 -9.22 -23.94
CA ARG B 63 10.96 -8.89 -24.70
C ARG B 63 11.15 -9.68 -26.02
N GLU B 64 10.38 -10.74 -26.20
CA GLU B 64 10.42 -11.68 -27.35
C GLU B 64 10.04 -11.03 -28.71
N GLY A 1 17.23 -17.99 -1.65
CA GLY A 1 16.83 -19.03 -0.68
C GLY A 1 15.33 -19.30 -0.71
N PRO A 2 14.89 -20.51 -0.29
CA PRO A 2 13.48 -20.89 -0.25
C PRO A 2 12.65 -20.14 0.82
N GLY A 3 11.33 -20.10 0.63
CA GLY A 3 10.37 -19.50 1.55
C GLY A 3 10.39 -17.96 1.59
N SER A 4 9.79 -17.39 2.63
CA SER A 4 9.71 -15.94 2.89
C SER A 4 9.63 -15.62 4.40
N TYR A 5 9.98 -14.39 4.77
CA TYR A 5 10.18 -13.97 6.18
C TYR A 5 9.49 -12.65 6.55
N ASP A 6 8.83 -11.98 5.60
CA ASP A 6 8.05 -10.75 5.79
C ASP A 6 6.55 -11.02 6.06
N ALA A 7 6.26 -12.07 6.84
CA ALA A 7 4.91 -12.55 7.15
C ALA A 7 4.62 -12.44 8.67
N ALA A 8 3.59 -11.66 9.02
CA ALA A 8 3.13 -11.40 10.38
C ALA A 8 4.20 -10.84 11.37
N LEU A 9 5.23 -10.16 10.84
CA LEU A 9 6.19 -9.36 11.62
C LEU A 9 5.50 -8.17 12.33
N PRO A 10 6.08 -7.63 13.42
CA PRO A 10 5.45 -6.57 14.22
C PRO A 10 5.34 -5.22 13.49
N ILE A 11 4.51 -4.33 14.02
CA ILE A 11 4.17 -3.04 13.38
C ILE A 11 5.39 -2.12 13.14
N ASP A 12 6.40 -2.18 14.01
CA ASP A 12 7.67 -1.43 13.86
C ASP A 12 8.45 -1.84 12.59
N GLU A 13 8.29 -3.07 12.10
CA GLU A 13 8.91 -3.54 10.86
C GLU A 13 8.06 -3.18 9.62
N LEU A 14 6.76 -3.53 9.60
CA LEU A 14 5.92 -3.28 8.41
C LEU A 14 5.75 -1.76 8.10
N SER A 15 5.74 -0.91 9.13
CA SER A 15 5.73 0.55 8.97
C SER A 15 7.03 1.09 8.36
N ALA A 16 8.18 0.43 8.59
CA ALA A 16 9.44 0.75 7.93
C ALA A 16 9.55 0.13 6.51
N LEU A 17 8.96 -1.05 6.29
CA LEU A 17 8.98 -1.72 4.98
C LEU A 17 8.26 -0.90 3.91
N LEU A 18 7.08 -0.33 4.19
CA LEU A 18 6.37 0.50 3.21
C LEU A 18 7.16 1.75 2.82
N ARG A 19 7.87 2.38 3.78
CA ARG A 19 8.74 3.54 3.51
C ARG A 19 9.94 3.16 2.65
N GLN A 20 10.59 2.04 2.96
CA GLN A 20 11.72 1.51 2.19
C GLN A 20 11.34 1.00 0.79
N GLU A 21 10.13 0.45 0.59
CA GLU A 21 9.58 0.06 -0.73
C GLU A 21 9.30 1.28 -1.62
N MET A 22 9.00 2.44 -1.04
CA MET A 22 8.88 3.75 -1.72
C MET A 22 10.25 4.44 -1.93
N GLY A 23 11.32 3.92 -1.34
CA GLY A 23 12.68 4.47 -1.42
C GLY A 23 13.01 5.61 -0.43
N ASP A 24 12.20 5.81 0.61
CA ASP A 24 12.48 6.76 1.70
C ASP A 24 13.64 6.25 2.60
N ASP A 25 14.58 7.12 2.95
CA ASP A 25 15.66 6.85 3.91
C ASP A 25 15.16 6.73 5.36
N GLY A 26 14.03 7.37 5.69
CA GLY A 26 13.39 7.28 7.00
C GLY A 26 12.68 5.93 7.24
N GLY A 27 12.76 5.42 8.47
CA GLY A 27 12.13 4.17 8.93
C GLY A 27 11.24 4.33 10.18
N GLY A 28 10.99 5.57 10.62
CA GLY A 28 10.20 5.87 11.83
C GLY A 28 8.70 5.58 11.70
N SER A 29 8.03 5.53 12.84
CA SER A 29 6.59 5.23 12.98
C SER A 29 5.95 6.04 14.12
N GLY A 30 4.62 6.18 14.11
CA GLY A 30 3.85 6.98 15.08
C GLY A 30 3.70 6.34 16.46
N GLY A 31 3.11 7.10 17.39
CA GLY A 31 2.75 6.66 18.75
C GLY A 31 1.46 5.82 18.85
N GLY A 32 0.65 5.79 17.78
CA GLY A 32 -0.61 5.04 17.69
C GLY A 32 -1.88 5.91 17.72
N SER A 33 -1.77 7.22 17.46
CA SER A 33 -2.91 8.13 17.29
C SER A 33 -3.68 7.84 16.00
N MET A 34 -4.94 8.28 15.94
CA MET A 34 -5.77 8.20 14.73
C MET A 34 -5.19 9.01 13.56
N GLN A 35 -4.41 10.06 13.85
CA GLN A 35 -3.65 10.83 12.85
C GLN A 35 -2.46 10.05 12.27
N ASP A 36 -1.84 9.17 13.06
CA ASP A 36 -0.68 8.36 12.63
C ASP A 36 -1.11 7.26 11.63
N ILE A 37 -2.17 6.53 11.94
CA ILE A 37 -2.75 5.51 11.05
C ILE A 37 -3.26 6.13 9.75
N GLN A 38 -3.90 7.31 9.79
CA GLN A 38 -4.30 8.01 8.55
C GLN A 38 -3.09 8.30 7.65
N GLN A 39 -2.01 8.87 8.19
CA GLN A 39 -0.80 9.20 7.41
C GLN A 39 -0.12 7.96 6.82
N LEU A 40 0.14 6.92 7.62
CA LEU A 40 0.80 5.69 7.17
C LEU A 40 -0.05 4.93 6.12
N LEU A 41 -1.35 4.76 6.40
CA LEU A 41 -2.24 3.97 5.55
C LEU A 41 -2.61 4.70 4.25
N ALA A 42 -2.73 6.03 4.26
CA ALA A 42 -2.88 6.84 3.04
C ALA A 42 -1.61 6.81 2.16
N LYS A 43 -0.42 6.92 2.74
CA LYS A 43 0.87 6.89 2.03
C LYS A 43 1.11 5.52 1.37
N SER A 44 0.77 4.44 2.07
CA SER A 44 0.77 3.07 1.54
C SER A 44 -0.23 2.89 0.39
N LEU A 45 -1.48 3.37 0.55
CA LEU A 45 -2.50 3.33 -0.50
C LEU A 45 -2.11 4.16 -1.75
N THR A 46 -1.47 5.31 -1.56
CA THR A 46 -0.99 6.16 -2.68
C THR A 46 0.01 5.42 -3.58
N GLU A 47 0.95 4.65 -3.00
CA GLU A 47 1.95 3.91 -3.79
C GLU A 47 1.35 2.78 -4.62
N ILE A 48 0.27 2.12 -4.16
CA ILE A 48 -0.49 1.14 -4.95
C ILE A 48 -0.98 1.80 -6.25
N LYS A 49 -1.60 2.98 -6.14
CA LYS A 49 -2.15 3.73 -7.27
C LYS A 49 -1.07 4.24 -8.23
N ARG A 50 0.10 4.66 -7.75
CA ARG A 50 1.25 5.02 -8.61
C ARG A 50 1.75 3.84 -9.44
N LEU A 51 1.89 2.65 -8.84
CA LEU A 51 2.35 1.45 -9.54
C LEU A 51 1.30 0.94 -10.55
N LYS A 52 0.00 0.97 -10.21
CA LYS A 52 -1.08 0.59 -11.13
C LYS A 52 -1.18 1.55 -12.32
N ALA A 53 -1.01 2.85 -12.10
CA ALA A 53 -0.95 3.85 -13.16
C ALA A 53 0.24 3.61 -14.11
N ALA A 54 1.44 3.32 -13.58
CA ALA A 54 2.63 3.00 -14.38
C ALA A 54 2.49 1.69 -15.18
N ASN A 55 1.94 0.64 -14.56
CA ASN A 55 1.66 -0.65 -15.21
C ASN A 55 0.65 -0.49 -16.38
N GLN A 56 -0.43 0.26 -16.16
CA GLN A 56 -1.41 0.58 -17.20
C GLN A 56 -0.80 1.43 -18.34
N ALA A 57 -0.01 2.45 -18.01
CA ALA A 57 0.60 3.37 -18.97
C ALA A 57 1.58 2.68 -19.92
N LEU A 58 2.43 1.77 -19.44
CA LEU A 58 3.34 1.03 -20.30
C LEU A 58 2.58 -0.02 -21.17
N GLU A 59 1.57 -0.70 -20.61
CA GLU A 59 0.79 -1.71 -21.33
C GLU A 59 0.00 -1.09 -22.51
N GLN A 60 -0.66 0.04 -22.28
CA GLN A 60 -1.44 0.74 -23.31
C GLN A 60 -0.57 1.50 -24.34
N ALA A 61 0.73 1.67 -24.09
CA ALA A 61 1.69 2.28 -25.03
C ALA A 61 2.35 1.27 -25.98
N ARG A 62 2.51 0.01 -25.56
CA ARG A 62 3.23 -1.05 -26.31
C ARG A 62 2.37 -1.83 -27.32
N ARG A 63 1.05 -1.65 -27.29
CA ARG A 63 0.06 -2.40 -28.10
C ARG A 63 -0.14 -1.93 -29.56
N GLU A 64 0.75 -1.08 -30.07
CA GLU A 64 0.70 -0.54 -31.45
C GLU A 64 0.84 -1.60 -32.55
N GLY B 1 2.87 20.18 -8.62
CA GLY B 1 2.16 20.24 -9.93
C GLY B 1 0.66 20.06 -9.76
N PRO B 2 -0.04 19.60 -10.82
CA PRO B 2 -1.50 19.38 -10.80
C PRO B 2 -1.97 18.34 -9.76
N GLY B 3 -3.21 18.49 -9.29
CA GLY B 3 -3.83 17.62 -8.28
C GLY B 3 -5.17 18.15 -7.76
N SER B 4 -5.60 17.64 -6.59
CA SER B 4 -6.82 18.07 -5.89
C SER B 4 -6.69 17.93 -4.36
N TYR B 5 -7.55 18.63 -3.62
CA TYR B 5 -7.52 18.70 -2.15
C TYR B 5 -8.08 17.45 -1.44
N ASP B 6 -8.64 16.50 -2.20
CA ASP B 6 -9.29 15.28 -1.69
C ASP B 6 -8.31 14.17 -1.23
N ALA B 7 -7.02 14.46 -1.27
CA ALA B 7 -5.94 13.64 -0.72
C ALA B 7 -6.06 13.39 0.80
N ALA B 8 -6.69 14.33 1.52
CA ALA B 8 -6.92 14.28 2.98
C ALA B 8 -8.23 13.56 3.39
N LEU B 9 -8.78 12.70 2.52
CA LEU B 9 -9.99 11.90 2.80
C LEU B 9 -9.85 11.02 4.08
N PRO B 10 -10.96 10.75 4.80
CA PRO B 10 -10.93 10.17 6.15
C PRO B 10 -10.55 8.67 6.16
N ILE B 11 -10.31 8.15 7.37
CA ILE B 11 -9.89 6.76 7.63
C ILE B 11 -10.85 5.71 7.03
N ASP B 12 -12.16 5.98 7.06
CA ASP B 12 -13.20 5.08 6.52
C ASP B 12 -13.11 4.97 4.98
N GLU B 13 -12.82 6.09 4.30
CA GLU B 13 -12.66 6.14 2.84
C GLU B 13 -11.35 5.48 2.39
N LEU B 14 -10.20 5.80 2.99
CA LEU B 14 -8.92 5.18 2.59
C LEU B 14 -8.85 3.67 2.90
N SER B 15 -9.50 3.23 3.99
CA SER B 15 -9.73 1.80 4.28
C SER B 15 -10.60 1.14 3.19
N ALA B 16 -11.73 1.74 2.80
CA ALA B 16 -12.56 1.22 1.71
C ALA B 16 -11.83 1.19 0.35
N LEU B 17 -10.97 2.19 0.08
CA LEU B 17 -10.14 2.26 -1.13
C LEU B 17 -9.10 1.13 -1.18
N LEU B 18 -8.29 0.92 -0.15
CA LEU B 18 -7.29 -0.16 -0.17
C LEU B 18 -7.94 -1.56 -0.23
N ARG B 19 -9.11 -1.75 0.40
CA ARG B 19 -9.89 -2.99 0.32
C ARG B 19 -10.35 -3.29 -1.11
N GLN B 20 -11.03 -2.34 -1.75
CA GLN B 20 -11.53 -2.52 -3.13
C GLN B 20 -10.40 -2.54 -4.19
N GLU B 21 -9.26 -1.89 -3.93
CA GLU B 21 -8.04 -2.00 -4.76
C GLU B 21 -7.50 -3.45 -4.78
N MET B 22 -7.49 -4.13 -3.62
CA MET B 22 -7.14 -5.55 -3.50
C MET B 22 -8.26 -6.52 -3.96
N GLY B 23 -9.44 -6.01 -4.29
CA GLY B 23 -10.60 -6.78 -4.75
C GLY B 23 -11.48 -7.35 -3.62
N ASP B 24 -11.28 -6.93 -2.36
CA ASP B 24 -12.16 -7.27 -1.23
C ASP B 24 -13.49 -6.53 -1.33
N ASP B 25 -14.59 -7.17 -0.92
CA ASP B 25 -15.96 -6.64 -0.95
C ASP B 25 -16.25 -5.64 0.21
N GLY B 26 -15.44 -4.58 0.30
CA GLY B 26 -15.49 -3.58 1.37
C GLY B 26 -15.11 -4.14 2.74
N GLY B 27 -15.69 -3.56 3.80
CA GLY B 27 -15.48 -3.95 5.19
C GLY B 27 -16.31 -3.16 6.21
N GLY B 28 -16.25 -3.58 7.47
CA GLY B 28 -16.93 -2.92 8.60
C GLY B 28 -16.30 -1.58 8.98
N SER B 29 -17.12 -0.64 9.48
CA SER B 29 -16.70 0.70 9.95
C SER B 29 -16.10 0.70 11.37
N GLY B 30 -16.26 -0.39 12.13
CA GLY B 30 -15.71 -0.56 13.49
C GLY B 30 -14.21 -0.90 13.53
N GLY B 31 -13.76 -1.31 14.71
CA GLY B 31 -12.36 -1.66 15.00
C GLY B 31 -11.46 -0.46 15.33
N GLY B 32 -10.17 -0.73 15.52
CA GLY B 32 -9.13 0.25 15.87
C GLY B 32 -8.01 -0.29 16.79
N SER B 33 -8.02 -1.59 17.12
CA SER B 33 -6.98 -2.26 17.93
C SER B 33 -5.67 -2.46 17.14
N MET B 34 -4.56 -2.80 17.83
CA MET B 34 -3.25 -3.05 17.21
C MET B 34 -3.29 -4.12 16.11
N GLN B 35 -4.09 -5.17 16.29
CA GLN B 35 -4.31 -6.21 15.27
C GLN B 35 -5.01 -5.68 14.00
N ASP B 36 -5.82 -4.62 14.09
CA ASP B 36 -6.59 -4.07 12.96
C ASP B 36 -5.69 -3.18 12.09
N ILE B 37 -4.88 -2.30 12.72
CA ILE B 37 -3.86 -1.50 12.02
C ILE B 37 -2.76 -2.37 11.41
N GLN B 38 -2.32 -3.44 12.10
CA GLN B 38 -1.39 -4.42 11.49
C GLN B 38 -1.98 -5.06 10.23
N GLN B 39 -3.21 -5.56 10.25
CA GLN B 39 -3.86 -6.16 9.08
C GLN B 39 -4.04 -5.15 7.93
N LEU B 40 -4.56 -3.96 8.19
CA LEU B 40 -4.76 -2.91 7.18
C LEU B 40 -3.45 -2.49 6.51
N LEU B 41 -2.44 -2.14 7.32
CA LEU B 41 -1.18 -1.59 6.82
C LEU B 41 -0.29 -2.66 6.16
N ALA B 42 -0.30 -3.91 6.66
CA ALA B 42 0.43 -5.03 6.06
C ALA B 42 -0.20 -5.48 4.74
N LYS B 43 -1.54 -5.51 4.61
CA LYS B 43 -2.22 -5.81 3.35
C LYS B 43 -1.97 -4.74 2.29
N SER B 44 -2.07 -3.46 2.67
CA SER B 44 -1.72 -2.34 1.78
C SER B 44 -0.26 -2.42 1.29
N LEU B 45 0.69 -2.73 2.19
CA LEU B 45 2.09 -2.98 1.84
C LEU B 45 2.27 -4.21 0.93
N THR B 46 1.55 -5.30 1.19
CA THR B 46 1.54 -6.51 0.34
C THR B 46 1.05 -6.19 -1.08
N GLU B 47 0.04 -5.35 -1.26
CA GLU B 47 -0.45 -4.95 -2.59
C GLU B 47 0.59 -4.14 -3.39
N ILE B 48 1.44 -3.33 -2.75
CA ILE B 48 2.60 -2.69 -3.41
C ILE B 48 3.53 -3.79 -3.95
N LYS B 49 3.90 -4.77 -3.12
CA LYS B 49 4.76 -5.89 -3.49
C LYS B 49 4.17 -6.73 -4.64
N ARG B 50 2.87 -7.02 -4.62
CA ARG B 50 2.18 -7.75 -5.72
C ARG B 50 2.29 -7.01 -7.06
N LEU B 51 2.04 -5.71 -7.08
CA LEU B 51 2.06 -4.91 -8.32
C LEU B 51 3.48 -4.64 -8.82
N LYS B 52 4.46 -4.44 -7.94
CA LYS B 52 5.89 -4.37 -8.32
C LYS B 52 6.38 -5.69 -8.93
N ALA B 53 5.96 -6.84 -8.39
CA ALA B 53 6.25 -8.16 -8.96
C ALA B 53 5.54 -8.40 -10.30
N ALA B 54 4.29 -7.97 -10.46
CA ALA B 54 3.53 -8.09 -11.71
C ALA B 54 4.13 -7.23 -12.84
N ASN B 55 4.59 -6.01 -12.52
CA ASN B 55 5.29 -5.12 -13.47
C ASN B 55 6.62 -5.74 -13.95
N GLN B 56 7.38 -6.35 -13.03
CA GLN B 56 8.59 -7.12 -13.38
C GLN B 56 8.26 -8.35 -14.27
N ALA B 57 7.23 -9.12 -13.92
CA ALA B 57 6.84 -10.34 -14.63
C ALA B 57 6.41 -10.10 -16.10
N LEU B 58 5.73 -8.97 -16.38
CA LEU B 58 5.42 -8.57 -17.76
C LEU B 58 6.61 -7.92 -18.49
N GLU B 59 7.50 -7.20 -17.79
CA GLU B 59 8.66 -6.55 -18.42
C GLU B 59 9.62 -7.57 -19.05
N GLN B 60 9.85 -8.70 -18.37
CA GLN B 60 10.64 -9.83 -18.88
C GLN B 60 9.91 -10.71 -19.92
N ALA B 61 8.63 -10.43 -20.21
CA ALA B 61 7.83 -11.11 -21.24
C ALA B 61 7.63 -10.27 -22.53
N ARG B 62 7.39 -8.95 -22.41
CA ARG B 62 7.15 -8.03 -23.54
C ARG B 62 8.40 -7.76 -24.41
N ARG B 63 9.59 -8.14 -23.92
CA ARG B 63 10.90 -7.97 -24.59
C ARG B 63 11.14 -8.84 -25.83
N GLU B 64 10.29 -9.84 -26.06
CA GLU B 64 10.36 -10.79 -27.19
C GLU B 64 9.95 -10.15 -28.53
N GLY A 1 14.20 -22.34 -3.34
CA GLY A 1 12.76 -22.57 -3.53
C GLY A 1 11.91 -21.61 -2.69
N PRO A 2 10.74 -22.05 -2.18
CA PRO A 2 9.85 -21.25 -1.34
C PRO A 2 10.50 -20.78 -0.02
N GLY A 3 9.87 -19.78 0.63
CA GLY A 3 10.34 -19.19 1.89
C GLY A 3 9.21 -18.60 2.76
N SER A 4 9.59 -17.94 3.85
CA SER A 4 8.67 -17.34 4.83
C SER A 4 7.92 -16.10 4.29
N TYR A 5 6.86 -15.68 4.98
CA TYR A 5 5.95 -14.59 4.61
C TYR A 5 5.85 -13.52 5.72
N ASP A 6 5.26 -12.36 5.39
CA ASP A 6 5.10 -11.19 6.28
C ASP A 6 3.97 -11.36 7.33
N ALA A 7 3.79 -12.58 7.86
CA ALA A 7 2.74 -12.97 8.77
C ALA A 7 3.01 -12.48 10.20
N ALA A 8 2.13 -11.59 10.68
CA ALA A 8 2.01 -11.12 12.07
C ALA A 8 3.27 -10.46 12.68
N LEU A 9 4.18 -9.94 11.84
CA LEU A 9 5.34 -9.14 12.27
C LEU A 9 4.93 -7.78 12.90
N PRO A 10 5.76 -7.16 13.76
CA PRO A 10 5.39 -5.98 14.54
C PRO A 10 5.12 -4.73 13.70
N ILE A 11 4.39 -3.77 14.29
CA ILE A 11 3.94 -2.55 13.61
C ILE A 11 5.10 -1.69 13.06
N ASP A 12 6.22 -1.62 13.79
CA ASP A 12 7.41 -0.88 13.37
C ASP A 12 8.13 -1.53 12.18
N GLU A 13 8.05 -2.87 12.04
CA GLU A 13 8.65 -3.61 10.92
C GLU A 13 7.88 -3.38 9.62
N LEU A 14 6.56 -3.58 9.61
CA LEU A 14 5.75 -3.32 8.40
C LEU A 14 5.71 -1.83 8.01
N SER A 15 5.79 -0.93 8.99
CA SER A 15 5.97 0.51 8.78
C SER A 15 7.34 0.87 8.17
N ALA A 16 8.41 0.13 8.48
CA ALA A 16 9.70 0.26 7.81
C ALA A 16 9.72 -0.37 6.39
N LEU A 17 8.97 -1.45 6.17
CA LEU A 17 8.83 -2.11 4.86
C LEU A 17 8.10 -1.20 3.86
N LEU A 18 6.99 -0.56 4.22
CA LEU A 18 6.29 0.36 3.30
C LEU A 18 7.15 1.58 2.93
N ARG A 19 7.99 2.09 3.85
CA ARG A 19 8.95 3.18 3.55
C ARG A 19 10.03 2.73 2.56
N GLN A 20 10.69 1.60 2.79
CA GLN A 20 11.79 1.16 1.92
C GLN A 20 11.33 0.64 0.55
N GLU A 21 10.10 0.11 0.42
CA GLU A 21 9.47 -0.16 -0.88
C GLU A 21 9.18 1.13 -1.67
N MET A 22 8.83 2.23 -0.97
CA MET A 22 8.73 3.59 -1.52
C MET A 22 10.08 4.31 -1.64
N GLY A 23 11.20 3.65 -1.32
CA GLY A 23 12.58 4.15 -1.47
C GLY A 23 13.06 5.12 -0.38
N ASP A 24 12.30 5.32 0.70
CA ASP A 24 12.69 6.17 1.83
C ASP A 24 13.63 5.46 2.81
N ASP A 25 14.52 6.22 3.45
CA ASP A 25 15.54 5.73 4.40
C ASP A 25 15.04 5.59 5.85
N GLY A 26 13.83 6.05 6.17
CA GLY A 26 13.22 5.97 7.50
C GLY A 26 12.69 4.58 7.88
N GLY A 27 12.20 4.45 9.12
CA GLY A 27 11.56 3.24 9.65
C GLY A 27 10.92 3.45 11.02
N GLY A 28 10.11 2.47 11.47
CA GLY A 28 9.46 2.49 12.78
C GLY A 28 8.36 3.56 12.94
N SER A 29 8.10 3.96 14.18
CA SER A 29 7.05 4.93 14.56
C SER A 29 5.65 4.53 14.06
N GLY A 30 5.27 3.27 14.27
CA GLY A 30 3.94 2.72 13.97
C GLY A 30 2.80 3.52 14.62
N GLY A 31 1.61 3.48 14.01
CA GLY A 31 0.50 4.39 14.32
C GLY A 31 -0.07 4.24 15.74
N GLY A 32 0.16 5.25 16.60
CA GLY A 32 -0.31 5.31 18.00
C GLY A 32 -1.56 6.17 18.24
N SER A 33 -1.99 6.94 17.25
CA SER A 33 -3.19 7.79 17.26
C SER A 33 -3.77 7.96 15.85
N MET A 34 -5.02 8.44 15.73
CA MET A 34 -5.76 8.51 14.46
C MET A 34 -5.03 9.26 13.34
N GLN A 35 -4.35 10.35 13.65
CA GLN A 35 -3.54 11.11 12.68
C GLN A 35 -2.34 10.32 12.12
N ASP A 36 -1.79 9.36 12.88
CA ASP A 36 -0.63 8.55 12.49
C ASP A 36 -1.05 7.37 11.60
N ILE A 37 -2.12 6.66 11.97
CA ILE A 37 -2.69 5.56 11.16
C ILE A 37 -3.24 6.07 9.82
N GLN A 38 -3.91 7.23 9.80
CA GLN A 38 -4.43 7.84 8.56
C GLN A 38 -3.30 8.13 7.56
N GLN A 39 -2.22 8.80 7.97
CA GLN A 39 -1.13 9.16 7.06
C GLN A 39 -0.31 7.94 6.58
N LEU A 40 -0.04 6.96 7.45
CA LEU A 40 0.65 5.72 7.05
C LEU A 40 -0.16 4.92 6.01
N LEU A 41 -1.47 4.76 6.27
CA LEU A 41 -2.35 3.96 5.42
C LEU A 41 -2.71 4.68 4.09
N ALA A 42 -2.76 6.01 4.10
CA ALA A 42 -2.89 6.81 2.87
C ALA A 42 -1.64 6.74 1.98
N LYS A 43 -0.44 6.79 2.55
CA LYS A 43 0.83 6.73 1.81
C LYS A 43 1.02 5.39 1.08
N SER A 44 0.75 4.28 1.76
CA SER A 44 0.78 2.94 1.14
C SER A 44 -0.32 2.75 0.07
N LEU A 45 -1.54 3.26 0.30
CA LEU A 45 -2.61 3.28 -0.70
C LEU A 45 -2.24 4.11 -1.94
N THR A 46 -1.60 5.26 -1.76
CA THR A 46 -1.11 6.10 -2.86
C THR A 46 -0.10 5.36 -3.73
N GLU A 47 0.82 4.60 -3.14
CA GLU A 47 1.80 3.80 -3.90
C GLU A 47 1.16 2.69 -4.74
N ILE A 48 0.06 2.05 -4.27
CA ILE A 48 -0.72 1.10 -5.09
C ILE A 48 -1.26 1.81 -6.33
N LYS A 49 -1.91 2.97 -6.16
CA LYS A 49 -2.46 3.75 -7.27
C LYS A 49 -1.40 4.17 -8.29
N ARG A 50 -0.22 4.63 -7.84
CA ARG A 50 0.93 4.98 -8.70
C ARG A 50 1.44 3.79 -9.51
N LEU A 51 1.64 2.64 -8.87
CA LEU A 51 2.09 1.40 -9.54
C LEU A 51 1.07 0.86 -10.55
N LYS A 52 -0.22 0.81 -10.19
CA LYS A 52 -1.30 0.34 -11.08
C LYS A 52 -1.44 1.26 -12.30
N ALA A 53 -1.36 2.58 -12.12
CA ALA A 53 -1.38 3.55 -13.22
C ALA A 53 -0.17 3.38 -14.17
N ALA A 54 1.05 3.24 -13.64
CA ALA A 54 2.25 3.05 -14.44
C ALA A 54 2.24 1.73 -15.25
N ASN A 55 1.82 0.62 -14.62
CA ASN A 55 1.67 -0.69 -15.25
C ASN A 55 0.64 -0.65 -16.39
N GLN A 56 -0.52 -0.02 -16.17
CA GLN A 56 -1.54 0.18 -17.20
C GLN A 56 -1.04 1.06 -18.37
N ALA A 57 -0.36 2.16 -18.06
CA ALA A 57 0.10 3.15 -19.05
C ALA A 57 1.14 2.61 -20.04
N LEU A 58 2.08 1.77 -19.59
CA LEU A 58 3.07 1.13 -20.47
C LEU A 58 2.45 -0.03 -21.28
N GLU A 59 1.55 -0.82 -20.69
CA GLU A 59 0.94 -1.99 -21.35
C GLU A 59 0.08 -1.61 -22.55
N GLN A 60 -0.62 -0.46 -22.52
CA GLN A 60 -1.38 0.05 -23.66
C GLN A 60 -0.49 0.71 -24.73
N ALA A 61 0.67 1.26 -24.36
CA ALA A 61 1.61 1.90 -25.29
C ALA A 61 2.39 0.89 -26.13
N ARG A 62 2.82 -0.22 -25.51
CA ARG A 62 3.65 -1.29 -26.13
C ARG A 62 2.82 -2.42 -26.80
N ARG A 63 1.55 -2.16 -27.14
CA ARG A 63 0.56 -3.16 -27.55
C ARG A 63 0.44 -3.44 -29.06
N GLU A 64 1.07 -2.62 -29.89
CA GLU A 64 1.12 -2.75 -31.36
C GLU A 64 2.23 -3.71 -31.83
N GLY B 1 -0.77 20.68 -0.07
CA GLY B 1 -0.25 20.19 -1.36
C GLY B 1 0.93 19.26 -1.12
N PRO B 2 2.09 19.48 -1.78
CA PRO B 2 3.32 18.70 -1.54
C PRO B 2 3.75 18.73 -0.07
N GLY B 3 4.20 17.58 0.46
CA GLY B 3 4.60 17.41 1.86
C GLY B 3 3.44 17.32 2.87
N SER B 4 2.19 17.24 2.44
CA SER B 4 1.01 17.07 3.32
C SER B 4 -0.09 16.19 2.70
N TYR B 5 -0.42 16.43 1.42
CA TYR B 5 -1.34 15.63 0.58
C TYR B 5 -2.78 15.50 1.12
N ASP B 6 -3.63 14.75 0.40
CA ASP B 6 -5.02 14.46 0.79
C ASP B 6 -5.18 13.36 1.84
N ALA B 7 -4.07 12.93 2.46
CA ALA B 7 -3.97 11.87 3.45
C ALA B 7 -4.81 12.08 4.73
N ALA B 8 -5.23 13.32 5.01
CA ALA B 8 -6.00 13.69 6.19
C ALA B 8 -7.53 13.58 6.02
N LEU B 9 -8.02 13.03 4.90
CA LEU B 9 -9.41 12.61 4.75
C LEU B 9 -9.77 11.48 5.76
N PRO B 10 -11.04 11.30 6.14
CA PRO B 10 -11.42 10.42 7.26
C PRO B 10 -11.03 8.95 7.05
N ILE B 11 -10.74 8.25 8.16
CA ILE B 11 -10.13 6.92 8.13
C ILE B 11 -10.96 5.85 7.40
N ASP B 12 -12.28 5.91 7.51
CA ASP B 12 -13.19 4.97 6.82
C ASP B 12 -13.08 5.06 5.28
N GLU B 13 -12.81 6.25 4.73
CA GLU B 13 -12.62 6.45 3.29
C GLU B 13 -11.30 5.82 2.82
N LEU B 14 -10.15 6.20 3.39
CA LEU B 14 -8.85 5.63 2.99
C LEU B 14 -8.74 4.12 3.26
N SER B 15 -9.43 3.61 4.28
CA SER B 15 -9.49 2.18 4.60
C SER B 15 -10.37 1.38 3.62
N ALA B 16 -11.46 1.97 3.13
CA ALA B 16 -12.29 1.38 2.08
C ALA B 16 -11.64 1.50 0.69
N LEU B 17 -10.86 2.56 0.41
CA LEU B 17 -10.19 2.78 -0.88
C LEU B 17 -9.18 1.67 -1.19
N LEU B 18 -8.31 1.29 -0.24
CA LEU B 18 -7.33 0.21 -0.47
C LEU B 18 -8.01 -1.16 -0.70
N ARG B 19 -9.12 -1.44 -0.01
CA ARG B 19 -9.92 -2.66 -0.21
C ARG B 19 -10.62 -2.67 -1.58
N GLN B 20 -11.16 -1.54 -2.03
CA GLN B 20 -11.74 -1.39 -3.37
C GLN B 20 -10.68 -1.44 -4.50
N GLU B 21 -9.45 -0.96 -4.28
CA GLU B 21 -8.32 -1.13 -5.20
C GLU B 21 -7.86 -2.59 -5.33
N MET B 22 -8.08 -3.42 -4.30
CA MET B 22 -7.91 -4.88 -4.31
C MET B 22 -9.17 -5.63 -4.81
N GLY B 23 -10.25 -4.91 -5.16
CA GLY B 23 -11.50 -5.43 -5.72
C GLY B 23 -12.53 -5.94 -4.70
N ASP B 24 -12.35 -5.67 -3.40
CA ASP B 24 -13.33 -5.98 -2.35
C ASP B 24 -14.42 -4.91 -2.26
N ASP B 25 -15.61 -5.19 -2.82
CA ASP B 25 -16.79 -4.30 -2.76
C ASP B 25 -17.43 -4.22 -1.36
N GLY B 26 -17.03 -5.09 -0.42
CA GLY B 26 -17.46 -5.08 0.99
C GLY B 26 -16.72 -4.07 1.88
N GLY B 27 -15.79 -3.27 1.32
CA GLY B 27 -14.97 -2.30 2.07
C GLY B 27 -15.78 -1.20 2.79
N GLY B 28 -15.42 -0.94 4.05
CA GLY B 28 -16.07 0.02 4.95
C GLY B 28 -15.58 -0.10 6.39
N SER B 29 -15.87 0.90 7.23
CA SER B 29 -15.38 1.03 8.61
C SER B 29 -13.83 1.03 8.72
N GLY B 30 -13.27 0.91 9.93
CA GLY B 30 -11.83 0.92 10.21
C GLY B 30 -11.43 0.33 11.57
N GLY B 31 -10.12 0.13 11.78
CA GLY B 31 -9.55 -0.47 13.00
C GLY B 31 -9.54 0.44 14.23
N GLY B 32 -9.37 -0.16 15.42
CA GLY B 32 -9.37 0.53 16.71
C GLY B 32 -8.37 -0.01 17.76
N SER B 33 -7.44 -0.89 17.35
CA SER B 33 -6.40 -1.49 18.22
C SER B 33 -5.17 -1.92 17.40
N MET B 34 -4.05 -2.22 18.06
CA MET B 34 -2.75 -2.53 17.42
C MET B 34 -2.82 -3.73 16.45
N GLN B 35 -3.58 -4.78 16.80
CA GLN B 35 -3.77 -5.95 15.95
C GLN B 35 -4.60 -5.65 14.69
N ASP B 36 -5.48 -4.63 14.72
CA ASP B 36 -6.24 -4.19 13.55
C ASP B 36 -5.34 -3.44 12.56
N ILE B 37 -4.59 -2.44 13.04
CA ILE B 37 -3.65 -1.66 12.20
C ILE B 37 -2.51 -2.53 11.65
N GLN B 38 -1.97 -3.48 12.41
CA GLN B 38 -0.94 -4.41 11.89
C GLN B 38 -1.43 -5.19 10.67
N GLN B 39 -2.64 -5.74 10.70
CA GLN B 39 -3.24 -6.44 9.54
C GLN B 39 -3.56 -5.47 8.40
N LEU B 40 -4.21 -4.33 8.70
CA LEU B 40 -4.70 -3.37 7.71
C LEU B 40 -3.57 -2.65 6.96
N LEU B 41 -2.50 -2.25 7.65
CA LEU B 41 -1.33 -1.59 7.07
C LEU B 41 -0.36 -2.58 6.38
N ALA B 42 -0.39 -3.87 6.75
CA ALA B 42 0.28 -4.94 6.00
C ALA B 42 -0.45 -5.32 4.69
N LYS B 43 -1.78 -5.24 4.65
CA LYS B 43 -2.61 -5.57 3.49
C LYS B 43 -2.31 -4.68 2.28
N SER B 44 -2.15 -3.37 2.47
CA SER B 44 -1.70 -2.45 1.44
C SER B 44 -0.25 -2.73 1.00
N LEU B 45 0.67 -2.94 1.95
CA LEU B 45 2.08 -3.25 1.69
C LEU B 45 2.26 -4.55 0.86
N THR B 46 1.44 -5.57 1.12
CA THR B 46 1.41 -6.82 0.34
C THR B 46 1.05 -6.56 -1.12
N GLU B 47 0.10 -5.66 -1.39
CA GLU B 47 -0.30 -5.30 -2.76
C GLU B 47 0.75 -4.42 -3.48
N ILE B 48 1.47 -3.56 -2.76
CA ILE B 48 2.64 -2.81 -3.29
C ILE B 48 3.70 -3.78 -3.81
N LYS B 49 4.08 -4.79 -3.01
CA LYS B 49 5.07 -5.82 -3.39
C LYS B 49 4.61 -6.64 -4.61
N ARG B 50 3.33 -7.02 -4.65
CA ARG B 50 2.71 -7.74 -5.79
C ARG B 50 2.79 -6.93 -7.08
N LEU B 51 2.45 -5.65 -7.04
CA LEU B 51 2.52 -4.75 -8.20
C LEU B 51 3.95 -4.52 -8.69
N LYS B 52 4.91 -4.27 -7.79
CA LYS B 52 6.32 -4.08 -8.14
C LYS B 52 6.93 -5.32 -8.79
N ALA B 53 6.61 -6.52 -8.28
CA ALA B 53 7.01 -7.79 -8.87
C ALA B 53 6.40 -8.00 -10.28
N ALA B 54 5.11 -7.73 -10.46
CA ALA B 54 4.43 -7.86 -11.75
C ALA B 54 4.95 -6.89 -12.82
N ASN B 55 5.17 -5.62 -12.46
CA ASN B 55 5.74 -4.59 -13.34
C ASN B 55 7.18 -4.94 -13.76
N GLN B 56 8.00 -5.41 -12.83
CA GLN B 56 9.37 -5.85 -13.12
C GLN B 56 9.42 -7.11 -14.01
N ALA B 57 8.51 -8.06 -13.80
CA ALA B 57 8.44 -9.29 -14.60
C ALA B 57 8.08 -9.00 -16.07
N LEU B 58 7.08 -8.16 -16.34
CA LEU B 58 6.69 -7.82 -17.71
C LEU B 58 7.71 -6.92 -18.43
N GLU B 59 8.48 -6.10 -17.71
CA GLU B 59 9.59 -5.31 -18.28
C GLU B 59 10.70 -6.24 -18.84
N GLN B 60 10.98 -7.36 -18.16
CA GLN B 60 11.93 -8.38 -18.62
C GLN B 60 11.34 -9.26 -19.73
N ALA B 61 10.06 -9.63 -19.64
CA ALA B 61 9.38 -10.47 -20.64
C ALA B 61 9.26 -9.80 -22.03
N ARG B 62 9.10 -8.47 -22.06
CA ARG B 62 8.97 -7.65 -23.28
C ARG B 62 10.32 -7.27 -23.92
N ARG B 63 11.46 -7.57 -23.27
CA ARG B 63 12.78 -6.98 -23.56
C ARG B 63 13.56 -7.60 -24.73
N GLU B 64 13.05 -8.69 -25.33
CA GLU B 64 13.56 -9.29 -26.58
C GLU B 64 12.45 -9.47 -27.63
N GLY A 1 6.00 -20.41 -3.24
CA GLY A 1 6.42 -20.18 -1.83
C GLY A 1 5.93 -18.84 -1.29
N PRO A 2 6.36 -18.45 -0.06
CA PRO A 2 5.89 -17.24 0.62
C PRO A 2 6.26 -15.91 -0.07
N GLY A 3 7.34 -15.88 -0.86
CA GLY A 3 7.83 -14.68 -1.55
C GLY A 3 8.24 -13.54 -0.61
N SER A 4 8.04 -12.29 -1.03
CA SER A 4 8.30 -11.09 -0.23
C SER A 4 7.17 -10.76 0.79
N TYR A 5 6.07 -11.51 0.76
CA TYR A 5 4.82 -11.26 1.49
C TYR A 5 4.86 -11.66 2.97
N ASP A 6 5.93 -11.29 3.68
CA ASP A 6 6.03 -11.46 5.14
C ASP A 6 4.95 -10.63 5.88
N ALA A 7 4.38 -11.20 6.95
CA ALA A 7 3.23 -10.67 7.67
C ALA A 7 3.25 -11.12 9.15
N ALA A 8 2.49 -10.41 9.98
CA ALA A 8 2.42 -10.53 11.45
C ALA A 8 3.75 -10.27 12.21
N LEU A 9 4.77 -9.77 11.51
CA LEU A 9 5.94 -9.06 12.05
C LEU A 9 5.52 -7.73 12.73
N PRO A 10 6.33 -7.14 13.62
CA PRO A 10 5.94 -5.98 14.43
C PRO A 10 5.63 -4.73 13.60
N ILE A 11 4.83 -3.83 14.18
CA ILE A 11 4.29 -2.64 13.51
C ILE A 11 5.36 -1.66 13.01
N ASP A 12 6.46 -1.51 13.76
CA ASP A 12 7.60 -0.68 13.35
C ASP A 12 8.32 -1.25 12.11
N GLU A 13 8.35 -2.59 11.96
CA GLU A 13 8.97 -3.25 10.82
C GLU A 13 8.14 -3.10 9.53
N LEU A 14 6.83 -3.38 9.56
CA LEU A 14 5.96 -3.19 8.39
C LEU A 14 5.81 -1.71 7.98
N SER A 15 5.82 -0.78 8.96
CA SER A 15 5.91 0.67 8.72
C SER A 15 7.22 1.05 8.01
N ALA A 16 8.36 0.56 8.48
CA ALA A 16 9.64 0.83 7.82
C ALA A 16 9.72 0.19 6.42
N LEU A 17 9.13 -0.99 6.20
CA LEU A 17 9.09 -1.68 4.91
C LEU A 17 8.32 -0.86 3.87
N LEU A 18 7.09 -0.41 4.14
CA LEU A 18 6.32 0.35 3.14
C LEU A 18 6.99 1.69 2.80
N ARG A 19 7.63 2.35 3.77
CA ARG A 19 8.38 3.60 3.57
C ARG A 19 9.68 3.39 2.79
N GLN A 20 10.40 2.29 3.02
CA GLN A 20 11.57 1.89 2.22
C GLN A 20 11.20 1.41 0.81
N GLU A 21 10.01 0.85 0.58
CA GLU A 21 9.49 0.56 -0.78
C GLU A 21 9.25 1.84 -1.59
N MET A 22 8.91 2.96 -0.93
CA MET A 22 8.89 4.31 -1.51
C MET A 22 10.26 5.05 -1.49
N GLY A 23 11.31 4.42 -0.94
CA GLY A 23 12.65 5.02 -0.80
C GLY A 23 12.73 6.20 0.17
N ASP A 24 11.75 6.35 1.07
CA ASP A 24 11.57 7.52 1.94
C ASP A 24 12.09 7.26 3.37
N ASP A 25 12.99 8.11 3.86
CA ASP A 25 13.53 8.07 5.23
C ASP A 25 12.61 8.74 6.28
N GLY A 26 11.60 9.52 5.84
CA GLY A 26 10.65 10.23 6.68
C GLY A 26 9.46 9.37 7.15
N GLY A 27 8.32 10.02 7.40
CA GLY A 27 7.07 9.38 7.87
C GLY A 27 7.03 9.10 9.38
N GLY A 28 5.92 8.53 9.85
CA GLY A 28 5.71 8.14 11.25
C GLY A 28 6.52 6.91 11.69
N SER A 29 6.56 6.66 13.00
CA SER A 29 7.26 5.52 13.62
C SER A 29 6.55 5.06 14.91
N GLY A 30 6.49 3.74 15.14
CA GLY A 30 5.78 3.09 16.25
C GLY A 30 4.24 3.07 16.09
N GLY A 31 3.63 4.21 15.74
CA GLY A 31 2.19 4.35 15.49
C GLY A 31 1.31 4.18 16.74
N GLY A 32 0.03 3.85 16.51
CA GLY A 32 -0.95 3.49 17.54
C GLY A 32 -2.01 4.55 17.86
N SER A 33 -1.81 5.83 17.48
CA SER A 33 -2.89 6.83 17.47
C SER A 33 -3.72 6.75 16.20
N MET A 34 -4.99 7.20 16.25
CA MET A 34 -5.91 7.18 15.10
C MET A 34 -5.47 8.13 13.96
N GLN A 35 -4.62 9.13 14.24
CA GLN A 35 -3.98 9.96 13.21
C GLN A 35 -2.77 9.29 12.54
N ASP A 36 -2.10 8.34 13.22
CA ASP A 36 -0.93 7.64 12.68
C ASP A 36 -1.32 6.65 11.58
N ILE A 37 -2.39 5.86 11.81
CA ILE A 37 -3.03 5.02 10.78
C ILE A 37 -3.55 5.86 9.61
N GLN A 38 -4.15 7.03 9.85
CA GLN A 38 -4.65 7.90 8.77
C GLN A 38 -3.53 8.34 7.81
N GLN A 39 -2.31 8.55 8.32
CA GLN A 39 -1.14 8.94 7.53
C GLN A 39 -0.45 7.74 6.87
N LEU A 40 -0.09 6.69 7.64
CA LEU A 40 0.67 5.53 7.13
C LEU A 40 -0.14 4.70 6.14
N LEU A 41 -1.44 4.49 6.39
CA LEU A 41 -2.30 3.73 5.50
C LEU A 41 -2.62 4.51 4.20
N ALA A 42 -2.72 5.85 4.26
CA ALA A 42 -2.82 6.72 3.08
C ALA A 42 -1.54 6.69 2.22
N LYS A 43 -0.36 6.76 2.86
CA LYS A 43 0.97 6.68 2.24
C LYS A 43 1.15 5.34 1.50
N SER A 44 0.76 4.23 2.13
CA SER A 44 0.78 2.88 1.52
C SER A 44 -0.21 2.74 0.34
N LEU A 45 -1.45 3.23 0.50
CA LEU A 45 -2.48 3.23 -0.55
C LEU A 45 -2.04 4.03 -1.79
N THR A 46 -1.38 5.17 -1.60
CA THR A 46 -0.88 6.01 -2.71
C THR A 46 0.13 5.28 -3.60
N GLU A 47 1.01 4.44 -3.01
CA GLU A 47 1.98 3.66 -3.79
C GLU A 47 1.34 2.60 -4.68
N ILE A 48 0.22 1.99 -4.25
CA ILE A 48 -0.58 1.09 -5.11
C ILE A 48 -1.09 1.87 -6.33
N LYS A 49 -1.65 3.07 -6.13
CA LYS A 49 -2.16 3.92 -7.22
C LYS A 49 -1.06 4.32 -8.22
N ARG A 50 0.15 4.66 -7.76
CA ARG A 50 1.32 4.92 -8.63
C ARG A 50 1.66 3.71 -9.52
N LEU A 51 1.79 2.52 -8.92
CA LEU A 51 2.13 1.28 -9.62
C LEU A 51 1.05 0.90 -10.65
N LYS A 52 -0.23 0.93 -10.25
CA LYS A 52 -1.36 0.57 -11.12
C LYS A 52 -1.51 1.52 -12.30
N ALA A 53 -1.33 2.83 -12.10
CA ALA A 53 -1.33 3.82 -13.17
C ALA A 53 -0.19 3.59 -14.19
N ALA A 54 1.03 3.33 -13.71
CA ALA A 54 2.18 3.05 -14.56
C ALA A 54 2.01 1.75 -15.37
N ASN A 55 1.53 0.67 -14.73
CA ASN A 55 1.29 -0.63 -15.37
C ASN A 55 0.16 -0.52 -16.42
N GLN A 56 -0.93 0.17 -16.11
CA GLN A 56 -2.04 0.40 -17.04
C GLN A 56 -1.61 1.23 -18.27
N ALA A 57 -0.76 2.24 -18.08
CA ALA A 57 -0.25 3.09 -19.16
C ALA A 57 0.71 2.37 -20.11
N LEU A 58 1.72 1.66 -19.58
CA LEU A 58 2.72 0.98 -20.42
C LEU A 58 2.10 -0.15 -21.26
N GLU A 59 1.04 -0.81 -20.77
CA GLU A 59 0.32 -1.88 -21.50
C GLU A 59 -0.31 -1.40 -22.82
N GLN A 60 -0.52 -0.09 -22.98
CA GLN A 60 -0.96 0.53 -24.24
C GLN A 60 0.23 0.94 -25.12
N ALA A 61 1.33 1.39 -24.51
CA ALA A 61 2.53 1.88 -25.19
C ALA A 61 3.28 0.78 -25.98
N ARG A 62 3.28 -0.47 -25.48
CA ARG A 62 3.96 -1.61 -26.18
C ARG A 62 3.25 -2.08 -27.46
N ARG A 63 2.04 -1.58 -27.73
CA ARG A 63 1.16 -1.98 -28.85
C ARG A 63 0.64 -0.82 -29.71
N GLU A 64 1.08 0.41 -29.43
CA GLU A 64 0.69 1.64 -30.15
C GLU A 64 1.18 1.70 -31.61
N GLY B 1 3.31 15.42 -10.37
CA GLY B 1 2.47 16.48 -10.96
C GLY B 1 2.15 17.58 -9.94
N PRO B 2 0.89 18.06 -9.86
CA PRO B 2 0.51 19.23 -9.05
C PRO B 2 0.47 18.98 -7.53
N GLY B 3 0.44 17.72 -7.08
CA GLY B 3 0.38 17.35 -5.65
C GLY B 3 -0.99 17.51 -4.98
N SER B 4 -2.02 17.91 -5.73
CA SER B 4 -3.41 18.12 -5.28
C SER B 4 -4.25 16.83 -5.16
N TYR B 5 -3.61 15.67 -5.19
CA TYR B 5 -4.24 14.33 -5.19
C TYR B 5 -5.13 14.04 -3.96
N ASP B 6 -6.15 13.19 -4.15
CA ASP B 6 -7.14 12.78 -3.15
C ASP B 6 -6.63 11.71 -2.16
N ALA B 7 -5.43 11.90 -1.59
CA ALA B 7 -4.84 11.02 -0.56
C ALA B 7 -5.17 11.45 0.88
N ALA B 8 -5.50 12.73 1.09
CA ALA B 8 -5.70 13.35 2.42
C ALA B 8 -7.15 13.24 3.00
N LEU B 9 -8.03 12.51 2.31
CA LEU B 9 -9.39 12.15 2.76
C LEU B 9 -9.39 11.34 4.09
N PRO B 10 -10.51 11.33 4.85
CA PRO B 10 -10.57 10.71 6.19
C PRO B 10 -10.42 9.18 6.19
N ILE B 11 -10.19 8.64 7.40
CA ILE B 11 -9.86 7.24 7.66
C ILE B 11 -10.89 6.23 7.12
N ASP B 12 -12.19 6.55 7.20
CA ASP B 12 -13.26 5.66 6.71
C ASP B 12 -13.24 5.52 5.18
N GLU B 13 -12.78 6.55 4.46
CA GLU B 13 -12.63 6.53 3.00
C GLU B 13 -11.35 5.78 2.60
N LEU B 14 -10.17 6.15 3.11
CA LEU B 14 -8.89 5.51 2.71
C LEU B 14 -8.85 4.01 3.02
N SER B 15 -9.49 3.60 4.12
CA SER B 15 -9.61 2.21 4.56
C SER B 15 -10.50 1.36 3.62
N ALA B 16 -11.47 1.98 2.93
CA ALA B 16 -12.25 1.36 1.85
C ALA B 16 -11.57 1.48 0.46
N LEU B 17 -10.80 2.54 0.22
CA LEU B 17 -10.10 2.75 -1.06
C LEU B 17 -9.05 1.66 -1.32
N LEU B 18 -8.28 1.23 -0.30
CA LEU B 18 -7.33 0.12 -0.46
C LEU B 18 -8.03 -1.18 -0.88
N ARG B 19 -9.21 -1.46 -0.33
CA ARG B 19 -10.05 -2.61 -0.69
C ARG B 19 -10.64 -2.48 -2.09
N GLN B 20 -11.07 -1.29 -2.49
CA GLN B 20 -11.52 -1.01 -3.86
C GLN B 20 -10.39 -1.08 -4.91
N GLU B 21 -9.15 -0.74 -4.55
CA GLU B 21 -7.96 -0.99 -5.39
C GLU B 21 -7.59 -2.49 -5.50
N MET B 22 -7.87 -3.28 -4.45
CA MET B 22 -7.78 -4.74 -4.45
C MET B 22 -8.98 -5.43 -5.14
N GLY B 23 -9.99 -4.65 -5.55
CA GLY B 23 -11.17 -5.10 -6.31
C GLY B 23 -12.40 -5.50 -5.47
N ASP B 24 -12.37 -5.30 -4.16
CA ASP B 24 -13.51 -5.49 -3.25
C ASP B 24 -14.51 -4.30 -3.30
N ASP B 25 -15.70 -4.45 -2.70
CA ASP B 25 -16.77 -3.42 -2.72
C ASP B 25 -16.47 -2.17 -1.86
N GLY B 26 -15.71 -2.31 -0.76
CA GLY B 26 -15.35 -1.21 0.13
C GLY B 26 -14.99 -1.66 1.55
N GLY B 27 -16.00 -2.02 2.36
CA GLY B 27 -15.84 -2.45 3.76
C GLY B 27 -15.50 -1.31 4.72
N GLY B 28 -14.25 -0.82 4.70
CA GLY B 28 -13.79 0.34 5.47
C GLY B 28 -13.49 0.11 6.97
N SER B 29 -13.68 -1.11 7.49
CA SER B 29 -13.34 -1.48 8.88
C SER B 29 -11.85 -1.80 9.02
N GLY B 30 -11.11 -1.25 9.99
CA GLY B 30 -11.54 -0.25 10.98
C GLY B 30 -10.42 0.28 11.90
N GLY B 31 -9.34 -0.48 12.11
CA GLY B 31 -8.18 -0.07 12.90
C GLY B 31 -8.46 0.05 14.42
N GLY B 32 -7.78 0.99 15.08
CA GLY B 32 -7.93 1.27 16.51
C GLY B 32 -7.06 0.37 17.40
N SER B 33 -7.41 -0.92 17.50
CA SER B 33 -6.59 -1.93 18.20
C SER B 33 -5.28 -2.20 17.46
N MET B 34 -4.20 -2.50 18.20
CA MET B 34 -2.83 -2.64 17.64
C MET B 34 -2.74 -3.73 16.55
N GLN B 35 -3.42 -4.87 16.74
CA GLN B 35 -3.47 -5.94 15.76
C GLN B 35 -4.26 -5.56 14.48
N ASP B 36 -5.21 -4.63 14.57
CA ASP B 36 -6.02 -4.17 13.43
C ASP B 36 -5.27 -3.14 12.57
N ILE B 37 -4.58 -2.17 13.17
CA ILE B 37 -3.67 -1.26 12.43
C ILE B 37 -2.54 -2.04 11.75
N GLN B 38 -1.98 -3.09 12.41
CA GLN B 38 -1.01 -3.99 11.78
C GLN B 38 -1.60 -4.68 10.53
N GLN B 39 -2.78 -5.30 10.64
CA GLN B 39 -3.42 -6.03 9.53
C GLN B 39 -3.75 -5.11 8.34
N LEU B 40 -4.38 -3.95 8.57
CA LEU B 40 -4.74 -3.01 7.50
C LEU B 40 -3.49 -2.50 6.76
N LEU B 41 -2.44 -2.13 7.51
CA LEU B 41 -1.21 -1.58 6.93
C LEU B 41 -0.37 -2.64 6.22
N ALA B 42 -0.35 -3.89 6.71
CA ALA B 42 0.27 -5.04 6.04
C ALA B 42 -0.45 -5.45 4.74
N LYS B 43 -1.78 -5.32 4.67
CA LYS B 43 -2.62 -5.65 3.51
C LYS B 43 -2.27 -4.77 2.30
N SER B 44 -2.16 -3.46 2.49
CA SER B 44 -1.68 -2.53 1.46
C SER B 44 -0.22 -2.76 1.08
N LEU B 45 0.68 -3.01 2.04
CA LEU B 45 2.09 -3.31 1.79
C LEU B 45 2.27 -4.59 0.94
N THR B 46 1.47 -5.63 1.19
CA THR B 46 1.44 -6.85 0.36
C THR B 46 1.03 -6.55 -1.08
N GLU B 47 0.01 -5.70 -1.27
CA GLU B 47 -0.48 -5.32 -2.61
C GLU B 47 0.52 -4.45 -3.40
N ILE B 48 1.31 -3.59 -2.75
CA ILE B 48 2.45 -2.89 -3.38
C ILE B 48 3.43 -3.92 -3.98
N LYS B 49 3.86 -4.91 -3.17
CA LYS B 49 4.83 -5.93 -3.55
C LYS B 49 4.34 -6.80 -4.71
N ARG B 50 3.06 -7.17 -4.72
CA ARG B 50 2.40 -7.90 -5.82
C ARG B 50 2.46 -7.11 -7.13
N LEU B 51 2.09 -5.83 -7.11
CA LEU B 51 2.11 -4.98 -8.30
C LEU B 51 3.53 -4.69 -8.80
N LYS B 52 4.50 -4.48 -7.90
CA LYS B 52 5.93 -4.36 -8.26
C LYS B 52 6.46 -5.63 -8.92
N ALA B 53 6.15 -6.82 -8.40
CA ALA B 53 6.56 -8.08 -9.00
C ALA B 53 5.96 -8.29 -10.42
N ALA B 54 4.68 -7.95 -10.62
CA ALA B 54 4.03 -8.03 -11.92
C ALA B 54 4.64 -7.07 -12.97
N ASN B 55 4.89 -5.81 -12.57
CA ASN B 55 5.51 -4.79 -13.43
C ASN B 55 6.98 -5.16 -13.77
N GLN B 56 7.75 -5.64 -12.79
CA GLN B 56 9.13 -6.09 -12.98
C GLN B 56 9.22 -7.31 -13.92
N ALA B 57 8.30 -8.27 -13.80
CA ALA B 57 8.26 -9.47 -14.63
C ALA B 57 8.01 -9.15 -16.12
N LEU B 58 7.03 -8.28 -16.43
CA LEU B 58 6.75 -7.87 -17.81
C LEU B 58 7.87 -6.97 -18.38
N GLU B 59 8.55 -6.17 -17.56
CA GLU B 59 9.64 -5.30 -18.02
C GLU B 59 10.85 -6.09 -18.54
N GLN B 60 11.24 -7.18 -17.86
CA GLN B 60 12.35 -8.04 -18.32
C GLN B 60 11.94 -8.93 -19.53
N ALA B 61 10.66 -9.32 -19.64
CA ALA B 61 10.15 -10.12 -20.75
C ALA B 61 10.04 -9.33 -22.08
N ARG B 62 9.78 -8.02 -22.00
CA ARG B 62 9.52 -7.11 -23.14
C ARG B 62 10.71 -6.20 -23.50
N ARG B 63 11.92 -6.55 -23.03
CA ARG B 63 13.18 -5.79 -23.09
C ARG B 63 13.81 -5.73 -24.50
N GLU B 64 13.09 -5.16 -25.47
CA GLU B 64 13.56 -4.84 -26.83
C GLU B 64 14.59 -3.69 -26.85
N GLY A 1 11.20 -14.01 3.82
CA GLY A 1 10.73 -12.91 4.68
C GLY A 1 11.84 -12.41 5.60
N PRO A 2 12.05 -11.08 5.70
CA PRO A 2 13.08 -10.48 6.55
C PRO A 2 12.81 -10.64 8.06
N GLY A 3 13.84 -10.43 8.89
CA GLY A 3 13.74 -10.49 10.36
C GLY A 3 13.31 -11.85 10.90
N SER A 4 12.43 -11.86 11.90
CA SER A 4 11.83 -13.05 12.54
C SER A 4 10.72 -13.70 11.68
N TYR A 5 10.98 -13.86 10.38
CA TYR A 5 10.07 -14.33 9.32
C TYR A 5 8.84 -13.42 9.08
N ASP A 6 8.09 -13.74 8.02
CA ASP A 6 6.73 -13.20 7.78
C ASP A 6 5.71 -13.73 8.81
N ALA A 7 4.50 -13.15 8.79
CA ALA A 7 3.36 -13.39 9.69
C ALA A 7 3.57 -12.94 11.16
N ALA A 8 2.57 -12.21 11.70
CA ALA A 8 2.50 -11.67 13.08
C ALA A 8 3.72 -10.80 13.51
N LEU A 9 4.47 -10.24 12.55
CA LEU A 9 5.58 -9.31 12.81
C LEU A 9 5.06 -7.96 13.38
N PRO A 10 5.85 -7.27 14.24
CA PRO A 10 5.40 -6.05 14.92
C PRO A 10 5.26 -4.86 13.95
N ILE A 11 4.52 -3.83 14.39
CA ILE A 11 4.20 -2.65 13.58
C ILE A 11 5.45 -1.86 13.12
N ASP A 12 6.53 -1.89 13.90
CA ASP A 12 7.79 -1.24 13.55
C ASP A 12 8.42 -1.86 12.28
N GLU A 13 8.29 -3.18 12.08
CA GLU A 13 8.80 -3.88 10.89
C GLU A 13 7.96 -3.59 9.65
N LEU A 14 6.62 -3.71 9.72
CA LEU A 14 5.77 -3.45 8.54
C LEU A 14 5.76 -1.96 8.14
N SER A 15 5.90 -1.04 9.10
CA SER A 15 6.18 0.39 8.84
C SER A 15 7.53 0.59 8.14
N ALA A 16 8.61 -0.07 8.59
CA ALA A 16 9.89 -0.02 7.89
C ALA A 16 9.83 -0.61 6.47
N LEU A 17 9.04 -1.66 6.25
CA LEU A 17 8.87 -2.29 4.93
C LEU A 17 8.17 -1.35 3.93
N LEU A 18 7.07 -0.68 4.30
CA LEU A 18 6.39 0.23 3.37
C LEU A 18 7.26 1.43 2.98
N ARG A 19 8.08 1.95 3.91
CA ARG A 19 9.06 3.02 3.66
C ARG A 19 10.17 2.56 2.71
N GLN A 20 10.73 1.37 2.93
CA GLN A 20 11.78 0.78 2.10
C GLN A 20 11.29 0.37 0.69
N GLU A 21 10.06 -0.10 0.55
CA GLU A 21 9.44 -0.37 -0.77
C GLU A 21 9.21 0.91 -1.60
N MET A 22 9.01 2.07 -0.94
CA MET A 22 8.96 3.40 -1.58
C MET A 22 10.35 4.06 -1.77
N GLY A 23 11.41 3.44 -1.25
CA GLY A 23 12.79 3.95 -1.34
C GLY A 23 13.12 5.10 -0.38
N ASP A 24 12.32 5.32 0.67
CA ASP A 24 12.55 6.36 1.68
C ASP A 24 13.75 6.07 2.61
N ASP A 25 14.33 7.11 3.21
CA ASP A 25 15.58 7.06 3.96
C ASP A 25 15.52 6.25 5.27
N GLY A 26 14.35 6.20 5.92
CA GLY A 26 14.16 5.44 7.17
C GLY A 26 12.85 5.73 7.91
N GLY A 27 12.76 5.26 9.15
CA GLY A 27 11.62 5.45 10.06
C GLY A 27 11.48 6.87 10.63
N GLY A 28 10.51 7.05 11.52
CA GLY A 28 10.22 8.33 12.20
C GLY A 28 9.27 8.21 13.39
N SER A 29 9.16 9.29 14.17
CA SER A 29 8.36 9.34 15.41
C SER A 29 6.84 9.26 15.17
N GLY A 30 6.10 8.80 16.19
CA GLY A 30 4.63 8.72 16.23
C GLY A 30 4.10 8.53 17.66
N GLY A 31 2.82 8.85 17.88
CA GLY A 31 2.14 8.77 19.18
C GLY A 31 1.03 7.70 19.26
N GLY A 32 0.78 6.96 18.17
CA GLY A 32 -0.37 6.07 18.05
C GLY A 32 -1.70 6.82 17.83
N SER A 33 -1.65 8.06 17.35
CA SER A 33 -2.81 8.92 17.11
C SER A 33 -3.69 8.41 15.96
N MET A 34 -4.95 8.84 15.94
CA MET A 34 -5.87 8.63 14.82
C MET A 34 -5.40 9.35 13.52
N GLN A 35 -4.55 10.37 13.65
CA GLN A 35 -3.86 10.99 12.52
C GLN A 35 -2.72 10.13 11.98
N ASP A 36 -1.95 9.46 12.86
CA ASP A 36 -0.78 8.65 12.47
C ASP A 36 -1.19 7.45 11.61
N ILE A 37 -2.30 6.77 11.99
CA ILE A 37 -2.85 5.65 11.22
C ILE A 37 -3.36 6.09 9.84
N GLN A 38 -4.06 7.23 9.73
CA GLN A 38 -4.49 7.77 8.43
C GLN A 38 -3.29 8.11 7.52
N GLN A 39 -2.25 8.73 8.07
CA GLN A 39 -1.03 9.07 7.33
C GLN A 39 -0.31 7.82 6.78
N LEU A 40 -0.04 6.82 7.64
CA LEU A 40 0.63 5.57 7.22
C LEU A 40 -0.19 4.77 6.20
N LEU A 41 -1.51 4.69 6.39
CA LEU A 41 -2.38 3.87 5.56
C LEU A 41 -2.69 4.53 4.19
N ALA A 42 -2.79 5.87 4.14
CA ALA A 42 -2.87 6.64 2.89
C ALA A 42 -1.55 6.63 2.09
N LYS A 43 -0.40 6.72 2.78
CA LYS A 43 0.95 6.60 2.22
C LYS A 43 1.14 5.26 1.49
N SER A 44 0.70 4.16 2.09
CA SER A 44 0.68 2.83 1.45
C SER A 44 -0.28 2.74 0.25
N LEU A 45 -1.51 3.24 0.39
CA LEU A 45 -2.53 3.22 -0.68
C LEU A 45 -2.10 4.03 -1.91
N THR A 46 -1.48 5.19 -1.73
CA THR A 46 -1.02 6.06 -2.84
C THR A 46 0.01 5.36 -3.72
N GLU A 47 0.92 4.57 -3.14
CA GLU A 47 1.95 3.84 -3.90
C GLU A 47 1.37 2.72 -4.80
N ILE A 48 0.27 2.07 -4.38
CA ILE A 48 -0.47 1.12 -5.22
C ILE A 48 -0.97 1.81 -6.50
N LYS A 49 -1.60 2.98 -6.35
CA LYS A 49 -2.15 3.78 -7.46
C LYS A 49 -1.08 4.29 -8.42
N ARG A 50 0.09 4.71 -7.92
CA ARG A 50 1.27 5.07 -8.75
C ARG A 50 1.73 3.90 -9.62
N LEU A 51 1.86 2.70 -9.04
CA LEU A 51 2.27 1.49 -9.76
C LEU A 51 1.24 1.09 -10.83
N LYS A 52 -0.05 1.08 -10.48
CA LYS A 52 -1.13 0.72 -11.42
C LYS A 52 -1.23 1.69 -12.60
N ALA A 53 -1.07 3.00 -12.38
CA ALA A 53 -1.06 4.01 -13.44
C ALA A 53 0.08 3.77 -14.44
N ALA A 54 1.31 3.52 -13.97
CA ALA A 54 2.47 3.23 -14.81
C ALA A 54 2.32 1.89 -15.55
N ASN A 55 1.92 0.83 -14.85
CA ASN A 55 1.69 -0.51 -15.40
C ASN A 55 0.64 -0.50 -16.53
N GLN A 56 -0.51 0.15 -16.30
CA GLN A 56 -1.57 0.28 -17.30
C GLN A 56 -1.13 1.08 -18.53
N ALA A 57 -0.41 2.19 -18.34
CA ALA A 57 -0.03 3.09 -19.43
C ALA A 57 1.09 2.53 -20.32
N LEU A 58 2.12 1.90 -19.73
CA LEU A 58 3.28 1.39 -20.48
C LEU A 58 2.91 0.23 -21.42
N GLU A 59 1.88 -0.54 -21.08
CA GLU A 59 1.30 -1.57 -21.95
C GLU A 59 0.66 -1.00 -23.23
N GLN A 60 0.20 0.26 -23.23
CA GLN A 60 -0.41 0.93 -24.39
C GLN A 60 0.63 1.64 -25.28
N ALA A 61 1.62 2.28 -24.65
CA ALA A 61 2.62 3.12 -25.32
C ALA A 61 3.48 2.37 -26.37
N ARG A 62 3.60 1.04 -26.25
CA ARG A 62 4.45 0.17 -27.09
C ARG A 62 3.69 -0.52 -28.24
N ARG A 63 2.39 -0.26 -28.41
CA ARG A 63 1.48 -0.90 -29.40
C ARG A 63 0.60 0.07 -30.22
N GLU A 64 0.77 1.38 -30.04
CA GLU A 64 -0.14 2.44 -30.52
C GLU A 64 0.59 3.60 -31.23
N GLY B 1 -18.03 23.76 6.09
CA GLY B 1 -17.82 23.24 7.45
C GLY B 1 -16.75 22.14 7.49
N PRO B 2 -16.69 21.34 8.58
CA PRO B 2 -15.71 20.26 8.76
C PRO B 2 -15.73 19.18 7.66
N GLY B 3 -14.60 18.48 7.50
CA GLY B 3 -14.43 17.40 6.50
C GLY B 3 -14.29 17.87 5.04
N SER B 4 -14.03 19.17 4.83
CA SER B 4 -13.85 19.81 3.52
C SER B 4 -12.55 19.39 2.81
N TYR B 5 -12.55 19.52 1.48
CA TYR B 5 -11.44 19.22 0.55
C TYR B 5 -10.96 17.76 0.51
N ASP B 6 -10.07 17.46 -0.45
CA ASP B 6 -9.23 16.26 -0.47
C ASP B 6 -8.08 16.36 0.57
N ALA B 7 -7.24 15.32 0.65
CA ALA B 7 -6.10 15.17 1.57
C ALA B 7 -6.42 15.14 3.08
N ALA B 8 -7.71 15.17 3.46
CA ALA B 8 -8.19 15.02 4.83
C ALA B 8 -9.50 14.18 4.94
N LEU B 9 -9.73 13.30 3.95
CA LEU B 9 -10.79 12.29 3.99
C LEU B 9 -10.62 11.34 5.20
N PRO B 10 -11.71 10.82 5.79
CA PRO B 10 -11.65 9.99 6.99
C PRO B 10 -11.13 8.57 6.69
N ILE B 11 -10.75 7.85 7.75
CA ILE B 11 -10.15 6.51 7.67
C ILE B 11 -11.05 5.47 6.96
N ASP B 12 -12.37 5.63 7.04
CA ASP B 12 -13.33 4.75 6.37
C ASP B 12 -13.21 4.80 4.84
N GLU B 13 -12.92 5.98 4.28
CA GLU B 13 -12.77 6.17 2.83
C GLU B 13 -11.46 5.56 2.31
N LEU B 14 -10.31 5.86 2.94
CA LEU B 14 -9.02 5.29 2.51
C LEU B 14 -8.95 3.75 2.75
N SER B 15 -9.62 3.24 3.80
CA SER B 15 -9.85 1.81 4.01
C SER B 15 -10.67 1.17 2.87
N ALA B 16 -11.78 1.79 2.46
CA ALA B 16 -12.58 1.28 1.35
C ALA B 16 -11.83 1.34 0.01
N LEU B 17 -10.98 2.35 -0.19
CA LEU B 17 -10.10 2.46 -1.37
C LEU B 17 -9.06 1.34 -1.41
N LEU B 18 -8.27 1.10 -0.37
CA LEU B 18 -7.27 0.01 -0.39
C LEU B 18 -7.91 -1.38 -0.50
N ARG B 19 -9.09 -1.60 0.09
CA ARG B 19 -9.83 -2.88 -0.04
C ARG B 19 -10.38 -3.12 -1.45
N GLN B 20 -10.95 -2.11 -2.11
CA GLN B 20 -11.43 -2.27 -3.49
C GLN B 20 -10.28 -2.29 -4.52
N GLU B 21 -9.14 -1.67 -4.23
CA GLU B 21 -7.89 -1.81 -5.02
C GLU B 21 -7.30 -3.22 -4.94
N MET B 22 -7.35 -3.87 -3.77
CA MET B 22 -7.02 -5.30 -3.59
C MET B 22 -8.11 -6.26 -4.13
N GLY B 23 -9.32 -5.77 -4.37
CA GLY B 23 -10.47 -6.58 -4.79
C GLY B 23 -11.05 -7.48 -3.69
N ASP B 24 -10.96 -7.03 -2.42
CA ASP B 24 -11.44 -7.78 -1.24
C ASP B 24 -12.96 -7.97 -1.21
N ASP B 25 -13.41 -9.04 -0.53
CA ASP B 25 -14.81 -9.49 -0.53
C ASP B 25 -15.77 -8.62 0.33
N GLY B 26 -15.26 -7.69 1.15
CA GLY B 26 -16.09 -6.88 2.06
C GLY B 26 -15.30 -5.99 3.03
N GLY B 27 -15.78 -5.89 4.27
CA GLY B 27 -15.18 -5.10 5.35
C GLY B 27 -13.81 -5.63 5.82
N GLY B 28 -12.93 -4.71 6.24
CA GLY B 28 -11.60 -5.02 6.78
C GLY B 28 -11.57 -5.33 8.27
N SER B 29 -10.40 -5.70 8.78
CA SER B 29 -10.11 -5.93 10.21
C SER B 29 -9.84 -4.63 11.00
N GLY B 30 -10.40 -3.50 10.56
CA GLY B 30 -10.14 -2.15 11.11
C GLY B 30 -10.75 -1.89 12.49
N GLY B 31 -10.21 -0.90 13.19
CA GLY B 31 -10.59 -0.51 14.56
C GLY B 31 -9.46 0.23 15.31
N GLY B 32 -9.65 0.45 16.60
CA GLY B 32 -8.77 1.24 17.47
C GLY B 32 -7.57 0.50 18.09
N SER B 33 -7.52 -0.84 18.01
CA SER B 33 -6.45 -1.66 18.62
C SER B 33 -5.22 -1.80 17.72
N MET B 34 -4.04 -2.06 18.31
CA MET B 34 -2.76 -2.25 17.61
C MET B 34 -2.81 -3.40 16.58
N GLN B 35 -3.54 -4.49 16.90
CA GLN B 35 -3.75 -5.60 15.98
C GLN B 35 -4.55 -5.21 14.72
N ASP B 36 -5.43 -4.21 14.82
CA ASP B 36 -6.29 -3.77 13.71
C ASP B 36 -5.50 -2.96 12.67
N ILE B 37 -4.64 -2.04 13.13
CA ILE B 37 -3.70 -1.28 12.29
C ILE B 37 -2.63 -2.17 11.67
N GLN B 38 -2.10 -3.17 12.40
CA GLN B 38 -1.16 -4.16 11.84
C GLN B 38 -1.77 -4.88 10.63
N GLN B 39 -3.05 -5.29 10.70
CA GLN B 39 -3.75 -5.97 9.60
C GLN B 39 -3.90 -5.06 8.36
N LEU B 40 -4.51 -3.88 8.50
CA LEU B 40 -4.76 -2.97 7.37
C LEU B 40 -3.47 -2.49 6.70
N LEU B 41 -2.47 -2.10 7.49
CA LEU B 41 -1.21 -1.55 6.98
C LEU B 41 -0.33 -2.62 6.31
N ALA B 42 -0.31 -3.86 6.83
CA ALA B 42 0.35 -4.99 6.19
C ALA B 42 -0.32 -5.41 4.86
N LYS B 43 -1.65 -5.40 4.79
CA LYS B 43 -2.40 -5.67 3.55
C LYS B 43 -2.07 -4.67 2.44
N SER B 44 -2.15 -3.37 2.75
CA SER B 44 -1.83 -2.31 1.79
C SER B 44 -0.36 -2.39 1.30
N LEU B 45 0.59 -2.69 2.21
CA LEU B 45 2.00 -2.95 1.87
C LEU B 45 2.17 -4.18 0.95
N THR B 46 1.45 -5.28 1.22
CA THR B 46 1.51 -6.51 0.39
C THR B 46 1.08 -6.26 -1.05
N GLU B 47 0.08 -5.38 -1.27
CA GLU B 47 -0.38 -5.03 -2.62
C GLU B 47 0.66 -4.22 -3.42
N ILE B 48 1.48 -3.37 -2.77
CA ILE B 48 2.63 -2.71 -3.41
C ILE B 48 3.60 -3.76 -3.95
N LYS B 49 4.01 -4.72 -3.12
CA LYS B 49 4.95 -5.80 -3.49
C LYS B 49 4.44 -6.61 -4.69
N ARG B 50 3.12 -6.93 -4.70
CA ARG B 50 2.45 -7.64 -5.80
C ARG B 50 2.47 -6.85 -7.11
N LEU B 51 2.11 -5.56 -7.08
CA LEU B 51 2.10 -4.71 -8.28
C LEU B 51 3.49 -4.37 -8.82
N LYS B 52 4.49 -4.18 -7.94
CA LYS B 52 5.91 -4.02 -8.36
C LYS B 52 6.42 -5.28 -9.06
N ALA B 53 6.11 -6.47 -8.54
CA ALA B 53 6.45 -7.75 -9.20
C ALA B 53 5.73 -7.91 -10.56
N ALA B 54 4.46 -7.54 -10.66
CA ALA B 54 3.70 -7.60 -11.92
C ALA B 54 4.25 -6.66 -13.00
N ASN B 55 4.64 -5.43 -12.63
CA ASN B 55 5.28 -4.45 -13.52
C ASN B 55 6.65 -4.98 -14.03
N GLN B 56 7.45 -5.57 -13.14
CA GLN B 56 8.73 -6.20 -13.48
C GLN B 56 8.58 -7.43 -14.40
N ALA B 57 7.53 -8.24 -14.20
CA ALA B 57 7.27 -9.44 -15.00
C ALA B 57 6.75 -9.13 -16.42
N LEU B 58 5.81 -8.18 -16.58
CA LEU B 58 5.28 -7.81 -17.90
C LEU B 58 6.35 -7.15 -18.79
N GLU B 59 7.33 -6.48 -18.19
CA GLU B 59 8.51 -5.93 -18.88
C GLU B 59 9.38 -7.01 -19.54
N GLN B 60 9.25 -8.28 -19.14
CA GLN B 60 9.86 -9.45 -19.81
C GLN B 60 8.90 -10.07 -20.82
N ALA B 61 7.61 -10.24 -20.43
CA ALA B 61 6.61 -10.95 -21.23
C ALA B 61 6.21 -10.25 -22.55
N ARG B 62 6.19 -8.91 -22.59
CA ARG B 62 5.82 -8.12 -23.79
C ARG B 62 6.97 -7.96 -24.80
N ARG B 63 8.19 -8.42 -24.46
CA ARG B 63 9.44 -8.21 -25.20
C ARG B 63 9.62 -9.08 -26.46
N GLU B 64 8.71 -10.02 -26.69
CA GLU B 64 8.67 -10.93 -27.87
C GLU B 64 7.22 -11.25 -28.31
N GLY A 1 5.21 -23.70 4.94
CA GLY A 1 5.77 -22.50 4.30
C GLY A 1 7.29 -22.53 4.28
N PRO A 2 7.94 -21.77 3.38
CA PRO A 2 9.41 -21.76 3.22
C PRO A 2 10.17 -21.10 4.38
N GLY A 3 9.53 -20.18 5.12
CA GLY A 3 10.11 -19.47 6.27
C GLY A 3 9.53 -18.07 6.45
N SER A 4 10.26 -17.22 7.15
CA SER A 4 9.99 -15.78 7.37
C SER A 4 11.31 -15.00 7.39
N TYR A 5 11.60 -14.10 6.43
CA TYR A 5 10.82 -13.60 5.29
C TYR A 5 9.54 -12.82 5.68
N ASP A 6 8.90 -12.19 4.69
CA ASP A 6 7.78 -11.25 4.86
C ASP A 6 6.44 -11.94 5.21
N ALA A 7 6.34 -12.48 6.43
CA ALA A 7 5.15 -13.17 6.94
C ALA A 7 4.93 -12.87 8.44
N ALA A 8 3.84 -12.16 8.76
CA ALA A 8 3.40 -11.75 10.10
C ALA A 8 4.47 -11.04 10.98
N LEU A 9 5.41 -10.34 10.35
CA LEU A 9 6.40 -9.49 11.03
C LEU A 9 5.74 -8.31 11.79
N PRO A 10 6.35 -7.79 12.87
CA PRO A 10 5.73 -6.82 13.77
C PRO A 10 5.50 -5.42 13.14
N ILE A 11 4.70 -4.59 13.82
CA ILE A 11 4.29 -3.27 13.33
C ILE A 11 5.46 -2.32 13.05
N ASP A 12 6.52 -2.37 13.85
CA ASP A 12 7.74 -1.59 13.65
C ASP A 12 8.52 -1.98 12.37
N GLU A 13 8.38 -3.24 11.93
CA GLU A 13 8.97 -3.71 10.67
C GLU A 13 8.10 -3.35 9.45
N LEU A 14 6.79 -3.67 9.43
CA LEU A 14 5.93 -3.36 8.27
C LEU A 14 5.79 -1.84 8.01
N SER A 15 5.79 -1.02 9.06
CA SER A 15 5.77 0.46 8.97
C SER A 15 7.07 1.06 8.40
N ALA A 16 8.20 0.38 8.56
CA ALA A 16 9.46 0.72 7.91
C ALA A 16 9.56 0.13 6.49
N LEU A 17 9.04 -1.08 6.26
CA LEU A 17 9.05 -1.76 4.96
C LEU A 17 8.25 -1.00 3.89
N LEU A 18 7.08 -0.44 4.21
CA LEU A 18 6.32 0.36 3.24
C LEU A 18 7.06 1.63 2.80
N ARG A 19 7.83 2.25 3.71
CA ARG A 19 8.72 3.38 3.41
C ARG A 19 9.93 2.94 2.58
N GLN A 20 10.53 1.79 2.88
CA GLN A 20 11.61 1.18 2.12
C GLN A 20 11.17 0.76 0.69
N GLU A 21 9.92 0.32 0.49
CA GLU A 21 9.36 0.08 -0.84
C GLU A 21 9.13 1.37 -1.65
N MET A 22 8.91 2.52 -0.99
CA MET A 22 8.92 3.87 -1.60
C MET A 22 10.34 4.44 -1.81
N GLY A 23 11.38 3.75 -1.31
CA GLY A 23 12.79 4.15 -1.40
C GLY A 23 13.35 4.93 -0.19
N ASP A 24 12.55 5.17 0.85
CA ASP A 24 12.98 5.69 2.14
C ASP A 24 13.44 4.53 3.05
N ASP A 25 14.63 3.98 2.77
CA ASP A 25 15.11 2.70 3.32
C ASP A 25 15.23 2.65 4.85
N GLY A 26 15.43 3.80 5.50
CA GLY A 26 15.60 3.91 6.96
C GLY A 26 14.30 3.79 7.79
N GLY A 27 13.13 3.89 7.16
CA GLY A 27 11.83 3.82 7.85
C GLY A 27 11.63 4.97 8.88
N GLY A 28 11.03 4.64 10.03
CA GLY A 28 10.85 5.56 11.16
C GLY A 28 9.70 5.17 12.10
N SER A 29 9.34 6.09 13.00
CA SER A 29 8.15 5.97 13.87
C SER A 29 6.84 6.11 13.07
N GLY A 30 5.72 5.66 13.62
CA GLY A 30 4.38 5.77 13.01
C GLY A 30 3.27 5.03 13.77
N GLY A 31 2.02 5.30 13.41
CA GLY A 31 0.82 4.62 13.93
C GLY A 31 0.45 4.90 15.40
N GLY A 32 1.09 5.87 16.05
CA GLY A 32 0.92 6.17 17.49
C GLY A 32 -0.31 7.03 17.84
N SER A 33 -1.10 7.43 16.85
CA SER A 33 -2.31 8.27 16.97
C SER A 33 -3.25 8.03 15.79
N MET A 34 -4.55 8.36 15.94
CA MET A 34 -5.51 8.40 14.83
C MET A 34 -5.08 9.35 13.69
N GLN A 35 -4.36 10.42 14.02
CA GLN A 35 -3.77 11.33 13.01
C GLN A 35 -2.57 10.71 12.28
N ASP A 36 -1.85 9.78 12.91
CA ASP A 36 -0.69 9.10 12.31
C ASP A 36 -1.13 7.98 11.35
N ILE A 37 -2.04 7.10 11.79
CA ILE A 37 -2.55 5.98 10.98
C ILE A 37 -3.26 6.45 9.71
N GLN A 38 -4.03 7.56 9.75
CA GLN A 38 -4.69 8.13 8.57
C GLN A 38 -3.67 8.52 7.47
N GLN A 39 -2.56 9.15 7.85
CA GLN A 39 -1.49 9.50 6.91
C GLN A 39 -0.70 8.27 6.45
N LEU A 40 -0.33 7.37 7.37
CA LEU A 40 0.51 6.20 7.11
C LEU A 40 -0.17 5.15 6.22
N LEU A 41 -1.45 4.86 6.47
CA LEU A 41 -2.25 3.93 5.68
C LEU A 41 -2.60 4.52 4.29
N ALA A 42 -2.87 5.84 4.21
CA ALA A 42 -3.06 6.54 2.94
C ALA A 42 -1.78 6.59 2.08
N LYS A 43 -0.60 6.75 2.68
CA LYS A 43 0.71 6.65 2.00
C LYS A 43 0.90 5.27 1.37
N SER A 44 0.64 4.20 2.12
CA SER A 44 0.71 2.82 1.62
C SER A 44 -0.27 2.58 0.45
N LEU A 45 -1.51 3.09 0.55
CA LEU A 45 -2.52 3.06 -0.52
C LEU A 45 -2.08 3.83 -1.77
N THR A 46 -1.48 5.02 -1.61
CA THR A 46 -1.06 5.88 -2.73
C THR A 46 0.01 5.20 -3.62
N GLU A 47 0.95 4.47 -3.03
CA GLU A 47 2.02 3.79 -3.79
C GLU A 47 1.49 2.68 -4.72
N ILE A 48 0.38 2.02 -4.34
CA ILE A 48 -0.33 1.06 -5.20
C ILE A 48 -0.82 1.75 -6.48
N LYS A 49 -1.48 2.91 -6.34
CA LYS A 49 -2.04 3.70 -7.45
C LYS A 49 -0.96 4.23 -8.39
N ARG A 50 0.21 4.63 -7.86
CA ARG A 50 1.38 5.04 -8.66
C ARG A 50 1.91 3.92 -9.55
N LEU A 51 2.00 2.68 -9.04
CA LEU A 51 2.39 1.51 -9.83
C LEU A 51 1.34 1.17 -10.89
N LYS A 52 0.05 1.15 -10.53
CA LYS A 52 -1.05 0.84 -11.46
C LYS A 52 -1.18 1.85 -12.60
N ALA A 53 -0.93 3.14 -12.36
CA ALA A 53 -0.90 4.16 -13.40
C ALA A 53 0.19 3.88 -14.46
N ALA A 54 1.41 3.54 -14.04
CA ALA A 54 2.52 3.19 -14.94
C ALA A 54 2.28 1.87 -15.71
N ASN A 55 1.74 0.85 -15.03
CA ASN A 55 1.40 -0.44 -15.62
C ASN A 55 0.28 -0.30 -16.67
N GLN A 56 -0.77 0.48 -16.39
CA GLN A 56 -1.85 0.79 -17.34
C GLN A 56 -1.36 1.61 -18.56
N ALA A 57 -0.41 2.54 -18.36
CA ALA A 57 0.16 3.37 -19.41
C ALA A 57 1.00 2.56 -20.43
N LEU A 58 1.79 1.58 -19.99
CA LEU A 58 2.56 0.71 -20.89
C LEU A 58 1.67 -0.36 -21.55
N GLU A 59 0.68 -0.93 -20.85
CA GLU A 59 -0.15 -2.05 -21.37
C GLU A 59 -0.93 -1.68 -22.65
N GLN A 60 -1.52 -0.48 -22.70
CA GLN A 60 -2.28 0.01 -23.86
C GLN A 60 -1.40 0.38 -25.07
N ALA A 61 -0.12 0.67 -24.84
CA ALA A 61 0.85 1.07 -25.87
C ALA A 61 1.63 -0.12 -26.47
N ARG A 62 2.08 -1.04 -25.61
CA ARG A 62 3.03 -2.14 -25.92
C ARG A 62 2.38 -3.40 -26.53
N ARG A 63 1.05 -3.38 -26.72
CA ARG A 63 0.22 -4.47 -27.27
C ARG A 63 0.38 -4.75 -28.77
N GLU A 64 1.17 -3.94 -29.47
CA GLU A 64 1.54 -4.06 -30.91
C GLU A 64 3.03 -3.83 -31.15
N GLY B 1 -19.91 16.78 -4.61
CA GLY B 1 -20.02 16.87 -3.13
C GLY B 1 -18.99 17.84 -2.54
N PRO B 2 -18.50 17.60 -1.32
CA PRO B 2 -17.51 18.44 -0.64
C PRO B 2 -16.17 18.58 -1.38
N GLY B 3 -15.44 19.66 -1.11
CA GLY B 3 -14.15 19.99 -1.72
C GLY B 3 -12.94 19.21 -1.16
N SER B 4 -13.16 18.14 -0.39
CA SER B 4 -12.12 17.36 0.31
C SER B 4 -11.06 16.77 -0.63
N TYR B 5 -9.78 16.93 -0.26
CA TYR B 5 -8.62 16.38 -0.98
C TYR B 5 -8.45 14.86 -0.78
N ASP B 6 -7.55 14.24 -1.55
CA ASP B 6 -7.16 12.82 -1.44
C ASP B 6 -6.32 12.47 -0.20
N ALA B 7 -6.11 13.44 0.67
CA ALA B 7 -5.11 13.45 1.73
C ALA B 7 -5.72 13.94 3.05
N ALA B 8 -5.50 13.14 4.09
CA ALA B 8 -6.09 13.31 5.43
C ALA B 8 -7.64 13.27 5.48
N LEU B 9 -8.27 12.65 4.48
CA LEU B 9 -9.68 12.23 4.47
C LEU B 9 -9.94 11.18 5.58
N PRO B 10 -11.20 10.98 6.01
CA PRO B 10 -11.53 10.09 7.14
C PRO B 10 -11.08 8.64 6.94
N ILE B 11 -10.81 7.95 8.06
CA ILE B 11 -10.16 6.63 8.06
C ILE B 11 -11.00 5.52 7.39
N ASP B 12 -12.32 5.63 7.42
CA ASP B 12 -13.24 4.71 6.73
C ASP B 12 -13.12 4.83 5.20
N GLU B 13 -12.83 6.02 4.67
CA GLU B 13 -12.69 6.27 3.23
C GLU B 13 -11.40 5.69 2.66
N LEU B 14 -10.24 5.96 3.30
CA LEU B 14 -8.95 5.38 2.85
C LEU B 14 -8.88 3.85 3.05
N SER B 15 -9.53 3.33 4.10
CA SER B 15 -9.76 1.88 4.27
C SER B 15 -10.64 1.31 3.14
N ALA B 16 -11.75 1.96 2.78
CA ALA B 16 -12.57 1.51 1.64
C ALA B 16 -11.81 1.57 0.30
N LEU B 17 -10.92 2.54 0.10
CA LEU B 17 -10.07 2.63 -1.09
C LEU B 17 -9.12 1.43 -1.20
N LEU B 18 -8.39 1.06 -0.13
CA LEU B 18 -7.47 -0.10 -0.20
C LEU B 18 -8.22 -1.43 -0.40
N ARG B 19 -9.41 -1.60 0.19
CA ARG B 19 -10.29 -2.76 -0.06
C ARG B 19 -10.72 -2.83 -1.53
N GLN B 20 -11.23 -1.72 -2.08
CA GLN B 20 -11.69 -1.64 -3.48
C GLN B 20 -10.55 -1.78 -4.50
N GLU B 21 -9.33 -1.29 -4.21
CA GLU B 21 -8.14 -1.50 -5.05
C GLU B 21 -7.75 -2.99 -5.18
N MET B 22 -8.00 -3.78 -4.13
CA MET B 22 -7.79 -5.24 -4.11
C MET B 22 -9.03 -6.04 -4.58
N GLY B 23 -10.12 -5.37 -4.97
CA GLY B 23 -11.38 -6.01 -5.39
C GLY B 23 -12.15 -6.70 -4.26
N ASP B 24 -11.85 -6.36 -3.00
CA ASP B 24 -12.44 -6.99 -1.81
C ASP B 24 -13.92 -6.59 -1.62
N ASP B 25 -14.79 -7.57 -1.37
CA ASP B 25 -16.21 -7.37 -1.06
C ASP B 25 -16.45 -6.78 0.34
N GLY B 26 -15.47 -6.87 1.24
CA GLY B 26 -15.49 -6.28 2.59
C GLY B 26 -15.53 -4.74 2.58
N GLY B 27 -16.12 -4.16 3.62
CA GLY B 27 -16.39 -2.72 3.73
C GLY B 27 -16.53 -2.22 5.18
N GLY B 28 -15.73 -2.78 6.10
CA GLY B 28 -15.73 -2.45 7.53
C GLY B 28 -15.31 -1.00 7.83
N SER B 29 -15.61 -0.56 9.06
CA SER B 29 -15.45 0.83 9.54
C SER B 29 -15.08 0.89 11.03
N GLY B 30 -14.54 2.02 11.47
CA GLY B 30 -14.09 2.23 12.86
C GLY B 30 -12.86 1.41 13.25
N GLY B 31 -12.81 0.95 14.51
CA GLY B 31 -11.65 0.29 15.10
C GLY B 31 -10.51 1.26 15.45
N GLY B 32 -9.31 0.72 15.72
CA GLY B 32 -8.12 1.51 16.03
C GLY B 32 -7.10 0.84 16.96
N SER B 33 -7.35 -0.39 17.40
CA SER B 33 -6.41 -1.18 18.22
C SER B 33 -5.21 -1.71 17.39
N MET B 34 -4.15 -2.17 18.05
CA MET B 34 -2.88 -2.57 17.40
C MET B 34 -3.06 -3.68 16.33
N GLN B 35 -4.00 -4.61 16.53
CA GLN B 35 -4.32 -5.65 15.55
C GLN B 35 -5.05 -5.10 14.30
N ASP B 36 -5.80 -4.00 14.41
CA ASP B 36 -6.51 -3.37 13.28
C ASP B 36 -5.52 -2.67 12.33
N ILE B 37 -4.60 -1.86 12.89
CA ILE B 37 -3.54 -1.18 12.15
C ILE B 37 -2.55 -2.16 11.53
N GLN B 38 -2.15 -3.23 12.23
CA GLN B 38 -1.29 -4.28 11.65
C GLN B 38 -1.93 -4.92 10.41
N GLN B 39 -3.20 -5.36 10.51
CA GLN B 39 -3.87 -6.03 9.39
C GLN B 39 -4.02 -5.13 8.17
N LEU B 40 -4.55 -3.90 8.32
CA LEU B 40 -4.74 -2.96 7.20
C LEU B 40 -3.42 -2.52 6.55
N LEU B 41 -2.41 -2.20 7.36
CA LEU B 41 -1.13 -1.68 6.89
C LEU B 41 -0.25 -2.78 6.27
N ALA B 42 -0.35 -4.02 6.75
CA ALA B 42 0.29 -5.19 6.10
C ALA B 42 -0.37 -5.54 4.75
N LYS B 43 -1.70 -5.50 4.67
CA LYS B 43 -2.50 -5.81 3.48
C LYS B 43 -2.20 -4.85 2.32
N SER B 44 -2.15 -3.54 2.59
CA SER B 44 -1.77 -2.52 1.62
C SER B 44 -0.28 -2.60 1.21
N LEU B 45 0.62 -2.87 2.15
CA LEU B 45 2.05 -3.09 1.87
C LEU B 45 2.27 -4.34 0.97
N THR B 46 1.51 -5.42 1.20
CA THR B 46 1.56 -6.62 0.36
C THR B 46 1.09 -6.32 -1.07
N GLU B 47 0.07 -5.47 -1.24
CA GLU B 47 -0.40 -5.04 -2.57
C GLU B 47 0.63 -4.19 -3.33
N ILE B 48 1.45 -3.35 -2.65
CA ILE B 48 2.60 -2.69 -3.28
C ILE B 48 3.57 -3.74 -3.83
N LYS B 49 3.98 -4.72 -3.00
CA LYS B 49 4.92 -5.78 -3.38
C LYS B 49 4.42 -6.59 -4.57
N ARG B 50 3.13 -6.96 -4.60
CA ARG B 50 2.50 -7.64 -5.74
C ARG B 50 2.55 -6.83 -7.04
N LEU B 51 2.21 -5.54 -6.99
CA LEU B 51 2.19 -4.68 -8.19
C LEU B 51 3.60 -4.36 -8.71
N LYS B 52 4.58 -4.14 -7.83
CA LYS B 52 6.00 -3.96 -8.21
C LYS B 52 6.57 -5.21 -8.87
N ALA B 53 6.26 -6.39 -8.33
CA ALA B 53 6.64 -7.67 -8.91
C ALA B 53 5.97 -7.95 -10.27
N ALA B 54 4.68 -7.60 -10.43
CA ALA B 54 3.95 -7.76 -11.69
C ALA B 54 4.49 -6.87 -12.81
N ASN B 55 4.81 -5.60 -12.51
CA ASN B 55 5.43 -4.65 -13.45
C ASN B 55 6.83 -5.14 -13.89
N GLN B 56 7.62 -5.67 -12.96
CA GLN B 56 8.93 -6.28 -13.25
C GLN B 56 8.82 -7.57 -14.10
N ALA B 57 7.84 -8.44 -13.83
CA ALA B 57 7.64 -9.70 -14.54
C ALA B 57 7.23 -9.48 -16.01
N LEU B 58 6.30 -8.56 -16.29
CA LEU B 58 5.91 -8.24 -17.67
C LEU B 58 7.02 -7.50 -18.44
N GLU B 59 7.89 -6.74 -17.76
CA GLU B 59 9.06 -6.11 -18.37
C GLU B 59 10.07 -7.18 -18.83
N GLN B 60 10.36 -8.17 -18.00
CA GLN B 60 11.21 -9.32 -18.35
C GLN B 60 10.61 -10.18 -19.49
N ALA B 61 9.29 -10.35 -19.52
CA ALA B 61 8.57 -11.05 -20.59
C ALA B 61 8.58 -10.30 -21.94
N ARG B 62 8.96 -9.01 -21.95
CA ARG B 62 8.92 -8.09 -23.11
C ARG B 62 10.26 -7.35 -23.35
N ARG B 63 11.38 -7.91 -22.86
CA ARG B 63 12.73 -7.31 -22.91
C ARG B 63 13.45 -7.41 -24.27
N GLU B 64 12.94 -8.29 -25.13
CA GLU B 64 13.56 -8.75 -26.40
C GLU B 64 12.54 -9.21 -27.45
N GLY A 1 1.17 -22.31 2.96
CA GLY A 1 1.74 -23.57 3.51
C GLY A 1 2.90 -23.31 4.48
N PRO A 2 3.65 -24.36 4.87
CA PRO A 2 4.77 -24.28 5.80
C PRO A 2 5.91 -23.34 5.35
N GLY A 3 6.64 -22.77 6.32
CA GLY A 3 7.81 -21.91 6.09
C GLY A 3 7.47 -20.51 5.54
N SER A 4 6.22 -20.06 5.67
CA SER A 4 5.75 -18.75 5.19
C SER A 4 6.47 -17.56 5.85
N TYR A 5 6.80 -16.55 5.05
CA TYR A 5 7.48 -15.32 5.48
C TYR A 5 6.51 -14.23 5.95
N ASP A 6 7.05 -13.22 6.66
CA ASP A 6 6.33 -12.02 7.16
C ASP A 6 5.11 -12.31 8.06
N ALA A 7 5.14 -13.45 8.76
CA ALA A 7 4.03 -13.97 9.55
C ALA A 7 3.85 -13.23 10.89
N ALA A 8 2.82 -12.37 10.94
CA ALA A 8 2.37 -11.64 12.13
C ALA A 8 3.46 -10.81 12.86
N LEU A 9 4.41 -10.26 12.09
CA LEU A 9 5.50 -9.41 12.58
C LEU A 9 5.01 -8.10 13.24
N PRO A 10 5.79 -7.51 14.16
CA PRO A 10 5.40 -6.30 14.89
C PRO A 10 5.30 -5.06 13.98
N ILE A 11 4.61 -4.03 14.47
CA ILE A 11 4.27 -2.83 13.71
C ILE A 11 5.48 -2.01 13.22
N ASP A 12 6.60 -2.06 13.95
CA ASP A 12 7.86 -1.42 13.56
C ASP A 12 8.41 -1.97 12.24
N GLU A 13 8.23 -3.27 11.98
CA GLU A 13 8.75 -3.94 10.77
C GLU A 13 7.89 -3.65 9.54
N LEU A 14 6.56 -3.83 9.61
CA LEU A 14 5.67 -3.54 8.47
C LEU A 14 5.69 -2.05 8.07
N SER A 15 5.85 -1.15 9.05
CA SER A 15 6.03 0.29 8.78
C SER A 15 7.38 0.61 8.13
N ALA A 16 8.45 -0.12 8.47
CA ALA A 16 9.73 -0.02 7.76
C ALA A 16 9.68 -0.62 6.35
N LEU A 17 8.93 -1.71 6.13
CA LEU A 17 8.77 -2.34 4.82
C LEU A 17 8.12 -1.39 3.80
N LEU A 18 6.99 -0.76 4.12
CA LEU A 18 6.34 0.17 3.18
C LEU A 18 7.21 1.41 2.86
N ARG A 19 7.95 1.92 3.85
CA ARG A 19 8.88 3.05 3.68
C ARG A 19 10.08 2.68 2.80
N GLN A 20 10.64 1.48 2.98
CA GLN A 20 11.73 0.94 2.15
C GLN A 20 11.27 0.59 0.73
N GLU A 21 10.04 0.08 0.54
CA GLU A 21 9.46 -0.16 -0.81
C GLU A 21 9.22 1.14 -1.59
N MET A 22 8.91 2.25 -0.91
CA MET A 22 8.85 3.60 -1.50
C MET A 22 10.23 4.28 -1.68
N GLY A 23 11.30 3.68 -1.16
CA GLY A 23 12.68 4.18 -1.27
C GLY A 23 13.02 5.34 -0.33
N ASP A 24 12.35 5.46 0.82
CA ASP A 24 12.59 6.53 1.81
C ASP A 24 13.98 6.45 2.48
N ASP A 25 14.44 7.57 3.04
CA ASP A 25 15.74 7.70 3.72
C ASP A 25 15.81 6.93 5.07
N GLY A 26 14.66 6.48 5.60
CA GLY A 26 14.56 5.67 6.82
C GLY A 26 13.19 5.02 7.00
N GLY A 27 13.13 3.97 7.81
CA GLY A 27 11.93 3.19 8.13
C GLY A 27 11.28 3.52 9.48
N GLY A 28 10.40 2.63 9.96
CA GLY A 28 9.75 2.70 11.27
C GLY A 28 8.50 3.61 11.33
N SER A 29 7.99 3.81 12.55
CA SER A 29 6.81 4.63 12.87
C SER A 29 6.83 5.08 14.34
N GLY A 30 5.90 5.97 14.71
CA GLY A 30 5.75 6.52 16.07
C GLY A 30 4.39 7.16 16.32
N GLY A 31 4.21 7.75 17.50
CA GLY A 31 2.94 8.33 17.93
C GLY A 31 1.88 7.27 18.28
N GLY A 32 0.65 7.46 17.80
CA GLY A 32 -0.50 6.56 18.01
C GLY A 32 -1.88 7.20 17.87
N SER A 33 -1.95 8.47 17.44
CA SER A 33 -3.21 9.20 17.17
C SER A 33 -3.89 8.73 15.87
N MET A 34 -5.14 9.16 15.65
CA MET A 34 -5.86 8.95 14.38
C MET A 34 -5.10 9.55 13.18
N GLN A 35 -4.40 10.68 13.37
CA GLN A 35 -3.62 11.34 12.32
C GLN A 35 -2.39 10.53 11.88
N ASP A 36 -1.76 9.78 12.80
CA ASP A 36 -0.61 8.91 12.48
C ASP A 36 -1.02 7.72 11.59
N ILE A 37 -2.10 7.03 11.96
CA ILE A 37 -2.66 5.93 11.17
C ILE A 37 -3.25 6.40 9.82
N GLN A 38 -3.93 7.55 9.78
CA GLN A 38 -4.42 8.15 8.52
C GLN A 38 -3.26 8.41 7.53
N GLN A 39 -2.17 9.04 7.98
CA GLN A 39 -1.01 9.32 7.12
C GLN A 39 -0.33 8.05 6.61
N LEU A 40 0.00 7.10 7.50
CA LEU A 40 0.66 5.84 7.12
C LEU A 40 -0.18 5.00 6.14
N LEU A 41 -1.48 4.84 6.43
CA LEU A 41 -2.35 3.97 5.65
C LEU A 41 -2.73 4.57 4.28
N ALA A 42 -2.90 5.90 4.21
CA ALA A 42 -3.06 6.62 2.94
C ALA A 42 -1.78 6.60 2.07
N LYS A 43 -0.60 6.72 2.68
CA LYS A 43 0.71 6.64 2.01
C LYS A 43 0.93 5.26 1.38
N SER A 44 0.62 4.18 2.11
CA SER A 44 0.65 2.81 1.59
C SER A 44 -0.33 2.61 0.41
N LEU A 45 -1.56 3.11 0.54
CA LEU A 45 -2.58 3.06 -0.53
C LEU A 45 -2.15 3.82 -1.80
N THR A 46 -1.60 5.02 -1.65
CA THR A 46 -1.20 5.88 -2.79
C THR A 46 -0.14 5.20 -3.69
N GLU A 47 0.78 4.44 -3.10
CA GLU A 47 1.83 3.72 -3.84
C GLU A 47 1.26 2.58 -4.70
N ILE A 48 0.18 1.91 -4.28
CA ILE A 48 -0.56 0.92 -5.09
C ILE A 48 -1.08 1.57 -6.38
N LYS A 49 -1.76 2.71 -6.24
CA LYS A 49 -2.36 3.47 -7.35
C LYS A 49 -1.30 4.01 -8.30
N ARG A 50 -0.14 4.48 -7.79
CA ARG A 50 1.01 4.92 -8.61
C ARG A 50 1.54 3.80 -9.50
N LEU A 51 1.74 2.60 -8.94
CA LEU A 51 2.19 1.43 -9.70
C LEU A 51 1.16 0.97 -10.75
N LYS A 52 -0.12 0.89 -10.40
CA LYS A 52 -1.20 0.47 -11.32
C LYS A 52 -1.39 1.46 -12.48
N ALA A 53 -1.32 2.77 -12.22
CA ALA A 53 -1.36 3.80 -13.25
C ALA A 53 -0.17 3.67 -14.23
N ALA A 54 1.05 3.49 -13.71
CA ALA A 54 2.25 3.29 -14.53
C ALA A 54 2.19 2.00 -15.38
N ASN A 55 1.80 0.87 -14.78
CA ASN A 55 1.67 -0.43 -15.43
C ASN A 55 0.61 -0.40 -16.56
N GLN A 56 -0.55 0.21 -16.30
CA GLN A 56 -1.60 0.39 -17.30
C GLN A 56 -1.14 1.29 -18.46
N ALA A 57 -0.49 2.42 -18.17
CA ALA A 57 -0.03 3.38 -19.17
C ALA A 57 0.98 2.76 -20.15
N LEU A 58 2.02 2.08 -19.66
CA LEU A 58 3.02 1.43 -20.52
C LEU A 58 2.44 0.26 -21.34
N GLU A 59 1.48 -0.50 -20.80
CA GLU A 59 0.82 -1.59 -21.54
C GLU A 59 -0.06 -1.08 -22.69
N GLN A 60 -0.76 0.05 -22.49
CA GLN A 60 -1.55 0.72 -23.52
C GLN A 60 -0.68 1.43 -24.56
N ALA A 61 0.46 2.01 -24.17
CA ALA A 61 1.42 2.65 -25.08
C ALA A 61 2.10 1.65 -26.03
N ARG A 62 2.33 0.41 -25.56
CA ARG A 62 3.03 -0.68 -26.28
C ARG A 62 2.07 -1.66 -26.99
N ARG A 63 0.79 -1.31 -27.13
CA ARG A 63 -0.29 -2.15 -27.71
C ARG A 63 -0.17 -2.43 -29.21
N GLU A 64 0.71 -1.70 -29.90
CA GLU A 64 1.00 -1.79 -31.35
C GLU A 64 2.50 -1.70 -31.64
N GLY B 1 6.70 26.03 0.18
CA GLY B 1 5.66 26.12 -0.87
C GLY B 1 4.62 25.00 -0.74
N PRO B 2 3.75 24.80 -1.76
CA PRO B 2 2.69 23.80 -1.74
C PRO B 2 3.21 22.35 -1.60
N GLY B 3 2.41 21.48 -0.97
CA GLY B 3 2.77 20.09 -0.68
C GLY B 3 1.61 19.25 -0.11
N SER B 4 0.38 19.54 -0.50
CA SER B 4 -0.84 18.87 -0.02
C SER B 4 -0.98 17.42 -0.54
N TYR B 5 -1.67 16.58 0.24
CA TYR B 5 -2.00 15.19 -0.10
C TYR B 5 -3.44 14.84 0.32
N ASP B 6 -4.09 13.90 -0.38
CA ASP B 6 -5.46 13.45 -0.14
C ASP B 6 -5.57 12.43 1.02
N ALA B 7 -4.83 12.64 2.10
CA ALA B 7 -4.76 11.77 3.28
C ALA B 7 -5.60 12.27 4.48
N ALA B 8 -6.06 13.52 4.46
CA ALA B 8 -6.74 14.18 5.58
C ALA B 8 -8.23 13.79 5.76
N LEU B 9 -8.80 13.13 4.75
CA LEU B 9 -10.12 12.50 4.78
C LEU B 9 -10.24 11.43 5.89
N PRO B 10 -11.45 11.13 6.41
CA PRO B 10 -11.66 10.20 7.52
C PRO B 10 -11.22 8.77 7.16
N ILE B 11 -10.82 8.01 8.17
CA ILE B 11 -10.14 6.71 8.00
C ILE B 11 -10.97 5.64 7.27
N ASP B 12 -12.30 5.70 7.37
CA ASP B 12 -13.18 4.80 6.63
C ASP B 12 -13.11 4.99 5.11
N GLU B 13 -12.77 6.19 4.61
CA GLU B 13 -12.62 6.46 3.18
C GLU B 13 -11.30 5.90 2.62
N LEU B 14 -10.16 6.20 3.25
CA LEU B 14 -8.86 5.65 2.82
C LEU B 14 -8.80 4.11 2.98
N SER B 15 -9.50 3.55 3.97
CA SER B 15 -9.68 2.10 4.12
C SER B 15 -10.59 1.51 3.05
N ALA B 16 -11.71 2.18 2.70
CA ALA B 16 -12.55 1.72 1.59
C ALA B 16 -11.81 1.71 0.25
N LEU B 17 -10.88 2.66 0.03
CA LEU B 17 -10.00 2.70 -1.13
C LEU B 17 -9.03 1.51 -1.16
N LEU B 18 -8.29 1.21 -0.08
CA LEU B 18 -7.36 0.07 -0.09
C LEU B 18 -8.09 -1.29 -0.18
N ARG B 19 -9.28 -1.42 0.45
CA ARG B 19 -10.10 -2.63 0.34
C ARG B 19 -10.60 -2.89 -1.08
N GLN B 20 -11.12 -1.87 -1.79
CA GLN B 20 -11.59 -2.04 -3.17
C GLN B 20 -10.45 -2.20 -4.18
N GLU B 21 -9.25 -1.68 -3.91
CA GLU B 21 -8.03 -1.97 -4.70
C GLU B 21 -7.62 -3.44 -4.65
N MET B 22 -7.96 -4.17 -3.58
CA MET B 22 -7.66 -5.59 -3.38
C MET B 22 -8.89 -6.52 -3.54
N GLY B 23 -10.06 -5.97 -3.88
CA GLY B 23 -11.30 -6.73 -4.08
C GLY B 23 -11.89 -7.32 -2.79
N ASP B 24 -11.63 -6.72 -1.62
CA ASP B 24 -12.08 -7.17 -0.30
C ASP B 24 -13.58 -6.87 -0.06
N ASP B 25 -14.46 -7.49 -0.86
CA ASP B 25 -15.91 -7.25 -0.94
C ASP B 25 -16.28 -5.78 -1.25
N GLY B 26 -15.44 -5.08 -2.03
CA GLY B 26 -15.55 -3.65 -2.31
C GLY B 26 -14.91 -2.80 -1.19
N GLY B 27 -15.55 -1.67 -0.86
CA GLY B 27 -15.14 -0.81 0.27
C GLY B 27 -15.57 -1.34 1.65
N GLY B 28 -15.11 -0.66 2.71
CA GLY B 28 -15.37 -1.01 4.11
C GLY B 28 -14.61 -0.13 5.09
N SER B 29 -15.03 -0.15 6.36
CA SER B 29 -14.48 0.71 7.43
C SER B 29 -13.01 0.44 7.79
N GLY B 30 -12.40 1.38 8.49
CA GLY B 30 -11.05 1.29 9.06
C GLY B 30 -11.02 0.63 10.44
N GLY B 31 -10.22 1.19 11.36
CA GLY B 31 -10.07 0.71 12.74
C GLY B 31 -9.26 1.67 13.61
N GLY B 32 -8.82 1.20 14.78
CA GLY B 32 -8.07 2.00 15.76
C GLY B 32 -7.32 1.22 16.84
N SER B 33 -7.59 -0.08 17.04
CA SER B 33 -6.75 -0.96 17.88
C SER B 33 -5.45 -1.34 17.16
N MET B 34 -4.43 -1.76 17.90
CA MET B 34 -3.13 -2.20 17.36
C MET B 34 -3.27 -3.37 16.38
N GLN B 35 -4.19 -4.30 16.62
CA GLN B 35 -4.48 -5.40 15.71
C GLN B 35 -5.16 -4.96 14.40
N ASP B 36 -5.84 -3.80 14.38
CA ASP B 36 -6.48 -3.27 13.18
C ASP B 36 -5.43 -2.67 12.23
N ILE B 37 -4.54 -1.83 12.76
CA ILE B 37 -3.46 -1.18 12.03
C ILE B 37 -2.40 -2.19 11.56
N GLN B 38 -2.02 -3.17 12.39
CA GLN B 38 -1.09 -4.23 11.97
C GLN B 38 -1.64 -5.04 10.78
N GLN B 39 -2.95 -5.30 10.72
CA GLN B 39 -3.57 -5.94 9.56
C GLN B 39 -3.66 -5.00 8.34
N LEU B 40 -4.32 -3.85 8.46
CA LEU B 40 -4.59 -2.94 7.33
C LEU B 40 -3.31 -2.41 6.65
N LEU B 41 -2.31 -2.01 7.44
CA LEU B 41 -1.06 -1.44 6.95
C LEU B 41 -0.11 -2.49 6.34
N ALA B 42 -0.22 -3.77 6.73
CA ALA B 42 0.44 -4.89 6.07
C ALA B 42 -0.29 -5.38 4.80
N LYS B 43 -1.63 -5.37 4.81
CA LYS B 43 -2.49 -5.77 3.67
C LYS B 43 -2.22 -4.89 2.44
N SER B 44 -2.26 -3.57 2.62
CA SER B 44 -1.93 -2.58 1.58
C SER B 44 -0.46 -2.68 1.10
N LEU B 45 0.49 -2.92 2.01
CA LEU B 45 1.91 -3.15 1.68
C LEU B 45 2.11 -4.40 0.80
N THR B 46 1.37 -5.48 1.06
CA THR B 46 1.42 -6.72 0.24
C THR B 46 0.99 -6.45 -1.22
N GLU B 47 0.03 -5.56 -1.45
CA GLU B 47 -0.40 -5.16 -2.79
C GLU B 47 0.64 -4.30 -3.53
N ILE B 48 1.43 -3.47 -2.83
CA ILE B 48 2.58 -2.77 -3.43
C ILE B 48 3.57 -3.81 -3.99
N LYS B 49 3.99 -4.78 -3.16
CA LYS B 49 4.95 -5.83 -3.54
C LYS B 49 4.49 -6.65 -4.75
N ARG B 50 3.21 -7.02 -4.81
CA ARG B 50 2.61 -7.74 -5.95
C ARG B 50 2.71 -6.97 -7.26
N LEU B 51 2.33 -5.68 -7.26
CA LEU B 51 2.32 -4.85 -8.47
C LEU B 51 3.71 -4.40 -8.91
N LYS B 52 4.63 -4.13 -7.96
CA LYS B 52 6.05 -3.86 -8.27
C LYS B 52 6.72 -5.06 -8.96
N ALA B 53 6.47 -6.28 -8.47
CA ALA B 53 6.98 -7.51 -9.08
C ALA B 53 6.43 -7.73 -10.50
N ALA B 54 5.13 -7.46 -10.73
CA ALA B 54 4.50 -7.57 -12.06
C ALA B 54 5.09 -6.56 -13.08
N ASN B 55 5.30 -5.31 -12.67
CA ASN B 55 5.91 -4.28 -13.50
C ASN B 55 7.39 -4.61 -13.81
N GLN B 56 8.14 -5.10 -12.81
CA GLN B 56 9.53 -5.54 -12.97
C GLN B 56 9.68 -6.75 -13.93
N ALA B 57 8.71 -7.68 -13.91
CA ALA B 57 8.71 -8.88 -14.75
C ALA B 57 8.48 -8.60 -16.24
N LEU B 58 7.59 -7.65 -16.59
CA LEU B 58 7.36 -7.25 -17.98
C LEU B 58 8.45 -6.32 -18.51
N GLU B 59 9.04 -5.44 -17.69
CA GLU B 59 10.06 -4.48 -18.12
C GLU B 59 11.35 -5.16 -18.58
N GLN B 60 11.80 -6.21 -17.89
CA GLN B 60 12.99 -6.98 -18.28
C GLN B 60 12.75 -7.91 -19.49
N ALA B 61 11.49 -8.24 -19.79
CA ALA B 61 11.10 -9.08 -20.93
C ALA B 61 10.98 -8.26 -22.24
N ARG B 62 10.33 -7.08 -22.18
CA ARG B 62 9.99 -6.25 -23.36
C ARG B 62 11.20 -5.57 -24.04
N ARG B 63 12.36 -5.53 -23.38
CA ARG B 63 13.61 -4.96 -23.90
C ARG B 63 14.36 -5.83 -24.93
N GLU B 64 13.95 -7.08 -25.09
CA GLU B 64 14.52 -8.06 -26.05
C GLU B 64 13.68 -8.20 -27.34
N GLY A 1 19.02 -7.87 11.85
CA GLY A 1 17.97 -8.80 12.32
C GLY A 1 18.37 -10.26 12.09
N PRO A 2 17.76 -11.21 12.83
CA PRO A 2 18.08 -12.65 12.76
C PRO A 2 17.62 -13.35 11.46
N GLY A 3 16.68 -12.75 10.71
CA GLY A 3 16.13 -13.28 9.46
C GLY A 3 15.04 -12.37 8.86
N SER A 4 14.15 -12.95 8.05
CA SER A 4 12.99 -12.28 7.46
C SER A 4 11.76 -13.19 7.46
N TYR A 5 10.61 -12.66 7.89
CA TYR A 5 9.42 -13.43 8.28
C TYR A 5 8.12 -12.68 7.95
N ASP A 6 6.97 -13.34 8.12
CA ASP A 6 5.62 -12.80 7.94
C ASP A 6 4.65 -13.20 9.07
N ALA A 7 5.21 -13.50 10.25
CA ALA A 7 4.52 -14.13 11.38
C ALA A 7 4.52 -13.22 12.62
N ALA A 8 3.43 -12.47 12.82
CA ALA A 8 3.17 -11.57 13.95
C ALA A 8 4.26 -10.52 14.23
N LEU A 9 4.98 -10.08 13.19
CA LEU A 9 5.96 -8.99 13.26
C LEU A 9 5.30 -7.67 13.71
N PRO A 10 6.02 -6.80 14.46
CA PRO A 10 5.44 -5.57 15.01
C PRO A 10 5.25 -4.49 13.95
N ILE A 11 4.45 -3.47 14.29
CA ILE A 11 4.12 -2.33 13.42
C ILE A 11 5.35 -1.61 12.84
N ASP A 12 6.42 -1.50 13.62
CA ASP A 12 7.64 -0.80 13.21
C ASP A 12 8.34 -1.49 12.03
N GLU A 13 8.27 -2.82 11.93
CA GLU A 13 8.86 -3.61 10.84
C GLU A 13 8.06 -3.48 9.54
N LEU A 14 6.72 -3.63 9.57
CA LEU A 14 5.88 -3.43 8.38
C LEU A 14 5.87 -1.95 7.91
N SER A 15 6.00 -1.00 8.84
CA SER A 15 6.22 0.42 8.52
C SER A 15 7.58 0.64 7.84
N ALA A 16 8.67 0.07 8.37
CA ALA A 16 9.99 0.14 7.73
C ALA A 16 9.97 -0.48 6.31
N LEU A 17 9.22 -1.56 6.10
CA LEU A 17 9.02 -2.19 4.78
C LEU A 17 8.28 -1.26 3.80
N LEU A 18 7.11 -0.69 4.14
CA LEU A 18 6.39 0.20 3.21
C LEU A 18 7.15 1.50 2.93
N ARG A 19 7.91 2.01 3.91
CA ARG A 19 8.83 3.15 3.74
C ARG A 19 9.95 2.81 2.75
N GLN A 20 10.60 1.65 2.91
CA GLN A 20 11.63 1.13 2.03
C GLN A 20 11.11 0.88 0.59
N GLU A 21 9.88 0.40 0.43
CA GLU A 21 9.24 0.25 -0.89
C GLU A 21 9.01 1.60 -1.60
N MET A 22 8.78 2.68 -0.84
CA MET A 22 8.72 4.07 -1.33
C MET A 22 10.08 4.78 -1.39
N GLY A 23 11.19 4.08 -1.08
CA GLY A 23 12.56 4.60 -1.09
C GLY A 23 12.94 5.48 0.12
N ASP A 24 12.06 5.61 1.11
CA ASP A 24 12.33 6.27 2.40
C ASP A 24 13.19 5.38 3.33
N ASP A 25 14.02 5.98 4.19
CA ASP A 25 15.01 5.30 5.04
C ASP A 25 15.02 5.79 6.50
N GLY A 26 14.00 6.57 6.91
CA GLY A 26 13.73 7.00 8.28
C GLY A 26 12.25 6.89 8.64
N GLY A 27 11.91 7.18 9.90
CA GLY A 27 10.54 7.07 10.44
C GLY A 27 10.18 5.71 11.07
N GLY A 28 8.91 5.56 11.46
CA GLY A 28 8.40 4.39 12.18
C GLY A 28 6.87 4.39 12.29
N SER A 29 6.31 3.89 13.40
CA SER A 29 4.88 3.82 13.68
C SER A 29 4.20 5.18 13.91
N GLY A 30 4.98 6.23 14.20
CA GLY A 30 4.51 7.62 14.40
C GLY A 30 3.81 7.91 15.75
N GLY A 31 3.51 6.87 16.55
CA GLY A 31 2.83 6.97 17.85
C GLY A 31 1.40 6.38 17.90
N GLY A 32 0.83 6.00 16.75
CA GLY A 32 -0.43 5.24 16.67
C GLY A 32 -1.73 5.99 17.01
N SER A 33 -1.72 7.32 17.08
CA SER A 33 -2.93 8.16 17.17
C SER A 33 -3.70 8.19 15.84
N MET A 34 -4.97 8.57 15.84
CA MET A 34 -5.83 8.57 14.63
C MET A 34 -5.25 9.36 13.44
N GLN A 35 -4.55 10.46 13.71
CA GLN A 35 -3.87 11.27 12.67
C GLN A 35 -2.64 10.57 12.09
N ASP A 36 -1.94 9.75 12.88
CA ASP A 36 -0.77 8.98 12.43
C ASP A 36 -1.20 7.84 11.50
N ILE A 37 -2.27 7.11 11.86
CA ILE A 37 -2.80 5.99 11.06
C ILE A 37 -3.46 6.50 9.76
N GLN A 38 -4.23 7.59 9.80
CA GLN A 38 -4.82 8.18 8.60
C GLN A 38 -3.76 8.59 7.57
N GLN A 39 -2.65 9.17 7.98
CA GLN A 39 -1.54 9.53 7.09
C GLN A 39 -0.78 8.28 6.59
N LEU A 40 -0.35 7.39 7.50
CA LEU A 40 0.52 6.25 7.16
C LEU A 40 -0.20 5.20 6.29
N LEU A 41 -1.48 4.93 6.56
CA LEU A 41 -2.31 3.99 5.78
C LEU A 41 -2.75 4.57 4.43
N ALA A 42 -2.86 5.90 4.30
CA ALA A 42 -3.03 6.56 3.00
C ALA A 42 -1.73 6.56 2.17
N LYS A 43 -0.55 6.63 2.80
CA LYS A 43 0.75 6.65 2.13
C LYS A 43 1.03 5.35 1.36
N SER A 44 0.80 4.19 1.98
CA SER A 44 0.89 2.89 1.31
C SER A 44 -0.17 2.73 0.20
N LEU A 45 -1.41 3.19 0.40
CA LEU A 45 -2.46 3.20 -0.63
C LEU A 45 -2.03 4.03 -1.86
N THR A 46 -1.45 5.22 -1.66
CA THR A 46 -0.99 6.07 -2.77
C THR A 46 0.12 5.41 -3.59
N GLU A 47 0.98 4.58 -2.98
CA GLU A 47 1.98 3.79 -3.72
C GLU A 47 1.35 2.69 -4.62
N ILE A 48 0.24 2.08 -4.20
CA ILE A 48 -0.55 1.15 -5.05
C ILE A 48 -1.08 1.90 -6.29
N LYS A 49 -1.65 3.10 -6.09
CA LYS A 49 -2.15 3.98 -7.17
C LYS A 49 -1.04 4.33 -8.16
N ARG A 50 0.15 4.71 -7.67
CA ARG A 50 1.34 5.00 -8.49
C ARG A 50 1.83 3.78 -9.29
N LEU A 51 1.86 2.59 -8.67
CA LEU A 51 2.24 1.34 -9.35
C LEU A 51 1.30 1.01 -10.51
N LYS A 52 -0.02 1.07 -10.26
CA LYS A 52 -1.04 0.75 -11.26
C LYS A 52 -1.10 1.78 -12.39
N ALA A 53 -0.87 3.07 -12.08
CA ALA A 53 -0.73 4.13 -13.09
C ALA A 53 0.51 3.92 -13.98
N ALA A 54 1.67 3.58 -13.41
CA ALA A 54 2.89 3.29 -14.16
C ALA A 54 2.74 2.03 -15.05
N ASN A 55 2.12 0.96 -14.53
CA ASN A 55 1.83 -0.26 -15.28
C ASN A 55 0.87 0.01 -16.46
N GLN A 56 -0.19 0.79 -16.23
CA GLN A 56 -1.15 1.19 -17.28
C GLN A 56 -0.49 2.06 -18.36
N ALA A 57 0.42 2.96 -17.99
CA ALA A 57 1.13 3.83 -18.93
C ALA A 57 2.11 3.04 -19.83
N LEU A 58 2.94 2.16 -19.25
CA LEU A 58 3.92 1.39 -20.03
C LEU A 58 3.24 0.37 -20.97
N GLU A 59 2.07 -0.16 -20.60
CA GLU A 59 1.30 -1.08 -21.46
C GLU A 59 0.78 -0.42 -22.76
N GLN A 60 0.78 0.92 -22.83
CA GLN A 60 0.56 1.68 -24.06
C GLN A 60 1.88 2.12 -24.70
N ALA A 61 2.84 2.62 -23.91
CA ALA A 61 4.12 3.14 -24.40
C ALA A 61 4.99 2.08 -25.12
N ARG A 62 4.90 0.80 -24.73
CA ARG A 62 5.60 -0.31 -25.39
C ARG A 62 5.03 -0.71 -26.77
N ARG A 63 3.90 -0.12 -27.17
CA ARG A 63 3.19 -0.37 -28.45
C ARG A 63 2.70 0.91 -29.15
N GLU A 64 3.28 2.06 -28.80
CA GLU A 64 2.99 3.39 -29.39
C GLU A 64 3.49 3.53 -30.85
N GLY B 1 -11.38 24.84 -10.02
CA GLY B 1 -10.73 24.25 -8.82
C GLY B 1 -11.05 22.76 -8.67
N PRO B 2 -10.22 22.01 -7.94
CA PRO B 2 -10.41 20.57 -7.70
C PRO B 2 -11.64 20.26 -6.85
N GLY B 3 -12.20 19.07 -7.03
CA GLY B 3 -13.37 18.53 -6.29
C GLY B 3 -13.03 17.99 -4.89
N SER B 4 -12.17 18.68 -4.15
CA SER B 4 -11.67 18.29 -2.82
C SER B 4 -11.02 16.89 -2.79
N TYR B 5 -10.25 16.56 -3.83
CA TYR B 5 -9.60 15.25 -3.99
C TYR B 5 -8.58 14.98 -2.87
N ASP B 6 -8.74 13.85 -2.18
CA ASP B 6 -7.90 13.38 -1.07
C ASP B 6 -7.74 14.38 0.12
N ALA B 7 -8.71 15.28 0.27
CA ALA B 7 -8.67 16.40 1.22
C ALA B 7 -9.04 15.99 2.66
N ALA B 8 -8.07 15.43 3.40
CA ALA B 8 -8.18 15.03 4.81
C ALA B 8 -9.39 14.10 5.10
N LEU B 9 -9.70 13.19 4.15
CA LEU B 9 -10.83 12.25 4.23
C LEU B 9 -10.71 11.26 5.41
N PRO B 10 -11.84 10.78 5.96
CA PRO B 10 -11.85 9.95 7.16
C PRO B 10 -11.26 8.55 6.93
N ILE B 11 -10.89 7.89 8.03
CA ILE B 11 -10.19 6.60 8.02
C ILE B 11 -10.98 5.45 7.35
N ASP B 12 -12.32 5.51 7.41
CA ASP B 12 -13.17 4.52 6.76
C ASP B 12 -13.13 4.60 5.22
N GLU B 13 -12.89 5.79 4.66
CA GLU B 13 -12.79 6.00 3.21
C GLU B 13 -11.43 5.56 2.63
N LEU B 14 -10.30 5.90 3.28
CA LEU B 14 -8.99 5.37 2.85
C LEU B 14 -8.87 3.85 3.08
N SER B 15 -9.52 3.31 4.12
CA SER B 15 -9.69 1.87 4.31
C SER B 15 -10.54 1.25 3.18
N ALA B 16 -11.68 1.85 2.81
CA ALA B 16 -12.48 1.40 1.68
C ALA B 16 -11.73 1.44 0.34
N LEU B 17 -10.83 2.42 0.13
CA LEU B 17 -10.00 2.53 -1.08
C LEU B 17 -8.97 1.39 -1.17
N LEU B 18 -8.18 1.10 -0.13
CA LEU B 18 -7.23 -0.03 -0.18
C LEU B 18 -7.95 -1.40 -0.27
N ARG B 19 -9.12 -1.54 0.38
CA ARG B 19 -9.99 -2.72 0.25
C ARG B 19 -10.51 -2.90 -1.18
N GLN B 20 -10.96 -1.82 -1.82
CA GLN B 20 -11.39 -1.80 -3.22
C GLN B 20 -10.24 -2.11 -4.20
N GLU B 21 -9.02 -1.62 -3.95
CA GLU B 21 -7.84 -1.96 -4.75
C GLU B 21 -7.49 -3.46 -4.69
N MET B 22 -7.65 -4.09 -3.53
CA MET B 22 -7.49 -5.54 -3.33
C MET B 22 -8.73 -6.38 -3.70
N GLY B 23 -9.84 -5.74 -4.10
CA GLY B 23 -11.06 -6.42 -4.56
C GLY B 23 -11.94 -7.01 -3.44
N ASP B 24 -11.80 -6.54 -2.20
CA ASP B 24 -12.65 -6.96 -1.07
C ASP B 24 -14.08 -6.38 -1.20
N ASP B 25 -15.09 -7.18 -0.84
CA ASP B 25 -16.51 -6.82 -0.99
C ASP B 25 -16.99 -5.74 0.01
N GLY B 26 -16.46 -5.76 1.25
CA GLY B 26 -16.83 -4.83 2.32
C GLY B 26 -15.83 -3.67 2.45
N GLY B 27 -16.30 -2.43 2.23
CA GLY B 27 -15.54 -1.19 2.48
C GLY B 27 -15.59 -0.74 3.94
N GLY B 28 -14.52 -0.09 4.40
CA GLY B 28 -14.31 0.27 5.80
C GLY B 28 -13.98 -0.93 6.72
N SER B 29 -13.56 -0.73 7.97
CA SER B 29 -13.53 0.53 8.73
C SER B 29 -12.27 0.62 9.60
N GLY B 30 -11.92 1.83 10.07
CA GLY B 30 -10.77 2.07 10.96
C GLY B 30 -11.02 1.56 12.38
N GLY B 31 -10.52 0.36 12.69
CA GLY B 31 -10.74 -0.30 14.00
C GLY B 31 -9.96 0.31 15.17
N GLY B 32 -8.82 0.95 14.90
CA GLY B 32 -8.03 1.72 15.87
C GLY B 32 -7.17 0.88 16.86
N SER B 33 -7.58 -0.36 17.17
CA SER B 33 -6.82 -1.30 18.01
C SER B 33 -5.48 -1.70 17.36
N MET B 34 -4.46 -2.04 18.18
CA MET B 34 -3.08 -2.20 17.72
C MET B 34 -2.86 -3.39 16.76
N GLN B 35 -3.73 -4.39 16.77
CA GLN B 35 -3.73 -5.48 15.78
C GLN B 35 -4.38 -5.05 14.43
N ASP B 36 -5.44 -4.26 14.47
CA ASP B 36 -6.18 -3.84 13.27
C ASP B 36 -5.37 -2.89 12.37
N ILE B 37 -4.61 -1.97 12.97
CA ILE B 37 -3.65 -1.12 12.25
C ILE B 37 -2.57 -1.96 11.56
N GLN B 38 -2.02 -2.98 12.23
CA GLN B 38 -1.02 -3.88 11.63
C GLN B 38 -1.63 -4.70 10.47
N GLN B 39 -2.86 -5.20 10.60
CA GLN B 39 -3.58 -5.93 9.53
C GLN B 39 -3.79 -5.08 8.27
N LEU B 40 -4.40 -3.89 8.40
CA LEU B 40 -4.67 -2.98 7.28
C LEU B 40 -3.37 -2.53 6.59
N LEU B 41 -2.35 -2.19 7.38
CA LEU B 41 -1.07 -1.67 6.89
C LEU B 41 -0.17 -2.77 6.28
N ALA B 42 -0.30 -4.03 6.72
CA ALA B 42 0.34 -5.19 6.08
C ALA B 42 -0.33 -5.55 4.72
N LYS B 43 -1.67 -5.49 4.64
CA LYS B 43 -2.42 -5.80 3.41
C LYS B 43 -2.08 -4.81 2.27
N SER B 44 -2.13 -3.51 2.55
CA SER B 44 -1.75 -2.47 1.57
C SER B 44 -0.27 -2.57 1.14
N LEU B 45 0.66 -2.91 2.04
CA LEU B 45 2.06 -3.21 1.72
C LEU B 45 2.21 -4.44 0.80
N THR B 46 1.44 -5.51 1.05
CA THR B 46 1.42 -6.71 0.19
C THR B 46 0.93 -6.40 -1.23
N GLU B 47 -0.06 -5.52 -1.38
CA GLU B 47 -0.58 -5.09 -2.69
C GLU B 47 0.45 -4.28 -3.51
N ILE B 48 1.31 -3.47 -2.87
CA ILE B 48 2.45 -2.82 -3.55
C ILE B 48 3.40 -3.87 -4.13
N LYS B 49 3.82 -4.85 -3.30
CA LYS B 49 4.77 -5.91 -3.69
C LYS B 49 4.23 -6.77 -4.84
N ARG B 50 2.93 -7.08 -4.84
CA ARG B 50 2.25 -7.84 -5.91
C ARG B 50 2.37 -7.13 -7.26
N LEU B 51 2.08 -5.82 -7.30
CA LEU B 51 2.11 -5.01 -8.52
C LEU B 51 3.55 -4.73 -9.00
N LYS B 52 4.52 -4.56 -8.11
CA LYS B 52 5.94 -4.50 -8.47
C LYS B 52 6.42 -5.80 -9.14
N ALA B 53 6.04 -6.95 -8.60
CA ALA B 53 6.37 -8.26 -9.20
C ALA B 53 5.77 -8.41 -10.61
N ALA B 54 4.49 -8.03 -10.80
CA ALA B 54 3.82 -8.08 -12.10
C ALA B 54 4.44 -7.10 -13.14
N ASN B 55 4.75 -5.87 -12.72
CA ASN B 55 5.39 -4.84 -13.54
C ASN B 55 6.81 -5.28 -13.99
N GLN B 56 7.62 -5.81 -13.07
CA GLN B 56 8.95 -6.35 -13.39
C GLN B 56 8.87 -7.57 -14.34
N ALA B 57 7.94 -8.50 -14.08
CA ALA B 57 7.81 -9.74 -14.85
C ALA B 57 7.43 -9.47 -16.32
N LEU B 58 6.44 -8.60 -16.59
CA LEU B 58 6.07 -8.25 -17.97
C LEU B 58 7.18 -7.46 -18.67
N GLU B 59 7.91 -6.59 -17.96
CA GLU B 59 9.02 -5.80 -18.52
C GLU B 59 10.19 -6.68 -18.99
N GLN B 60 10.67 -7.60 -18.13
CA GLN B 60 11.84 -8.43 -18.44
C GLN B 60 11.53 -9.55 -19.46
N ALA B 61 10.28 -10.03 -19.53
CA ALA B 61 9.86 -11.03 -20.51
C ALA B 61 9.93 -10.52 -21.96
N ARG B 62 9.72 -9.20 -22.15
CA ARG B 62 9.70 -8.53 -23.47
C ARG B 62 11.09 -8.23 -24.07
N ARG B 63 12.17 -8.53 -23.34
CA ARG B 63 13.58 -8.34 -23.76
C ARG B 63 14.46 -9.60 -23.64
N GLU B 64 13.85 -10.75 -23.34
CA GLU B 64 14.51 -12.07 -23.27
C GLU B 64 15.00 -12.57 -24.63
N GLY A 1 15.90 -15.15 -7.04
CA GLY A 1 14.80 -15.01 -8.03
C GLY A 1 13.46 -14.70 -7.34
N PRO A 2 12.33 -14.90 -8.04
CA PRO A 2 10.98 -14.67 -7.50
C PRO A 2 10.60 -15.68 -6.41
N GLY A 3 9.58 -15.34 -5.61
CA GLY A 3 9.10 -16.16 -4.49
C GLY A 3 7.80 -15.63 -3.86
N SER A 4 7.61 -15.87 -2.56
CA SER A 4 6.43 -15.42 -1.81
C SER A 4 6.42 -13.92 -1.47
N TYR A 5 7.60 -13.27 -1.48
CA TYR A 5 7.85 -11.89 -1.03
C TYR A 5 7.47 -11.62 0.44
N ASP A 6 7.75 -10.41 0.94
CA ASP A 6 7.52 -10.01 2.33
C ASP A 6 6.00 -9.93 2.65
N ALA A 7 5.57 -10.62 3.72
CA ALA A 7 4.19 -10.70 4.17
C ALA A 7 4.10 -11.14 5.65
N ALA A 8 3.03 -10.72 6.33
CA ALA A 8 2.61 -11.11 7.69
C ALA A 8 3.64 -10.88 8.83
N LEU A 9 4.66 -10.06 8.59
CA LEU A 9 5.66 -9.60 9.57
C LEU A 9 5.09 -8.52 10.53
N PRO A 10 5.69 -8.31 11.73
CA PRO A 10 5.16 -7.40 12.75
C PRO A 10 5.15 -5.91 12.34
N ILE A 11 4.40 -5.10 13.08
CA ILE A 11 4.10 -3.70 12.74
C ILE A 11 5.33 -2.79 12.61
N ASP A 12 6.36 -2.99 13.44
CA ASP A 12 7.61 -2.23 13.39
C ASP A 12 8.41 -2.48 12.11
N GLU A 13 8.23 -3.64 11.46
CA GLU A 13 8.81 -3.96 10.16
C GLU A 13 7.98 -3.37 9.02
N LEU A 14 6.67 -3.69 8.93
CA LEU A 14 5.83 -3.27 7.81
C LEU A 14 5.73 -1.73 7.67
N SER A 15 5.72 -0.99 8.79
CA SER A 15 5.69 0.48 8.79
C SER A 15 6.97 1.10 8.22
N ALA A 16 8.13 0.48 8.43
CA ALA A 16 9.38 0.90 7.79
C ALA A 16 9.45 0.42 6.33
N LEU A 17 8.99 -0.79 6.03
CA LEU A 17 9.03 -1.38 4.68
C LEU A 17 8.17 -0.60 3.69
N LEU A 18 6.97 -0.14 4.04
CA LEU A 18 6.14 0.66 3.11
C LEU A 18 6.82 2.01 2.76
N ARG A 19 7.52 2.63 3.71
CA ARG A 19 8.30 3.84 3.50
C ARG A 19 9.57 3.57 2.67
N GLN A 20 10.24 2.44 2.88
CA GLN A 20 11.37 1.97 2.08
C GLN A 20 10.98 1.66 0.62
N GLU A 21 9.78 1.12 0.38
CA GLU A 21 9.23 0.94 -0.97
C GLU A 21 9.03 2.28 -1.71
N MET A 22 8.69 3.35 -0.98
CA MET A 22 8.63 4.74 -1.48
C MET A 22 9.98 5.47 -1.52
N GLY A 23 11.07 4.85 -1.05
CA GLY A 23 12.40 5.48 -0.96
C GLY A 23 12.48 6.59 0.10
N ASP A 24 11.66 6.51 1.15
CA ASP A 24 11.40 7.55 2.16
C ASP A 24 11.68 7.05 3.60
N ASP A 25 11.79 7.98 4.54
CA ASP A 25 11.99 7.76 5.98
C ASP A 25 11.07 8.64 6.87
N GLY A 26 10.28 9.54 6.27
CA GLY A 26 9.32 10.42 6.93
C GLY A 26 7.99 9.70 7.25
N GLY A 27 6.87 10.27 6.79
CA GLY A 27 5.52 9.72 7.00
C GLY A 27 4.95 9.95 8.42
N GLY A 28 3.97 9.11 8.80
CA GLY A 28 3.26 9.22 10.07
C GLY A 28 4.14 9.01 11.31
N SER A 29 3.82 9.70 12.40
CA SER A 29 4.56 9.63 13.67
C SER A 29 4.32 8.30 14.42
N GLY A 30 5.23 7.96 15.35
CA GLY A 30 5.11 6.77 16.22
C GLY A 30 4.07 6.97 17.34
N GLY A 31 3.35 5.89 17.68
CA GLY A 31 2.38 5.85 18.79
C GLY A 31 1.17 4.93 18.55
N GLY A 32 0.84 4.62 17.31
CA GLY A 32 -0.29 3.75 16.93
C GLY A 32 -1.68 4.37 17.13
N SER A 33 -1.79 5.69 17.25
CA SER A 33 -3.06 6.42 17.34
C SER A 33 -3.83 6.39 16.02
N MET A 34 -5.13 6.71 16.06
CA MET A 34 -5.99 6.86 14.88
C MET A 34 -5.41 7.87 13.87
N GLN A 35 -4.79 8.95 14.35
CA GLN A 35 -4.12 9.95 13.52
C GLN A 35 -2.85 9.42 12.83
N ASP A 36 -2.18 8.42 13.42
CA ASP A 36 -0.96 7.80 12.86
C ASP A 36 -1.30 6.81 11.74
N ILE A 37 -2.33 5.96 11.93
CA ILE A 37 -2.85 5.08 10.87
C ILE A 37 -3.48 5.88 9.72
N GLN A 38 -4.20 6.98 9.99
CA GLN A 38 -4.71 7.86 8.93
C GLN A 38 -3.60 8.42 8.02
N GLN A 39 -2.38 8.64 8.54
CA GLN A 39 -1.20 9.01 7.77
C GLN A 39 -0.59 7.80 7.05
N LEU A 40 -0.15 6.76 7.78
CA LEU A 40 0.58 5.61 7.23
C LEU A 40 -0.23 4.82 6.18
N LEU A 41 -1.52 4.57 6.43
CA LEU A 41 -2.37 3.78 5.55
C LEU A 41 -2.72 4.50 4.25
N ALA A 42 -2.91 5.83 4.29
CA ALA A 42 -3.08 6.67 3.10
C ALA A 42 -1.77 6.82 2.29
N LYS A 43 -0.62 6.94 2.98
CA LYS A 43 0.72 6.97 2.36
C LYS A 43 1.03 5.68 1.61
N SER A 44 0.70 4.52 2.21
CA SER A 44 0.83 3.20 1.56
C SER A 44 -0.08 3.07 0.34
N LEU A 45 -1.34 3.54 0.42
CA LEU A 45 -2.29 3.56 -0.69
C LEU A 45 -1.81 4.44 -1.87
N THR A 46 -1.13 5.56 -1.59
CA THR A 46 -0.55 6.42 -2.64
C THR A 46 0.49 5.67 -3.50
N GLU A 47 1.28 4.77 -2.90
CA GLU A 47 2.24 3.92 -3.64
C GLU A 47 1.53 2.85 -4.50
N ILE A 48 0.42 2.28 -4.03
CA ILE A 48 -0.38 1.28 -4.77
C ILE A 48 -0.92 1.88 -6.08
N LYS A 49 -1.55 3.06 -6.01
CA LYS A 49 -2.21 3.71 -7.16
C LYS A 49 -1.27 3.97 -8.34
N ARG A 50 -0.04 4.46 -8.09
CA ARG A 50 0.95 4.74 -9.14
C ARG A 50 1.41 3.47 -9.86
N LEU A 51 1.70 2.39 -9.12
CA LEU A 51 2.16 1.12 -9.68
C LEU A 51 1.09 0.40 -10.52
N LYS A 52 -0.18 0.43 -10.08
CA LYS A 52 -1.32 -0.06 -10.88
C LYS A 52 -1.47 0.72 -12.18
N ALA A 53 -1.40 2.06 -12.12
CA ALA A 53 -1.48 2.92 -13.30
C ALA A 53 -0.32 2.68 -14.29
N ALA A 54 0.93 2.58 -13.82
CA ALA A 54 2.10 2.34 -14.66
C ALA A 54 2.06 0.97 -15.35
N ASN A 55 1.69 -0.10 -14.63
CA ASN A 55 1.55 -1.45 -15.17
C ASN A 55 0.46 -1.51 -16.27
N GLN A 56 -0.71 -0.90 -16.03
CA GLN A 56 -1.79 -0.82 -17.02
C GLN A 56 -1.39 0.01 -18.25
N ALA A 57 -0.73 1.17 -18.05
CA ALA A 57 -0.35 2.09 -19.12
C ALA A 57 0.68 1.49 -20.10
N LEU A 58 1.68 0.75 -19.61
CA LEU A 58 2.66 0.08 -20.48
C LEU A 58 2.07 -1.16 -21.17
N GLU A 59 1.20 -1.93 -20.50
CA GLU A 59 0.57 -3.13 -21.06
C GLU A 59 -0.31 -2.79 -22.27
N GLN A 60 -1.10 -1.72 -22.20
CA GLN A 60 -1.90 -1.26 -23.35
C GLN A 60 -1.06 -0.58 -24.45
N ALA A 61 0.10 0.01 -24.12
CA ALA A 61 1.00 0.63 -25.11
C ALA A 61 1.75 -0.41 -25.96
N ARG A 62 2.19 -1.51 -25.33
CA ARG A 62 2.98 -2.60 -25.96
C ARG A 62 2.13 -3.66 -26.68
N ARG A 63 0.87 -3.35 -27.01
CA ARG A 63 -0.09 -4.25 -27.68
C ARG A 63 0.15 -4.48 -29.19
N GLU A 64 1.08 -3.72 -29.77
CA GLU A 64 1.42 -3.70 -31.22
C GLU A 64 1.94 -5.06 -31.76
N GLY B 1 -15.01 24.05 -4.08
CA GLY B 1 -15.44 23.40 -5.33
C GLY B 1 -15.08 21.93 -5.38
N PRO B 2 -15.21 21.27 -6.56
CA PRO B 2 -14.91 19.85 -6.75
C PRO B 2 -13.45 19.47 -6.45
N GLY B 3 -13.22 18.21 -6.07
CA GLY B 3 -11.90 17.64 -5.78
C GLY B 3 -11.96 16.21 -5.21
N SER B 4 -10.78 15.61 -5.03
CA SER B 4 -10.60 14.23 -4.52
C SER B 4 -9.33 14.06 -3.65
N TYR B 5 -8.75 15.19 -3.21
CA TYR B 5 -7.48 15.26 -2.47
C TYR B 5 -7.58 14.71 -1.03
N ASP B 6 -6.43 14.40 -0.43
CA ASP B 6 -6.27 13.89 0.95
C ASP B 6 -6.49 14.96 2.06
N ALA B 7 -7.49 15.83 1.89
CA ALA B 7 -7.82 16.96 2.76
C ALA B 7 -8.51 16.53 4.08
N ALA B 8 -7.77 15.85 4.95
CA ALA B 8 -8.19 15.35 6.27
C ALA B 8 -9.44 14.43 6.22
N LEU B 9 -9.59 13.64 5.14
CA LEU B 9 -10.65 12.65 4.98
C LEU B 9 -10.61 11.56 6.08
N PRO B 10 -11.77 11.02 6.51
CA PRO B 10 -11.84 10.05 7.60
C PRO B 10 -11.29 8.68 7.20
N ILE B 11 -10.96 7.86 8.19
CA ILE B 11 -10.34 6.54 8.00
C ILE B 11 -11.21 5.54 7.19
N ASP B 12 -12.54 5.72 7.21
CA ASP B 12 -13.48 4.94 6.40
C ASP B 12 -13.23 5.11 4.90
N GLU B 13 -12.88 6.32 4.44
CA GLU B 13 -12.63 6.62 3.03
C GLU B 13 -11.29 6.06 2.54
N LEU B 14 -10.19 6.27 3.27
CA LEU B 14 -8.88 5.75 2.86
C LEU B 14 -8.81 4.19 2.91
N SER B 15 -9.52 3.57 3.86
CA SER B 15 -9.78 2.12 3.87
C SER B 15 -10.57 1.68 2.63
N ALA B 16 -11.69 2.34 2.30
CA ALA B 16 -12.48 2.03 1.11
C ALA B 16 -11.68 2.20 -0.20
N LEU B 17 -10.74 3.15 -0.26
CA LEU B 17 -9.83 3.37 -1.40
C LEU B 17 -8.85 2.20 -1.57
N LEU B 18 -8.13 1.75 -0.52
CA LEU B 18 -7.19 0.63 -0.67
C LEU B 18 -7.92 -0.69 -0.98
N ARG B 19 -9.11 -0.90 -0.42
CA ARG B 19 -9.97 -2.06 -0.71
C ARG B 19 -10.47 -2.07 -2.17
N GLN B 20 -10.98 -0.96 -2.69
CA GLN B 20 -11.46 -0.91 -4.08
C GLN B 20 -10.33 -0.92 -5.13
N GLU B 21 -9.12 -0.43 -4.81
CA GLU B 21 -7.93 -0.61 -5.66
C GLU B 21 -7.50 -2.09 -5.75
N MET B 22 -7.62 -2.87 -4.67
CA MET B 22 -7.45 -4.33 -4.68
C MET B 22 -8.61 -5.09 -5.36
N GLY B 23 -9.72 -4.39 -5.65
CA GLY B 23 -10.96 -4.98 -6.19
C GLY B 23 -11.76 -5.76 -5.14
N ASP B 24 -11.46 -5.59 -3.85
CA ASP B 24 -12.09 -6.27 -2.73
C ASP B 24 -13.41 -5.59 -2.30
N ASP B 25 -14.54 -6.28 -2.44
CA ASP B 25 -15.86 -5.81 -1.99
C ASP B 25 -16.15 -6.14 -0.50
N GLY B 26 -15.24 -6.84 0.19
CA GLY B 26 -15.32 -7.16 1.62
C GLY B 26 -14.88 -6.03 2.56
N GLY B 27 -14.86 -6.33 3.85
CA GLY B 27 -14.45 -5.43 4.94
C GLY B 27 -14.64 -6.04 6.33
N GLY B 28 -14.42 -5.25 7.38
CA GLY B 28 -14.60 -5.65 8.78
C GLY B 28 -14.39 -4.52 9.79
N SER B 29 -14.95 -4.68 10.99
CA SER B 29 -14.81 -3.76 12.12
C SER B 29 -13.45 -3.90 12.85
N GLY B 30 -13.13 -2.91 13.69
CA GLY B 30 -11.92 -2.87 14.53
C GLY B 30 -12.06 -1.93 15.74
N GLY B 31 -11.20 -2.11 16.73
CA GLY B 31 -11.14 -1.31 17.97
C GLY B 31 -10.02 -0.27 18.02
N GLY B 32 -9.20 -0.19 16.97
CA GLY B 32 -7.97 0.62 16.94
C GLY B 32 -6.78 0.01 17.69
N SER B 33 -6.87 -1.27 18.05
CA SER B 33 -5.79 -2.03 18.72
C SER B 33 -4.58 -2.26 17.82
N MET B 34 -3.40 -2.54 18.40
CA MET B 34 -2.12 -2.67 17.66
C MET B 34 -2.17 -3.72 16.53
N GLN B 35 -2.93 -4.81 16.69
CA GLN B 35 -3.12 -5.81 15.65
C GLN B 35 -4.05 -5.33 14.50
N ASP B 36 -4.99 -4.42 14.75
CA ASP B 36 -5.90 -3.89 13.71
C ASP B 36 -5.16 -2.97 12.73
N ILE B 37 -4.29 -2.09 13.24
CA ILE B 37 -3.38 -1.27 12.44
C ILE B 37 -2.34 -2.14 11.70
N GLN B 38 -1.81 -3.21 12.33
CA GLN B 38 -0.94 -4.18 11.66
C GLN B 38 -1.64 -4.85 10.48
N GLN B 39 -2.89 -5.32 10.64
CA GLN B 39 -3.65 -6.02 9.59
C GLN B 39 -3.94 -5.14 8.40
N LEU B 40 -4.45 -3.92 8.63
CA LEU B 40 -4.76 -2.96 7.55
C LEU B 40 -3.51 -2.55 6.78
N LEU B 41 -2.44 -2.18 7.49
CA LEU B 41 -1.21 -1.65 6.90
C LEU B 41 -0.33 -2.76 6.28
N ALA B 42 -0.45 -4.02 6.73
CA ALA B 42 0.12 -5.19 6.06
C ALA B 42 -0.54 -5.46 4.70
N LYS B 43 -1.88 -5.34 4.61
CA LYS B 43 -2.67 -5.57 3.40
C LYS B 43 -2.28 -4.61 2.27
N SER B 44 -2.15 -3.31 2.58
CA SER B 44 -1.64 -2.32 1.63
C SER B 44 -0.16 -2.52 1.25
N LEU B 45 0.72 -2.85 2.21
CA LEU B 45 2.14 -3.14 1.96
C LEU B 45 2.34 -4.37 1.05
N THR B 46 1.56 -5.43 1.27
CA THR B 46 1.59 -6.65 0.44
C THR B 46 1.18 -6.36 -1.02
N GLU B 47 0.20 -5.49 -1.24
CA GLU B 47 -0.27 -5.15 -2.58
C GLU B 47 0.76 -4.34 -3.40
N ILE B 48 1.55 -3.47 -2.76
CA ILE B 48 2.68 -2.77 -3.41
C ILE B 48 3.66 -3.80 -3.99
N LYS B 49 4.09 -4.75 -3.16
CA LYS B 49 5.06 -5.80 -3.53
C LYS B 49 4.52 -6.77 -4.58
N ARG B 50 3.22 -7.10 -4.53
CA ARG B 50 2.52 -7.92 -5.54
C ARG B 50 2.53 -7.26 -6.92
N LEU B 51 2.20 -5.97 -7.00
CA LEU B 51 2.20 -5.21 -8.26
C LEU B 51 3.61 -5.03 -8.84
N LYS B 52 4.60 -4.75 -7.99
CA LYS B 52 6.01 -4.65 -8.43
C LYS B 52 6.57 -5.98 -8.93
N ALA B 53 6.26 -7.09 -8.27
CA ALA B 53 6.61 -8.44 -8.74
C ALA B 53 5.96 -8.78 -10.09
N ALA B 54 4.67 -8.47 -10.27
CA ALA B 54 3.96 -8.66 -11.55
C ALA B 54 4.55 -7.82 -12.69
N ASN B 55 4.86 -6.54 -12.44
CA ASN B 55 5.47 -5.63 -13.40
C ASN B 55 6.90 -6.10 -13.80
N GLN B 56 7.71 -6.51 -12.83
CA GLN B 56 9.04 -7.08 -13.06
C GLN B 56 9.03 -8.37 -13.91
N ALA B 57 8.01 -9.22 -13.71
CA ALA B 57 7.85 -10.48 -14.45
C ALA B 57 7.47 -10.29 -15.93
N LEU B 58 6.71 -9.25 -16.28
CA LEU B 58 6.35 -8.91 -17.67
C LEU B 58 7.37 -7.99 -18.38
N GLU B 59 8.10 -7.13 -17.65
CA GLU B 59 9.19 -6.30 -18.20
C GLU B 59 10.32 -7.18 -18.79
N GLN B 60 10.68 -8.27 -18.11
CA GLN B 60 11.70 -9.23 -18.59
C GLN B 60 11.18 -10.20 -19.66
N ALA B 61 9.87 -10.24 -19.92
CA ALA B 61 9.27 -11.03 -21.01
C ALA B 61 9.22 -10.25 -22.34
N ARG B 62 8.83 -8.97 -22.29
CA ARG B 62 8.62 -8.07 -23.45
C ARG B 62 9.93 -7.48 -24.02
N ARG B 63 10.90 -8.35 -24.30
CA ARG B 63 12.25 -8.01 -24.82
C ARG B 63 12.84 -9.01 -25.84
N GLU B 64 12.07 -10.04 -26.24
CA GLU B 64 12.50 -11.06 -27.22
C GLU B 64 12.71 -10.53 -28.66
N GLY A 1 16.29 -10.98 0.12
CA GLY A 1 17.44 -11.37 0.95
C GLY A 1 17.02 -11.58 2.41
N PRO A 2 17.52 -10.79 3.38
CA PRO A 2 17.15 -10.89 4.79
C PRO A 2 15.69 -10.48 5.04
N GLY A 3 15.13 -10.93 6.17
CA GLY A 3 13.74 -10.65 6.57
C GLY A 3 12.67 -11.43 5.79
N SER A 4 13.03 -12.54 5.15
CA SER A 4 12.11 -13.42 4.39
C SER A 4 11.11 -14.19 5.27
N TYR A 5 11.43 -14.38 6.55
CA TYR A 5 10.56 -14.97 7.57
C TYR A 5 9.47 -14.00 8.06
N ASP A 6 8.32 -14.53 8.47
CA ASP A 6 7.18 -13.77 9.01
C ASP A 6 6.43 -14.60 10.05
N ALA A 7 6.40 -14.13 11.30
CA ALA A 7 5.66 -14.74 12.41
C ALA A 7 5.23 -13.66 13.44
N ALA A 8 4.11 -12.98 13.17
CA ALA A 8 3.51 -11.93 14.01
C ALA A 8 4.51 -10.79 14.37
N LEU A 9 5.27 -10.32 13.37
CA LEU A 9 6.20 -9.20 13.50
C LEU A 9 5.50 -7.91 13.99
N PRO A 10 6.16 -7.07 14.80
CA PRO A 10 5.54 -5.89 15.41
C PRO A 10 5.29 -4.77 14.40
N ILE A 11 4.44 -3.81 14.80
CA ILE A 11 4.00 -2.69 13.95
C ILE A 11 5.16 -1.81 13.44
N ASP A 12 6.25 -1.67 14.20
CA ASP A 12 7.44 -0.91 13.79
C ASP A 12 8.13 -1.50 12.54
N GLU A 13 8.12 -2.83 12.40
CA GLU A 13 8.74 -3.52 11.26
C GLU A 13 7.92 -3.39 9.97
N LEU A 14 6.61 -3.65 9.99
CA LEU A 14 5.77 -3.45 8.79
C LEU A 14 5.66 -1.97 8.39
N SER A 15 5.74 -1.05 9.37
CA SER A 15 5.84 0.40 9.13
C SER A 15 7.19 0.81 8.49
N ALA A 16 8.30 0.14 8.80
CA ALA A 16 9.58 0.36 8.12
C ALA A 16 9.61 -0.26 6.70
N LEU A 17 8.95 -1.40 6.49
CA LEU A 17 8.87 -2.07 5.19
C LEU A 17 8.20 -1.20 4.12
N LEU A 18 7.10 -0.50 4.44
CA LEU A 18 6.43 0.38 3.46
C LEU A 18 7.31 1.58 3.06
N ARG A 19 8.04 2.19 4.00
CA ARG A 19 8.96 3.30 3.70
C ARG A 19 10.14 2.83 2.85
N GLN A 20 10.70 1.65 3.15
CA GLN A 20 11.77 1.03 2.35
C GLN A 20 11.31 0.60 0.95
N GLU A 21 10.08 0.12 0.76
CA GLU A 21 9.51 -0.15 -0.56
C GLU A 21 9.30 1.12 -1.41
N MET A 22 8.98 2.26 -0.78
CA MET A 22 8.91 3.57 -1.43
C MET A 22 10.29 4.21 -1.70
N GLY A 23 11.37 3.64 -1.15
CA GLY A 23 12.72 4.20 -1.20
C GLY A 23 12.93 5.43 -0.31
N ASP A 24 12.05 5.65 0.67
CA ASP A 24 12.09 6.76 1.64
C ASP A 24 13.21 6.54 2.69
N ASP A 25 14.06 7.54 2.93
CA ASP A 25 15.18 7.48 3.88
C ASP A 25 14.75 7.47 5.36
N GLY A 26 13.53 7.94 5.69
CA GLY A 26 13.01 7.96 7.07
C GLY A 26 12.62 6.59 7.60
N GLY A 27 12.72 6.41 8.93
CA GLY A 27 12.41 5.16 9.63
C GLY A 27 10.92 4.94 9.92
N GLY A 28 10.52 3.68 10.13
CA GLY A 28 9.16 3.29 10.50
C GLY A 28 8.93 3.15 12.01
N SER A 29 7.70 3.42 12.45
CA SER A 29 7.22 3.19 13.82
C SER A 29 5.68 3.15 13.89
N GLY A 30 5.13 2.48 14.90
CA GLY A 30 3.69 2.47 15.19
C GLY A 30 3.18 3.79 15.79
N GLY A 31 1.96 4.20 15.38
CA GLY A 31 1.24 5.37 15.90
C GLY A 31 0.42 5.09 17.16
N GLY A 32 -0.44 6.04 17.52
CA GLY A 32 -1.41 5.91 18.62
C GLY A 32 -2.67 6.77 18.49
N SER A 33 -2.58 7.95 17.85
CA SER A 33 -3.72 8.80 17.48
C SER A 33 -4.24 8.49 16.07
N MET A 34 -5.50 8.80 15.78
CA MET A 34 -6.13 8.50 14.48
C MET A 34 -5.43 9.17 13.29
N GLN A 35 -4.83 10.34 13.49
CA GLN A 35 -4.06 11.03 12.46
C GLN A 35 -2.77 10.31 12.06
N ASP A 36 -2.17 9.53 12.97
CA ASP A 36 -0.96 8.72 12.69
C ASP A 36 -1.28 7.57 11.72
N ILE A 37 -2.40 6.88 11.95
CA ILE A 37 -2.87 5.77 11.11
C ILE A 37 -3.42 6.25 9.76
N GLN A 38 -4.13 7.38 9.72
CA GLN A 38 -4.52 8.02 8.45
C GLN A 38 -3.30 8.30 7.56
N GLN A 39 -2.24 8.90 8.12
CA GLN A 39 -1.00 9.20 7.38
C GLN A 39 -0.25 7.96 6.91
N LEU A 40 -0.06 6.96 7.79
CA LEU A 40 0.62 5.70 7.42
C LEU A 40 -0.16 4.93 6.32
N LEU A 41 -1.45 4.73 6.53
CA LEU A 41 -2.26 3.84 5.70
C LEU A 41 -2.61 4.46 4.32
N ALA A 42 -2.79 5.79 4.25
CA ALA A 42 -2.97 6.50 2.99
C ALA A 42 -1.69 6.54 2.12
N LYS A 43 -0.49 6.55 2.74
CA LYS A 43 0.80 6.57 2.04
C LYS A 43 1.04 5.27 1.26
N SER A 44 0.72 4.11 1.86
CA SER A 44 0.73 2.82 1.15
C SER A 44 -0.31 2.75 0.02
N LEU A 45 -1.53 3.28 0.24
CA LEU A 45 -2.58 3.37 -0.78
C LEU A 45 -2.15 4.23 -1.98
N THR A 46 -1.48 5.36 -1.73
CA THR A 46 -0.91 6.22 -2.79
C THR A 46 0.13 5.47 -3.63
N GLU A 47 1.01 4.68 -3.01
CA GLU A 47 2.05 3.93 -3.73
C GLU A 47 1.47 2.81 -4.63
N ILE A 48 0.36 2.16 -4.24
CA ILE A 48 -0.36 1.22 -5.10
C ILE A 48 -0.84 1.93 -6.38
N LYS A 49 -1.45 3.11 -6.26
CA LYS A 49 -1.94 3.93 -7.39
C LYS A 49 -0.80 4.42 -8.30
N ARG A 50 0.37 4.77 -7.74
CA ARG A 50 1.57 5.13 -8.53
C ARG A 50 2.06 3.96 -9.39
N LEU A 51 2.06 2.73 -8.87
CA LEU A 51 2.39 1.52 -9.62
C LEU A 51 1.35 1.23 -10.72
N LYS A 52 0.06 1.28 -10.38
CA LYS A 52 -1.03 0.98 -11.32
C LYS A 52 -1.16 1.97 -12.47
N ALA A 53 -0.84 3.26 -12.27
CA ALA A 53 -0.86 4.27 -13.32
C ALA A 53 0.11 3.94 -14.48
N ALA A 54 1.31 3.44 -14.17
CA ALA A 54 2.29 3.00 -15.17
C ALA A 54 1.86 1.68 -15.86
N ASN A 55 1.38 0.71 -15.09
CA ASN A 55 0.96 -0.60 -15.60
C ASN A 55 -0.28 -0.49 -16.52
N GLN A 56 -1.25 0.34 -16.17
CA GLN A 56 -2.45 0.61 -16.98
C GLN A 56 -2.11 1.30 -18.32
N ALA A 57 -1.17 2.25 -18.32
CA ALA A 57 -0.75 2.97 -19.52
C ALA A 57 -0.07 2.06 -20.55
N LEU A 58 0.86 1.20 -20.12
CA LEU A 58 1.51 0.22 -21.02
C LEU A 58 0.56 -0.92 -21.45
N GLU A 59 -0.40 -1.32 -20.61
CA GLU A 59 -1.44 -2.31 -20.99
C GLU A 59 -2.33 -1.78 -22.14
N GLN A 60 -2.69 -0.49 -22.12
CA GLN A 60 -3.44 0.18 -23.17
C GLN A 60 -2.59 0.39 -24.45
N ALA A 61 -1.29 0.67 -24.31
CA ALA A 61 -0.40 0.91 -25.45
C ALA A 61 0.00 -0.38 -26.21
N ARG A 62 0.36 -1.45 -25.50
CA ARG A 62 1.00 -2.66 -26.06
C ARG A 62 0.03 -3.71 -26.63
N ARG A 63 -1.28 -3.54 -26.42
CA ARG A 63 -2.34 -4.45 -26.94
C ARG A 63 -2.69 -4.29 -28.42
N GLU A 64 -2.18 -3.25 -29.07
CA GLU A 64 -2.36 -2.93 -30.50
C GLU A 64 -1.57 -3.87 -31.44
N GLY B 1 1.60 16.14 -2.68
CA GLY B 1 1.91 16.58 -4.05
C GLY B 1 2.10 18.09 -4.15
N PRO B 2 2.16 18.65 -5.37
CA PRO B 2 2.40 20.07 -5.62
C PRO B 2 1.16 20.97 -5.32
N GLY B 3 -0.03 20.38 -5.22
CA GLY B 3 -1.30 21.05 -4.94
C GLY B 3 -2.45 20.05 -4.79
N SER B 4 -3.69 20.56 -4.71
CA SER B 4 -4.94 19.78 -4.62
C SER B 4 -4.92 18.72 -3.51
N TYR B 5 -4.87 19.19 -2.26
CA TYR B 5 -4.66 18.37 -1.05
C TYR B 5 -5.64 17.19 -0.90
N ASP B 6 -5.12 16.09 -0.35
CA ASP B 6 -5.76 14.77 -0.18
C ASP B 6 -5.19 14.05 1.07
N ALA B 7 -5.51 12.75 1.23
CA ALA B 7 -5.06 11.85 2.33
C ALA B 7 -5.53 12.20 3.76
N ALA B 8 -5.95 13.44 4.02
CA ALA B 8 -6.54 13.89 5.28
C ALA B 8 -8.02 13.46 5.48
N LEU B 9 -8.62 12.83 4.46
CA LEU B 9 -9.94 12.21 4.46
C LEU B 9 -10.10 11.15 5.59
N PRO B 10 -11.33 10.94 6.11
CA PRO B 10 -11.58 10.04 7.23
C PRO B 10 -11.22 8.59 6.91
N ILE B 11 -10.86 7.82 7.94
CA ILE B 11 -10.27 6.47 7.77
C ILE B 11 -11.21 5.47 7.09
N ASP B 12 -12.53 5.66 7.20
CA ASP B 12 -13.53 4.82 6.51
C ASP B 12 -13.43 4.91 4.98
N GLU B 13 -12.91 6.02 4.42
CA GLU B 13 -12.66 6.18 2.98
C GLU B 13 -11.36 5.48 2.56
N LEU B 14 -10.22 5.81 3.18
CA LEU B 14 -8.92 5.24 2.77
C LEU B 14 -8.82 3.71 3.01
N SER B 15 -9.46 3.21 4.08
CA SER B 15 -9.58 1.76 4.36
C SER B 15 -10.47 1.02 3.36
N ALA B 16 -11.53 1.66 2.84
CA ALA B 16 -12.34 1.10 1.76
C ALA B 16 -11.60 1.14 0.41
N LEU B 17 -10.85 2.21 0.12
CA LEU B 17 -10.07 2.37 -1.10
C LEU B 17 -8.96 1.32 -1.24
N LEU B 18 -8.18 1.03 -0.19
CA LEU B 18 -7.13 -0.01 -0.28
C LEU B 18 -7.72 -1.41 -0.47
N ARG B 19 -8.88 -1.71 0.14
CA ARG B 19 -9.62 -2.96 -0.08
C ARG B 19 -10.15 -3.05 -1.52
N GLN B 20 -10.75 -1.98 -2.03
CA GLN B 20 -11.23 -1.87 -3.40
C GLN B 20 -10.11 -2.02 -4.44
N GLU B 21 -8.92 -1.46 -4.19
CA GLU B 21 -7.73 -1.65 -5.03
C GLU B 21 -7.24 -3.12 -5.03
N MET B 22 -7.30 -3.82 -3.90
CA MET B 22 -7.05 -5.27 -3.81
C MET B 22 -8.21 -6.15 -4.34
N GLY B 23 -9.35 -5.55 -4.70
CA GLY B 23 -10.55 -6.26 -5.16
C GLY B 23 -11.40 -6.92 -4.05
N ASP B 24 -11.10 -6.62 -2.78
CA ASP B 24 -11.86 -7.10 -1.61
C ASP B 24 -13.14 -6.29 -1.38
N ASP B 25 -14.27 -6.98 -1.19
CA ASP B 25 -15.55 -6.40 -0.75
C ASP B 25 -15.82 -6.60 0.77
N GLY B 26 -15.00 -7.41 1.44
CA GLY B 26 -15.12 -7.77 2.86
C GLY B 26 -14.37 -6.84 3.82
N GLY B 27 -14.02 -7.36 5.01
CA GLY B 27 -13.22 -6.68 6.04
C GLY B 27 -14.01 -5.80 7.03
N GLY B 28 -15.28 -5.52 6.77
CA GLY B 28 -16.17 -4.74 7.66
C GLY B 28 -15.65 -3.34 7.97
N SER B 29 -15.58 -3.00 9.28
CA SER B 29 -15.00 -1.77 9.81
C SER B 29 -14.27 -2.04 11.13
N GLY B 30 -13.10 -1.42 11.34
CA GLY B 30 -12.25 -1.62 12.52
C GLY B 30 -12.72 -0.88 13.79
N GLY B 31 -12.22 -1.33 14.94
CA GLY B 31 -12.40 -0.69 16.26
C GLY B 31 -11.24 0.25 16.65
N GLY B 32 -10.18 0.32 15.84
CA GLY B 32 -8.96 1.11 16.10
C GLY B 32 -7.94 0.41 16.98
N SER B 33 -8.12 -0.88 17.27
CA SER B 33 -7.20 -1.72 18.05
C SER B 33 -5.89 -2.01 17.28
N MET B 34 -4.81 -2.34 17.98
CA MET B 34 -3.49 -2.62 17.38
C MET B 34 -3.52 -3.77 16.36
N GLN B 35 -4.39 -4.76 16.53
CA GLN B 35 -4.55 -5.85 15.55
C GLN B 35 -5.20 -5.37 14.23
N ASP B 36 -6.04 -4.34 14.25
CA ASP B 36 -6.69 -3.79 13.04
C ASP B 36 -5.69 -3.01 12.17
N ILE B 37 -4.92 -2.10 12.78
CA ILE B 37 -3.92 -1.29 12.09
C ILE B 37 -2.78 -2.13 11.48
N GLN B 38 -2.29 -3.15 12.20
CA GLN B 38 -1.24 -4.05 11.69
C GLN B 38 -1.72 -4.82 10.44
N GLN B 39 -2.94 -5.36 10.45
CA GLN B 39 -3.51 -6.10 9.31
C GLN B 39 -3.75 -5.19 8.08
N LEU B 40 -4.39 -4.03 8.25
CA LEU B 40 -4.66 -3.09 7.16
C LEU B 40 -3.37 -2.57 6.51
N LEU B 41 -2.40 -2.15 7.33
CA LEU B 41 -1.13 -1.58 6.86
C LEU B 41 -0.23 -2.64 6.18
N ALA B 42 -0.22 -3.88 6.68
CA ALA B 42 0.47 -5.01 6.04
C ALA B 42 -0.18 -5.43 4.71
N LYS B 43 -1.51 -5.46 4.60
CA LYS B 43 -2.21 -5.77 3.33
C LYS B 43 -1.96 -4.71 2.27
N SER B 44 -2.04 -3.42 2.63
CA SER B 44 -1.72 -2.32 1.71
C SER B 44 -0.25 -2.37 1.24
N LEU B 45 0.69 -2.70 2.13
CA LEU B 45 2.10 -2.97 1.80
C LEU B 45 2.27 -4.19 0.87
N THR B 46 1.54 -5.28 1.11
CA THR B 46 1.57 -6.50 0.26
C THR B 46 1.12 -6.21 -1.17
N GLU B 47 0.12 -5.35 -1.38
CA GLU B 47 -0.36 -4.97 -2.72
C GLU B 47 0.69 -4.19 -3.53
N ILE B 48 1.54 -3.37 -2.88
CA ILE B 48 2.68 -2.70 -3.56
C ILE B 48 3.66 -3.74 -4.12
N LYS B 49 4.07 -4.70 -3.28
CA LYS B 49 4.98 -5.81 -3.67
C LYS B 49 4.40 -6.65 -4.82
N ARG B 50 3.09 -6.96 -4.76
CA ARG B 50 2.35 -7.72 -5.78
C ARG B 50 2.27 -6.99 -7.12
N LEU B 51 2.01 -5.68 -7.14
CA LEU B 51 2.01 -4.87 -8.37
C LEU B 51 3.41 -4.71 -8.97
N LYS B 52 4.45 -4.54 -8.14
CA LYS B 52 5.86 -4.55 -8.60
C LYS B 52 6.22 -5.87 -9.29
N ALA B 53 5.86 -7.00 -8.69
CA ALA B 53 6.07 -8.34 -9.26
C ALA B 53 5.31 -8.55 -10.59
N ALA B 54 4.05 -8.12 -10.68
CA ALA B 54 3.24 -8.23 -11.89
C ALA B 54 3.81 -7.39 -13.06
N ASN B 55 4.21 -6.14 -12.79
CA ASN B 55 4.84 -5.27 -13.79
C ASN B 55 6.21 -5.78 -14.24
N GLN B 56 7.04 -6.29 -13.32
CA GLN B 56 8.33 -6.90 -13.63
C GLN B 56 8.20 -8.18 -14.48
N ALA B 57 7.16 -8.99 -14.24
CA ALA B 57 6.90 -10.22 -14.99
C ALA B 57 6.49 -9.98 -16.45
N LEU B 58 5.71 -8.93 -16.75
CA LEU B 58 5.32 -8.58 -18.12
C LEU B 58 6.41 -7.79 -18.87
N GLU B 59 7.20 -6.95 -18.20
CA GLU B 59 8.23 -6.12 -18.87
C GLU B 59 9.32 -6.96 -19.55
N GLN B 60 9.81 -8.00 -18.88
CA GLN B 60 10.82 -8.93 -19.43
C GLN B 60 10.28 -9.82 -20.58
N ALA B 61 8.96 -9.88 -20.77
CA ALA B 61 8.27 -10.70 -21.77
C ALA B 61 7.68 -9.89 -22.96
N ARG B 62 7.80 -8.55 -22.93
CA ARG B 62 7.25 -7.61 -23.94
C ARG B 62 8.30 -6.66 -24.55
N ARG B 63 9.57 -6.81 -24.18
CA ARG B 63 10.71 -5.97 -24.61
C ARG B 63 11.20 -6.20 -26.05
N GLU B 64 10.76 -7.31 -26.65
CA GLU B 64 11.06 -7.76 -28.02
C GLU B 64 10.53 -6.79 -29.12
N GLY A 1 9.94 -30.39 7.35
CA GLY A 1 9.94 -29.55 6.14
C GLY A 1 10.37 -28.12 6.44
N PRO A 2 10.13 -27.17 5.51
CA PRO A 2 10.51 -25.76 5.64
C PRO A 2 9.87 -25.05 6.86
N GLY A 3 10.56 -24.05 7.40
CA GLY A 3 10.09 -23.21 8.50
C GLY A 3 9.03 -22.17 8.08
N SER A 4 8.36 -21.57 9.08
CA SER A 4 7.47 -20.41 8.90
C SER A 4 8.25 -19.10 8.88
N TYR A 5 7.81 -18.14 8.05
CA TYR A 5 8.43 -16.83 7.86
C TYR A 5 7.38 -15.73 7.64
N ASP A 6 7.77 -14.47 7.88
CA ASP A 6 6.95 -13.25 7.69
C ASP A 6 5.60 -13.29 8.43
N ALA A 7 5.60 -13.83 9.65
CA ALA A 7 4.42 -14.07 10.48
C ALA A 7 4.53 -13.30 11.81
N ALA A 8 3.48 -12.51 12.12
CA ALA A 8 3.32 -11.70 13.32
C ALA A 8 4.48 -10.71 13.60
N LEU A 9 5.12 -10.20 12.54
CA LEU A 9 6.17 -9.16 12.63
C LEU A 9 5.62 -7.83 13.21
N PRO A 10 6.43 -7.04 13.93
CA PRO A 10 5.96 -5.87 14.67
C PRO A 10 5.62 -4.68 13.76
N ILE A 11 4.89 -3.69 14.29
CA ILE A 11 4.38 -2.56 13.51
C ILE A 11 5.47 -1.66 12.91
N ASP A 12 6.61 -1.49 13.58
CA ASP A 12 7.73 -0.70 13.06
C ASP A 12 8.44 -1.39 11.88
N GLU A 13 8.36 -2.72 11.77
CA GLU A 13 8.92 -3.47 10.64
C GLU A 13 8.07 -3.28 9.37
N LEU A 14 6.75 -3.48 9.42
CA LEU A 14 5.88 -3.24 8.26
C LEU A 14 5.84 -1.75 7.84
N SER A 15 5.94 -0.83 8.81
CA SER A 15 6.05 0.62 8.54
C SER A 15 7.39 1.02 7.90
N ALA A 16 8.49 0.30 8.18
CA ALA A 16 9.74 0.45 7.44
C ALA A 16 9.64 -0.16 6.03
N LEU A 17 9.07 -1.36 5.90
CA LEU A 17 8.95 -2.07 4.62
C LEU A 17 8.14 -1.28 3.58
N LEU A 18 7.02 -0.66 3.95
CA LEU A 18 6.25 0.17 2.99
C LEU A 18 7.04 1.40 2.52
N ARG A 19 7.81 2.05 3.41
CA ARG A 19 8.69 3.18 3.03
C ARG A 19 9.88 2.73 2.17
N GLN A 20 10.48 1.59 2.48
CA GLN A 20 11.56 0.99 1.69
C GLN A 20 11.10 0.63 0.26
N GLU A 21 9.87 0.12 0.10
CA GLU A 21 9.28 -0.14 -1.22
C GLU A 21 8.95 1.15 -2.00
N MET A 22 8.50 2.22 -1.32
CA MET A 22 8.30 3.55 -1.94
C MET A 22 9.61 4.21 -2.41
N GLY A 23 10.75 3.82 -1.85
CA GLY A 23 12.06 4.45 -2.05
C GLY A 23 12.40 5.55 -1.03
N ASP A 24 11.65 5.66 0.06
CA ASP A 24 11.87 6.59 1.18
C ASP A 24 12.95 6.06 2.16
N ASP A 25 13.51 6.96 2.98
CA ASP A 25 14.79 6.74 3.71
C ASP A 25 14.73 5.72 4.87
N GLY A 26 13.60 5.58 5.57
CA GLY A 26 13.47 4.65 6.71
C GLY A 26 12.16 4.77 7.50
N GLY A 27 11.89 3.77 8.35
CA GLY A 27 10.66 3.62 9.15
C GLY A 27 10.52 4.55 10.35
N GLY A 28 9.60 4.20 11.25
CA GLY A 28 9.29 4.94 12.49
C GLY A 28 8.68 4.04 13.59
N SER A 29 8.60 4.57 14.81
CA SER A 29 8.17 3.86 16.01
C SER A 29 7.49 4.79 17.03
N GLY A 30 6.72 4.23 17.96
CA GLY A 30 5.96 4.96 19.00
C GLY A 30 4.63 5.58 18.53
N GLY A 31 4.25 5.41 17.26
CA GLY A 31 2.96 5.83 16.70
C GLY A 31 1.78 4.94 17.11
N GLY A 32 0.56 5.47 16.99
CA GLY A 32 -0.69 4.74 17.29
C GLY A 32 -1.97 5.59 17.34
N SER A 33 -1.86 6.91 17.33
CA SER A 33 -3.00 7.85 17.25
C SER A 33 -3.63 7.86 15.85
N MET A 34 -4.88 8.32 15.73
CA MET A 34 -5.64 8.33 14.46
C MET A 34 -4.90 9.09 13.33
N GLN A 35 -4.18 10.17 13.67
CA GLN A 35 -3.39 10.96 12.73
C GLN A 35 -2.18 10.18 12.17
N ASP A 36 -1.58 9.26 12.94
CA ASP A 36 -0.45 8.43 12.50
C ASP A 36 -0.90 7.39 11.45
N ILE A 37 -2.06 6.75 11.69
CA ILE A 37 -2.62 5.72 10.81
C ILE A 37 -3.25 6.35 9.56
N GLN A 38 -3.93 7.51 9.65
CA GLN A 38 -4.44 8.23 8.48
C GLN A 38 -3.32 8.59 7.48
N GLN A 39 -2.12 8.95 7.97
CA GLN A 39 -0.95 9.20 7.12
C GLN A 39 -0.39 7.91 6.49
N LEU A 40 -0.01 6.92 7.30
CA LEU A 40 0.65 5.69 6.81
C LEU A 40 -0.25 4.86 5.88
N LEU A 41 -1.53 4.71 6.25
CA LEU A 41 -2.50 3.88 5.51
C LEU A 41 -3.01 4.58 4.23
N ALA A 42 -2.95 5.91 4.15
CA ALA A 42 -3.12 6.65 2.88
C ALA A 42 -1.87 6.62 2.00
N LYS A 43 -0.65 6.70 2.58
CA LYS A 43 0.62 6.67 1.84
C LYS A 43 0.84 5.32 1.13
N SER A 44 0.59 4.20 1.82
CA SER A 44 0.61 2.87 1.20
C SER A 44 -0.45 2.69 0.10
N LEU A 45 -1.66 3.23 0.27
CA LEU A 45 -2.69 3.28 -0.79
C LEU A 45 -2.23 4.13 -2.00
N THR A 46 -1.58 5.27 -1.74
CA THR A 46 -1.01 6.14 -2.80
C THR A 46 0.06 5.41 -3.62
N GLU A 47 0.88 4.57 -2.98
CA GLU A 47 1.87 3.73 -3.67
C GLU A 47 1.24 2.64 -4.57
N ILE A 48 0.07 2.08 -4.19
CA ILE A 48 -0.71 1.18 -5.06
C ILE A 48 -1.20 1.94 -6.31
N LYS A 49 -1.78 3.14 -6.14
CA LYS A 49 -2.18 4.04 -7.25
C LYS A 49 -1.01 4.34 -8.19
N ARG A 50 0.16 4.72 -7.64
CA ARG A 50 1.39 5.04 -8.36
C ARG A 50 1.83 3.89 -9.27
N LEU A 51 1.88 2.66 -8.74
CA LEU A 51 2.34 1.48 -9.49
C LEU A 51 1.30 0.97 -10.50
N LYS A 52 0.00 1.03 -10.20
CA LYS A 52 -1.06 0.72 -11.18
C LYS A 52 -1.04 1.69 -12.36
N ALA A 53 -0.82 2.98 -12.11
CA ALA A 53 -0.64 3.98 -13.16
C ALA A 53 0.64 3.73 -14.00
N ALA A 54 1.77 3.41 -13.36
CA ALA A 54 3.03 3.11 -14.04
C ALA A 54 2.94 1.84 -14.93
N ASN A 55 2.29 0.78 -14.44
CA ASN A 55 2.06 -0.46 -15.19
C ASN A 55 1.12 -0.23 -16.40
N GLN A 56 0.08 0.59 -16.23
CA GLN A 56 -0.80 1.01 -17.33
C GLN A 56 -0.05 1.84 -18.39
N ALA A 57 0.80 2.78 -17.96
CA ALA A 57 1.54 3.67 -18.86
C ALA A 57 2.54 2.92 -19.77
N LEU A 58 3.23 1.90 -19.26
CA LEU A 58 4.12 1.06 -20.08
C LEU A 58 3.34 0.04 -20.95
N GLU A 59 2.17 -0.43 -20.50
CA GLU A 59 1.34 -1.38 -21.27
C GLU A 59 0.81 -0.73 -22.57
N GLN A 60 0.35 0.52 -22.49
CA GLN A 60 -0.10 1.29 -23.66
C GLN A 60 1.06 1.82 -24.54
N ALA A 61 2.30 1.85 -24.03
CA ALA A 61 3.51 2.22 -24.78
C ALA A 61 4.05 1.06 -25.64
N ARG A 62 4.30 -0.11 -25.01
CA ARG A 62 5.00 -1.25 -25.64
C ARG A 62 4.19 -2.03 -26.67
N ARG A 63 2.87 -1.78 -26.75
CA ARG A 63 1.94 -2.41 -27.71
C ARG A 63 1.97 -1.83 -29.14
N GLU A 64 2.78 -0.79 -29.38
CA GLU A 64 2.99 -0.16 -30.70
C GLU A 64 3.56 -1.11 -31.77
N GLY B 1 6.97 23.11 2.02
CA GLY B 1 7.78 21.94 1.65
C GLY B 1 7.06 21.04 0.65
N PRO B 2 7.27 19.71 0.71
CA PRO B 2 6.61 18.72 -0.17
C PRO B 2 5.07 18.72 -0.06
N GLY B 3 4.41 18.25 -1.12
CA GLY B 3 2.95 18.09 -1.15
C GLY B 3 2.45 17.02 -0.17
N SER B 4 1.41 17.35 0.59
CA SER B 4 0.84 16.50 1.66
C SER B 4 -0.05 15.35 1.16
N TYR B 5 -0.51 15.42 -0.10
CA TYR B 5 -1.61 14.63 -0.68
C TYR B 5 -2.95 14.75 0.07
N ASP B 6 -4.02 14.18 -0.48
CA ASP B 6 -5.36 14.12 0.13
C ASP B 6 -5.44 13.03 1.23
N ALA B 7 -4.53 13.05 2.20
CA ALA B 7 -4.46 12.10 3.32
C ALA B 7 -5.38 12.46 4.52
N ALA B 8 -5.88 13.70 4.58
CA ALA B 8 -6.63 14.24 5.72
C ALA B 8 -8.11 13.82 5.81
N LEU B 9 -8.64 13.16 4.77
CA LEU B 9 -9.95 12.50 4.76
C LEU B 9 -10.07 11.41 5.86
N PRO B 10 -11.30 11.08 6.33
CA PRO B 10 -11.49 10.19 7.48
C PRO B 10 -11.00 8.76 7.24
N ILE B 11 -10.72 8.05 8.34
CA ILE B 11 -10.13 6.70 8.33
C ILE B 11 -10.98 5.66 7.58
N ASP B 12 -12.31 5.81 7.58
CA ASP B 12 -13.23 4.94 6.82
C ASP B 12 -13.09 5.11 5.30
N GLU B 13 -12.79 6.32 4.81
CA GLU B 13 -12.67 6.60 3.38
C GLU B 13 -11.40 5.99 2.78
N LEU B 14 -10.23 6.19 3.40
CA LEU B 14 -8.97 5.56 2.96
C LEU B 14 -8.97 4.03 3.16
N SER B 15 -9.64 3.52 4.19
CA SER B 15 -9.89 2.08 4.38
C SER B 15 -10.75 1.51 3.24
N ALA B 16 -11.86 2.17 2.89
CA ALA B 16 -12.70 1.75 1.78
C ALA B 16 -11.96 1.79 0.43
N LEU B 17 -11.10 2.78 0.18
CA LEU B 17 -10.27 2.89 -1.03
C LEU B 17 -9.27 1.73 -1.15
N LEU B 18 -8.45 1.41 -0.14
CA LEU B 18 -7.49 0.30 -0.26
C LEU B 18 -8.17 -1.07 -0.37
N ARG B 19 -9.32 -1.26 0.28
CA ARG B 19 -10.13 -2.49 0.21
C ARG B 19 -10.82 -2.65 -1.15
N GLN B 20 -11.29 -1.55 -1.75
CA GLN B 20 -11.83 -1.50 -3.11
C GLN B 20 -10.74 -1.75 -4.18
N GLU B 21 -9.53 -1.20 -4.00
CA GLU B 21 -8.38 -1.47 -4.88
C GLU B 21 -7.87 -2.93 -4.83
N MET B 22 -8.24 -3.69 -3.79
CA MET B 22 -8.01 -5.13 -3.63
C MET B 22 -9.27 -5.99 -3.88
N GLY B 23 -10.39 -5.38 -4.27
CA GLY B 23 -11.63 -6.08 -4.68
C GLY B 23 -12.41 -6.75 -3.54
N ASP B 24 -12.30 -6.27 -2.29
CA ASP B 24 -13.01 -6.83 -1.13
C ASP B 24 -14.54 -6.63 -1.20
N ASP B 25 -15.29 -7.47 -0.48
CA ASP B 25 -16.77 -7.48 -0.43
C ASP B 25 -17.40 -6.31 0.36
N GLY B 26 -16.57 -5.48 1.02
CA GLY B 26 -16.96 -4.31 1.80
C GLY B 26 -15.76 -3.62 2.45
N GLY B 27 -15.99 -2.47 3.10
CA GLY B 27 -14.94 -1.66 3.74
C GLY B 27 -15.49 -0.52 4.61
N GLY B 28 -14.61 0.39 5.02
CA GLY B 28 -14.92 1.46 5.98
C GLY B 28 -14.77 0.98 7.42
N SER B 29 -15.82 1.12 8.23
CA SER B 29 -15.83 0.76 9.66
C SER B 29 -15.61 -0.74 9.88
N GLY B 30 -14.73 -1.18 10.79
CA GLY B 30 -13.86 -0.35 11.64
C GLY B 30 -12.91 -1.17 12.53
N GLY B 31 -12.12 -0.46 13.34
CA GLY B 31 -11.15 -1.03 14.28
C GLY B 31 -10.44 0.04 15.13
N GLY B 32 -9.49 -0.38 15.96
CA GLY B 32 -8.73 0.52 16.84
C GLY B 32 -7.63 -0.10 17.70
N SER B 33 -7.48 -1.43 17.72
CA SER B 33 -6.35 -2.10 18.42
C SER B 33 -5.04 -2.00 17.62
N MET B 34 -3.91 -2.31 18.28
CA MET B 34 -2.60 -2.45 17.61
C MET B 34 -2.62 -3.57 16.56
N GLN B 35 -3.38 -4.64 16.79
CA GLN B 35 -3.57 -5.72 15.82
C GLN B 35 -4.33 -5.26 14.57
N ASP B 36 -5.36 -4.42 14.70
CA ASP B 36 -6.15 -3.91 13.57
C ASP B 36 -5.30 -3.06 12.60
N ILE B 37 -4.50 -2.12 13.13
CA ILE B 37 -3.57 -1.31 12.32
C ILE B 37 -2.47 -2.17 11.69
N GLN B 38 -1.91 -3.17 12.41
CA GLN B 38 -0.93 -4.10 11.83
C GLN B 38 -1.53 -4.88 10.64
N GLN B 39 -2.75 -5.39 10.75
CA GLN B 39 -3.44 -6.13 9.68
C GLN B 39 -3.67 -5.26 8.43
N LEU B 40 -4.30 -4.08 8.58
CA LEU B 40 -4.66 -3.22 7.44
C LEU B 40 -3.42 -2.65 6.73
N LEU B 41 -2.42 -2.20 7.49
CA LEU B 41 -1.18 -1.63 6.94
C LEU B 41 -0.24 -2.69 6.33
N ALA B 42 -0.33 -3.96 6.76
CA ALA B 42 0.29 -5.09 6.07
C ALA B 42 -0.43 -5.46 4.75
N LYS B 43 -1.76 -5.34 4.68
CA LYS B 43 -2.56 -5.72 3.49
C LYS B 43 -2.26 -4.82 2.28
N SER B 44 -2.21 -3.51 2.47
CA SER B 44 -1.76 -2.58 1.43
C SER B 44 -0.30 -2.83 1.02
N LEU B 45 0.62 -3.08 1.96
CA LEU B 45 2.03 -3.43 1.70
C LEU B 45 2.17 -4.73 0.87
N THR B 46 1.33 -5.74 1.12
CA THR B 46 1.28 -6.98 0.31
C THR B 46 0.91 -6.67 -1.15
N GLU B 47 -0.04 -5.76 -1.39
CA GLU B 47 -0.43 -5.35 -2.74
C GLU B 47 0.62 -4.46 -3.42
N ILE B 48 1.34 -3.61 -2.69
CA ILE B 48 2.51 -2.85 -3.20
C ILE B 48 3.56 -3.82 -3.76
N LYS B 49 3.94 -4.85 -2.99
CA LYS B 49 4.91 -5.88 -3.40
C LYS B 49 4.43 -6.68 -4.61
N ARG B 50 3.14 -7.05 -4.65
CA ARG B 50 2.49 -7.73 -5.80
C ARG B 50 2.58 -6.91 -7.10
N LEU B 51 2.27 -5.60 -7.03
CA LEU B 51 2.37 -4.68 -8.17
C LEU B 51 3.83 -4.55 -8.67
N LYS B 52 4.78 -4.35 -7.75
CA LYS B 52 6.21 -4.18 -8.09
C LYS B 52 6.81 -5.44 -8.70
N ALA B 53 6.45 -6.62 -8.19
CA ALA B 53 6.86 -7.90 -8.75
C ALA B 53 6.35 -8.11 -10.19
N ALA B 54 5.08 -7.79 -10.47
CA ALA B 54 4.48 -7.90 -11.81
C ALA B 54 5.11 -6.90 -12.80
N ASN B 55 5.29 -5.63 -12.39
CA ASN B 55 5.92 -4.58 -13.19
C ASN B 55 7.39 -4.91 -13.55
N GLN B 56 8.16 -5.46 -12.60
CA GLN B 56 9.53 -5.94 -12.82
C GLN B 56 9.56 -7.16 -13.75
N ALA B 57 8.71 -8.16 -13.51
CA ALA B 57 8.70 -9.42 -14.27
C ALA B 57 8.38 -9.21 -15.76
N LEU B 58 7.39 -8.37 -16.09
CA LEU B 58 7.08 -8.05 -17.49
C LEU B 58 8.21 -7.25 -18.16
N GLU B 59 8.89 -6.33 -17.47
CA GLU B 59 9.98 -5.55 -18.06
C GLU B 59 11.24 -6.40 -18.34
N GLN B 60 11.53 -7.41 -17.51
CA GLN B 60 12.63 -8.35 -17.73
C GLN B 60 12.32 -9.39 -18.84
N ALA B 61 11.05 -9.67 -19.11
CA ALA B 61 10.62 -10.43 -20.29
C ALA B 61 10.65 -9.57 -21.57
N ARG B 62 10.16 -8.32 -21.48
CA ARG B 62 10.13 -7.29 -22.54
C ARG B 62 11.40 -6.42 -22.55
N ARG B 63 12.57 -7.05 -22.33
CA ARG B 63 13.86 -6.39 -22.04
C ARG B 63 14.49 -5.59 -23.20
N GLU B 64 13.84 -5.60 -24.37
CA GLU B 64 14.05 -4.65 -25.49
C GLU B 64 12.71 -3.93 -25.81
N GLY A 1 18.38 -19.97 15.29
CA GLY A 1 17.08 -20.67 15.10
C GLY A 1 16.59 -20.58 13.66
N PRO A 2 15.58 -21.39 13.28
CA PRO A 2 15.00 -21.40 11.93
C PRO A 2 14.25 -20.08 11.61
N GLY A 3 14.23 -19.70 10.33
CA GLY A 3 13.65 -18.45 9.82
C GLY A 3 14.44 -17.86 8.63
N SER A 4 14.16 -16.62 8.22
CA SER A 4 13.10 -15.72 8.71
C SER A 4 11.70 -16.07 8.18
N TYR A 5 10.66 -15.42 8.74
CA TYR A 5 9.25 -15.57 8.37
C TYR A 5 8.53 -14.21 8.32
N ASP A 6 7.47 -14.10 7.51
CA ASP A 6 6.54 -12.96 7.48
C ASP A 6 5.35 -13.09 8.46
N ALA A 7 5.42 -14.08 9.33
CA ALA A 7 4.39 -14.51 10.26
C ALA A 7 4.31 -13.60 11.51
N ALA A 8 3.29 -12.74 11.54
CA ALA A 8 2.93 -11.86 12.66
C ALA A 8 4.09 -11.00 13.22
N LEU A 9 4.96 -10.53 12.33
CA LEU A 9 6.06 -9.60 12.64
C LEU A 9 5.54 -8.29 13.29
N PRO A 10 6.32 -7.60 14.14
CA PRO A 10 5.87 -6.43 14.89
C PRO A 10 5.61 -5.20 14.00
N ILE A 11 4.82 -4.26 14.53
CA ILE A 11 4.32 -3.10 13.77
C ILE A 11 5.42 -2.17 13.21
N ASP A 12 6.56 -2.06 13.89
CA ASP A 12 7.70 -1.27 13.41
C ASP A 12 8.32 -1.85 12.13
N GLU A 13 8.28 -3.17 11.93
CA GLU A 13 8.80 -3.80 10.71
C GLU A 13 7.89 -3.55 9.51
N LEU A 14 6.59 -3.85 9.60
CA LEU A 14 5.65 -3.59 8.49
C LEU A 14 5.51 -2.09 8.18
N SER A 15 5.64 -1.21 9.19
CA SER A 15 5.75 0.25 9.03
C SER A 15 7.00 0.63 8.24
N ALA A 16 8.20 0.25 8.70
CA ALA A 16 9.47 0.60 8.06
C ALA A 16 9.59 0.05 6.63
N LEU A 17 9.02 -1.14 6.35
CA LEU A 17 9.02 -1.73 5.00
C LEU A 17 8.37 -0.80 3.97
N LEU A 18 7.20 -0.21 4.26
CA LEU A 18 6.53 0.67 3.30
C LEU A 18 7.32 1.97 3.03
N ARG A 19 8.03 2.49 4.04
CA ARG A 19 8.92 3.67 3.88
C ARG A 19 10.14 3.30 3.04
N GLN A 20 10.86 2.26 3.44
CA GLN A 20 12.09 1.77 2.84
C GLN A 20 11.91 1.37 1.37
N GLU A 21 10.82 0.67 1.02
CA GLU A 21 10.61 0.18 -0.36
C GLU A 21 10.13 1.27 -1.34
N MET A 22 9.64 2.41 -0.84
CA MET A 22 9.46 3.66 -1.61
C MET A 22 10.74 4.52 -1.67
N GLY A 23 11.79 4.14 -0.94
CA GLY A 23 13.07 4.85 -0.82
C GLY A 23 13.06 6.01 0.19
N ASP A 24 12.04 6.11 1.03
CA ASP A 24 11.88 7.12 2.09
C ASP A 24 12.63 6.69 3.37
N ASP A 25 13.57 7.51 3.84
CA ASP A 25 14.33 7.28 5.09
C ASP A 25 13.63 7.81 6.36
N GLY A 26 12.52 8.54 6.23
CA GLY A 26 11.71 9.04 7.33
C GLY A 26 10.72 7.99 7.89
N GLY A 27 10.23 8.22 9.12
CA GLY A 27 9.22 7.37 9.77
C GLY A 27 9.72 5.96 10.14
N GLY A 28 8.84 4.97 10.00
CA GLY A 28 9.12 3.55 10.27
C GLY A 28 8.83 3.09 11.71
N SER A 29 8.28 3.97 12.55
CA SER A 29 7.71 3.61 13.86
C SER A 29 6.19 3.43 13.74
N GLY A 30 5.63 2.38 14.37
CA GLY A 30 4.20 2.07 14.32
C GLY A 30 3.32 3.20 14.88
N GLY A 31 2.20 3.48 14.22
CA GLY A 31 1.34 4.63 14.52
C GLY A 31 0.64 4.55 15.89
N GLY A 32 0.69 5.63 16.66
CA GLY A 32 0.04 5.78 17.98
C GLY A 32 -1.17 6.72 17.97
N SER A 33 -1.04 7.87 17.30
CA SER A 33 -2.15 8.81 17.03
C SER A 33 -3.01 8.37 15.85
N MET A 34 -4.25 8.87 15.81
CA MET A 34 -5.14 8.78 14.65
C MET A 34 -4.52 9.42 13.38
N GLN A 35 -3.69 10.45 13.55
CA GLN A 35 -2.95 11.08 12.44
C GLN A 35 -1.88 10.13 11.86
N ASP A 36 -1.19 9.36 12.70
CA ASP A 36 -0.12 8.45 12.26
C ASP A 36 -0.66 7.32 11.38
N ILE A 37 -1.76 6.69 11.82
CA ILE A 37 -2.42 5.60 11.09
C ILE A 37 -3.04 6.09 9.76
N GLN A 38 -3.67 7.27 9.74
CA GLN A 38 -4.15 7.87 8.49
C GLN A 38 -2.99 8.15 7.51
N GLN A 39 -1.88 8.74 7.98
CA GLN A 39 -0.72 9.08 7.15
C GLN A 39 -0.01 7.84 6.57
N LEU A 40 0.27 6.82 7.39
CA LEU A 40 0.93 5.57 6.95
C LEU A 40 0.07 4.82 5.92
N LEU A 41 -1.22 4.68 6.21
CA LEU A 41 -2.15 3.91 5.39
C LEU A 41 -2.51 4.63 4.07
N ALA A 42 -2.61 5.96 4.07
CA ALA A 42 -2.76 6.77 2.85
C ALA A 42 -1.50 6.76 1.97
N LYS A 43 -0.30 6.83 2.54
CA LYS A 43 0.99 6.70 1.83
C LYS A 43 1.09 5.35 1.13
N SER A 44 0.72 4.27 1.83
CA SER A 44 0.68 2.91 1.28
C SER A 44 -0.34 2.77 0.13
N LEU A 45 -1.57 3.26 0.31
CA LEU A 45 -2.62 3.26 -0.73
C LEU A 45 -2.22 4.08 -1.97
N THR A 46 -1.61 5.25 -1.79
CA THR A 46 -1.16 6.11 -2.89
C THR A 46 -0.12 5.40 -3.77
N GLU A 47 0.77 4.60 -3.16
CA GLU A 47 1.79 3.84 -3.91
C GLU A 47 1.20 2.69 -4.74
N ILE A 48 0.12 2.04 -4.30
CA ILE A 48 -0.62 1.04 -5.10
C ILE A 48 -1.13 1.69 -6.40
N LYS A 49 -1.81 2.84 -6.27
CA LYS A 49 -2.37 3.60 -7.39
C LYS A 49 -1.27 4.09 -8.36
N ARG A 50 -0.14 4.56 -7.85
CA ARG A 50 1.03 4.96 -8.65
C ARG A 50 1.64 3.78 -9.43
N LEU A 51 1.76 2.61 -8.80
CA LEU A 51 2.22 1.38 -9.46
C LEU A 51 1.27 0.91 -10.57
N LYS A 52 -0.04 0.89 -10.30
CA LYS A 52 -1.06 0.52 -11.30
C LYS A 52 -1.07 1.48 -12.50
N ALA A 53 -0.97 2.79 -12.26
CA ALA A 53 -0.86 3.79 -13.33
C ALA A 53 0.40 3.59 -14.19
N ALA A 54 1.56 3.34 -13.58
CA ALA A 54 2.82 3.10 -14.30
C ALA A 54 2.78 1.80 -15.15
N ASN A 55 2.27 0.70 -14.57
CA ASN A 55 2.11 -0.59 -15.24
C ASN A 55 1.11 -0.51 -16.41
N GLN A 56 -0.01 0.20 -16.23
CA GLN A 56 -1.00 0.43 -17.28
C GLN A 56 -0.43 1.29 -18.43
N ALA A 57 0.31 2.36 -18.11
CA ALA A 57 0.85 3.30 -19.09
C ALA A 57 1.82 2.65 -20.08
N LEU A 58 2.76 1.82 -19.60
CA LEU A 58 3.67 1.06 -20.47
C LEU A 58 2.94 -0.06 -21.25
N GLU A 59 1.91 -0.69 -20.68
CA GLU A 59 1.16 -1.75 -21.36
C GLU A 59 0.25 -1.25 -22.49
N GLN A 60 -0.40 -0.09 -22.31
CA GLN A 60 -1.23 0.53 -23.36
C GLN A 60 -0.38 1.19 -24.46
N ALA A 61 0.82 1.68 -24.15
CA ALA A 61 1.76 2.26 -25.12
C ALA A 61 2.28 1.21 -26.11
N ARG A 62 2.57 -0.02 -25.64
CA ARG A 62 3.12 -1.13 -26.43
C ARG A 62 2.11 -1.86 -27.33
N ARG A 63 0.83 -1.47 -27.28
CA ARG A 63 -0.28 -2.00 -28.10
C ARG A 63 -1.05 -0.92 -28.90
N GLU A 64 -0.55 0.32 -28.90
CA GLU A 64 -1.14 1.49 -29.59
C GLU A 64 -1.13 1.36 -31.12
N GLY B 1 0.14 21.12 -8.46
CA GLY B 1 1.44 21.22 -7.78
C GLY B 1 1.96 19.87 -7.30
N PRO B 2 3.03 19.86 -6.49
CA PRO B 2 3.67 18.64 -5.98
C PRO B 2 2.82 17.92 -4.90
N GLY B 3 3.08 16.62 -4.73
CA GLY B 3 2.42 15.76 -3.74
C GLY B 3 0.98 15.37 -4.07
N SER B 4 0.35 14.60 -3.16
CA SER B 4 -1.05 14.15 -3.24
C SER B 4 -2.04 15.26 -2.84
N TYR B 5 -3.32 15.06 -3.21
CA TYR B 5 -4.46 15.93 -2.89
C TYR B 5 -5.65 15.13 -2.35
N ASP B 6 -6.51 15.78 -1.56
CA ASP B 6 -7.64 15.16 -0.84
C ASP B 6 -7.25 13.99 0.07
N ALA B 7 -6.02 14.04 0.62
CA ALA B 7 -5.47 13.00 1.50
C ALA B 7 -6.05 13.02 2.94
N ALA B 8 -6.68 14.14 3.36
CA ALA B 8 -7.21 14.36 4.70
C ALA B 8 -8.58 13.71 4.98
N LEU B 9 -9.16 12.99 4.02
CA LEU B 9 -10.40 12.20 4.17
C LEU B 9 -10.31 11.17 5.33
N PRO B 10 -11.44 10.82 5.97
CA PRO B 10 -11.44 10.01 7.19
C PRO B 10 -10.94 8.57 6.94
N ILE B 11 -10.51 7.91 8.03
CA ILE B 11 -9.88 6.59 7.98
C ILE B 11 -10.79 5.49 7.39
N ASP B 12 -12.11 5.61 7.55
CA ASP B 12 -13.07 4.68 6.94
C ASP B 12 -13.07 4.73 5.39
N GLU B 13 -12.82 5.91 4.80
CA GLU B 13 -12.78 6.10 3.35
C GLU B 13 -11.47 5.58 2.74
N LEU B 14 -10.30 5.92 3.30
CA LEU B 14 -9.02 5.37 2.80
C LEU B 14 -8.89 3.86 3.04
N SER B 15 -9.49 3.33 4.12
CA SER B 15 -9.68 1.89 4.33
C SER B 15 -10.54 1.26 3.22
N ALA B 16 -11.67 1.87 2.85
CA ALA B 16 -12.48 1.37 1.75
C ALA B 16 -11.72 1.40 0.41
N LEU B 17 -10.96 2.47 0.13
CA LEU B 17 -10.18 2.60 -1.10
C LEU B 17 -9.11 1.51 -1.24
N LEU B 18 -8.31 1.21 -0.20
CA LEU B 18 -7.30 0.15 -0.30
C LEU B 18 -7.92 -1.27 -0.41
N ARG B 19 -9.07 -1.49 0.23
CA ARG B 19 -9.84 -2.74 0.11
C ARG B 19 -10.48 -2.89 -1.28
N GLN B 20 -10.97 -1.79 -1.85
CA GLN B 20 -11.46 -1.72 -3.24
C GLN B 20 -10.33 -1.96 -4.27
N GLU B 21 -9.12 -1.42 -4.04
CA GLU B 21 -7.95 -1.65 -4.90
C GLU B 21 -7.46 -3.11 -4.87
N MET B 22 -7.57 -3.81 -3.74
CA MET B 22 -7.29 -5.26 -3.62
C MET B 22 -8.43 -6.16 -4.16
N GLY B 23 -9.66 -5.66 -4.27
CA GLY B 23 -10.86 -6.50 -4.44
C GLY B 23 -11.15 -7.36 -3.19
N ASP B 24 -10.84 -6.82 -2.01
CA ASP B 24 -10.89 -7.52 -0.71
C ASP B 24 -12.33 -7.92 -0.31
N ASP B 25 -12.51 -9.14 0.22
CA ASP B 25 -13.77 -9.60 0.80
C ASP B 25 -13.94 -9.22 2.28
N GLY B 26 -12.88 -8.73 2.94
CA GLY B 26 -12.91 -8.13 4.28
C GLY B 26 -13.57 -6.74 4.31
N GLY B 27 -13.95 -6.29 5.52
CA GLY B 27 -14.59 -4.99 5.74
C GLY B 27 -14.75 -4.62 7.22
N GLY B 28 -15.14 -3.36 7.47
CA GLY B 28 -15.35 -2.80 8.82
C GLY B 28 -14.07 -2.43 9.59
N SER B 29 -12.88 -2.74 9.05
CA SER B 29 -11.58 -2.40 9.63
C SER B 29 -11.20 -0.92 9.40
N GLY B 30 -10.35 -0.37 10.26
CA GLY B 30 -9.94 1.04 10.26
C GLY B 30 -9.18 1.40 11.54
N GLY B 31 -9.44 2.60 12.09
CA GLY B 31 -8.95 2.99 13.40
C GLY B 31 -9.48 2.08 14.52
N GLY B 32 -8.61 1.61 15.41
CA GLY B 32 -8.95 0.59 16.41
C GLY B 32 -7.77 0.10 17.25
N SER B 33 -7.73 -1.20 17.53
CA SER B 33 -6.64 -1.89 18.24
C SER B 33 -5.32 -1.87 17.45
N MET B 34 -4.21 -2.10 18.15
CA MET B 34 -2.91 -2.44 17.55
C MET B 34 -3.02 -3.65 16.59
N GLN B 35 -3.90 -4.60 16.90
CA GLN B 35 -4.18 -5.76 16.03
C GLN B 35 -4.86 -5.38 14.71
N ASP B 36 -5.66 -4.30 14.69
CA ASP B 36 -6.37 -3.83 13.50
C ASP B 36 -5.44 -3.07 12.54
N ILE B 37 -4.64 -2.13 13.05
CA ILE B 37 -3.65 -1.39 12.25
C ILE B 37 -2.59 -2.32 11.65
N GLN B 38 -2.09 -3.30 12.41
CA GLN B 38 -1.10 -4.27 11.92
C GLN B 38 -1.60 -5.03 10.69
N GLN B 39 -2.83 -5.57 10.73
CA GLN B 39 -3.43 -6.29 9.60
C GLN B 39 -3.72 -5.36 8.41
N LEU B 40 -4.38 -4.23 8.65
CA LEU B 40 -4.84 -3.34 7.58
C LEU B 40 -3.67 -2.67 6.83
N LEU B 41 -2.62 -2.22 7.55
CA LEU B 41 -1.41 -1.64 6.96
C LEU B 41 -0.56 -2.69 6.23
N ALA B 42 -0.46 -3.91 6.75
CA ALA B 42 0.24 -5.02 6.08
C ALA B 42 -0.45 -5.47 4.77
N LYS B 43 -1.80 -5.52 4.73
CA LYS B 43 -2.55 -5.84 3.50
C LYS B 43 -2.32 -4.79 2.41
N SER B 44 -2.40 -3.50 2.75
CA SER B 44 -2.07 -2.41 1.82
C SER B 44 -0.64 -2.49 1.29
N LEU B 45 0.34 -2.72 2.17
CA LEU B 45 1.75 -2.88 1.81
C LEU B 45 1.99 -4.10 0.89
N THR B 46 1.34 -5.23 1.15
CA THR B 46 1.47 -6.45 0.33
C THR B 46 0.96 -6.23 -1.10
N GLU B 47 -0.11 -5.45 -1.29
CA GLU B 47 -0.64 -5.14 -2.64
C GLU B 47 0.35 -4.33 -3.50
N ILE B 48 1.16 -3.45 -2.90
CA ILE B 48 2.23 -2.72 -3.61
C ILE B 48 3.23 -3.72 -4.20
N LYS B 49 3.68 -4.69 -3.39
CA LYS B 49 4.71 -5.67 -3.74
C LYS B 49 4.27 -6.64 -4.84
N ARG B 50 2.98 -6.99 -4.90
CA ARG B 50 2.38 -7.75 -6.04
C ARG B 50 2.53 -6.99 -7.36
N LEU B 51 2.22 -5.70 -7.37
CA LEU B 51 2.33 -4.85 -8.57
C LEU B 51 3.80 -4.58 -8.95
N LYS B 52 4.70 -4.34 -7.98
CA LYS B 52 6.15 -4.23 -8.25
C LYS B 52 6.72 -5.50 -8.89
N ALA B 53 6.33 -6.68 -8.38
CA ALA B 53 6.73 -7.97 -8.94
C ALA B 53 6.17 -8.20 -10.36
N ALA B 54 4.90 -7.84 -10.62
CA ALA B 54 4.30 -7.94 -11.95
C ALA B 54 4.98 -7.01 -12.99
N ASN B 55 5.30 -5.78 -12.60
CA ASN B 55 6.01 -4.81 -13.44
C ASN B 55 7.44 -5.29 -13.76
N GLN B 56 8.17 -5.80 -12.76
CA GLN B 56 9.50 -6.39 -12.93
C GLN B 56 9.49 -7.65 -13.82
N ALA B 57 8.44 -8.47 -13.75
CA ALA B 57 8.29 -9.69 -14.55
C ALA B 57 8.00 -9.41 -16.04
N LEU B 58 7.12 -8.46 -16.36
CA LEU B 58 6.83 -8.10 -17.76
C LEU B 58 7.98 -7.33 -18.43
N GLU B 59 8.71 -6.48 -17.68
CA GLU B 59 9.80 -5.67 -18.24
C GLU B 59 10.97 -6.54 -18.72
N GLN B 60 11.33 -7.58 -17.98
CA GLN B 60 12.38 -8.54 -18.36
C GLN B 60 11.94 -9.57 -19.42
N ALA B 61 10.63 -9.70 -19.68
CA ALA B 61 10.06 -10.56 -20.73
C ALA B 61 9.94 -9.86 -22.09
N ARG B 62 9.43 -8.61 -22.12
CA ARG B 62 9.12 -7.85 -23.34
C ARG B 62 10.34 -7.35 -24.14
N ARG B 63 11.55 -7.47 -23.58
CA ARG B 63 12.83 -7.14 -24.22
C ARG B 63 13.30 -8.14 -25.30
N GLU B 64 12.60 -9.28 -25.42
CA GLU B 64 12.89 -10.37 -26.38
C GLU B 64 12.69 -9.96 -27.85
N GLY A 1 12.38 -20.68 6.13
CA GLY A 1 11.93 -22.07 5.90
C GLY A 1 10.43 -22.14 5.57
N PRO A 2 9.95 -23.26 5.00
CA PRO A 2 8.55 -23.48 4.66
C PRO A 2 7.61 -23.50 5.89
N GLY A 3 6.33 -23.19 5.70
CA GLY A 3 5.32 -23.11 6.76
C GLY A 3 5.40 -21.86 7.65
N SER A 4 6.22 -20.87 7.27
CA SER A 4 6.37 -19.59 7.97
C SER A 4 6.62 -18.46 6.95
N TYR A 5 5.86 -17.36 7.07
CA TYR A 5 5.72 -16.31 6.07
C TYR A 5 5.55 -14.91 6.71
N ASP A 6 5.66 -13.85 5.91
CA ASP A 6 5.48 -12.46 6.35
C ASP A 6 3.99 -12.12 6.56
N ALA A 7 3.48 -12.45 7.74
CA ALA A 7 2.11 -12.19 8.20
C ALA A 7 2.08 -11.95 9.72
N ALA A 8 1.34 -10.93 10.15
CA ALA A 8 1.19 -10.49 11.54
C ALA A 8 2.53 -10.13 12.26
N LEU A 9 3.55 -9.75 11.48
CA LEU A 9 4.83 -9.22 11.96
C LEU A 9 4.67 -7.86 12.70
N PRO A 10 5.61 -7.47 13.58
CA PRO A 10 5.46 -6.28 14.43
C PRO A 10 5.36 -4.97 13.63
N ILE A 11 4.72 -3.97 14.24
CA ILE A 11 4.24 -2.78 13.53
C ILE A 11 5.34 -1.83 13.04
N ASP A 12 6.50 -1.81 13.69
CA ASP A 12 7.68 -1.05 13.24
C ASP A 12 8.30 -1.67 11.97
N GLU A 13 8.20 -2.99 11.76
CA GLU A 13 8.71 -3.67 10.57
C GLU A 13 7.88 -3.35 9.32
N LEU A 14 6.56 -3.52 9.37
CA LEU A 14 5.69 -3.19 8.23
C LEU A 14 5.68 -1.68 7.91
N SER A 15 5.79 -0.82 8.93
CA SER A 15 6.01 0.63 8.78
C SER A 15 7.35 0.95 8.09
N ALA A 16 8.43 0.27 8.44
CA ALA A 16 9.73 0.43 7.76
C ALA A 16 9.65 -0.03 6.30
N LEU A 17 9.00 -1.17 6.02
CA LEU A 17 8.88 -1.74 4.69
C LEU A 17 8.09 -0.83 3.73
N LEU A 18 6.95 -0.24 4.13
CA LEU A 18 6.19 0.66 3.25
C LEU A 18 6.94 1.97 2.98
N ARG A 19 7.70 2.50 3.96
CA ARG A 19 8.59 3.65 3.77
C ARG A 19 9.73 3.32 2.81
N GLN A 20 10.39 2.18 2.99
CA GLN A 20 11.48 1.71 2.13
C GLN A 20 11.02 1.43 0.68
N GLU A 21 9.78 0.96 0.48
CA GLU A 21 9.18 0.82 -0.87
C GLU A 21 9.08 2.16 -1.62
N MET A 22 8.76 3.25 -0.91
CA MET A 22 8.77 4.63 -1.45
C MET A 22 10.14 5.34 -1.35
N GLY A 23 11.19 4.65 -0.90
CA GLY A 23 12.55 5.20 -0.77
C GLY A 23 12.76 6.20 0.37
N ASP A 24 11.82 6.29 1.33
CA ASP A 24 11.93 7.15 2.51
C ASP A 24 12.99 6.62 3.49
N ASP A 25 14.11 7.33 3.60
CA ASP A 25 15.25 7.00 4.46
C ASP A 25 15.00 7.22 5.97
N GLY A 26 13.88 7.82 6.36
CA GLY A 26 13.52 8.08 7.77
C GLY A 26 13.24 6.82 8.62
N GLY A 27 12.90 5.69 7.97
CA GLY A 27 12.66 4.40 8.63
C GLY A 27 11.34 4.30 9.42
N GLY A 28 11.03 3.08 9.87
CA GLY A 28 9.74 2.74 10.50
C GLY A 28 9.39 3.56 11.74
N SER A 29 8.16 4.07 11.78
CA SER A 29 7.60 4.88 12.87
C SER A 29 6.56 4.11 13.71
N GLY A 30 5.87 3.14 13.10
CA GLY A 30 4.81 2.35 13.73
C GLY A 30 3.53 3.13 14.01
N GLY A 31 2.54 2.45 14.61
CA GLY A 31 1.24 3.01 14.99
C GLY A 31 1.29 3.91 16.23
N GLY A 32 0.16 4.56 16.51
CA GLY A 32 0.02 5.49 17.65
C GLY A 32 -1.33 6.22 17.66
N SER A 33 -1.29 7.54 17.48
CA SER A 33 -2.49 8.40 17.34
C SER A 33 -3.27 8.09 16.06
N MET A 34 -4.53 8.54 16.00
CA MET A 34 -5.36 8.56 14.79
C MET A 34 -4.64 9.26 13.60
N GLN A 35 -3.85 10.29 13.89
CA GLN A 35 -3.05 11.00 12.88
C GLN A 35 -1.92 10.13 12.28
N ASP A 36 -1.35 9.20 13.05
CA ASP A 36 -0.27 8.32 12.59
C ASP A 36 -0.79 7.22 11.65
N ILE A 37 -1.89 6.57 12.02
CA ILE A 37 -2.56 5.56 11.19
C ILE A 37 -3.14 6.17 9.90
N GLN A 38 -3.77 7.36 9.95
CA GLN A 38 -4.25 8.03 8.74
C GLN A 38 -3.13 8.31 7.73
N GLN A 39 -1.98 8.82 8.19
CA GLN A 39 -0.81 9.09 7.32
C GLN A 39 -0.21 7.82 6.72
N LEU A 40 0.10 6.80 7.52
CA LEU A 40 0.70 5.55 7.04
C LEU A 40 -0.22 4.76 6.10
N LEU A 41 -1.50 4.67 6.43
CA LEU A 41 -2.47 3.89 5.66
C LEU A 41 -2.91 4.61 4.36
N ALA A 42 -2.81 5.95 4.30
CA ALA A 42 -2.89 6.72 3.05
C ALA A 42 -1.61 6.61 2.20
N LYS A 43 -0.42 6.60 2.83
CA LYS A 43 0.89 6.47 2.16
C LYS A 43 0.99 5.19 1.32
N SER A 44 0.73 4.04 1.94
CA SER A 44 0.74 2.74 1.25
C SER A 44 -0.35 2.64 0.16
N LEU A 45 -1.54 3.19 0.39
CA LEU A 45 -2.62 3.29 -0.61
C LEU A 45 -2.21 4.14 -1.83
N THR A 46 -1.51 5.26 -1.60
CA THR A 46 -0.98 6.11 -2.68
C THR A 46 0.02 5.35 -3.56
N GLU A 47 0.91 4.55 -2.96
CA GLU A 47 1.88 3.74 -3.72
C GLU A 47 1.22 2.62 -4.54
N ILE A 48 0.12 2.01 -4.07
CA ILE A 48 -0.71 1.09 -4.87
C ILE A 48 -1.23 1.83 -6.12
N LYS A 49 -1.81 3.02 -5.96
CA LYS A 49 -2.37 3.81 -7.06
C LYS A 49 -1.31 4.20 -8.11
N ARG A 50 -0.07 4.52 -7.70
CA ARG A 50 1.05 4.76 -8.64
C ARG A 50 1.40 3.51 -9.45
N LEU A 51 1.64 2.38 -8.78
CA LEU A 51 2.16 1.17 -9.42
C LEU A 51 1.11 0.42 -10.26
N LYS A 52 -0.16 0.41 -9.86
CA LYS A 52 -1.26 -0.12 -10.68
C LYS A 52 -1.40 0.66 -11.99
N ALA A 53 -1.39 1.99 -11.92
CA ALA A 53 -1.47 2.86 -13.09
C ALA A 53 -0.27 2.67 -14.04
N ALA A 54 0.96 2.59 -13.50
CA ALA A 54 2.17 2.36 -14.30
C ALA A 54 2.15 1.00 -15.04
N ASN A 55 1.79 -0.08 -14.35
CA ASN A 55 1.70 -1.44 -14.90
C ASN A 55 0.62 -1.52 -16.01
N GLN A 56 -0.53 -0.87 -15.81
CA GLN A 56 -1.61 -0.78 -16.81
C GLN A 56 -1.20 0.06 -18.03
N ALA A 57 -0.63 1.24 -17.82
CA ALA A 57 -0.30 2.21 -18.88
C ALA A 57 0.75 1.69 -19.88
N LEU A 58 1.78 0.98 -19.40
CA LEU A 58 2.79 0.39 -20.29
C LEU A 58 2.21 -0.79 -21.11
N GLU A 59 1.36 -1.63 -20.53
CA GLU A 59 0.80 -2.81 -21.21
C GLU A 59 -0.17 -2.43 -22.34
N GLN A 60 -1.00 -1.39 -22.15
CA GLN A 60 -1.89 -0.89 -23.21
C GLN A 60 -1.16 -0.13 -24.33
N ALA A 61 0.10 0.27 -24.12
CA ALA A 61 0.95 0.93 -25.11
C ALA A 61 1.84 -0.06 -25.89
N ARG A 62 2.55 -0.97 -25.20
CA ARG A 62 3.57 -1.87 -25.76
C ARG A 62 3.01 -3.05 -26.58
N ARG A 63 1.69 -3.24 -26.56
CA ARG A 63 0.95 -4.28 -27.32
C ARG A 63 0.90 -4.10 -28.84
N GLU A 64 1.26 -2.91 -29.33
CA GLU A 64 1.27 -2.53 -30.77
C GLU A 64 2.59 -2.91 -31.48
N GLY B 1 -16.00 23.89 5.44
CA GLY B 1 -16.76 22.64 5.64
C GLY B 1 -16.04 21.43 5.04
N PRO B 2 -16.77 20.34 4.73
CA PRO B 2 -16.22 19.11 4.17
C PRO B 2 -15.51 19.29 2.81
N GLY B 3 -14.61 18.37 2.47
CA GLY B 3 -13.84 18.38 1.21
C GLY B 3 -12.72 19.43 1.15
N SER B 4 -12.29 19.97 2.29
CA SER B 4 -11.25 21.01 2.41
C SER B 4 -9.85 20.55 2.01
N TYR B 5 -9.58 19.24 2.08
CA TYR B 5 -8.31 18.61 1.67
C TYR B 5 -8.54 17.23 1.02
N ASP B 6 -7.73 16.89 0.01
CA ASP B 6 -7.71 15.58 -0.66
C ASP B 6 -6.56 14.66 -0.20
N ALA B 7 -5.89 15.03 0.89
CA ALA B 7 -4.71 14.37 1.45
C ALA B 7 -4.73 14.26 3.00
N ALA B 8 -5.84 14.66 3.62
CA ALA B 8 -6.12 14.55 5.07
C ALA B 8 -7.56 14.04 5.34
N LEU B 9 -8.11 13.28 4.39
CA LEU B 9 -9.45 12.69 4.40
C LEU B 9 -9.65 11.69 5.58
N PRO B 10 -10.89 11.48 6.05
CA PRO B 10 -11.18 10.66 7.23
C PRO B 10 -10.77 9.19 7.05
N ILE B 11 -10.52 8.51 8.18
CA ILE B 11 -9.98 7.14 8.19
C ILE B 11 -10.94 6.10 7.57
N ASP B 12 -12.25 6.32 7.67
CA ASP B 12 -13.26 5.45 7.04
C ASP B 12 -13.15 5.46 5.50
N GLU B 13 -12.80 6.60 4.90
CA GLU B 13 -12.65 6.76 3.45
C GLU B 13 -11.40 6.04 2.93
N LEU B 14 -10.22 6.28 3.52
CA LEU B 14 -8.97 5.62 3.09
C LEU B 14 -9.00 4.09 3.37
N SER B 15 -9.68 3.67 4.44
CA SER B 15 -9.92 2.25 4.75
C SER B 15 -10.83 1.55 3.72
N ALA B 16 -11.85 2.24 3.19
CA ALA B 16 -12.66 1.73 2.09
C ALA B 16 -11.88 1.72 0.75
N LEU B 17 -11.06 2.74 0.48
CA LEU B 17 -10.28 2.88 -0.76
C LEU B 17 -9.23 1.78 -0.92
N LEU B 18 -8.49 1.37 0.12
CA LEU B 18 -7.50 0.29 -0.02
C LEU B 18 -8.16 -1.06 -0.33
N ARG B 19 -9.34 -1.32 0.22
CA ARG B 19 -10.16 -2.51 -0.05
C ARG B 19 -10.74 -2.49 -1.46
N GLN B 20 -11.19 -1.32 -1.92
CA GLN B 20 -11.68 -1.08 -3.28
C GLN B 20 -10.57 -1.24 -4.34
N GLU B 21 -9.35 -0.74 -4.08
CA GLU B 21 -8.19 -0.96 -4.96
C GLU B 21 -7.75 -2.43 -5.03
N MET B 22 -7.95 -3.19 -3.96
CA MET B 22 -7.80 -4.66 -3.92
C MET B 22 -9.07 -5.43 -4.37
N GLY B 23 -10.03 -4.75 -5.00
CA GLY B 23 -11.16 -5.34 -5.73
C GLY B 23 -12.40 -5.70 -4.90
N ASP B 24 -12.45 -5.39 -3.62
CA ASP B 24 -13.63 -5.57 -2.76
C ASP B 24 -14.69 -4.47 -2.98
N ASP B 25 -15.92 -4.68 -2.49
CA ASP B 25 -17.04 -3.73 -2.49
C ASP B 25 -16.87 -2.63 -1.42
N GLY B 26 -15.69 -2.02 -1.33
CA GLY B 26 -15.30 -1.08 -0.28
C GLY B 26 -15.12 -1.76 1.08
N GLY B 27 -15.63 -1.14 2.13
CA GLY B 27 -15.52 -1.63 3.51
C GLY B 27 -16.50 -0.93 4.47
N GLY B 28 -16.07 -0.72 5.71
CA GLY B 28 -16.79 -0.01 6.77
C GLY B 28 -15.92 1.04 7.48
N SER B 29 -16.19 1.25 8.77
CA SER B 29 -15.42 2.17 9.63
C SER B 29 -13.95 1.75 9.80
N GLY B 30 -13.05 2.72 10.03
CA GLY B 30 -11.61 2.49 10.20
C GLY B 30 -11.24 1.73 11.48
N GLY B 31 -10.01 1.18 11.50
CA GLY B 31 -9.47 0.41 12.62
C GLY B 31 -9.13 1.23 13.88
N GLY B 32 -8.99 0.55 15.02
CA GLY B 32 -8.64 1.16 16.31
C GLY B 32 -7.79 0.28 17.24
N SER B 33 -7.91 -1.05 17.14
CA SER B 33 -7.01 -2.01 17.80
C SER B 33 -5.64 -2.09 17.10
N MET B 34 -4.60 -2.44 17.85
CA MET B 34 -3.28 -2.78 17.27
C MET B 34 -3.36 -3.94 16.27
N GLN B 35 -4.31 -4.87 16.45
CA GLN B 35 -4.58 -5.94 15.48
C GLN B 35 -5.14 -5.39 14.15
N ASP B 36 -6.02 -4.38 14.19
CA ASP B 36 -6.61 -3.78 12.99
C ASP B 36 -5.54 -3.10 12.12
N ILE B 37 -4.71 -2.24 12.73
CA ILE B 37 -3.66 -1.49 12.02
C ILE B 37 -2.57 -2.40 11.46
N GLN B 38 -2.12 -3.43 12.21
CA GLN B 38 -1.15 -4.40 11.71
C GLN B 38 -1.68 -5.19 10.51
N GLN B 39 -2.97 -5.57 10.51
CA GLN B 39 -3.61 -6.26 9.38
C GLN B 39 -3.78 -5.36 8.15
N LEU B 40 -4.44 -4.20 8.29
CA LEU B 40 -4.77 -3.32 7.17
C LEU B 40 -3.51 -2.71 6.52
N LEU B 41 -2.55 -2.25 7.32
CA LEU B 41 -1.33 -1.61 6.81
C LEU B 41 -0.39 -2.62 6.12
N ALA B 42 -0.33 -3.87 6.60
CA ALA B 42 0.38 -4.97 5.92
C ALA B 42 -0.34 -5.42 4.62
N LYS B 43 -1.68 -5.39 4.57
CA LYS B 43 -2.46 -5.73 3.36
C LYS B 43 -2.15 -4.79 2.21
N SER B 44 -2.14 -3.47 2.45
CA SER B 44 -1.69 -2.48 1.46
C SER B 44 -0.23 -2.66 1.04
N LEU B 45 0.68 -2.94 1.98
CA LEU B 45 2.09 -3.19 1.70
C LEU B 45 2.31 -4.44 0.80
N THR B 46 1.52 -5.50 1.01
CA THR B 46 1.55 -6.70 0.18
C THR B 46 1.14 -6.41 -1.28
N GLU B 47 0.15 -5.55 -1.49
CA GLU B 47 -0.33 -5.16 -2.84
C GLU B 47 0.71 -4.33 -3.62
N ILE B 48 1.49 -3.49 -2.93
CA ILE B 48 2.62 -2.75 -3.54
C ILE B 48 3.64 -3.75 -4.13
N LYS B 49 4.05 -4.73 -3.32
CA LYS B 49 5.03 -5.76 -3.70
C LYS B 49 4.52 -6.66 -4.82
N ARG B 50 3.23 -7.02 -4.80
CA ARG B 50 2.55 -7.81 -5.85
C ARG B 50 2.64 -7.15 -7.23
N LEU B 51 2.33 -5.85 -7.31
CA LEU B 51 2.42 -5.07 -8.55
C LEU B 51 3.87 -4.89 -9.03
N LYS B 52 4.81 -4.59 -8.12
CA LYS B 52 6.23 -4.41 -8.46
C LYS B 52 6.91 -5.69 -8.97
N ALA B 53 6.58 -6.84 -8.38
CA ALA B 53 7.08 -8.14 -8.85
C ALA B 53 6.63 -8.45 -10.29
N ALA B 54 5.36 -8.19 -10.62
CA ALA B 54 4.83 -8.35 -11.97
C ALA B 54 5.45 -7.35 -12.96
N ASN B 55 5.61 -6.07 -12.57
CA ASN B 55 6.21 -5.03 -13.39
C ASN B 55 7.70 -5.34 -13.70
N GLN B 56 8.48 -5.79 -12.71
CA GLN B 56 9.86 -6.22 -12.88
C GLN B 56 9.99 -7.44 -13.81
N ALA B 57 9.11 -8.44 -13.64
CA ALA B 57 9.10 -9.67 -14.45
C ALA B 57 8.79 -9.43 -15.94
N LEU B 58 7.90 -8.50 -16.26
CA LEU B 58 7.60 -8.12 -17.65
C LEU B 58 8.65 -7.15 -18.24
N GLU B 59 9.24 -6.24 -17.46
CA GLU B 59 10.21 -5.25 -17.97
C GLU B 59 11.52 -5.88 -18.47
N GLN B 60 11.94 -7.03 -17.90
CA GLN B 60 13.05 -7.83 -18.41
C GLN B 60 12.67 -8.73 -19.62
N ALA B 61 11.37 -8.88 -19.91
CA ALA B 61 10.86 -9.73 -21.01
C ALA B 61 10.50 -8.92 -22.27
N ARG B 62 9.94 -7.70 -22.13
CA ARG B 62 9.54 -6.84 -23.27
C ARG B 62 10.68 -6.35 -24.16
N ARG B 63 11.92 -6.41 -23.63
CA ARG B 63 13.16 -5.97 -24.30
C ARG B 63 13.85 -7.00 -25.20
N GLU B 64 13.35 -8.25 -25.20
CA GLU B 64 13.89 -9.37 -26.00
C GLU B 64 13.64 -9.24 -27.51
N GLY A 1 17.16 -17.98 -3.37
CA GLY A 1 15.89 -18.39 -2.72
C GLY A 1 15.08 -17.17 -2.25
N PRO A 2 13.82 -17.38 -1.84
CA PRO A 2 12.92 -16.32 -1.35
C PRO A 2 13.37 -15.72 -0.01
N GLY A 3 12.93 -14.48 0.26
CA GLY A 3 13.13 -13.80 1.55
C GLY A 3 12.24 -14.34 2.69
N SER A 4 12.44 -13.80 3.90
CA SER A 4 11.69 -14.19 5.11
C SER A 4 10.19 -13.92 4.99
N TYR A 5 9.37 -14.86 5.48
CA TYR A 5 7.90 -14.80 5.42
C TYR A 5 7.28 -13.77 6.37
N ASP A 6 6.04 -13.35 6.08
CA ASP A 6 5.26 -12.36 6.85
C ASP A 6 4.62 -12.95 8.13
N ALA A 7 5.37 -13.77 8.87
CA ALA A 7 4.90 -14.59 10.00
C ALA A 7 4.65 -13.78 11.30
N ALA A 8 3.53 -13.03 11.33
CA ALA A 8 3.08 -12.17 12.43
C ALA A 8 4.15 -11.17 12.94
N LEU A 9 4.93 -10.61 12.01
CA LEU A 9 5.97 -9.60 12.28
C LEU A 9 5.39 -8.31 12.92
N PRO A 10 6.17 -7.59 13.76
CA PRO A 10 5.67 -6.46 14.54
C PRO A 10 5.34 -5.23 13.69
N ILE A 11 4.57 -4.30 14.27
CA ILE A 11 4.14 -3.06 13.60
C ILE A 11 5.30 -2.15 13.17
N ASP A 12 6.41 -2.17 13.91
CA ASP A 12 7.64 -1.44 13.56
C ASP A 12 8.28 -1.97 12.27
N GLU A 13 8.18 -3.28 12.00
CA GLU A 13 8.74 -3.92 10.81
C GLU A 13 7.91 -3.61 9.55
N LEU A 14 6.59 -3.83 9.57
CA LEU A 14 5.72 -3.52 8.43
C LEU A 14 5.66 -2.01 8.12
N SER A 15 5.79 -1.15 9.14
CA SER A 15 5.92 0.32 8.95
C SER A 15 7.26 0.72 8.32
N ALA A 16 8.36 0.00 8.59
CA ALA A 16 9.62 0.19 7.88
C ALA A 16 9.60 -0.36 6.46
N LEU A 17 8.87 -1.46 6.19
CA LEU A 17 8.77 -2.07 4.85
C LEU A 17 8.09 -1.14 3.84
N LEU A 18 6.98 -0.48 4.18
CA LEU A 18 6.33 0.48 3.27
C LEU A 18 7.21 1.71 2.98
N ARG A 19 7.97 2.20 3.97
CA ARG A 19 8.95 3.28 3.79
C ARG A 19 10.08 2.86 2.85
N GLN A 20 10.63 1.65 3.05
CA GLN A 20 11.67 1.09 2.18
C GLN A 20 11.17 0.80 0.75
N GLU A 21 9.90 0.43 0.56
CA GLU A 21 9.26 0.32 -0.77
C GLU A 21 9.09 1.68 -1.49
N MET A 22 8.89 2.76 -0.73
CA MET A 22 8.86 4.15 -1.23
C MET A 22 10.27 4.75 -1.45
N GLY A 23 11.32 4.07 -0.99
CA GLY A 23 12.73 4.53 -1.08
C GLY A 23 13.17 5.46 0.07
N ASP A 24 12.38 5.60 1.12
CA ASP A 24 12.74 6.31 2.36
C ASP A 24 13.75 5.52 3.21
N ASP A 25 14.48 6.23 4.09
CA ASP A 25 15.46 5.65 5.02
C ASP A 25 14.85 4.83 6.19
N GLY A 26 13.52 4.71 6.27
CA GLY A 26 12.80 4.11 7.41
C GLY A 26 12.61 5.10 8.56
N GLY A 27 12.25 6.34 8.24
CA GLY A 27 12.08 7.44 9.18
C GLY A 27 10.81 7.40 10.04
N GLY A 28 10.47 8.54 10.64
CA GLY A 28 9.29 8.73 11.51
C GLY A 28 9.50 8.34 12.99
N SER A 29 8.57 8.75 13.85
CA SER A 29 8.57 8.51 15.31
C SER A 29 7.17 8.61 15.91
N GLY A 30 7.00 8.20 17.17
CA GLY A 30 5.71 8.23 17.89
C GLY A 30 4.73 7.18 17.37
N GLY A 31 3.61 7.63 16.79
CA GLY A 31 2.55 6.76 16.25
C GLY A 31 1.43 6.42 17.24
N GLY A 32 0.40 5.73 16.73
CA GLY A 32 -0.73 5.20 17.51
C GLY A 32 -1.96 6.12 17.63
N SER A 33 -1.87 7.40 17.26
CA SER A 33 -3.04 8.30 17.14
C SER A 33 -3.77 8.11 15.80
N MET A 34 -5.03 8.54 15.72
CA MET A 34 -5.84 8.52 14.49
C MET A 34 -5.19 9.33 13.36
N GLN A 35 -4.56 10.47 13.69
CA GLN A 35 -3.84 11.30 12.74
C GLN A 35 -2.62 10.58 12.11
N ASP A 36 -1.95 9.70 12.86
CA ASP A 36 -0.79 8.95 12.39
C ASP A 36 -1.19 7.83 11.43
N ILE A 37 -2.20 7.02 11.78
CA ILE A 37 -2.71 5.96 10.91
C ILE A 37 -3.34 6.52 9.63
N GLN A 38 -4.08 7.63 9.69
CA GLN A 38 -4.64 8.28 8.50
C GLN A 38 -3.55 8.68 7.50
N GLN A 39 -2.37 9.11 7.96
CA GLN A 39 -1.23 9.45 7.10
C GLN A 39 -0.54 8.19 6.53
N LEU A 40 -0.11 7.25 7.40
CA LEU A 40 0.66 6.07 6.98
C LEU A 40 -0.13 5.15 6.03
N LEU A 41 -1.40 4.88 6.36
CA LEU A 41 -2.25 3.96 5.58
C LEU A 41 -2.67 4.58 4.23
N ALA A 42 -2.89 5.90 4.17
CA ALA A 42 -3.14 6.60 2.91
C ALA A 42 -1.88 6.69 2.03
N LYS A 43 -0.68 6.88 2.60
CA LYS A 43 0.59 6.89 1.86
C LYS A 43 0.89 5.53 1.23
N SER A 44 0.68 4.43 1.97
CA SER A 44 0.77 3.06 1.43
C SER A 44 -0.23 2.81 0.28
N LEU A 45 -1.49 3.26 0.44
CA LEU A 45 -2.52 3.21 -0.61
C LEU A 45 -2.13 4.05 -1.85
N THR A 46 -1.53 5.22 -1.68
CA THR A 46 -1.03 6.06 -2.79
C THR A 46 0.05 5.34 -3.61
N GLU A 47 0.95 4.61 -2.95
CA GLU A 47 2.00 3.83 -3.62
C GLU A 47 1.46 2.62 -4.42
N ILE A 48 0.31 2.04 -4.04
CA ILE A 48 -0.43 1.06 -4.88
C ILE A 48 -0.85 1.70 -6.20
N LYS A 49 -1.57 2.83 -6.11
CA LYS A 49 -2.14 3.55 -7.27
C LYS A 49 -1.06 4.05 -8.23
N ARG A 50 0.09 4.50 -7.70
CA ARG A 50 1.29 4.89 -8.45
C ARG A 50 1.80 3.77 -9.34
N LEU A 51 2.00 2.56 -8.80
CA LEU A 51 2.52 1.40 -9.54
C LEU A 51 1.49 0.85 -10.54
N LYS A 52 0.20 0.85 -10.21
CA LYS A 52 -0.87 0.47 -11.14
C LYS A 52 -0.97 1.41 -12.34
N ALA A 53 -0.89 2.73 -12.13
CA ALA A 53 -0.88 3.71 -13.22
C ALA A 53 0.34 3.54 -14.13
N ALA A 54 1.53 3.27 -13.58
CA ALA A 54 2.75 3.01 -14.36
C ALA A 54 2.63 1.72 -15.20
N ASN A 55 2.15 0.63 -14.60
CA ASN A 55 1.93 -0.66 -15.27
C ASN A 55 0.91 -0.54 -16.43
N GLN A 56 -0.22 0.14 -16.17
CA GLN A 56 -1.26 0.40 -17.18
C GLN A 56 -0.74 1.26 -18.34
N ALA A 57 0.00 2.34 -18.05
CA ALA A 57 0.52 3.26 -19.06
C ALA A 57 1.57 2.61 -19.97
N LEU A 58 2.55 1.88 -19.43
CA LEU A 58 3.56 1.20 -20.26
C LEU A 58 2.94 0.07 -21.10
N GLU A 59 1.92 -0.63 -20.61
CA GLU A 59 1.21 -1.67 -21.39
C GLU A 59 0.41 -1.06 -22.54
N GLN A 60 -0.28 0.07 -22.34
CA GLN A 60 -0.99 0.79 -23.39
C GLN A 60 -0.03 1.42 -24.43
N ALA A 61 1.16 1.84 -24.01
CA ALA A 61 2.23 2.30 -24.90
C ALA A 61 2.90 1.17 -25.73
N ARG A 62 2.66 -0.09 -25.37
CA ARG A 62 3.26 -1.32 -25.93
C ARG A 62 2.18 -2.39 -26.19
N ARG A 63 1.02 -1.97 -26.71
CA ARG A 63 -0.25 -2.75 -26.75
C ARG A 63 -0.31 -3.88 -27.80
N GLU A 64 0.78 -4.63 -27.96
CA GLU A 64 0.95 -5.77 -28.88
C GLU A 64 1.89 -6.86 -28.34
N GLY B 1 -13.35 22.10 2.56
CA GLY B 1 -13.87 20.82 2.04
C GLY B 1 -12.98 19.65 2.47
N PRO B 2 -13.56 18.53 2.96
CA PRO B 2 -12.82 17.32 3.33
C PRO B 2 -12.06 16.65 2.17
N GLY B 3 -11.21 15.68 2.50
CA GLY B 3 -10.52 14.82 1.53
C GLY B 3 -9.16 15.32 1.02
N SER B 4 -8.61 16.40 1.59
CA SER B 4 -7.28 16.93 1.28
C SER B 4 -6.19 15.86 1.42
N TYR B 5 -5.18 15.90 0.54
CA TYR B 5 -4.04 14.95 0.46
C TYR B 5 -4.44 13.46 0.31
N ASP B 6 -5.72 13.19 0.00
CA ASP B 6 -6.37 11.87 0.08
C ASP B 6 -6.26 11.18 1.45
N ALA B 7 -6.13 11.97 2.53
CA ALA B 7 -5.85 11.52 3.90
C ALA B 7 -6.58 12.30 5.01
N ALA B 8 -7.08 13.51 4.73
CA ALA B 8 -7.88 14.32 5.65
C ALA B 8 -9.36 13.90 5.72
N LEU B 9 -9.81 13.11 4.75
CA LEU B 9 -11.00 12.24 4.84
C LEU B 9 -10.89 11.25 6.01
N PRO B 10 -12.01 10.78 6.60
CA PRO B 10 -12.00 9.90 7.76
C PRO B 10 -11.37 8.54 7.45
N ILE B 11 -10.90 7.86 8.50
CA ILE B 11 -10.19 6.57 8.41
C ILE B 11 -11.01 5.46 7.70
N ASP B 12 -12.33 5.51 7.81
CA ASP B 12 -13.27 4.58 7.14
C ASP B 12 -13.18 4.64 5.61
N GLU B 13 -12.87 5.80 5.02
CA GLU B 13 -12.77 5.99 3.57
C GLU B 13 -11.42 5.47 3.02
N LEU B 14 -10.29 5.94 3.55
CA LEU B 14 -8.98 5.46 3.07
C LEU B 14 -8.76 3.95 3.35
N SER B 15 -9.36 3.42 4.42
CA SER B 15 -9.39 1.98 4.71
C SER B 15 -10.28 1.20 3.73
N ALA B 16 -11.39 1.77 3.24
CA ALA B 16 -12.19 1.17 2.16
C ALA B 16 -11.46 1.18 0.80
N LEU B 17 -10.70 2.24 0.51
CA LEU B 17 -9.97 2.40 -0.76
C LEU B 17 -8.96 1.27 -0.99
N LEU B 18 -8.17 0.87 0.03
CA LEU B 18 -7.22 -0.24 -0.13
C LEU B 18 -7.90 -1.62 -0.28
N ARG B 19 -9.10 -1.81 0.29
CA ARG B 19 -9.90 -3.04 0.13
C ARG B 19 -10.40 -3.18 -1.31
N GLN B 20 -11.02 -2.13 -1.86
CA GLN B 20 -11.56 -2.16 -3.22
C GLN B 20 -10.48 -2.10 -4.31
N GLU B 21 -9.27 -1.62 -4.02
CA GLU B 21 -8.08 -1.81 -4.87
C GLU B 21 -7.74 -3.31 -5.06
N MET B 22 -7.93 -4.12 -4.01
CA MET B 22 -7.83 -5.59 -4.04
C MET B 22 -9.17 -6.29 -4.37
N GLY B 23 -10.18 -5.55 -4.85
CA GLY B 23 -11.47 -6.05 -5.28
C GLY B 23 -12.49 -6.40 -4.18
N ASP B 24 -12.15 -6.16 -2.90
CA ASP B 24 -13.08 -6.35 -1.77
C ASP B 24 -14.01 -5.15 -1.59
N ASP B 25 -15.30 -5.32 -1.87
CA ASP B 25 -16.34 -4.30 -1.76
C ASP B 25 -16.77 -3.98 -0.31
N GLY B 26 -16.28 -4.73 0.69
CA GLY B 26 -16.59 -4.56 2.11
C GLY B 26 -15.89 -3.36 2.78
N GLY B 27 -16.21 -2.15 2.33
CA GLY B 27 -15.74 -0.88 2.90
C GLY B 27 -16.42 -0.49 4.23
N GLY B 28 -16.01 0.66 4.78
CA GLY B 28 -16.47 1.17 6.08
C GLY B 28 -15.77 0.52 7.29
N SER B 29 -15.83 1.20 8.44
CA SER B 29 -15.13 0.81 9.69
C SER B 29 -13.63 0.58 9.50
N GLY B 30 -12.84 1.66 9.55
CA GLY B 30 -11.37 1.63 9.43
C GLY B 30 -10.64 1.12 10.68
N GLY B 31 -9.33 1.41 10.77
CA GLY B 31 -8.48 1.01 11.90
C GLY B 31 -8.86 1.67 13.24
N GLY B 32 -8.35 1.13 14.35
CA GLY B 32 -8.68 1.57 15.70
C GLY B 32 -7.62 1.15 16.73
N SER B 33 -7.65 -0.11 17.16
CA SER B 33 -6.63 -0.68 18.07
C SER B 33 -5.32 -0.99 17.34
N MET B 34 -4.25 -1.27 18.10
CA MET B 34 -2.95 -1.68 17.57
C MET B 34 -3.02 -2.98 16.73
N GLN B 35 -3.97 -3.87 17.02
CA GLN B 35 -4.22 -5.11 16.28
C GLN B 35 -4.91 -4.86 14.92
N ASP B 36 -5.71 -3.80 14.79
CA ASP B 36 -6.41 -3.45 13.55
C ASP B 36 -5.48 -2.83 12.50
N ILE B 37 -4.61 -1.90 12.93
CA ILE B 37 -3.65 -1.20 12.05
C ILE B 37 -2.63 -2.17 11.44
N GLN B 38 -2.14 -3.17 12.20
CA GLN B 38 -1.19 -4.17 11.69
C GLN B 38 -1.75 -4.90 10.46
N GLN B 39 -3.02 -5.30 10.50
CA GLN B 39 -3.70 -6.02 9.41
C GLN B 39 -3.86 -5.13 8.17
N LEU B 40 -4.42 -3.93 8.32
CA LEU B 40 -4.69 -3.01 7.22
C LEU B 40 -3.41 -2.53 6.53
N LEU B 41 -2.40 -2.15 7.31
CA LEU B 41 -1.15 -1.57 6.80
C LEU B 41 -0.27 -2.63 6.11
N ALA B 42 -0.27 -3.88 6.61
CA ALA B 42 0.37 -5.02 5.95
C ALA B 42 -0.35 -5.44 4.66
N LYS B 43 -1.69 -5.45 4.64
CA LYS B 43 -2.49 -5.72 3.43
C LYS B 43 -2.24 -4.70 2.32
N SER B 44 -2.17 -3.42 2.68
CA SER B 44 -1.83 -2.32 1.76
C SER B 44 -0.40 -2.47 1.20
N LEU B 45 0.58 -2.76 2.06
CA LEU B 45 1.98 -3.02 1.68
C LEU B 45 2.13 -4.23 0.74
N THR B 46 1.38 -5.32 0.99
CA THR B 46 1.41 -6.54 0.16
C THR B 46 1.01 -6.27 -1.29
N GLU B 47 0.01 -5.42 -1.52
CA GLU B 47 -0.43 -5.05 -2.87
C GLU B 47 0.63 -4.25 -3.66
N ILE B 48 1.46 -3.44 -2.98
CA ILE B 48 2.59 -2.74 -3.62
C ILE B 48 3.59 -3.77 -4.19
N LYS B 49 4.01 -4.74 -3.36
CA LYS B 49 4.96 -5.80 -3.73
C LYS B 49 4.43 -6.69 -4.86
N ARG B 50 3.14 -7.03 -4.82
CA ARG B 50 2.42 -7.81 -5.85
C ARG B 50 2.45 -7.13 -7.22
N LEU B 51 2.13 -5.84 -7.29
CA LEU B 51 2.14 -5.07 -8.53
C LEU B 51 3.56 -4.78 -9.06
N LYS B 52 4.55 -4.58 -8.18
CA LYS B 52 5.97 -4.49 -8.58
C LYS B 52 6.49 -5.80 -9.19
N ALA B 53 6.13 -6.95 -8.63
CA ALA B 53 6.48 -8.26 -9.18
C ALA B 53 5.85 -8.49 -10.57
N ALA B 54 4.59 -8.10 -10.76
CA ALA B 54 3.91 -8.15 -12.06
C ALA B 54 4.58 -7.22 -13.11
N ASN B 55 4.93 -6.00 -12.72
CA ASN B 55 5.63 -5.02 -13.58
C ASN B 55 7.03 -5.53 -14.00
N GLN B 56 7.78 -6.12 -13.06
CA GLN B 56 9.08 -6.74 -13.34
C GLN B 56 8.98 -7.93 -14.30
N ALA B 57 7.95 -8.78 -14.17
CA ALA B 57 7.77 -9.95 -15.04
C ALA B 57 7.51 -9.57 -16.51
N LEU B 58 6.65 -8.58 -16.76
CA LEU B 58 6.36 -8.07 -18.12
C LEU B 58 7.51 -7.21 -18.69
N GLU B 59 8.31 -6.53 -17.86
CA GLU B 59 9.49 -5.76 -18.33
C GLU B 59 10.52 -6.68 -19.04
N GLN B 60 10.68 -7.92 -18.58
CA GLN B 60 11.53 -8.93 -19.20
C GLN B 60 11.00 -9.44 -20.56
N ALA B 61 9.68 -9.37 -20.78
CA ALA B 61 9.04 -9.67 -22.07
C ALA B 61 9.08 -8.48 -23.04
N ARG B 62 8.87 -7.25 -22.54
CA ARG B 62 8.72 -6.02 -23.35
C ARG B 62 10.02 -5.44 -23.90
N ARG B 63 11.17 -5.85 -23.36
CA ARG B 63 12.52 -5.41 -23.80
C ARG B 63 13.01 -6.00 -25.14
N GLU B 64 12.32 -7.04 -25.63
CA GLU B 64 12.64 -7.85 -26.82
C GLU B 64 14.10 -8.39 -26.81
N GLY A 1 -7.86 -12.75 -2.78
CA GLY A 1 -7.11 -11.48 -2.97
C GLY A 1 -5.62 -11.66 -2.71
N PRO A 2 -4.88 -10.54 -2.52
CA PRO A 2 -3.44 -10.55 -2.25
C PRO A 2 -3.05 -11.26 -0.93
N GLY A 3 -1.82 -11.78 -0.89
CA GLY A 3 -1.26 -12.46 0.29
C GLY A 3 0.26 -12.64 0.20
N SER A 4 0.92 -12.68 1.37
CA SER A 4 2.37 -12.86 1.53
C SER A 4 2.72 -13.42 2.93
N TYR A 5 3.93 -13.92 3.10
CA TYR A 5 4.42 -14.50 4.37
C TYR A 5 4.43 -13.47 5.53
N ASP A 6 4.09 -13.94 6.73
CA ASP A 6 4.12 -13.17 7.99
C ASP A 6 4.44 -14.08 9.19
N ALA A 7 4.80 -13.46 10.32
CA ALA A 7 5.27 -14.13 11.54
C ALA A 7 4.92 -13.33 12.82
N ALA A 8 3.73 -12.71 12.83
CA ALA A 8 3.25 -11.80 13.89
C ALA A 8 4.20 -10.63 14.20
N LEU A 9 4.87 -10.10 13.16
CA LEU A 9 5.85 -9.00 13.25
C LEU A 9 5.22 -7.67 13.74
N PRO A 10 5.98 -6.82 14.46
CA PRO A 10 5.46 -5.62 15.10
C PRO A 10 5.08 -4.50 14.10
N ILE A 11 4.32 -3.52 14.59
CA ILE A 11 3.89 -2.36 13.80
C ILE A 11 5.07 -1.54 13.24
N ASP A 12 6.19 -1.49 13.95
CA ASP A 12 7.43 -0.83 13.52
C ASP A 12 8.05 -1.49 12.28
N GLU A 13 8.02 -2.83 12.19
CA GLU A 13 8.64 -3.58 11.10
C GLU A 13 7.87 -3.40 9.78
N LEU A 14 6.55 -3.58 9.78
CA LEU A 14 5.74 -3.36 8.58
C LEU A 14 5.71 -1.89 8.14
N SER A 15 5.79 -0.94 9.08
CA SER A 15 5.94 0.50 8.78
C SER A 15 7.31 0.83 8.16
N ALA A 16 8.39 0.22 8.61
CA ALA A 16 9.71 0.34 7.99
C ALA A 16 9.75 -0.29 6.58
N LEU A 17 9.03 -1.40 6.35
CA LEU A 17 8.91 -2.06 5.05
C LEU A 17 8.17 -1.18 4.02
N LEU A 18 7.00 -0.62 4.35
CA LEU A 18 6.29 0.25 3.39
C LEU A 18 7.05 1.56 3.09
N ARG A 19 7.75 2.14 4.07
CA ARG A 19 8.56 3.36 3.88
C ARG A 19 9.77 3.10 2.98
N GLN A 20 10.52 2.00 3.18
CA GLN A 20 11.66 1.68 2.31
C GLN A 20 11.23 1.20 0.91
N GLU A 21 10.06 0.56 0.75
CA GLU A 21 9.47 0.27 -0.56
C GLU A 21 9.07 1.54 -1.33
N MET A 22 8.64 2.58 -0.62
CA MET A 22 8.42 3.94 -1.17
C MET A 22 9.70 4.79 -1.27
N GLY A 23 10.89 4.19 -1.06
CA GLY A 23 12.19 4.81 -1.29
C GLY A 23 12.67 5.79 -0.20
N ASP A 24 12.06 5.77 0.99
CA ASP A 24 12.49 6.58 2.13
C ASP A 24 13.90 6.17 2.63
N ASP A 25 14.75 7.14 3.00
CA ASP A 25 16.13 6.93 3.48
C ASP A 25 16.22 6.32 4.91
N GLY A 26 15.08 6.25 5.61
CA GLY A 26 14.94 5.65 6.95
C GLY A 26 13.48 5.30 7.26
N GLY A 27 13.13 5.24 8.54
CA GLY A 27 11.74 5.04 9.00
C GLY A 27 11.57 5.22 10.51
N GLY A 28 10.47 5.88 10.91
CA GLY A 28 10.05 6.05 12.31
C GLY A 28 9.24 4.86 12.86
N SER A 29 8.85 4.95 14.13
CA SER A 29 7.95 3.99 14.79
C SER A 29 6.55 3.99 14.18
N GLY A 30 5.90 2.82 14.14
CA GLY A 30 4.52 2.67 13.66
C GLY A 30 3.50 3.22 14.67
N GLY A 31 2.62 4.11 14.21
CA GLY A 31 1.64 4.80 15.05
C GLY A 31 0.43 3.94 15.50
N GLY A 32 -0.44 4.44 16.38
CA GLY A 32 -0.37 5.73 17.06
C GLY A 32 -1.74 6.34 17.33
N SER A 33 -1.82 7.67 17.30
CA SER A 33 -3.08 8.43 17.26
C SER A 33 -3.83 8.20 15.94
N MET A 34 -5.12 8.55 15.89
CA MET A 34 -5.93 8.57 14.64
C MET A 34 -5.28 9.42 13.53
N GLN A 35 -4.56 10.50 13.89
CA GLN A 35 -3.77 11.30 12.95
C GLN A 35 -2.59 10.53 12.33
N ASP A 36 -1.99 9.59 13.05
CA ASP A 36 -0.83 8.80 12.59
C ASP A 36 -1.24 7.67 11.64
N ILE A 37 -2.27 6.87 12.02
CA ILE A 37 -2.82 5.82 11.15
C ILE A 37 -3.42 6.40 9.85
N GLN A 38 -4.07 7.57 9.88
CA GLN A 38 -4.55 8.24 8.67
C GLN A 38 -3.41 8.51 7.67
N GLN A 39 -2.27 9.02 8.13
CA GLN A 39 -1.11 9.29 7.27
C GLN A 39 -0.48 8.01 6.73
N LEU A 40 -0.11 7.06 7.60
CA LEU A 40 0.62 5.82 7.22
C LEU A 40 -0.21 4.95 6.25
N LEU A 41 -1.51 4.76 6.54
CA LEU A 41 -2.39 3.90 5.75
C LEU A 41 -2.82 4.54 4.41
N ALA A 42 -2.84 5.88 4.31
CA ALA A 42 -3.00 6.59 3.04
C ALA A 42 -1.73 6.59 2.18
N LYS A 43 -0.54 6.68 2.79
CA LYS A 43 0.76 6.70 2.09
C LYS A 43 1.00 5.41 1.30
N SER A 44 0.84 4.24 1.95
CA SER A 44 0.95 2.93 1.29
C SER A 44 -0.13 2.71 0.21
N LEU A 45 -1.36 3.19 0.43
CA LEU A 45 -2.42 3.19 -0.59
C LEU A 45 -2.04 4.01 -1.84
N THR A 46 -1.44 5.18 -1.66
CA THR A 46 -1.00 6.04 -2.78
C THR A 46 0.01 5.33 -3.69
N GLU A 47 0.94 4.53 -3.13
CA GLU A 47 1.95 3.81 -3.91
C GLU A 47 1.35 2.71 -4.81
N ILE A 48 0.28 2.03 -4.36
CA ILE A 48 -0.47 1.08 -5.19
C ILE A 48 -1.00 1.78 -6.46
N LYS A 49 -1.59 2.97 -6.30
CA LYS A 49 -2.12 3.78 -7.40
C LYS A 49 -1.03 4.24 -8.37
N ARG A 50 0.16 4.62 -7.87
CA ARG A 50 1.31 4.99 -8.73
C ARG A 50 1.80 3.80 -9.59
N LEU A 51 1.96 2.62 -9.00
CA LEU A 51 2.42 1.42 -9.72
C LEU A 51 1.37 0.94 -10.75
N LYS A 52 0.08 1.01 -10.43
CA LYS A 52 -1.00 0.72 -11.39
C LYS A 52 -1.04 1.71 -12.55
N ALA A 53 -0.83 3.00 -12.29
CA ALA A 53 -0.74 4.03 -13.33
C ALA A 53 0.47 3.80 -14.26
N ALA A 54 1.64 3.45 -13.71
CA ALA A 54 2.83 3.11 -14.49
C ALA A 54 2.64 1.84 -15.35
N ASN A 55 2.01 0.80 -14.79
CA ASN A 55 1.64 -0.43 -15.52
C ASN A 55 0.63 -0.14 -16.64
N GLN A 56 -0.40 0.68 -16.38
CA GLN A 56 -1.35 1.10 -17.41
C GLN A 56 -0.70 1.90 -18.54
N ALA A 57 0.23 2.82 -18.22
CA ALA A 57 0.91 3.69 -19.18
C ALA A 57 1.79 2.92 -20.20
N LEU A 58 2.50 1.87 -19.77
CA LEU A 58 3.26 1.01 -20.70
C LEU A 58 2.33 0.03 -21.45
N GLU A 59 1.30 -0.53 -20.80
CA GLU A 59 0.36 -1.48 -21.43
C GLU A 59 -0.45 -0.84 -22.57
N GLN A 60 -0.93 0.40 -22.38
CA GLN A 60 -1.69 1.14 -23.41
C GLN A 60 -0.82 1.62 -24.59
N ALA A 61 0.51 1.53 -24.49
CA ALA A 61 1.46 1.82 -25.57
C ALA A 61 1.94 0.54 -26.31
N ARG A 62 2.30 -0.50 -25.56
CA ARG A 62 2.86 -1.77 -26.08
C ARG A 62 1.84 -2.71 -26.72
N ARG A 63 0.54 -2.38 -26.64
CA ARG A 63 -0.58 -3.08 -27.30
C ARG A 63 -0.67 -2.89 -28.82
N GLU A 64 0.14 -1.99 -29.38
CA GLU A 64 0.17 -1.65 -30.82
C GLU A 64 0.62 -2.81 -31.73
N GLY B 1 -5.76 24.02 -4.78
CA GLY B 1 -4.56 24.33 -5.59
C GLY B 1 -3.43 23.36 -5.24
N PRO B 2 -2.16 23.82 -5.23
CA PRO B 2 -1.02 23.01 -4.80
C PRO B 2 -1.09 22.74 -3.28
N GLY B 3 -0.56 21.58 -2.84
CA GLY B 3 -0.52 21.18 -1.43
C GLY B 3 -1.86 20.73 -0.82
N SER B 4 -2.92 20.56 -1.64
CA SER B 4 -4.25 20.11 -1.23
C SER B 4 -4.81 19.09 -2.23
N TYR B 5 -5.04 17.85 -1.76
CA TYR B 5 -5.36 16.68 -2.59
C TYR B 5 -6.37 15.75 -1.92
N ASP B 6 -7.05 14.91 -2.70
CA ASP B 6 -8.11 14.00 -2.22
C ASP B 6 -7.62 12.75 -1.44
N ALA B 7 -6.36 12.75 -1.01
CA ALA B 7 -5.78 11.79 -0.08
C ALA B 7 -6.22 11.98 1.38
N ALA B 8 -6.65 13.20 1.75
CA ALA B 8 -7.00 13.60 3.13
C ALA B 8 -8.43 13.21 3.58
N LEU B 9 -9.14 12.39 2.80
CA LEU B 9 -10.44 11.79 3.14
C LEU B 9 -10.39 10.97 4.45
N PRO B 10 -11.53 10.78 5.16
CA PRO B 10 -11.55 10.16 6.49
C PRO B 10 -11.12 8.69 6.50
N ILE B 11 -10.83 8.18 7.70
CA ILE B 11 -10.17 6.88 7.91
C ILE B 11 -10.99 5.68 7.42
N ASP B 12 -12.32 5.73 7.50
CA ASP B 12 -13.20 4.70 6.93
C ASP B 12 -13.10 4.65 5.39
N GLU B 13 -12.92 5.80 4.73
CA GLU B 13 -12.81 5.91 3.28
C GLU B 13 -11.43 5.46 2.77
N LEU B 14 -10.30 5.82 3.40
CA LEU B 14 -8.98 5.32 2.97
C LEU B 14 -8.83 3.79 3.20
N SER B 15 -9.48 3.26 4.25
CA SER B 15 -9.62 1.80 4.46
C SER B 15 -10.47 1.14 3.37
N ALA B 16 -11.59 1.77 2.96
CA ALA B 16 -12.40 1.30 1.84
C ALA B 16 -11.65 1.37 0.50
N LEU B 17 -10.85 2.40 0.26
CA LEU B 17 -10.05 2.60 -0.97
C LEU B 17 -8.95 1.54 -1.13
N LEU B 18 -8.17 1.23 -0.10
CA LEU B 18 -7.14 0.18 -0.21
C LEU B 18 -7.76 -1.20 -0.42
N ARG B 19 -8.93 -1.46 0.17
CA ARG B 19 -9.74 -2.66 -0.09
C ARG B 19 -10.31 -2.68 -1.52
N GLN B 20 -10.77 -1.53 -2.05
CA GLN B 20 -11.28 -1.38 -3.40
C GLN B 20 -10.20 -1.64 -4.47
N GLU B 21 -8.94 -1.26 -4.21
CA GLU B 21 -7.81 -1.64 -5.06
C GLU B 21 -7.58 -3.16 -5.13
N MET B 22 -7.99 -3.91 -4.10
CA MET B 22 -7.95 -5.37 -4.01
C MET B 22 -9.28 -6.06 -4.42
N GLY B 23 -10.30 -5.27 -4.76
CA GLY B 23 -11.64 -5.73 -5.18
C GLY B 23 -12.67 -5.96 -4.07
N ASP B 24 -12.34 -5.66 -2.81
CA ASP B 24 -13.24 -5.69 -1.65
C ASP B 24 -13.92 -4.32 -1.41
N ASP B 25 -15.20 -4.30 -1.01
CA ASP B 25 -15.96 -3.09 -0.65
C ASP B 25 -16.77 -3.22 0.66
N GLY B 26 -16.62 -4.33 1.39
CA GLY B 26 -17.35 -4.61 2.63
C GLY B 26 -16.57 -4.32 3.92
N GLY B 27 -15.25 -4.49 3.91
CA GLY B 27 -14.40 -4.42 5.10
C GLY B 27 -13.88 -3.03 5.52
N GLY B 28 -14.18 -1.98 4.74
CA GLY B 28 -13.65 -0.62 4.95
C GLY B 28 -14.09 0.01 6.27
N SER B 29 -13.15 0.19 7.21
CA SER B 29 -13.36 0.73 8.56
C SER B 29 -12.03 1.10 9.22
N GLY B 30 -11.98 2.26 9.88
CA GLY B 30 -10.82 2.71 10.68
C GLY B 30 -10.73 2.03 12.05
N GLY B 31 -10.21 0.81 12.09
CA GLY B 31 -10.00 0.04 13.32
C GLY B 31 -8.97 0.68 14.27
N GLY B 32 -9.33 0.79 15.56
CA GLY B 32 -8.58 1.56 16.56
C GLY B 32 -7.53 0.79 17.38
N SER B 33 -7.58 -0.55 17.40
CA SER B 33 -6.60 -1.39 18.13
C SER B 33 -5.36 -1.70 17.29
N MET B 34 -4.24 -1.98 17.94
CA MET B 34 -2.97 -2.37 17.31
C MET B 34 -3.12 -3.60 16.40
N GLN B 35 -3.93 -4.57 16.82
CA GLN B 35 -4.23 -5.79 16.05
C GLN B 35 -5.04 -5.51 14.77
N ASP B 36 -5.74 -4.38 14.68
CA ASP B 36 -6.47 -3.95 13.48
C ASP B 36 -5.48 -3.35 12.45
N ILE B 37 -4.72 -2.33 12.87
CA ILE B 37 -3.76 -1.62 12.01
C ILE B 37 -2.62 -2.54 11.53
N GLN B 38 -2.13 -3.47 12.36
CA GLN B 38 -1.11 -4.46 11.93
C GLN B 38 -1.58 -5.33 10.75
N GLN B 39 -2.88 -5.61 10.63
CA GLN B 39 -3.45 -6.31 9.48
C GLN B 39 -3.63 -5.37 8.27
N LEU B 40 -4.33 -4.24 8.47
CA LEU B 40 -4.66 -3.29 7.38
C LEU B 40 -3.40 -2.69 6.71
N LEU B 41 -2.42 -2.26 7.51
CA LEU B 41 -1.20 -1.60 7.03
C LEU B 41 -0.18 -2.59 6.41
N ALA B 42 -0.26 -3.89 6.76
CA ALA B 42 0.47 -4.94 6.05
C ALA B 42 -0.20 -5.34 4.72
N LYS B 43 -1.54 -5.29 4.65
CA LYS B 43 -2.31 -5.67 3.44
C LYS B 43 -2.05 -4.73 2.26
N SER B 44 -1.98 -3.42 2.49
CA SER B 44 -1.59 -2.44 1.47
C SER B 44 -0.13 -2.64 1.01
N LEU B 45 0.80 -2.90 1.93
CA LEU B 45 2.20 -3.22 1.63
C LEU B 45 2.33 -4.50 0.76
N THR B 46 1.52 -5.53 1.03
CA THR B 46 1.44 -6.75 0.20
C THR B 46 1.02 -6.44 -1.24
N GLU B 47 0.03 -5.55 -1.43
CA GLU B 47 -0.42 -5.12 -2.76
C GLU B 47 0.62 -4.25 -3.51
N ILE B 48 1.43 -3.43 -2.82
CA ILE B 48 2.58 -2.73 -3.43
C ILE B 48 3.55 -3.76 -4.03
N LYS B 49 3.99 -4.75 -3.23
CA LYS B 49 4.94 -5.80 -3.66
C LYS B 49 4.38 -6.64 -4.82
N ARG B 50 3.09 -6.99 -4.77
CA ARG B 50 2.37 -7.71 -5.85
C ARG B 50 2.35 -6.94 -7.17
N LEU B 51 2.07 -5.63 -7.15
CA LEU B 51 2.05 -4.80 -8.37
C LEU B 51 3.46 -4.53 -8.92
N LYS B 52 4.48 -4.36 -8.06
CA LYS B 52 5.88 -4.30 -8.49
C LYS B 52 6.32 -5.59 -9.20
N ALA B 53 5.96 -6.75 -8.64
CA ALA B 53 6.26 -8.05 -9.24
C ALA B 53 5.54 -8.23 -10.60
N ALA B 54 4.27 -7.85 -10.72
CA ALA B 54 3.50 -7.92 -11.97
C ALA B 54 4.07 -7.01 -13.08
N ASN B 55 4.45 -5.76 -12.72
CA ASN B 55 5.08 -4.79 -13.63
C ASN B 55 6.46 -5.29 -14.13
N GLN B 56 7.24 -5.93 -13.27
CA GLN B 56 8.54 -6.52 -13.65
C GLN B 56 8.38 -7.78 -14.53
N ALA B 57 7.41 -8.65 -14.23
CA ALA B 57 7.21 -9.93 -14.91
C ALA B 57 6.81 -9.78 -16.40
N LEU B 58 5.93 -8.82 -16.72
CA LEU B 58 5.56 -8.52 -18.11
C LEU B 58 6.70 -7.90 -18.92
N GLU B 59 7.62 -7.19 -18.26
CA GLU B 59 8.72 -6.47 -18.91
C GLU B 59 9.77 -7.42 -19.51
N GLN B 60 10.20 -8.42 -18.74
CA GLN B 60 11.16 -9.44 -19.17
C GLN B 60 10.56 -10.47 -20.15
N ALA B 61 9.24 -10.71 -20.09
CA ALA B 61 8.57 -11.71 -20.92
C ALA B 61 8.59 -11.37 -22.43
N ARG B 62 8.50 -10.08 -22.77
CA ARG B 62 8.50 -9.55 -24.15
C ARG B 62 9.89 -9.45 -24.80
N ARG B 63 10.96 -9.85 -24.08
CA ARG B 63 12.37 -9.80 -24.50
C ARG B 63 13.20 -11.03 -24.08
N GLU B 64 12.52 -12.15 -23.79
CA GLU B 64 13.11 -13.45 -23.42
C GLU B 64 13.95 -14.09 -24.55
#